data_7EU7
#
_entry.id   7EU7
#
loop_
_entity.id
_entity.type
_entity.pdbx_description
1 polymer 'Glutamate receptor ionotropic, NMDA 1'
2 polymer 'Glutamate receptor ionotropic, NMDA 2A'
3 non-polymer 2-acetamido-2-deoxy-beta-D-glucopyranose
4 non-polymer GLYCINE
5 non-polymer 'GLUTAMIC ACID'
6 non-polymer (2~{S})-2-(2-chlorophenyl)-2-(methylamino)cyclohexan-1-one
#
loop_
_entity_poly.entity_id
_entity_poly.type
_entity_poly.pdbx_seq_one_letter_code
_entity_poly.pdbx_strand_id
1 'polypeptide(L)'
;MSTMRLLTLALLFSCSVARAACDPKIVNIGAVLSTRKHEQMFREAVNQANKRHGSWKIQLNATSVTHKPNAIQMALSVCE
DLISSQVYAILVSHPPTPNDHFTPTPVSYTAGFYRIPVLGLTTRMSIYSDKSIHLSFLRTVPPYSHQSSVWFEMMRVYSW
NHIILLVSDDHEGRAAQKRLETLLEERESKAEKVLQFDPGTKNVTALLMEAKELEARVIILSASEDDAATVYRAAAMLNM
TGSGYVWLVGEREISGNALRYAPDGILGLQLINGKNESAHISDAVGVVAQAVHELLEKENITDPPRGCVGNTNIWKTGPL
FKRVLMSSKYADGVTGRVEFNEDGDRKFANYSIMNLQNRKLVQVGIYNGTHVIPNDRKIIWPGGETEKPRGYQMSTRLKI
VTIHQEPFVYVKPTLSDGTCKEEFTVNGDPVKKVICTGPNDTSPGSPRHTVPQCCYGFCIDLLIKLARTMNFTYEVHLVA
DGKFGTQERVNNSNKKEWNGMMGELLSGQADMIVAPLTINNERAQYIEFSKPFKYQGLTILVKKEIPRSTLDSFMQPFQS
TLWLLVGLSVHVVAVMLYLLDRFSPFGRFKVNSEEEEEDALTLSSAMWFSWGVLLNSGIGEGAPRSFSARILGMVWAGFA
MIIVASYTANLAAFLVLDRPEERITGINDPRLRNPSDKFIYATVKQSSVDIYFRRQVELSTMYRHMEKHNYESAAEAIQA
VRDNKLHAFIWDSAVLEFEASQKCDLVTTGELFFRSGFGIGMRKDSPWKQNVSLSILKSHENGFMEDLDKTWVRYQECDS
RSNAPATLTFENMAGVFMLVAGGIVAGIFLIFIEIAYKRHKDARRKQ
;
A,C
2 'polypeptide(L)'
;MGRVGYWTLLVLPALLVWRGPAPSAAAEKGPPALNIAVMLGHSHDVTERELRTLWGPEQAAGLPLDVNVVALLMNRTDPK
SLITHVCDLMSGARIHGLVFGDDTDQEAVAQMLDFISSHTFVPILGIHGGASMIMADKDPTSTFFQFGASIQQQATVMLK
IMQDYDWHVFSLVTTIFPGYREFISFVKTTVDNSFVGWDMQNVITLDTSFEDAKTQVQLKKIHSSVILLYCSKDEAVLIL
SEARSLGLTGYDFFWIVPSLVSGNTELIPKEFPSGLISVSYDDWDYSLEARVRDGIGILTTAASSMLEKFSYIPEAKASC
YGQMERPEVPMHTLHPFMVNVTWDGKDLSFTEEGYQVHPRLVVIVLNKDREWEKVGKWENHTLSLRHAVWPRYKSFSDCE
PDDNHLSIVTLEEAPFVIVEDIDPLTETCVRNTVPCRKFVKINNSTNEGMNVKKCCKGFCIDILKKLSRTVKFTYDLYLV
TNGKHGKKVNNVWNGMIGEVVYQRAVMAVGSLTINEERSEVVDFSVPFVETGISVMVSRSNGTVSPSAFLEPFSASVWVM
MFVMLLIVSAIAVFVFEYFSPVGYNRNLAKGKAPHGPSFTIGKAIWLLWGLVFNNSVPVQNPKGTTSKIMVSVWAFFAVI
FLASYTANLAAFMIQEEFVDQVTGLSDKKFQRPHDYSPPFRFGTVPNGSTERNIRNNYPYMHQYMTKFNQKGVEDALVSL
KTGKLDAFIYDAAVLNYKAGRDEGCKLVTIGSGYIFATTGYGIALQKGSPWKRQIDLALLQFVGDGEMEELETLWLTGIC
HNEKNEVMSSQLDIDNMAGVFYMLAAAMALSLITFIWEHLF
;
B,D
#
# COMPACT_ATOMS: atom_id res chain seq x y z
N LYS A 25 5.16 -40.26 64.84
CA LYS A 25 4.34 -39.20 64.30
C LYS A 25 4.94 -37.83 64.59
N ILE A 26 6.22 -37.82 64.99
CA ILE A 26 6.91 -36.58 65.31
C ILE A 26 7.18 -35.80 64.04
N VAL A 27 6.86 -34.51 64.06
CA VAL A 27 7.22 -33.58 63.00
C VAL A 27 7.97 -32.43 63.65
N ASN A 28 9.26 -32.32 63.32
CA ASN A 28 10.11 -31.34 63.98
C ASN A 28 9.92 -29.95 63.35
N ILE A 29 10.31 -28.93 64.11
CA ILE A 29 10.32 -27.56 63.63
C ILE A 29 11.44 -26.83 64.36
N GLY A 30 12.04 -25.86 63.69
CA GLY A 30 13.15 -25.12 64.24
C GLY A 30 12.86 -23.64 64.28
N ALA A 31 13.60 -22.95 65.15
CA ALA A 31 13.40 -21.52 65.30
C ALA A 31 14.66 -20.89 65.86
N VAL A 32 14.96 -19.68 65.39
CA VAL A 32 16.07 -18.87 65.89
C VAL A 32 15.46 -17.57 66.38
N LEU A 33 15.53 -17.32 67.68
CA LEU A 33 14.89 -16.18 68.30
C LEU A 33 15.93 -15.24 68.90
N SER A 34 15.44 -14.10 69.39
CA SER A 34 16.31 -13.05 69.93
C SER A 34 16.82 -13.40 71.32
N THR A 35 15.99 -14.03 72.15
CA THR A 35 16.35 -14.28 73.54
C THR A 35 15.70 -15.57 74.01
N ARG A 36 16.18 -16.06 75.16
CA ARG A 36 15.68 -17.32 75.70
C ARG A 36 14.23 -17.21 76.16
N LYS A 37 13.82 -16.04 76.66
CA LYS A 37 12.43 -15.86 77.07
C LYS A 37 11.48 -16.04 75.89
N HIS A 38 11.83 -15.45 74.74
CA HIS A 38 11.03 -15.66 73.53
C HIS A 38 11.08 -17.11 73.08
N GLU A 39 12.19 -17.81 73.31
CA GLU A 39 12.26 -19.24 72.99
C GLU A 39 11.27 -20.03 73.83
N GLN A 40 11.20 -19.74 75.13
CA GLN A 40 10.24 -20.42 76.00
C GLN A 40 8.81 -20.07 75.58
N MET A 41 8.57 -18.82 75.22
CA MET A 41 7.24 -18.43 74.75
C MET A 41 6.88 -19.19 73.48
N PHE A 42 7.83 -19.33 72.57
CA PHE A 42 7.58 -20.05 71.32
C PHE A 42 7.29 -21.53 71.59
N ARG A 43 8.00 -22.12 72.54
CA ARG A 43 7.71 -23.50 72.93
C ARG A 43 6.30 -23.62 73.49
N GLU A 44 5.89 -22.68 74.35
CA GLU A 44 4.54 -22.71 74.88
C GLU A 44 3.51 -22.53 73.78
N ALA A 45 3.78 -21.64 72.83
CA ALA A 45 2.85 -21.39 71.73
C ALA A 45 2.70 -22.61 70.84
N VAL A 46 3.82 -23.28 70.53
CA VAL A 46 3.73 -24.47 69.68
C VAL A 46 3.04 -25.60 70.43
N ASN A 47 3.23 -25.68 71.75
CA ASN A 47 2.48 -26.67 72.53
C ASN A 47 0.99 -26.37 72.50
N GLN A 48 0.61 -25.09 72.59
CA GLN A 48 -0.80 -24.73 72.50
C GLN A 48 -1.36 -25.07 71.12
N ALA A 49 -0.59 -24.82 70.06
CA ALA A 49 -1.02 -25.16 68.72
C ALA A 49 -1.20 -26.66 68.55
N ASN A 50 -0.28 -27.44 69.11
CA ASN A 50 -0.42 -28.90 69.06
C ASN A 50 -1.65 -29.36 69.82
N LYS A 51 -1.91 -28.77 70.99
CA LYS A 51 -3.08 -29.15 71.76
C LYS A 51 -4.38 -28.75 71.05
N ARG A 52 -4.35 -27.67 70.28
CA ARG A 52 -5.54 -27.25 69.54
C ARG A 52 -5.94 -28.29 68.50
N HIS A 53 -4.97 -28.87 67.81
CA HIS A 53 -5.25 -29.89 66.80
C HIS A 53 -4.06 -30.81 66.61
N GLN A 59 2.96 -35.07 68.70
CA GLN A 59 2.84 -35.30 67.26
C GLN A 59 3.52 -34.19 66.47
N LEU A 60 4.14 -33.26 67.19
CA LEU A 60 4.85 -32.14 66.56
C LEU A 60 5.83 -31.58 67.57
N ASN A 61 7.12 -31.61 67.23
CA ASN A 61 8.20 -31.23 68.11
C ASN A 61 8.56 -29.75 67.90
N ALA A 62 9.57 -29.28 68.62
CA ALA A 62 10.04 -27.90 68.49
C ALA A 62 11.43 -27.78 69.09
N THR A 63 12.24 -26.92 68.48
CA THR A 63 13.57 -26.60 69.00
C THR A 63 13.86 -25.13 68.74
N SER A 64 14.81 -24.58 69.51
CA SER A 64 15.14 -23.18 69.40
C SER A 64 16.62 -22.97 69.65
N VAL A 65 17.10 -21.81 69.20
CA VAL A 65 18.50 -21.41 69.39
C VAL A 65 18.57 -19.91 69.23
N THR A 66 19.39 -19.26 70.06
CA THR A 66 19.50 -17.82 70.03
C THR A 66 20.45 -17.36 68.92
N HIS A 67 20.43 -16.05 68.66
CA HIS A 67 21.32 -15.46 67.67
C HIS A 67 22.76 -15.48 68.16
N LYS A 68 23.68 -15.28 67.23
CA LYS A 68 25.10 -15.17 67.52
C LYS A 68 25.69 -13.97 66.81
N PRO A 69 26.72 -13.35 67.37
CA PRO A 69 27.29 -12.15 66.75
C PRO A 69 27.90 -12.39 65.38
N ASN A 70 28.84 -13.34 65.30
CA ASN A 70 29.53 -13.62 64.05
C ASN A 70 28.56 -14.32 63.09
N ALA A 71 28.34 -13.70 61.92
CA ALA A 71 27.36 -14.23 60.97
C ALA A 71 27.75 -15.62 60.49
N ILE A 72 29.03 -15.83 60.18
CA ILE A 72 29.48 -17.13 59.70
C ILE A 72 29.29 -18.19 60.78
N GLN A 73 29.74 -17.89 62.00
CA GLN A 73 29.56 -18.81 63.11
C GLN A 73 28.08 -19.02 63.41
N MET A 74 27.27 -17.97 63.30
CA MET A 74 25.84 -18.09 63.56
C MET A 74 25.19 -19.04 62.55
N ALA A 75 25.56 -18.91 61.27
CA ALA A 75 25.03 -19.80 60.25
C ALA A 75 25.50 -21.23 60.46
N LEU A 76 26.77 -21.41 60.86
CA LEU A 76 27.27 -22.75 61.16
C LEU A 76 26.49 -23.39 62.29
N SER A 77 26.23 -22.60 63.34
CA SER A 77 25.43 -23.10 64.47
C SER A 77 24.03 -23.47 64.01
N VAL A 78 23.41 -22.63 63.18
CA VAL A 78 22.08 -22.94 62.67
C VAL A 78 22.07 -24.25 61.92
N CYS A 79 23.04 -24.41 61.04
CA CYS A 79 23.22 -25.58 60.19
C CYS A 79 23.41 -26.89 60.98
N GLU A 80 24.30 -26.84 61.95
CA GLU A 80 24.68 -27.97 62.79
C GLU A 80 23.68 -28.24 63.91
N ASP A 81 22.76 -27.32 64.20
CA ASP A 81 21.75 -27.55 65.23
C ASP A 81 20.40 -27.91 64.64
N LEU A 82 19.84 -27.07 63.76
CA LEU A 82 18.52 -27.34 63.20
C LEU A 82 18.58 -28.38 62.09
N ILE A 83 19.52 -28.24 61.16
CA ILE A 83 19.60 -29.17 60.05
C ILE A 83 19.95 -30.57 60.52
N SER A 84 20.81 -30.68 61.55
CA SER A 84 21.12 -31.99 62.12
C SER A 84 19.88 -32.63 62.74
N SER A 85 18.92 -31.81 63.19
CA SER A 85 17.69 -32.30 63.79
C SER A 85 16.57 -32.49 62.76
N GLN A 86 16.85 -32.22 61.49
CA GLN A 86 15.88 -32.42 60.40
C GLN A 86 14.59 -31.64 60.65
N VAL A 87 14.74 -30.31 60.69
CA VAL A 87 13.58 -29.44 60.89
C VAL A 87 12.82 -29.31 59.58
N TYR A 88 11.55 -28.88 59.70
CA TYR A 88 10.71 -28.64 58.54
C TYR A 88 10.60 -27.17 58.17
N ALA A 89 10.76 -26.26 59.13
CA ALA A 89 10.76 -24.83 58.88
C ALA A 89 11.52 -24.15 60.00
N ILE A 90 12.07 -22.97 59.70
CA ILE A 90 12.88 -22.22 60.64
C ILE A 90 12.21 -20.87 60.86
N LEU A 91 11.76 -20.63 62.09
CA LEU A 91 11.14 -19.37 62.45
C LEU A 91 12.25 -18.41 62.84
N VAL A 92 12.52 -17.43 62.00
CA VAL A 92 13.59 -16.46 62.23
C VAL A 92 12.97 -15.11 62.55
N SER A 93 13.54 -14.43 63.55
CA SER A 93 13.03 -13.15 64.01
C SER A 93 14.18 -12.16 64.11
N HIS A 94 13.87 -10.87 63.94
CA HIS A 94 14.90 -9.86 64.01
C HIS A 94 15.41 -9.76 65.44
N PRO A 95 16.73 -9.55 65.60
CA PRO A 95 17.37 -9.45 66.92
C PRO A 95 17.14 -8.09 67.56
N PRO A 96 17.48 -7.96 68.84
CA PRO A 96 17.31 -6.70 69.58
C PRO A 96 18.15 -5.58 68.98
N THR A 97 19.38 -5.89 68.60
CA THR A 97 20.27 -4.91 68.01
C THR A 97 19.72 -4.42 66.68
N PRO A 98 19.83 -3.11 66.41
CA PRO A 98 19.32 -2.53 65.17
C PRO A 98 20.34 -2.63 64.03
N ASN A 99 20.55 -3.83 63.51
CA ASN A 99 21.48 -4.03 62.40
C ASN A 99 20.75 -4.66 61.22
N ASP A 100 20.89 -4.05 60.05
CA ASP A 100 20.23 -4.57 58.85
C ASP A 100 20.86 -5.89 58.41
N HIS A 101 20.01 -6.84 58.03
CA HIS A 101 20.44 -8.16 57.56
C HIS A 101 21.37 -8.88 58.54
N PHE A 102 21.07 -8.81 59.82
CA PHE A 102 21.88 -9.44 60.84
C PHE A 102 21.47 -10.89 61.07
N THR A 103 20.17 -11.09 61.27
CA THR A 103 19.61 -12.42 61.51
C THR A 103 19.28 -13.18 60.22
N PRO A 104 18.49 -12.63 59.29
CA PRO A 104 17.87 -13.49 58.28
C PRO A 104 18.83 -14.02 57.24
N THR A 105 19.75 -13.21 56.75
CA THR A 105 20.53 -13.57 55.57
C THR A 105 21.28 -14.89 55.72
N PRO A 106 22.06 -15.14 56.79
CA PRO A 106 22.72 -16.45 56.88
C PRO A 106 21.74 -17.61 57.03
N VAL A 107 20.73 -17.45 57.88
CA VAL A 107 19.73 -18.50 58.05
C VAL A 107 18.99 -18.75 56.75
N SER A 108 18.60 -17.67 56.07
CA SER A 108 17.89 -17.81 54.81
C SER A 108 18.73 -18.53 53.77
N TYR A 109 20.02 -18.17 53.66
CA TYR A 109 20.90 -18.83 52.70
C TYR A 109 21.06 -20.31 53.03
N THR A 110 21.33 -20.62 54.30
CA THR A 110 21.54 -22.01 54.70
C THR A 110 20.30 -22.86 54.45
N ALA A 111 19.12 -22.31 54.76
CA ALA A 111 17.89 -23.07 54.56
C ALA A 111 17.56 -23.21 53.08
N GLY A 112 17.73 -22.14 52.30
CA GLY A 112 17.46 -22.19 50.88
C GLY A 112 18.42 -23.08 50.12
N PHE A 113 19.59 -23.36 50.69
CA PHE A 113 20.46 -24.37 50.10
C PHE A 113 19.75 -25.71 50.01
N TYR A 114 18.98 -26.06 51.03
CA TYR A 114 18.15 -27.26 51.03
C TYR A 114 16.69 -26.98 50.72
N ARG A 115 16.36 -25.73 50.34
CA ARG A 115 14.99 -25.32 50.04
C ARG A 115 14.07 -25.51 51.24
N ILE A 116 14.61 -25.40 52.45
CA ILE A 116 13.80 -25.43 53.66
C ILE A 116 13.16 -24.06 53.83
N PRO A 117 11.83 -23.95 53.89
CA PRO A 117 11.18 -22.63 53.94
C PRO A 117 11.30 -22.02 55.32
N VAL A 118 11.94 -20.85 55.39
CA VAL A 118 12.05 -20.09 56.63
C VAL A 118 10.89 -19.12 56.71
N LEU A 119 10.53 -18.77 57.94
CA LEU A 119 9.46 -17.81 58.23
C LEU A 119 10.08 -16.63 58.95
N GLY A 120 10.25 -15.53 58.22
CA GLY A 120 10.64 -14.28 58.86
C GLY A 120 9.51 -13.73 59.70
N LEU A 121 9.87 -13.01 60.76
CA LEU A 121 8.90 -12.52 61.72
C LEU A 121 8.84 -11.00 61.79
N THR A 122 9.97 -10.33 61.96
CA THR A 122 9.99 -8.87 62.12
C THR A 122 11.10 -8.25 61.28
N THR A 123 11.23 -8.70 60.03
CA THR A 123 12.20 -8.15 59.09
C THR A 123 11.45 -7.64 57.87
N ARG A 124 11.44 -6.32 57.69
CA ARG A 124 10.67 -5.69 56.63
C ARG A 124 11.52 -5.26 55.44
N MET A 125 12.78 -5.66 55.38
CA MET A 125 13.62 -5.32 54.24
C MET A 125 13.11 -6.02 52.99
N SER A 126 13.14 -5.31 51.86
CA SER A 126 12.61 -5.84 50.61
C SER A 126 13.57 -6.77 49.90
N ILE A 127 14.82 -6.87 50.34
CA ILE A 127 15.77 -7.77 49.71
C ILE A 127 15.30 -9.21 49.81
N TYR A 128 14.51 -9.54 50.84
CA TYR A 128 14.01 -10.89 51.00
C TYR A 128 12.77 -11.16 50.14
N SER A 129 12.22 -10.13 49.49
CA SER A 129 11.09 -10.33 48.59
C SER A 129 11.50 -10.78 47.21
N ASP A 130 12.80 -10.82 46.92
CA ASP A 130 13.31 -11.28 45.62
C ASP A 130 13.63 -12.76 45.75
N LYS A 131 12.74 -13.61 45.22
CA LYS A 131 12.89 -15.05 45.34
C LYS A 131 14.09 -15.58 44.57
N SER A 132 14.68 -14.79 43.67
CA SER A 132 15.88 -15.24 42.96
C SER A 132 17.04 -15.45 43.92
N ILE A 133 17.22 -14.53 44.87
CA ILE A 133 18.30 -14.66 45.84
C ILE A 133 17.90 -15.60 46.97
N HIS A 134 16.82 -15.27 47.67
CA HIS A 134 16.31 -16.11 48.75
C HIS A 134 15.28 -17.07 48.16
N LEU A 135 15.69 -18.33 47.99
CA LEU A 135 14.85 -19.28 47.27
C LEU A 135 13.59 -19.65 48.05
N SER A 136 13.66 -19.65 49.37
CA SER A 136 12.52 -20.01 50.21
C SER A 136 12.51 -19.09 51.43
N PHE A 137 11.63 -18.10 51.44
CA PHE A 137 11.55 -17.14 52.54
C PHE A 137 10.13 -16.59 52.58
N LEU A 138 9.32 -17.10 53.49
CA LEU A 138 7.98 -16.60 53.73
C LEU A 138 8.01 -15.78 55.02
N ARG A 139 7.42 -14.59 54.99
CA ARG A 139 7.40 -13.74 56.17
C ARG A 139 6.01 -13.20 56.42
N THR A 140 5.73 -12.94 57.70
CA THR A 140 4.40 -12.55 58.16
C THR A 140 4.27 -11.04 58.37
N VAL A 141 5.17 -10.25 57.80
CA VAL A 141 5.05 -8.80 57.81
C VAL A 141 5.26 -8.26 56.40
N PRO A 142 4.51 -7.24 55.98
CA PRO A 142 4.74 -6.67 54.67
C PRO A 142 6.09 -5.95 54.63
N PRO A 143 6.74 -5.90 53.48
CA PRO A 143 8.03 -5.22 53.38
C PRO A 143 7.85 -3.70 53.43
N TYR A 144 8.99 -3.00 53.51
CA TYR A 144 8.96 -1.55 53.47
C TYR A 144 8.49 -1.05 52.11
N SER A 145 8.72 -1.83 51.05
CA SER A 145 8.31 -1.40 49.72
C SER A 145 6.80 -1.35 49.58
N HIS A 146 6.09 -2.25 50.27
CA HIS A 146 4.63 -2.29 50.16
C HIS A 146 3.99 -0.99 50.64
N GLN A 147 4.70 -0.21 51.47
CA GLN A 147 4.18 1.09 51.89
C GLN A 147 3.86 1.98 50.70
N SER A 148 4.54 1.74 49.57
CA SER A 148 4.25 2.49 48.35
C SER A 148 2.77 2.44 48.02
N SER A 149 2.17 1.25 48.13
CA SER A 149 0.75 1.12 47.84
C SER A 149 -0.06 2.04 48.73
N VAL A 150 0.28 2.12 50.01
CA VAL A 150 -0.42 3.02 50.92
C VAL A 150 -0.38 4.45 50.41
N TRP A 151 0.79 4.88 49.90
CA TRP A 151 0.89 6.22 49.35
C TRP A 151 -0.19 6.47 48.31
N PHE A 152 -0.40 5.50 47.41
CA PHE A 152 -1.43 5.64 46.39
C PHE A 152 -2.79 5.90 47.02
N GLU A 153 -3.12 5.15 48.08
CA GLU A 153 -4.38 5.38 48.75
C GLU A 153 -4.44 6.80 49.33
N MET A 154 -3.33 7.24 49.94
CA MET A 154 -3.29 8.61 50.45
C MET A 154 -3.36 9.62 49.33
N MET A 155 -2.95 9.23 48.12
CA MET A 155 -3.08 10.11 46.97
C MET A 155 -4.47 10.04 46.35
N ARG A 156 -5.26 9.03 46.70
CA ARG A 156 -6.57 8.87 46.10
C ARG A 156 -7.63 9.68 46.85
N VAL A 157 -7.72 9.47 48.16
CA VAL A 157 -8.73 10.18 48.95
C VAL A 157 -8.44 11.67 49.00
N TYR A 158 -7.17 12.06 49.05
CA TYR A 158 -6.79 13.46 49.14
C TYR A 158 -6.60 14.12 47.79
N SER A 159 -6.84 13.39 46.69
CA SER A 159 -6.81 13.94 45.33
C SER A 159 -5.47 14.60 45.01
N TRP A 160 -4.41 13.81 45.10
CA TRP A 160 -3.07 14.25 44.72
C TRP A 160 -2.60 13.44 43.53
N ASN A 161 -2.13 14.14 42.50
CA ASN A 161 -1.67 13.51 41.27
C ASN A 161 -0.23 13.82 40.90
N HIS A 162 0.28 14.99 41.30
CA HIS A 162 1.64 15.40 40.99
C HIS A 162 2.47 15.29 42.26
N ILE A 163 3.39 14.32 42.29
CA ILE A 163 4.18 14.03 43.47
C ILE A 163 5.65 14.01 43.09
N ILE A 164 6.51 14.17 44.08
CA ILE A 164 7.94 13.94 43.91
C ILE A 164 8.38 12.89 44.93
N LEU A 165 9.38 12.10 44.53
CA LEU A 165 9.72 10.87 45.24
C LEU A 165 11.22 10.88 45.53
N LEU A 166 11.57 10.94 46.82
CA LEU A 166 12.96 10.89 47.24
C LEU A 166 13.30 9.47 47.68
N VAL A 167 14.31 8.89 47.04
CA VAL A 167 14.61 7.47 47.16
C VAL A 167 16.12 7.27 47.29
N SER A 168 16.52 6.42 48.22
CA SER A 168 17.93 6.08 48.37
C SER A 168 18.36 5.09 47.29
N ASP A 169 19.67 5.03 47.06
CA ASP A 169 20.22 4.12 46.05
C ASP A 169 20.57 2.76 46.65
N ASP A 170 19.60 2.16 47.34
CA ASP A 170 19.71 0.82 47.88
C ASP A 170 18.67 -0.07 47.21
N HIS A 171 18.68 -1.36 47.57
CA HIS A 171 17.66 -2.26 47.08
C HIS A 171 16.29 -1.92 47.66
N GLU A 172 16.25 -1.47 48.91
CA GLU A 172 14.99 -1.08 49.53
C GLU A 172 14.35 0.09 48.79
N GLY A 173 15.12 1.16 48.57
CA GLY A 173 14.59 2.32 47.88
C GLY A 173 14.22 2.02 46.44
N ARG A 174 15.06 1.22 45.78
CA ARG A 174 14.81 0.84 44.40
C ARG A 174 13.50 0.06 44.31
N ALA A 175 13.32 -0.89 45.22
CA ALA A 175 12.10 -1.69 45.24
C ALA A 175 10.88 -0.83 45.51
N ALA A 176 10.98 0.11 46.44
CA ALA A 176 9.86 1.00 46.72
C ALA A 176 9.51 1.84 45.50
N GLN A 177 10.52 2.39 44.83
CA GLN A 177 10.29 3.15 43.61
C GLN A 177 9.65 2.31 42.53
N LYS A 178 10.15 1.07 42.33
CA LYS A 178 9.60 0.20 41.30
C LYS A 178 8.14 -0.13 41.59
N ARG A 179 7.81 -0.45 42.84
CA ARG A 179 6.42 -0.75 43.18
C ARG A 179 5.53 0.46 42.97
N LEU A 180 5.98 1.64 43.43
CA LEU A 180 5.15 2.83 43.27
C LEU A 180 4.93 3.15 41.80
N GLU A 181 5.97 3.01 40.98
CA GLU A 181 5.83 3.32 39.56
C GLU A 181 4.93 2.31 38.85
N THR A 182 5.10 1.02 39.14
CA THR A 182 4.30 0.01 38.47
C THR A 182 2.85 0.02 38.96
N LEU A 183 2.59 0.61 40.12
CA LEU A 183 1.21 0.76 40.58
C LEU A 183 0.59 2.09 40.16
N LEU A 184 1.42 3.10 39.89
CA LEU A 184 0.94 4.39 39.40
C LEU A 184 0.71 4.39 37.90
N GLU A 185 1.45 3.56 37.15
CA GLU A 185 1.26 3.51 35.70
C GLU A 185 -0.12 2.97 35.33
N GLU A 186 -0.75 2.19 36.20
CA GLU A 186 -2.10 1.72 35.93
C GLU A 186 -3.09 2.88 35.86
N ARG A 187 -2.94 3.85 36.75
CA ARG A 187 -3.79 5.03 36.78
C ARG A 187 -3.39 6.07 35.72
N GLU A 188 -2.50 5.71 34.79
CA GLU A 188 -2.06 6.61 33.73
C GLU A 188 -1.44 7.88 34.30
N SER A 189 -0.72 7.75 35.41
CA SER A 189 -0.07 8.86 36.07
C SER A 189 1.40 8.52 36.33
N LYS A 190 2.24 9.55 36.31
CA LYS A 190 3.66 9.41 36.55
C LYS A 190 4.12 10.46 37.54
N ALA A 191 5.17 10.14 38.29
CA ALA A 191 5.73 11.09 39.24
C ALA A 191 6.34 12.28 38.50
N GLU A 192 6.20 13.47 39.09
CA GLU A 192 6.77 14.66 38.48
C GLU A 192 8.29 14.55 38.37
N LYS A 193 8.93 14.06 39.41
CA LYS A 193 10.37 13.84 39.39
C LYS A 193 10.72 12.75 40.40
N VAL A 194 11.76 11.98 40.06
CA VAL A 194 12.27 10.94 40.95
C VAL A 194 13.74 11.26 41.22
N LEU A 195 14.07 11.51 42.48
CA LEU A 195 15.40 11.97 42.87
C LEU A 195 16.07 10.90 43.70
N GLN A 196 17.25 10.46 43.26
CA GLN A 196 17.98 9.39 43.92
C GLN A 196 18.91 9.94 45.00
N PHE A 197 19.35 9.06 45.89
CA PHE A 197 20.28 9.43 46.95
C PHE A 197 21.57 8.62 46.85
N ASP A 198 22.43 8.76 47.86
CA ASP A 198 23.55 7.86 48.07
C ASP A 198 23.55 7.49 49.55
N PRO A 199 23.69 6.21 49.90
CA PRO A 199 23.49 5.81 51.30
C PRO A 199 24.62 6.26 52.22
N GLY A 200 24.57 7.51 52.65
CA GLY A 200 25.53 8.00 53.61
C GLY A 200 25.95 9.44 53.43
N THR A 201 25.58 10.06 52.31
CA THR A 201 25.95 11.44 52.06
C THR A 201 25.25 12.38 53.04
N LYS A 202 26.02 13.32 53.59
CA LYS A 202 25.48 14.32 54.49
C LYS A 202 25.13 15.63 53.79
N ASN A 203 25.34 15.72 52.47
CA ASN A 203 25.03 16.92 51.70
C ASN A 203 24.02 16.55 50.62
N VAL A 204 22.76 16.91 50.83
CA VAL A 204 21.70 16.69 49.85
C VAL A 204 21.05 17.98 49.41
N THR A 205 21.55 19.13 49.86
CA THR A 205 20.92 20.40 49.49
C THR A 205 21.00 20.65 47.99
N ALA A 206 22.01 20.11 47.31
CA ALA A 206 22.11 20.27 45.87
C ALA A 206 20.91 19.64 45.16
N LEU A 207 20.36 18.59 45.75
CA LEU A 207 19.17 17.93 45.21
C LEU A 207 17.88 18.62 45.64
N LEU A 208 17.84 19.16 46.86
CA LEU A 208 16.68 19.92 47.28
C LEU A 208 16.53 21.20 46.46
N MET A 209 17.65 21.75 45.97
CA MET A 209 17.57 22.88 45.06
C MET A 209 16.81 22.52 43.79
N GLU A 210 17.09 21.35 43.23
CA GLU A 210 16.31 20.86 42.09
C GLU A 210 14.86 20.63 42.48
N ALA A 211 14.64 20.09 43.68
CA ALA A 211 13.28 19.86 44.16
C ALA A 211 12.51 21.16 44.31
N LYS A 212 13.20 22.28 44.49
CA LYS A 212 12.53 23.58 44.63
C LYS A 212 11.72 23.92 43.39
N GLU A 213 12.34 23.84 42.21
CA GLU A 213 11.73 24.33 40.98
C GLU A 213 10.88 23.22 40.35
N LEU A 214 9.80 22.88 41.05
CA LEU A 214 8.83 21.91 40.55
C LEU A 214 7.44 22.35 40.97
N GLU A 215 6.45 21.98 40.14
CA GLU A 215 5.06 22.29 40.48
C GLU A 215 4.52 21.38 41.57
N ALA A 216 4.97 20.12 41.61
CA ALA A 216 4.52 19.20 42.65
C ALA A 216 5.12 19.60 43.99
N ARG A 217 4.26 19.69 45.00
CA ARG A 217 4.67 20.12 46.34
C ARG A 217 4.38 19.06 47.39
N VAL A 218 4.38 17.79 47.01
CA VAL A 218 4.22 16.68 47.94
C VAL A 218 5.43 15.76 47.79
N ILE A 219 6.08 15.47 48.90
CA ILE A 219 7.32 14.70 48.93
C ILE A 219 7.02 13.34 49.54
N ILE A 220 7.45 12.27 48.88
CA ILE A 220 7.35 10.92 49.41
C ILE A 220 8.76 10.42 49.67
N LEU A 221 9.10 10.24 50.94
CA LEU A 221 10.45 9.84 51.32
C LEU A 221 10.55 8.32 51.43
N SER A 222 11.73 7.81 51.10
CA SER A 222 12.04 6.40 51.33
C SER A 222 13.54 6.30 51.62
N ALA A 223 13.90 6.28 52.90
CA ALA A 223 15.29 6.28 53.31
C ALA A 223 15.40 5.74 54.72
N SER A 224 16.62 5.42 55.12
CA SER A 224 16.88 4.96 56.48
C SER A 224 16.72 6.09 57.47
N GLU A 225 16.85 5.75 58.76
CA GLU A 225 16.66 6.75 59.81
C GLU A 225 17.70 7.86 59.72
N ASP A 226 18.96 7.51 59.51
CA ASP A 226 20.00 8.51 59.40
C ASP A 226 19.79 9.39 58.17
N ASP A 227 19.47 8.78 57.03
CA ASP A 227 19.22 9.53 55.82
C ASP A 227 17.97 10.39 55.96
N ALA A 228 16.95 9.87 56.64
CA ALA A 228 15.75 10.67 56.89
C ALA A 228 16.06 11.88 57.75
N ALA A 229 16.88 11.70 58.79
CA ALA A 229 17.29 12.84 59.61
C ALA A 229 18.08 13.85 58.80
N THR A 230 18.98 13.37 57.94
CA THR A 230 19.79 14.29 57.13
C THR A 230 18.90 15.08 56.17
N VAL A 231 17.95 14.42 55.51
CA VAL A 231 17.11 15.13 54.57
C VAL A 231 16.15 16.08 55.30
N TYR A 232 15.71 15.71 56.50
CA TYR A 232 14.91 16.64 57.31
C TYR A 232 15.71 17.88 57.65
N ARG A 233 16.96 17.69 58.07
CA ARG A 233 17.80 18.84 58.42
C ARG A 233 18.05 19.73 57.22
N ALA A 234 18.28 19.12 56.05
CA ALA A 234 18.51 19.91 54.84
C ALA A 234 17.24 20.64 54.38
N ALA A 235 16.08 20.01 54.51
CA ALA A 235 14.84 20.63 54.06
C ALA A 235 14.37 21.73 55.02
N ALA A 236 14.73 21.61 56.30
CA ALA A 236 14.34 22.64 57.26
C ALA A 236 14.96 23.98 56.91
N MET A 237 16.22 24.01 56.47
CA MET A 237 16.86 25.25 56.09
C MET A 237 16.37 25.80 54.76
N LEU A 238 15.65 25.01 53.97
CA LEU A 238 15.17 25.43 52.67
C LEU A 238 13.67 25.73 52.64
N ASN A 239 13.02 25.72 53.80
CA ASN A 239 11.60 26.05 53.93
C ASN A 239 10.71 25.13 53.09
N MET A 240 11.06 23.85 53.01
CA MET A 240 10.15 22.86 52.45
C MET A 240 9.15 22.35 53.48
N THR A 241 9.29 22.75 54.74
CA THR A 241 8.37 22.36 55.80
C THR A 241 7.26 23.38 56.02
N GLY A 242 7.20 24.43 55.20
CA GLY A 242 6.20 25.45 55.37
C GLY A 242 4.84 25.03 54.82
N SER A 243 3.89 25.96 54.90
CA SER A 243 2.55 25.70 54.42
C SER A 243 2.55 25.45 52.92
N GLY A 244 1.62 24.60 52.48
CA GLY A 244 1.54 24.20 51.10
C GLY A 244 2.32 22.95 50.75
N TYR A 245 3.10 22.42 51.69
CA TYR A 245 3.89 21.21 51.48
C TYR A 245 3.32 20.08 52.32
N VAL A 246 3.29 18.88 51.72
CA VAL A 246 2.83 17.68 52.40
C VAL A 246 3.90 16.61 52.26
N TRP A 247 4.23 15.95 53.36
CA TRP A 247 5.25 14.92 53.39
C TRP A 247 4.61 13.57 53.69
N LEU A 248 4.89 12.58 52.85
CA LEU A 248 4.54 11.19 53.10
C LEU A 248 5.83 10.42 53.36
N VAL A 249 5.92 9.79 54.53
CA VAL A 249 7.18 9.25 55.01
C VAL A 249 6.97 7.84 55.52
N GLY A 250 7.89 6.93 55.18
CA GLY A 250 7.76 5.54 55.54
C GLY A 250 7.87 5.29 57.03
N GLU A 251 7.65 4.03 57.40
CA GLU A 251 7.60 3.66 58.81
C GLU A 251 8.94 3.85 59.51
N ARG A 252 10.04 3.45 58.85
CA ARG A 252 11.35 3.52 59.47
C ARG A 252 12.02 4.87 59.31
N GLU A 253 11.38 5.81 58.62
CA GLU A 253 11.92 7.16 58.47
C GLU A 253 11.22 8.17 59.37
N ILE A 254 10.43 7.70 60.34
CA ILE A 254 9.87 8.56 61.39
C ILE A 254 10.22 8.07 62.78
N SER A 255 10.95 6.96 62.90
CA SER A 255 11.31 6.40 64.19
C SER A 255 12.76 6.69 64.50
N GLY A 256 13.03 7.01 65.76
CA GLY A 256 14.39 7.29 66.18
C GLY A 256 14.75 8.73 65.97
N ASN A 257 15.97 8.96 65.47
CA ASN A 257 16.47 10.32 65.31
C ASN A 257 15.56 11.15 64.42
N ALA A 258 14.94 10.52 63.42
CA ALA A 258 14.02 11.25 62.54
C ALA A 258 12.88 11.86 63.33
N LEU A 259 12.34 11.13 64.30
CA LEU A 259 11.27 11.67 65.13
C LEU A 259 11.69 12.92 65.87
N ARG A 260 12.98 13.10 66.13
CA ARG A 260 13.46 14.32 66.75
C ARG A 260 13.51 15.47 65.75
N TYR A 261 13.82 15.18 64.49
CA TYR A 261 14.04 16.21 63.49
C TYR A 261 12.89 16.35 62.50
N ALA A 262 11.87 15.50 62.58
CA ALA A 262 10.76 15.58 61.64
C ALA A 262 9.98 16.86 61.86
N PRO A 263 9.64 17.59 60.81
CA PRO A 263 8.80 18.78 60.98
C PRO A 263 7.36 18.38 61.29
N ASP A 264 6.62 19.33 61.87
CA ASP A 264 5.21 19.08 62.16
C ASP A 264 4.44 18.82 60.88
N GLY A 265 3.57 17.81 60.91
CA GLY A 265 2.75 17.48 59.78
C GLY A 265 3.18 16.28 58.96
N ILE A 266 4.13 15.48 59.45
CA ILE A 266 4.55 14.29 58.73
C ILE A 266 3.44 13.25 58.75
N LEU A 267 3.10 12.73 57.58
CA LEU A 267 2.08 11.68 57.45
C LEU A 267 2.78 10.32 57.37
N GLY A 268 3.27 9.86 58.52
CA GLY A 268 3.98 8.60 58.57
C GLY A 268 3.04 7.41 58.70
N LEU A 269 3.63 6.23 58.56
CA LEU A 269 2.91 4.97 58.65
C LEU A 269 3.53 4.09 59.74
N GLN A 270 2.70 3.22 60.31
CA GLN A 270 3.17 2.24 61.27
C GLN A 270 2.41 0.93 61.04
N LEU A 271 3.02 -0.16 61.48
CA LEU A 271 2.36 -1.46 61.42
C LEU A 271 1.62 -1.74 62.72
N ILE A 272 0.50 -2.43 62.60
CA ILE A 272 -0.28 -2.85 63.77
C ILE A 272 0.37 -4.11 64.34
N ASN A 273 0.89 -4.02 65.56
CA ASN A 273 1.65 -5.09 66.19
C ASN A 273 2.82 -5.53 65.31
N GLY A 274 3.42 -4.54 64.62
CA GLY A 274 4.56 -4.84 63.78
C GLY A 274 5.77 -5.30 64.56
N LYS A 275 6.01 -4.67 65.70
CA LYS A 275 7.13 -5.01 66.56
C LYS A 275 6.75 -6.10 67.57
N ASN A 276 5.45 -6.39 67.68
CA ASN A 276 5.00 -7.40 68.63
C ASN A 276 5.46 -8.78 68.16
N GLU A 277 6.60 -9.24 68.70
CA GLU A 277 7.12 -10.54 68.31
C GLU A 277 6.19 -11.67 68.74
N SER A 278 5.45 -11.47 69.83
CA SER A 278 4.63 -12.56 70.37
C SER A 278 3.49 -12.93 69.43
N ALA A 279 2.73 -11.94 68.96
CA ALA A 279 1.61 -12.22 68.07
C ALA A 279 2.09 -12.84 66.76
N HIS A 280 3.19 -12.32 66.22
CA HIS A 280 3.72 -12.89 64.98
C HIS A 280 4.18 -14.32 65.19
N ILE A 281 4.82 -14.60 66.32
CA ILE A 281 5.25 -15.96 66.62
C ILE A 281 4.04 -16.90 66.66
N SER A 282 2.99 -16.49 67.38
CA SER A 282 1.82 -17.35 67.51
C SER A 282 1.17 -17.59 66.16
N ASP A 283 0.98 -16.51 65.39
CA ASP A 283 0.37 -16.61 64.07
C ASP A 283 1.16 -17.46 63.10
N ALA A 284 2.49 -17.34 63.15
CA ALA A 284 3.35 -18.10 62.25
C ALA A 284 3.38 -19.57 62.63
N VAL A 285 3.46 -19.89 63.92
CA VAL A 285 3.48 -21.30 64.30
C VAL A 285 2.13 -21.95 64.00
N GLY A 286 1.03 -21.21 64.16
CA GLY A 286 -0.26 -21.75 63.74
C GLY A 286 -0.32 -22.04 62.25
N VAL A 287 0.18 -21.10 61.44
CA VAL A 287 0.18 -21.30 60.00
C VAL A 287 1.03 -22.50 59.62
N VAL A 288 2.21 -22.63 60.23
CA VAL A 288 3.10 -23.74 59.88
C VAL A 288 2.49 -25.06 60.32
N ALA A 289 1.84 -25.10 61.48
CA ALA A 289 1.17 -26.33 61.92
C ALA A 289 0.06 -26.72 60.96
N GLN A 290 -0.70 -25.73 60.51
CA GLN A 290 -1.78 -25.96 59.56
C GLN A 290 -1.23 -26.51 58.25
N ALA A 291 -0.14 -25.94 57.78
CA ALA A 291 0.49 -26.37 56.53
C ALA A 291 1.06 -27.78 56.66
N VAL A 292 1.67 -28.09 57.81
CA VAL A 292 2.20 -29.44 58.02
C VAL A 292 1.06 -30.47 58.02
N HIS A 293 -0.04 -30.14 58.70
CA HIS A 293 -1.19 -31.05 58.71
C HIS A 293 -1.73 -31.26 57.31
N GLU A 294 -1.78 -30.21 56.50
CA GLU A 294 -2.20 -30.36 55.11
C GLU A 294 -1.22 -31.20 54.31
N LEU A 295 0.09 -31.02 54.54
CA LEU A 295 1.10 -31.71 53.75
C LEU A 295 1.14 -33.20 54.05
N LEU A 296 1.09 -33.59 55.32
CA LEU A 296 1.17 -35.00 55.68
C LEU A 296 -0.02 -35.80 55.17
N GLU A 297 -1.12 -35.13 54.82
CA GLU A 297 -2.26 -35.81 54.22
C GLU A 297 -2.10 -36.00 52.72
N LYS A 298 -1.06 -35.44 52.12
CA LYS A 298 -0.82 -35.54 50.68
C LYS A 298 -0.14 -36.87 50.36
N GLU A 299 0.44 -36.96 49.17
CA GLU A 299 1.07 -38.19 48.70
C GLU A 299 2.44 -38.35 49.39
N ASN A 300 3.25 -39.28 48.87
CA ASN A 300 4.52 -39.61 49.51
C ASN A 300 5.38 -38.37 49.70
N ILE A 301 5.90 -38.21 50.92
CA ILE A 301 6.67 -37.04 51.33
C ILE A 301 8.02 -37.51 51.82
N THR A 302 9.09 -36.86 51.35
CA THR A 302 10.45 -37.19 51.75
C THR A 302 10.84 -36.37 52.96
N ASP A 303 11.46 -37.03 53.93
CA ASP A 303 11.90 -36.35 55.14
C ASP A 303 13.03 -35.38 54.82
N PRO A 304 13.17 -34.31 55.62
CA PRO A 304 14.26 -33.34 55.45
C PRO A 304 15.59 -33.99 55.82
N PRO A 305 16.69 -33.55 55.21
CA PRO A 305 17.95 -34.21 55.55
C PRO A 305 18.31 -34.10 57.03
N ARG A 306 18.70 -35.22 57.62
CA ARG A 306 19.07 -35.27 59.03
C ARG A 306 20.32 -34.46 59.34
N GLY A 307 21.30 -34.53 58.45
CA GLY A 307 22.55 -33.82 58.65
C GLY A 307 22.88 -32.79 57.58
N CYS A 308 23.19 -31.58 58.04
CA CYS A 308 23.55 -30.49 57.15
C CYS A 308 24.82 -30.84 56.39
N VAL A 309 25.78 -31.42 57.12
CA VAL A 309 27.06 -31.82 56.55
C VAL A 309 26.98 -33.15 55.79
N GLY A 310 27.64 -33.21 54.64
CA GLY A 310 27.64 -34.41 53.83
C GLY A 310 26.43 -34.58 52.92
N ASN A 311 25.55 -33.59 52.91
CA ASN A 311 24.36 -33.64 52.08
C ASN A 311 24.34 -32.47 51.12
N THR A 312 24.09 -32.74 49.85
CA THR A 312 24.04 -31.70 48.83
C THR A 312 22.89 -31.91 47.87
N ASN A 313 21.76 -32.39 48.39
CA ASN A 313 20.59 -32.62 47.56
C ASN A 313 19.44 -31.73 48.00
N ILE A 314 18.70 -31.21 47.01
CA ILE A 314 17.54 -30.39 47.31
C ILE A 314 16.44 -31.27 47.91
N TRP A 315 15.86 -30.81 49.01
CA TRP A 315 14.75 -31.53 49.63
C TRP A 315 13.57 -31.52 48.68
N LYS A 316 13.23 -32.69 48.13
CA LYS A 316 12.30 -32.77 47.01
C LYS A 316 10.92 -32.22 47.36
N THR A 317 10.49 -32.41 48.60
CA THR A 317 9.20 -31.90 49.03
C THR A 317 9.27 -30.48 49.57
N GLY A 318 10.46 -29.88 49.57
CA GLY A 318 10.63 -28.51 50.01
C GLY A 318 9.84 -27.51 49.19
N PRO A 319 9.98 -27.53 47.87
CA PRO A 319 9.15 -26.62 47.04
C PRO A 319 7.66 -26.83 47.22
N LEU A 320 7.21 -28.07 47.39
CA LEU A 320 5.79 -28.33 47.62
C LEU A 320 5.33 -27.73 48.95
N PHE A 321 6.15 -27.89 49.99
CA PHE A 321 5.81 -27.31 51.29
C PHE A 321 5.78 -25.79 51.22
N LYS A 322 6.73 -25.19 50.50
CA LYS A 322 6.70 -23.74 50.32
C LYS A 322 5.46 -23.29 49.56
N ARG A 323 5.06 -24.07 48.54
CA ARG A 323 3.88 -23.72 47.77
C ARG A 323 2.61 -23.78 48.62
N VAL A 324 2.49 -24.83 49.45
CA VAL A 324 1.29 -24.93 50.28
C VAL A 324 1.32 -23.88 51.39
N LEU A 325 2.51 -23.49 51.85
CA LEU A 325 2.62 -22.40 52.80
C LEU A 325 2.17 -21.07 52.18
N MET A 326 2.57 -20.82 50.94
CA MET A 326 2.25 -19.57 50.26
C MET A 326 0.78 -19.46 49.88
N SER A 327 0.01 -20.53 50.01
CA SER A 327 -1.41 -20.49 49.68
C SER A 327 -2.34 -20.76 50.85
N SER A 328 -1.82 -21.21 52.00
CA SER A 328 -2.68 -21.48 53.14
C SER A 328 -3.27 -20.19 53.69
N LYS A 329 -4.55 -20.22 54.03
CA LYS A 329 -5.24 -19.08 54.61
C LYS A 329 -5.51 -19.35 56.09
N TYR A 330 -5.13 -18.40 56.93
CA TYR A 330 -5.28 -18.52 58.39
C TYR A 330 -6.08 -17.32 58.86
N ALA A 331 -7.41 -17.46 58.85
CA ALA A 331 -8.31 -16.35 59.19
C ALA A 331 -8.60 -16.25 60.68
N ASP A 332 -8.00 -17.13 61.50
CA ASP A 332 -8.19 -17.10 62.94
C ASP A 332 -6.95 -16.61 63.67
N GLY A 333 -6.06 -15.90 62.97
CA GLY A 333 -4.84 -15.43 63.59
C GLY A 333 -5.06 -14.29 64.55
N VAL A 334 -4.08 -14.09 65.43
CA VAL A 334 -4.14 -12.99 66.39
C VAL A 334 -4.07 -11.66 65.65
N THR A 335 -3.20 -11.56 64.64
CA THR A 335 -3.04 -10.35 63.84
C THR A 335 -3.94 -10.34 62.62
N GLY A 336 -5.09 -11.00 62.67
CA GLY A 336 -5.98 -11.06 61.54
C GLY A 336 -5.63 -12.17 60.58
N ARG A 337 -6.29 -12.13 59.42
CA ARG A 337 -6.07 -13.14 58.40
C ARG A 337 -4.63 -13.08 57.90
N VAL A 338 -4.02 -14.25 57.75
CA VAL A 338 -2.64 -14.35 57.27
C VAL A 338 -2.63 -14.97 55.88
N GLU A 339 -2.55 -14.13 54.86
CA GLU A 339 -2.51 -14.58 53.48
C GLU A 339 -1.24 -14.07 52.81
N PHE A 340 -0.53 -14.96 52.14
CA PHE A 340 0.72 -14.63 51.47
C PHE A 340 0.46 -14.38 49.99
N ASN A 341 1.18 -13.40 49.43
CA ASN A 341 1.03 -13.06 48.02
C ASN A 341 1.94 -13.97 47.18
N GLU A 342 2.05 -13.65 45.88
CA GLU A 342 2.89 -14.46 45.00
C GLU A 342 4.36 -14.38 45.41
N ASP A 343 4.81 -13.19 45.78
CA ASP A 343 6.21 -13.00 46.17
C ASP A 343 6.58 -13.70 47.46
N GLY A 344 5.59 -14.18 48.22
CA GLY A 344 5.87 -14.86 49.47
C GLY A 344 5.85 -13.98 50.69
N ASP A 345 5.14 -12.86 50.67
CA ASP A 345 5.05 -11.95 51.78
C ASP A 345 3.59 -11.75 52.18
N ARG A 346 3.37 -11.36 53.43
CA ARG A 346 2.01 -11.26 53.94
C ARG A 346 1.24 -10.17 53.19
N LYS A 347 -0.03 -10.45 52.92
CA LYS A 347 -0.88 -9.50 52.24
C LYS A 347 -1.97 -9.05 53.19
N PHE A 348 -2.60 -7.93 52.85
CA PHE A 348 -3.71 -7.34 53.61
C PHE A 348 -3.31 -7.15 55.08
N ALA A 349 -2.31 -6.29 55.26
CA ALA A 349 -1.83 -5.92 56.58
C ALA A 349 -2.39 -4.57 56.99
N ASN A 350 -2.59 -4.39 58.29
CA ASN A 350 -3.16 -3.16 58.83
C ASN A 350 -2.07 -2.12 58.99
N TYR A 351 -2.24 -0.97 58.34
CA TYR A 351 -1.33 0.16 58.46
C TYR A 351 -2.04 1.30 59.17
N SER A 352 -1.40 1.84 60.20
CA SER A 352 -1.94 2.96 60.96
C SER A 352 -1.23 4.23 60.53
N ILE A 353 -2.01 5.22 60.09
CA ILE A 353 -1.45 6.52 59.77
C ILE A 353 -1.07 7.25 61.07
N MET A 354 -0.11 8.17 60.97
CA MET A 354 0.34 8.93 62.13
C MET A 354 0.81 10.33 61.76
N ASN A 355 0.16 11.35 62.31
CA ASN A 355 0.53 12.73 62.05
C ASN A 355 1.34 13.28 63.22
N LEU A 356 2.43 13.98 62.91
CA LEU A 356 3.29 14.53 63.93
C LEU A 356 2.75 15.89 64.37
N GLN A 357 2.27 15.96 65.61
CA GLN A 357 1.72 17.19 66.16
C GLN A 357 2.44 17.51 67.47
N ASN A 358 3.03 18.70 67.54
CA ASN A 358 3.75 19.17 68.73
C ASN A 358 4.82 18.17 69.14
N ARG A 359 5.57 17.68 68.15
CA ARG A 359 6.64 16.70 68.35
C ARG A 359 6.13 15.43 69.05
N LYS A 360 4.91 15.02 68.71
CA LYS A 360 4.33 13.81 69.28
C LYS A 360 3.41 13.18 68.25
N LEU A 361 3.66 11.92 67.90
CA LEU A 361 2.85 11.23 66.91
C LEU A 361 1.43 11.05 67.43
N VAL A 362 0.47 11.20 66.51
CA VAL A 362 -0.95 11.09 66.84
C VAL A 362 -1.61 10.21 65.78
N GLN A 363 -2.35 9.20 66.23
CA GLN A 363 -3.11 8.35 65.32
C GLN A 363 -4.12 9.17 64.53
N VAL A 364 -4.23 8.90 63.23
CA VAL A 364 -5.16 9.62 62.37
C VAL A 364 -6.10 8.65 61.68
N GLY A 365 -5.53 7.66 60.98
CA GLY A 365 -6.33 6.73 60.22
C GLY A 365 -5.71 5.35 60.22
N ILE A 366 -6.47 4.39 59.71
CA ILE A 366 -6.05 3.00 59.62
C ILE A 366 -6.37 2.49 58.23
N TYR A 367 -5.38 1.90 57.57
CA TYR A 367 -5.54 1.32 56.24
C TYR A 367 -5.38 -0.20 56.35
N ASN A 368 -6.39 -0.93 55.91
CA ASN A 368 -6.37 -2.39 55.98
C ASN A 368 -6.03 -3.01 54.64
N GLY A 369 -6.78 -2.68 53.59
CA GLY A 369 -6.46 -3.12 52.25
C GLY A 369 -7.32 -2.46 51.20
N THR A 370 -6.69 -1.89 50.18
CA THR A 370 -7.37 -1.21 49.08
C THR A 370 -8.33 -0.13 49.55
N HIS A 371 -8.16 0.35 50.79
CA HIS A 371 -9.05 1.36 51.34
C HIS A 371 -8.44 1.98 52.61
N VAL A 372 -8.35 3.30 52.63
CA VAL A 372 -7.85 4.03 53.80
C VAL A 372 -9.03 4.70 54.48
N ILE A 373 -9.06 4.63 55.81
CA ILE A 373 -10.17 5.12 56.61
C ILE A 373 -9.66 6.20 57.55
N PRO A 374 -10.18 7.43 57.49
CA PRO A 374 -9.79 8.47 58.45
C PRO A 374 -10.67 8.45 59.68
N ASN A 375 -10.27 9.26 60.66
CA ASN A 375 -11.00 9.36 61.92
C ASN A 375 -11.38 10.81 62.22
N ASP A 376 -11.90 11.06 63.42
CA ASP A 376 -12.29 12.41 63.82
C ASP A 376 -11.11 13.26 64.25
N ARG A 377 -9.93 12.67 64.43
CA ARG A 377 -8.77 13.44 64.84
C ARG A 377 -8.38 14.44 63.75
N LYS A 378 -8.01 15.65 64.18
CA LYS A 378 -7.63 16.69 63.22
C LYS A 378 -6.30 16.36 62.57
N ILE A 379 -6.15 16.85 61.33
CA ILE A 379 -4.94 16.64 60.54
C ILE A 379 -4.34 18.02 60.30
N ILE A 380 -3.27 18.35 61.01
CA ILE A 380 -2.56 19.60 60.81
C ILE A 380 -1.36 19.35 59.89
N TRP A 381 -1.43 19.91 58.69
CA TRP A 381 -0.36 19.79 57.72
C TRP A 381 0.77 20.74 58.08
N PRO A 382 1.96 20.56 57.50
CA PRO A 382 3.06 21.49 57.79
C PRO A 382 2.68 22.92 57.52
N GLY A 383 3.11 23.82 58.40
CA GLY A 383 2.71 25.21 58.34
C GLY A 383 1.45 25.55 59.11
N GLY A 384 0.80 24.57 59.73
CA GLY A 384 -0.38 24.81 60.53
C GLY A 384 -1.68 24.86 59.76
N GLU A 385 -1.67 24.68 58.44
CA GLU A 385 -2.89 24.73 57.66
C GLU A 385 -3.80 23.55 58.03
N THR A 386 -5.10 23.83 58.11
CA THR A 386 -6.10 22.83 58.46
C THR A 386 -6.94 22.39 57.26
N GLU A 387 -6.61 22.88 56.07
CA GLU A 387 -7.30 22.52 54.84
C GLU A 387 -6.64 21.29 54.23
N LYS A 388 -6.97 20.99 52.98
CA LYS A 388 -6.31 19.92 52.24
C LYS A 388 -5.44 20.54 51.16
N PRO A 389 -4.24 21.01 51.49
CA PRO A 389 -3.44 21.79 50.54
C PRO A 389 -3.03 21.00 49.30
N ARG A 390 -3.48 21.46 48.13
CA ARG A 390 -3.09 20.81 46.89
C ARG A 390 -1.68 21.30 46.56
N GLY A 391 -0.78 20.36 46.28
CA GLY A 391 0.60 20.70 45.99
C GLY A 391 0.91 20.88 44.53
N TYR A 392 0.16 21.77 43.88
CA TYR A 392 0.37 22.03 42.46
C TYR A 392 0.60 23.50 42.21
N GLN A 393 1.76 24.01 42.65
CA GLN A 393 2.10 25.40 42.44
C GLN A 393 2.06 25.70 40.96
N MET A 394 1.18 26.62 40.57
CA MET A 394 1.03 26.99 39.17
C MET A 394 2.29 27.60 38.54
N SER A 395 3.09 28.22 39.41
CA SER A 395 4.36 28.87 39.09
C SER A 395 4.26 30.02 38.10
N THR A 396 3.79 29.73 36.89
CA THR A 396 3.64 30.71 35.82
C THR A 396 4.94 31.45 35.49
N ARG A 397 6.05 30.72 35.49
CA ARG A 397 7.35 31.28 35.16
C ARG A 397 7.53 31.06 33.67
N LEU A 398 7.31 29.82 33.26
CA LEU A 398 7.38 29.41 31.85
C LEU A 398 8.70 29.83 31.20
N LYS A 399 9.79 29.22 31.68
CA LYS A 399 11.07 29.34 31.00
C LYS A 399 10.93 28.92 29.55
N ILE A 400 11.37 29.78 28.64
CA ILE A 400 11.08 29.65 27.21
C ILE A 400 12.39 29.59 26.44
N VAL A 401 12.51 28.60 25.56
CA VAL A 401 13.62 28.51 24.64
C VAL A 401 13.18 29.09 23.30
N THR A 402 14.17 29.50 22.50
CA THR A 402 13.90 30.12 21.21
C THR A 402 15.14 30.09 20.33
N ILE A 403 15.01 29.59 19.12
CA ILE A 403 16.11 29.54 18.16
C ILE A 403 16.16 30.87 17.41
N HIS A 404 17.37 31.27 17.02
CA HIS A 404 17.54 32.52 16.28
C HIS A 404 17.18 32.27 14.83
N GLN A 405 16.04 32.81 14.40
CA GLN A 405 15.60 32.71 13.02
C GLN A 405 15.39 34.12 12.48
N GLU A 406 15.80 34.33 11.23
CA GLU A 406 15.89 35.68 10.65
C GLU A 406 14.55 36.42 10.70
N PRO A 407 13.49 35.96 10.03
CA PRO A 407 12.28 36.78 9.94
C PRO A 407 11.42 36.75 11.19
N PHE A 408 11.68 35.84 12.13
CA PHE A 408 10.83 35.67 13.30
C PHE A 408 11.47 36.21 14.58
N VAL A 409 12.69 35.80 14.90
CA VAL A 409 13.34 36.17 16.16
C VAL A 409 14.71 36.75 15.80
N TYR A 410 14.78 38.07 15.66
CA TYR A 410 16.05 38.75 15.59
C TYR A 410 16.75 38.71 16.94
N VAL A 411 18.05 38.46 16.92
CA VAL A 411 18.90 38.47 18.10
C VAL A 411 20.04 39.44 17.85
N LYS A 412 20.23 40.40 18.74
CA LYS A 412 21.28 41.39 18.56
C LYS A 412 21.96 41.68 19.90
N PRO A 413 23.24 42.05 19.87
CA PRO A 413 23.91 42.41 21.13
C PRO A 413 23.30 43.64 21.75
N THR A 414 23.32 43.68 23.09
CA THR A 414 22.75 44.80 23.83
C THR A 414 23.79 45.92 23.95
N LEU A 415 23.39 46.98 24.65
CA LEU A 415 24.26 48.13 24.91
C LEU A 415 24.90 48.01 26.27
N SER A 416 25.93 48.83 26.50
CA SER A 416 26.63 48.81 27.78
C SER A 416 25.75 49.28 28.92
N ASP A 417 24.69 50.02 28.65
CA ASP A 417 23.80 50.51 29.69
C ASP A 417 23.00 49.39 30.35
N GLY A 418 22.95 48.20 29.76
CA GLY A 418 22.22 47.09 30.33
C GLY A 418 21.10 46.60 29.44
N THR A 419 20.40 47.52 28.78
CA THR A 419 19.29 47.19 27.91
C THR A 419 19.63 47.52 26.45
N CYS A 420 18.99 46.79 25.55
CA CYS A 420 19.17 47.01 24.13
C CYS A 420 18.49 48.31 23.70
N LYS A 421 18.90 48.83 22.54
CA LYS A 421 18.42 50.12 22.09
C LYS A 421 16.94 50.07 21.75
N GLU A 422 16.37 51.22 21.43
CA GLU A 422 14.93 51.38 21.17
C GLU A 422 14.74 51.78 19.72
N GLU A 423 14.51 50.80 18.86
CA GLU A 423 14.17 51.09 17.48
C GLU A 423 12.69 51.48 17.37
N PHE A 424 12.27 51.84 16.17
CA PHE A 424 10.89 52.20 15.90
C PHE A 424 10.47 51.66 14.55
N THR A 425 9.17 51.40 14.41
CA THR A 425 8.63 50.90 13.16
C THR A 425 8.39 52.05 12.19
N VAL A 426 8.05 51.70 10.95
CA VAL A 426 7.78 52.70 9.93
C VAL A 426 6.53 53.52 10.30
N ASN A 427 5.54 52.89 10.93
CA ASN A 427 4.33 53.58 11.35
C ASN A 427 4.50 54.37 12.63
N GLY A 428 5.74 54.46 13.15
CA GLY A 428 6.01 55.23 14.35
C GLY A 428 5.79 54.49 15.65
N ASP A 429 5.30 53.26 15.61
CA ASP A 429 5.12 52.49 16.84
C ASP A 429 6.44 51.93 17.33
N PRO A 430 6.63 51.86 18.65
CA PRO A 430 7.85 51.25 19.19
C PRO A 430 7.84 49.74 18.96
N VAL A 431 9.04 49.17 18.92
CA VAL A 431 9.23 47.75 18.72
C VAL A 431 9.49 47.10 20.07
N LYS A 432 8.75 46.03 20.37
CA LYS A 432 8.92 45.33 21.63
C LYS A 432 10.17 44.47 21.60
N LYS A 433 10.93 44.50 22.69
CA LYS A 433 12.21 43.82 22.80
C LYS A 433 12.25 43.03 24.10
N VAL A 434 13.01 41.93 24.10
CA VAL A 434 13.14 41.09 25.28
C VAL A 434 14.61 40.88 25.61
N ILE A 435 14.92 40.65 26.88
CA ILE A 435 16.29 40.43 27.30
C ILE A 435 16.65 38.96 27.12
N CYS A 436 16.99 38.60 25.89
CA CYS A 436 17.37 37.24 25.57
C CYS A 436 18.66 36.82 26.25
N THR A 437 18.69 35.58 26.72
CA THR A 437 19.86 35.02 27.38
C THR A 437 20.34 33.88 26.49
N GLY A 438 21.44 34.08 25.79
CA GLY A 438 21.91 33.07 24.86
C GLY A 438 23.41 33.07 24.72
N PRO A 439 23.95 32.20 23.86
CA PRO A 439 25.39 32.14 23.68
C PRO A 439 25.88 33.05 22.56
N ASN A 440 26.86 33.91 22.86
CA ASN A 440 27.38 34.80 21.83
C ASN A 440 28.13 34.01 20.76
N ASP A 441 29.04 33.14 21.16
CA ASP A 441 29.89 32.42 20.20
C ASP A 441 29.06 31.40 19.44
N THR A 442 28.67 31.75 18.22
CA THR A 442 27.92 30.83 17.38
C THR A 442 28.81 29.75 16.77
N SER A 443 30.13 29.90 16.84
CA SER A 443 31.03 28.93 16.27
C SER A 443 30.94 27.61 17.04
N PRO A 444 30.80 26.47 16.37
CA PRO A 444 30.75 25.20 17.09
C PRO A 444 32.09 24.87 17.74
N GLY A 445 32.02 24.09 18.81
CA GLY A 445 33.20 23.72 19.56
C GLY A 445 33.86 24.91 20.23
N SER A 446 33.05 25.74 20.89
CA SER A 446 33.54 26.95 21.55
C SER A 446 33.03 26.99 22.98
N PRO A 447 33.74 27.68 23.87
CA PRO A 447 33.27 27.81 25.26
C PRO A 447 32.08 28.75 25.37
N ARG A 448 30.88 28.21 25.16
CA ARG A 448 29.67 29.04 25.10
C ARG A 448 29.51 29.87 26.37
N HIS A 449 29.22 31.15 26.18
CA HIS A 449 29.00 32.09 27.27
C HIS A 449 27.53 32.51 27.27
N THR A 450 26.85 32.29 28.39
CA THR A 450 25.43 32.62 28.51
C THR A 450 25.31 34.12 28.80
N VAL A 451 25.42 34.91 27.73
CA VAL A 451 25.36 36.36 27.86
C VAL A 451 23.98 36.83 27.40
N PRO A 452 23.44 37.90 27.96
CA PRO A 452 22.11 38.36 27.55
C PRO A 452 22.18 39.27 26.33
N GLN A 453 21.68 38.76 25.20
CA GLN A 453 21.42 39.60 24.04
C GLN A 453 20.05 40.24 24.21
N CYS A 454 19.58 40.88 23.14
CA CYS A 454 18.21 41.37 23.04
C CYS A 454 17.58 40.69 21.83
N CYS A 455 16.50 39.96 22.05
CA CYS A 455 15.80 39.32 20.94
C CYS A 455 14.37 39.84 20.86
N TYR A 456 13.89 39.93 19.62
CA TYR A 456 12.62 40.58 19.32
C TYR A 456 12.17 40.17 17.93
N GLY A 457 10.87 40.27 17.68
CA GLY A 457 10.35 40.01 16.34
C GLY A 457 8.96 39.43 16.40
N PHE A 458 8.64 38.67 15.34
CA PHE A 458 7.31 38.11 15.15
C PHE A 458 6.93 37.20 16.31
N CYS A 459 7.71 36.14 16.53
CA CYS A 459 7.41 35.21 17.61
C CYS A 459 7.46 35.89 18.97
N ILE A 460 8.37 36.87 19.13
CA ILE A 460 8.44 37.60 20.38
C ILE A 460 7.18 38.42 20.60
N ASP A 461 6.67 39.05 19.53
CA ASP A 461 5.42 39.80 19.66
C ASP A 461 4.26 38.87 20.02
N LEU A 462 4.21 37.69 19.40
CA LEU A 462 3.18 36.72 19.76
C LEU A 462 3.30 36.30 21.22
N LEU A 463 4.53 36.12 21.69
CA LEU A 463 4.75 35.77 23.09
C LEU A 463 4.28 36.90 24.01
N ILE A 464 4.51 38.16 23.62
CA ILE A 464 4.05 39.28 24.42
C ILE A 464 2.52 39.28 24.50
N LYS A 465 1.86 39.02 23.37
CA LYS A 465 0.40 38.96 23.37
C LYS A 465 -0.09 37.84 24.28
N LEU A 466 0.52 36.66 24.19
CA LEU A 466 0.11 35.55 25.04
C LEU A 466 0.31 35.88 26.51
N ALA A 467 1.46 36.47 26.85
CA ALA A 467 1.74 36.82 28.24
C ALA A 467 0.75 37.84 28.77
N ARG A 468 0.40 38.81 27.94
CA ARG A 468 -0.56 39.83 28.33
C ARG A 468 -1.94 39.21 28.55
N THR A 469 -2.25 38.18 27.77
CA THR A 469 -3.54 37.50 27.88
C THR A 469 -3.47 36.25 28.77
N MET A 470 -2.30 35.63 28.83
CA MET A 470 -2.10 34.40 29.60
C MET A 470 -1.41 34.58 30.95
N ASN A 471 -1.22 35.84 31.38
CA ASN A 471 -0.56 36.19 32.65
C ASN A 471 0.86 35.64 32.76
N PHE A 472 1.58 35.65 31.65
CA PHE A 472 2.95 35.14 31.60
C PHE A 472 4.02 36.04 32.24
N THR A 473 5.14 35.45 32.67
CA THR A 473 6.28 36.21 33.23
C THR A 473 7.52 35.51 32.68
N TYR A 474 7.69 35.70 31.37
CA TYR A 474 8.61 34.94 30.53
C TYR A 474 10.06 35.25 30.85
N GLU A 475 10.90 34.23 30.71
CA GLU A 475 12.36 34.35 30.82
C GLU A 475 12.93 33.72 29.55
N VAL A 476 12.97 34.51 28.48
CA VAL A 476 13.39 33.99 27.19
C VAL A 476 14.89 33.73 27.21
N HIS A 477 15.29 32.61 26.60
CA HIS A 477 16.70 32.27 26.50
C HIS A 477 16.90 31.34 25.32
N LEU A 478 18.02 31.50 24.62
CA LEU A 478 18.31 30.69 23.45
C LEU A 478 18.68 29.27 23.85
N VAL A 479 18.99 28.45 22.85
CA VAL A 479 19.42 27.07 23.07
C VAL A 479 20.91 26.97 22.80
N ALA A 480 21.61 26.23 23.67
CA ALA A 480 23.05 26.06 23.51
C ALA A 480 23.38 25.35 22.20
N ASP A 481 22.59 24.33 21.86
CA ASP A 481 22.84 23.59 20.62
C ASP A 481 22.69 24.48 19.40
N GLY A 482 21.69 25.34 19.39
CA GLY A 482 21.41 26.16 18.23
C GLY A 482 20.77 25.41 17.09
N LYS A 483 20.01 24.36 17.38
CA LYS A 483 19.37 23.54 16.36
C LYS A 483 17.92 23.32 16.74
N PHE A 484 17.09 23.06 15.72
CA PHE A 484 15.68 22.81 15.98
C PHE A 484 15.47 21.49 16.71
N GLY A 485 16.26 20.47 16.40
CA GLY A 485 16.25 19.25 17.17
C GLY A 485 15.46 18.10 16.59
N THR A 486 16.14 17.02 16.24
CA THR A 486 15.52 15.77 15.83
C THR A 486 15.86 14.68 16.84
N GLN A 487 15.43 13.47 16.53
CA GLN A 487 15.71 12.30 17.36
C GLN A 487 17.05 11.72 16.92
N GLU A 488 18.11 12.05 17.65
CA GLU A 488 19.45 11.61 17.33
C GLU A 488 19.84 10.43 18.22
N ARG A 489 20.44 9.42 17.61
CA ARG A 489 20.87 8.25 18.36
C ARG A 489 21.98 8.62 19.33
N VAL A 490 21.89 8.10 20.56
CA VAL A 490 22.90 8.37 21.56
C VAL A 490 24.25 7.81 21.10
N ASN A 491 25.32 8.56 21.36
CA ASN A 491 26.66 8.18 20.95
C ASN A 491 27.03 6.80 21.46
N ASN A 492 27.30 5.88 20.53
CA ASN A 492 27.68 4.49 20.84
C ASN A 492 26.62 3.81 21.70
N SER A 493 25.37 3.88 21.22
CA SER A 493 24.24 3.23 21.87
C SER A 493 23.09 3.18 20.87
N ASN A 494 22.03 2.47 21.25
CA ASN A 494 20.85 2.31 20.41
C ASN A 494 19.66 3.11 20.92
N LYS A 495 19.86 4.01 21.88
CA LYS A 495 18.77 4.78 22.47
C LYS A 495 18.51 6.05 21.67
N LYS A 496 17.25 6.38 21.51
CA LYS A 496 16.88 7.66 20.90
C LYS A 496 17.12 8.80 21.89
N GLU A 497 17.44 9.98 21.35
CA GLU A 497 17.67 11.15 22.18
C GLU A 497 17.21 12.39 21.41
N TRP A 498 16.70 13.36 22.15
CA TRP A 498 16.21 14.62 21.60
C TRP A 498 17.20 15.73 21.93
N ASN A 499 17.58 16.50 20.91
CA ASN A 499 18.46 17.64 21.07
C ASN A 499 17.73 18.92 20.66
N GLY A 500 18.46 20.03 20.69
CA GLY A 500 17.89 21.29 20.27
C GLY A 500 16.77 21.76 21.18
N MET A 501 15.84 22.51 20.59
CA MET A 501 14.71 23.03 21.35
C MET A 501 13.83 21.91 21.90
N MET A 502 13.59 20.88 21.10
CA MET A 502 12.77 19.77 21.57
C MET A 502 13.43 19.06 22.75
N GLY A 503 14.74 18.84 22.67
CA GLY A 503 15.44 18.22 23.78
C GLY A 503 15.44 19.09 25.03
N GLU A 504 15.63 20.40 24.85
CA GLU A 504 15.60 21.30 25.99
C GLU A 504 14.22 21.31 26.65
N LEU A 505 13.15 21.32 25.85
CA LEU A 505 11.81 21.31 26.40
C LEU A 505 11.50 20.01 27.11
N LEU A 506 11.89 18.87 26.52
CA LEU A 506 11.61 17.58 27.13
C LEU A 506 12.41 17.39 28.41
N SER A 507 13.65 17.88 28.44
CA SER A 507 14.50 17.73 29.61
C SER A 507 13.99 18.52 30.81
N GLY A 508 13.02 19.41 30.64
CA GLY A 508 12.53 20.23 31.72
C GLY A 508 13.20 21.58 31.87
N GLN A 509 14.23 21.86 31.08
CA GLN A 509 14.89 23.16 31.15
C GLN A 509 13.99 24.28 30.62
N ALA A 510 12.92 23.95 29.90
CA ALA A 510 12.01 24.93 29.36
C ALA A 510 10.58 24.48 29.59
N ASP A 511 9.65 25.42 29.50
CA ASP A 511 8.23 25.15 29.65
C ASP A 511 7.44 25.49 28.40
N MET A 512 8.10 25.99 27.35
CA MET A 512 7.42 26.43 26.14
C MET A 512 8.47 26.71 25.08
N ILE A 513 8.09 26.52 23.81
CA ILE A 513 8.97 26.77 22.67
C ILE A 513 8.26 27.80 21.79
N VAL A 514 8.57 29.07 21.99
CA VAL A 514 8.02 30.14 21.15
C VAL A 514 9.06 30.41 20.07
N ALA A 515 8.94 29.69 18.96
CA ALA A 515 9.86 29.77 17.84
C ALA A 515 9.22 29.08 16.65
N PRO A 516 9.73 29.27 15.43
CA PRO A 516 9.16 28.52 14.29
C PRO A 516 9.50 27.05 14.38
N LEU A 517 8.53 26.23 14.77
CA LEU A 517 8.74 24.80 14.99
C LEU A 517 7.73 24.05 14.14
N THR A 518 8.19 23.51 13.02
CA THR A 518 7.30 22.79 12.12
C THR A 518 6.68 21.59 12.82
N ILE A 519 5.37 21.41 12.63
CA ILE A 519 4.63 20.35 13.28
C ILE A 519 4.89 19.06 12.53
N ASN A 520 5.70 18.18 13.11
CA ASN A 520 5.99 16.88 12.54
C ASN A 520 5.13 15.81 13.21
N ASN A 521 5.38 14.55 12.85
CA ASN A 521 4.79 13.43 13.57
C ASN A 521 5.69 12.96 14.71
N GLU A 522 7.00 12.86 14.45
CA GLU A 522 7.93 12.47 15.50
C GLU A 522 7.94 13.49 16.63
N ARG A 523 7.91 14.78 16.30
CA ARG A 523 7.85 15.80 17.34
C ARG A 523 6.53 15.72 18.11
N ALA A 524 5.42 15.52 17.39
CA ALA A 524 4.12 15.48 18.02
C ALA A 524 3.92 14.24 18.87
N GLN A 525 4.69 13.18 18.66
CA GLN A 525 4.56 11.99 19.49
C GLN A 525 5.03 12.22 20.92
N TYR A 526 5.87 13.22 21.15
CA TYR A 526 6.42 13.47 22.49
C TYR A 526 5.99 14.78 23.11
N ILE A 527 5.77 15.82 22.31
CA ILE A 527 5.35 17.11 22.83
C ILE A 527 3.97 17.44 22.26
N GLU A 528 3.30 18.39 22.88
CA GLU A 528 1.95 18.81 22.50
C GLU A 528 2.03 20.14 21.78
N PHE A 529 1.68 20.14 20.50
CA PHE A 529 1.68 21.34 19.70
C PHE A 529 0.35 22.08 19.82
N SER A 530 0.44 23.41 19.84
CA SER A 530 -0.76 24.22 19.80
C SER A 530 -1.26 24.33 18.35
N LYS A 531 -2.38 25.02 18.19
CA LYS A 531 -2.88 25.27 16.85
C LYS A 531 -1.86 26.14 16.09
N PRO A 532 -1.64 25.88 14.81
CA PRO A 532 -0.59 26.60 14.09
C PRO A 532 -0.92 28.08 13.94
N PHE A 533 0.01 28.93 14.37
CA PHE A 533 -0.14 30.37 14.21
C PHE A 533 0.34 30.86 12.85
N LYS A 534 0.85 29.96 12.02
CA LYS A 534 1.23 30.31 10.66
C LYS A 534 1.21 29.05 9.82
N TYR A 535 1.15 29.22 8.51
CA TYR A 535 1.14 28.11 7.56
C TYR A 535 2.23 28.35 6.52
N GLN A 536 3.23 27.47 6.51
CA GLN A 536 4.41 27.67 5.66
C GLN A 536 4.97 26.31 5.26
N GLY A 537 4.92 26.02 3.97
CA GLY A 537 5.55 24.83 3.44
C GLY A 537 7.02 25.06 3.12
N LEU A 538 7.61 24.08 2.45
CA LEU A 538 9.01 24.16 2.05
C LEU A 538 9.14 24.62 0.61
N THR A 539 10.14 25.46 0.36
CA THR A 539 10.46 25.97 -0.96
C THR A 539 11.97 25.92 -1.16
N ILE A 540 12.40 26.25 -2.37
CA ILE A 540 13.80 26.20 -2.77
C ILE A 540 14.28 27.61 -3.02
N LEU A 541 15.29 28.04 -2.25
CA LEU A 541 15.95 29.32 -2.45
C LEU A 541 17.11 29.13 -3.43
N VAL A 542 17.15 29.96 -4.47
CA VAL A 542 18.18 29.89 -5.49
C VAL A 542 18.63 31.33 -5.79
N LYS A 543 19.81 31.44 -6.38
CA LYS A 543 20.35 32.74 -6.77
C LYS A 543 19.78 33.14 -8.12
N LYS A 544 19.22 34.34 -8.20
CA LYS A 544 18.67 34.85 -9.45
C LYS A 544 19.83 35.31 -10.33
N GLU A 545 20.13 34.53 -11.38
CA GLU A 545 21.20 34.89 -12.29
C GLU A 545 20.87 36.20 -13.01
N ILE A 546 21.90 37.02 -13.19
CA ILE A 546 21.68 38.32 -13.84
C ILE A 546 21.26 38.09 -15.30
N PRO A 547 20.23 38.78 -15.79
CA PRO A 547 19.84 38.59 -17.19
C PRO A 547 20.96 39.00 -18.15
N ARG A 548 21.08 38.25 -19.24
CA ARG A 548 22.13 38.49 -20.23
C ARG A 548 21.67 39.58 -21.19
N SER A 549 21.99 40.84 -20.86
CA SER A 549 21.66 41.97 -21.72
C SER A 549 22.92 42.32 -22.53
N THR A 550 23.18 41.50 -23.55
CA THR A 550 24.35 41.70 -24.39
C THR A 550 24.30 43.02 -25.12
N LEU A 551 23.32 43.18 -26.01
CA LEU A 551 23.12 44.38 -26.83
C LEU A 551 24.32 44.69 -27.73
N ASP A 552 25.27 43.76 -27.85
CA ASP A 552 26.44 43.98 -28.69
C ASP A 552 26.85 42.75 -29.47
N SER A 553 26.04 41.69 -29.48
CA SER A 553 26.37 40.46 -30.19
C SER A 553 25.99 40.64 -31.66
N PHE A 554 26.87 41.30 -32.41
CA PHE A 554 26.62 41.57 -33.83
C PHE A 554 27.21 40.48 -34.71
N MET A 555 28.54 40.29 -34.65
CA MET A 555 29.22 39.27 -35.43
C MET A 555 29.40 37.97 -34.67
N GLN A 556 28.96 37.91 -33.41
CA GLN A 556 29.09 36.75 -32.55
C GLN A 556 28.09 35.63 -32.83
N PRO A 557 26.77 35.93 -33.07
CA PRO A 557 25.76 34.86 -33.08
C PRO A 557 26.08 33.61 -33.88
N PHE A 558 26.31 33.74 -35.20
CA PHE A 558 26.49 32.53 -35.99
C PHE A 558 27.96 32.19 -36.20
N GLN A 559 28.69 33.04 -36.93
CA GLN A 559 30.10 32.80 -37.21
C GLN A 559 30.74 34.03 -37.86
N SER A 560 31.84 34.52 -37.28
CA SER A 560 32.50 35.70 -37.83
C SER A 560 33.07 35.44 -39.22
N THR A 561 33.28 34.16 -39.56
CA THR A 561 33.79 33.83 -40.89
C THR A 561 32.81 34.26 -41.98
N LEU A 562 31.51 34.27 -41.68
CA LEU A 562 30.55 34.79 -42.65
C LEU A 562 30.76 36.27 -42.92
N TRP A 563 30.98 37.06 -41.86
CA TRP A 563 31.27 38.48 -42.03
C TRP A 563 32.57 38.70 -42.79
N LEU A 564 33.59 37.88 -42.52
CA LEU A 564 34.85 38.00 -43.25
C LEU A 564 34.68 37.64 -44.73
N LEU A 565 33.86 36.61 -45.02
CA LEU A 565 33.70 36.17 -46.39
C LEU A 565 32.75 37.09 -47.18
N VAL A 566 31.91 37.86 -46.49
CA VAL A 566 30.99 38.75 -47.19
C VAL A 566 31.75 39.78 -48.01
N GLY A 567 32.79 40.38 -47.43
CA GLY A 567 33.56 41.37 -48.17
C GLY A 567 34.29 40.77 -49.35
N LEU A 568 34.87 39.58 -49.17
CA LEU A 568 35.56 38.92 -50.28
C LEU A 568 34.58 38.58 -51.40
N SER A 569 33.38 38.10 -51.06
CA SER A 569 32.38 37.81 -52.08
C SER A 569 31.95 39.08 -52.81
N VAL A 570 31.78 40.18 -52.07
CA VAL A 570 31.41 41.44 -52.70
C VAL A 570 32.50 41.90 -53.66
N HIS A 571 33.76 41.79 -53.24
CA HIS A 571 34.87 42.19 -54.12
C HIS A 571 34.93 41.31 -55.36
N VAL A 572 34.73 40.00 -55.20
CA VAL A 572 34.74 39.10 -56.34
C VAL A 572 33.62 39.43 -57.31
N VAL A 573 32.42 39.71 -56.79
CA VAL A 573 31.29 40.07 -57.63
C VAL A 573 31.58 41.38 -58.36
N ALA A 574 32.18 42.35 -57.67
CA ALA A 574 32.53 43.61 -58.32
C ALA A 574 33.54 43.40 -59.44
N VAL A 575 34.55 42.56 -59.19
CA VAL A 575 35.55 42.28 -60.23
C VAL A 575 34.90 41.59 -61.43
N MET A 576 34.01 40.64 -61.18
CA MET A 576 33.30 39.98 -62.27
C MET A 576 32.46 40.97 -63.06
N LEU A 577 31.81 41.91 -62.36
CA LEU A 577 31.04 42.94 -63.05
C LEU A 577 31.94 43.82 -63.91
N TYR A 578 33.12 44.18 -63.40
CA TYR A 578 34.05 44.99 -64.19
C TYR A 578 34.50 44.26 -65.43
N LEU A 579 34.84 42.97 -65.32
CA LEU A 579 35.23 42.21 -66.49
C LEU A 579 34.07 42.00 -67.45
N LEU A 580 32.84 41.94 -66.94
CA LEU A 580 31.67 41.85 -67.81
C LEU A 580 31.43 43.16 -68.55
N ASP A 581 31.75 44.29 -67.93
CA ASP A 581 31.56 45.60 -68.56
C ASP A 581 32.50 45.82 -69.74
N ARG A 582 33.57 45.02 -69.85
CA ARG A 582 34.51 45.15 -70.97
C ARG A 582 34.08 44.26 -72.14
N THR A 602 34.91 53.06 -64.70
CA THR A 602 34.25 53.49 -63.47
C THR A 602 34.09 52.33 -62.50
N LEU A 603 35.17 51.54 -62.34
CA LEU A 603 35.12 50.41 -61.42
C LEU A 603 35.04 50.87 -59.98
N SER A 604 35.73 51.97 -59.64
CA SER A 604 35.65 52.51 -58.28
C SER A 604 34.25 53.00 -57.97
N SER A 605 33.60 53.67 -58.93
CA SER A 605 32.23 54.11 -58.72
C SER A 605 31.28 52.94 -58.52
N ALA A 606 31.46 51.86 -59.30
CA ALA A 606 30.64 50.67 -59.12
C ALA A 606 30.88 50.02 -57.76
N MET A 607 32.14 49.99 -57.31
CA MET A 607 32.43 49.46 -55.99
C MET A 607 31.75 50.28 -54.90
N TRP A 608 31.80 51.59 -55.02
CA TRP A 608 31.15 52.41 -54.01
C TRP A 608 29.64 52.17 -54.06
N PHE A 609 29.07 52.12 -55.25
CA PHE A 609 27.63 51.88 -55.37
C PHE A 609 27.25 50.56 -54.72
N SER A 610 28.01 49.50 -54.97
CA SER A 610 27.69 48.21 -54.36
C SER A 610 27.83 48.27 -52.84
N TRP A 611 28.88 48.93 -52.36
CA TRP A 611 29.06 49.05 -50.91
C TRP A 611 27.92 49.84 -50.27
N GLY A 612 27.43 50.87 -50.95
CA GLY A 612 26.27 51.59 -50.47
C GLY A 612 25.01 50.76 -50.49
N VAL A 613 24.84 49.95 -51.55
CA VAL A 613 23.64 49.12 -51.67
C VAL A 613 23.59 48.09 -50.56
N LEU A 614 24.72 47.46 -50.26
CA LEU A 614 24.78 46.50 -49.16
C LEU A 614 24.69 47.18 -47.80
N LEU A 615 24.75 48.51 -47.76
CA LEU A 615 24.55 49.22 -46.49
C LEU A 615 23.37 50.18 -46.55
N ASN A 616 22.47 49.97 -47.51
CA ASN A 616 21.27 50.80 -47.69
C ASN A 616 21.52 52.30 -47.85
N SER A 617 22.69 52.66 -48.36
CA SER A 617 23.02 54.07 -48.60
C SER A 617 22.22 54.64 -49.76
N GLY A 618 22.06 53.87 -50.83
CA GLY A 618 21.31 54.34 -51.99
C GLY A 618 21.94 55.54 -52.67
N ILE A 619 23.25 55.49 -52.91
CA ILE A 619 23.94 56.62 -53.53
C ILE A 619 23.43 56.86 -54.95
N GLY A 620 23.25 55.78 -55.72
CA GLY A 620 22.80 55.92 -57.09
C GLY A 620 23.88 56.26 -58.09
N GLU A 621 25.14 55.96 -57.79
CA GLU A 621 26.25 56.26 -58.67
C GLU A 621 26.63 55.10 -59.58
N GLY A 622 25.87 54.01 -59.56
CA GLY A 622 26.18 52.86 -60.39
C GLY A 622 25.53 52.96 -61.75
N ALA A 623 26.35 52.82 -62.80
CA ALA A 623 25.89 52.89 -64.19
C ALA A 623 26.43 51.68 -64.95
N PRO A 624 25.78 50.53 -64.82
CA PRO A 624 26.23 49.36 -65.57
C PRO A 624 26.15 49.59 -67.07
N ARG A 625 27.11 49.01 -67.81
CA ARG A 625 27.15 49.18 -69.25
C ARG A 625 26.21 48.21 -69.96
N SER A 626 26.44 46.91 -69.79
CA SER A 626 25.63 45.90 -70.46
C SER A 626 24.41 45.54 -69.62
N PHE A 627 23.39 44.99 -70.30
CA PHE A 627 22.19 44.55 -69.60
C PHE A 627 22.47 43.35 -68.69
N SER A 628 23.44 42.52 -69.05
CA SER A 628 23.83 41.42 -68.19
C SER A 628 24.37 41.93 -66.86
N ALA A 629 25.12 43.03 -66.90
CA ALA A 629 25.61 43.65 -65.67
C ALA A 629 24.44 44.12 -64.80
N ARG A 630 23.42 44.65 -65.44
CA ARG A 630 22.23 45.11 -64.73
C ARG A 630 21.51 43.94 -64.08
N ILE A 631 21.41 42.83 -64.81
CA ILE A 631 20.76 41.64 -64.29
C ILE A 631 21.52 41.07 -63.10
N LEU A 632 22.86 41.01 -63.22
CA LEU A 632 23.67 40.54 -62.11
C LEU A 632 23.57 41.46 -60.90
N GLY A 633 23.47 42.77 -61.15
CA GLY A 633 23.35 43.73 -60.07
C GLY A 633 22.06 43.51 -59.29
N MET A 634 20.96 43.36 -60.03
CA MET A 634 19.66 43.14 -59.42
C MET A 634 19.65 41.83 -58.64
N VAL A 635 20.27 40.80 -59.20
CA VAL A 635 20.35 39.50 -58.54
C VAL A 635 21.14 39.63 -57.25
N TRP A 636 22.23 40.38 -57.29
CA TRP A 636 23.06 40.59 -56.11
C TRP A 636 22.27 41.24 -54.99
N ALA A 637 21.43 42.20 -55.34
CA ALA A 637 20.61 42.90 -54.36
C ALA A 637 19.65 41.93 -53.68
N GLY A 638 19.07 41.04 -54.47
CA GLY A 638 18.15 40.04 -53.94
C GLY A 638 18.86 39.14 -52.95
N PHE A 639 20.08 38.74 -53.31
CA PHE A 639 20.88 37.88 -52.45
C PHE A 639 21.19 38.60 -51.13
N ALA A 640 21.50 39.89 -51.22
CA ALA A 640 21.80 40.69 -50.05
C ALA A 640 20.57 40.76 -49.15
N MET A 641 19.39 40.94 -49.75
CA MET A 641 18.16 41.00 -49.00
C MET A 641 17.94 39.70 -48.24
N ILE A 642 18.19 38.58 -48.91
CA ILE A 642 18.03 37.27 -48.31
C ILE A 642 18.97 37.08 -47.13
N ILE A 643 20.21 37.55 -47.29
CA ILE A 643 21.20 37.46 -46.22
C ILE A 643 20.74 38.25 -45.00
N VAL A 644 20.19 39.44 -45.26
CA VAL A 644 19.69 40.30 -44.20
C VAL A 644 18.54 39.60 -43.47
N ALA A 645 17.67 38.95 -44.24
CA ALA A 645 16.54 38.23 -43.66
C ALA A 645 17.05 37.10 -42.77
N SER A 646 18.08 36.40 -43.23
CA SER A 646 18.64 35.30 -42.46
C SER A 646 19.23 35.84 -41.15
N TYR A 647 19.90 36.98 -41.23
CA TYR A 647 20.48 37.59 -40.04
C TYR A 647 19.38 37.96 -39.05
N THR A 648 18.28 38.52 -39.56
CA THR A 648 17.17 38.90 -38.69
C THR A 648 16.57 37.67 -38.03
N ALA A 649 16.46 36.58 -38.78
CA ALA A 649 15.92 35.34 -38.24
C ALA A 649 16.82 34.83 -37.12
N ASN A 650 18.13 34.91 -37.32
CA ASN A 650 19.09 34.47 -36.31
C ASN A 650 18.94 35.32 -35.05
N LEU A 651 18.77 36.62 -35.25
CA LEU A 651 18.61 37.55 -34.13
C LEU A 651 17.35 37.19 -33.35
N ALA A 652 16.27 36.88 -34.07
CA ALA A 652 15.00 36.50 -33.46
C ALA A 652 15.17 35.22 -32.64
N ALA A 653 15.93 34.28 -33.19
CA ALA A 653 16.19 33.01 -32.52
C ALA A 653 16.95 33.27 -31.22
N PHE A 654 17.91 34.17 -31.26
CA PHE A 654 18.68 34.50 -30.05
C PHE A 654 17.81 35.28 -29.07
N LEU A 655 16.98 36.16 -29.60
CA LEU A 655 16.08 37.00 -28.83
C LEU A 655 15.01 36.14 -28.15
N VAL A 656 14.22 35.44 -28.96
CA VAL A 656 13.17 34.58 -28.41
C VAL A 656 13.76 33.56 -27.44
N LEU A 657 15.00 33.15 -27.67
CA LEU A 657 15.68 32.17 -26.82
C LEU A 657 16.23 32.79 -25.53
N ASP A 658 15.75 33.96 -25.15
CA ASP A 658 16.21 34.61 -23.92
C ASP A 658 15.77 33.81 -22.70
N ARG A 659 16.47 34.04 -21.60
CA ARG A 659 16.28 33.32 -20.34
C ARG A 659 16.41 31.81 -20.56
N PRO A 660 17.57 31.33 -21.01
CA PRO A 660 17.70 29.88 -21.23
C PRO A 660 17.59 29.06 -19.95
N GLU A 661 18.01 29.61 -18.83
CA GLU A 661 17.96 28.88 -17.56
C GLU A 661 16.53 28.87 -17.01
N GLU A 662 16.15 27.76 -16.41
CA GLU A 662 14.84 27.59 -15.79
C GLU A 662 15.01 27.38 -14.29
N ARG A 663 13.88 27.31 -13.60
CA ARG A 663 13.85 27.14 -12.16
C ARG A 663 13.34 25.74 -11.82
N ILE A 664 14.05 25.06 -10.92
CA ILE A 664 13.65 23.72 -10.51
C ILE A 664 12.33 23.79 -9.77
N THR A 665 11.39 22.93 -10.16
CA THR A 665 10.04 22.96 -9.61
C THR A 665 9.90 21.96 -8.47
N GLY A 666 10.60 22.26 -7.38
CA GLY A 666 10.48 21.46 -6.18
C GLY A 666 11.08 20.07 -6.32
N ILE A 667 10.64 19.19 -5.41
CA ILE A 667 11.15 17.83 -5.37
C ILE A 667 10.75 17.03 -6.59
N ASN A 668 9.66 17.42 -7.26
CA ASN A 668 9.21 16.68 -8.44
C ASN A 668 10.13 16.87 -9.64
N ASP A 669 10.99 17.88 -9.60
CA ASP A 669 11.88 18.15 -10.73
C ASP A 669 12.88 17.02 -10.89
N PRO A 670 13.11 16.52 -12.11
CA PRO A 670 14.05 15.41 -12.28
C PRO A 670 15.48 15.75 -11.88
N ARG A 671 15.89 17.02 -11.95
CA ARG A 671 17.24 17.39 -11.55
C ARG A 671 17.46 17.20 -10.06
N LEU A 672 16.40 17.13 -9.26
CA LEU A 672 16.51 16.87 -7.83
C LEU A 672 16.32 15.41 -7.48
N ARG A 673 15.45 14.70 -8.20
CA ARG A 673 15.29 13.27 -7.97
C ARG A 673 16.58 12.52 -8.28
N ASN A 674 17.26 12.89 -9.36
CA ASN A 674 18.56 12.35 -9.70
C ASN A 674 19.61 13.42 -9.47
N PRO A 675 20.41 13.35 -8.41
CA PRO A 675 21.35 14.44 -8.12
C PRO A 675 22.68 14.28 -8.86
N SER A 676 23.55 15.27 -8.70
CA SER A 676 24.87 15.25 -9.32
C SER A 676 25.82 16.07 -8.46
N ASP A 677 27.11 15.72 -8.54
CA ASP A 677 28.12 16.42 -7.74
C ASP A 677 28.31 17.86 -8.21
N LYS A 678 27.97 18.15 -9.46
CA LYS A 678 28.11 19.48 -10.02
C LYS A 678 27.11 20.45 -9.41
N PHE A 679 25.87 19.97 -9.24
CA PHE A 679 24.82 20.79 -8.66
C PHE A 679 24.46 20.21 -7.29
N ILE A 680 24.54 21.04 -6.27
CA ILE A 680 24.24 20.58 -4.91
C ILE A 680 23.11 21.34 -4.24
N TYR A 681 22.17 20.60 -3.64
CA TYR A 681 21.05 21.19 -2.92
C TYR A 681 20.99 20.59 -1.52
N ALA A 682 21.44 21.33 -0.51
CA ALA A 682 21.43 20.81 0.85
C ALA A 682 20.62 21.61 1.88
N THR A 683 19.83 20.94 2.69
CA THR A 683 19.04 21.66 3.70
C THR A 683 19.81 21.95 5.02
N VAL A 684 19.08 22.14 6.11
CA VAL A 684 19.69 22.44 7.40
C VAL A 684 19.61 21.26 8.36
N LYS A 685 20.73 20.95 9.00
CA LYS A 685 20.83 19.84 9.95
C LYS A 685 19.98 20.03 11.19
N GLN A 686 19.52 18.91 11.75
CA GLN A 686 18.68 18.90 12.95
C GLN A 686 17.42 19.75 12.84
N SER A 687 16.75 19.65 11.69
CA SER A 687 15.53 20.39 11.43
C SER A 687 14.47 19.44 10.87
N SER A 688 13.20 19.83 11.01
CA SER A 688 12.07 19.04 10.52
C SER A 688 12.29 18.56 9.09
N VAL A 689 12.90 19.43 8.29
CA VAL A 689 13.25 19.12 6.90
C VAL A 689 14.02 17.81 6.83
N ASP A 690 15.15 17.72 7.55
CA ASP A 690 15.91 16.48 7.60
C ASP A 690 15.03 15.31 8.01
N ILE A 691 14.13 15.53 8.97
CA ILE A 691 13.18 14.48 9.37
C ILE A 691 12.28 14.12 8.20
N TYR A 692 11.80 15.11 7.46
CA TYR A 692 10.92 14.85 6.32
C TYR A 692 11.62 14.02 5.26
N PHE A 693 12.88 14.35 4.95
CA PHE A 693 13.63 13.56 3.97
C PHE A 693 13.91 12.15 4.49
N ARG A 694 14.25 12.02 5.78
CA ARG A 694 14.63 10.71 6.30
C ARG A 694 13.43 9.77 6.39
N ARG A 695 12.28 10.28 6.83
CA ARG A 695 11.11 9.46 7.12
C ARG A 695 10.22 9.27 5.89
N GLN A 696 10.75 9.43 4.69
CA GLN A 696 10.00 9.21 3.46
C GLN A 696 10.93 8.50 2.48
N VAL A 697 10.74 7.20 2.31
CA VAL A 697 11.66 6.41 1.47
C VAL A 697 11.11 6.47 0.05
N GLU A 698 11.37 7.62 -0.60
CA GLU A 698 11.28 7.74 -2.04
C GLU A 698 12.37 8.66 -2.58
N LEU A 699 13.22 9.21 -1.71
CA LEU A 699 14.28 10.13 -2.10
C LEU A 699 15.58 9.82 -1.38
N SER A 700 15.88 8.53 -1.16
CA SER A 700 17.07 8.16 -0.38
C SER A 700 18.35 8.71 -1.01
N THR A 701 18.40 8.76 -2.35
CA THR A 701 19.54 9.38 -3.01
C THR A 701 19.62 10.86 -2.70
N MET A 702 18.48 11.55 -2.72
CA MET A 702 18.45 12.98 -2.38
C MET A 702 18.87 13.21 -0.94
N TYR A 703 18.40 12.38 -0.02
CA TYR A 703 18.79 12.52 1.38
C TYR A 703 20.27 12.26 1.57
N ARG A 704 20.81 11.24 0.90
CA ARG A 704 22.23 10.94 1.00
C ARG A 704 23.06 12.10 0.45
N HIS A 705 22.63 12.69 -0.65
CA HIS A 705 23.33 13.84 -1.20
C HIS A 705 23.26 15.05 -0.26
N MET A 706 22.10 15.29 0.34
CA MET A 706 21.94 16.45 1.21
C MET A 706 22.67 16.26 2.54
N GLU A 707 22.88 15.02 2.97
CA GLU A 707 23.54 14.78 4.24
C GLU A 707 25.00 15.22 4.24
N LYS A 708 25.61 15.40 3.08
CA LYS A 708 27.00 15.78 2.97
C LYS A 708 27.21 17.28 2.83
N HIS A 709 26.14 18.07 2.88
CA HIS A 709 26.26 19.51 2.72
C HIS A 709 25.41 20.31 3.71
N ASN A 710 24.97 19.69 4.80
CA ASN A 710 24.16 20.40 5.79
C ASN A 710 24.99 21.47 6.50
N TYR A 711 24.31 22.52 6.96
CA TYR A 711 24.97 23.68 7.52
C TYR A 711 24.53 23.93 8.96
N GLU A 712 25.42 24.60 9.72
CA GLU A 712 25.19 24.77 11.15
C GLU A 712 23.93 25.60 11.43
N SER A 713 23.67 26.62 10.63
CA SER A 713 22.54 27.51 10.90
C SER A 713 21.96 28.00 9.59
N ALA A 714 20.71 28.46 9.66
CA ALA A 714 20.01 28.92 8.45
C ALA A 714 20.69 30.14 7.85
N ALA A 715 21.14 31.07 8.69
CA ALA A 715 21.82 32.26 8.17
C ALA A 715 23.10 31.89 7.44
N GLU A 716 23.83 30.90 7.96
CA GLU A 716 25.04 30.44 7.26
C GLU A 716 24.69 29.87 5.89
N ALA A 717 23.60 29.11 5.80
CA ALA A 717 23.18 28.57 4.51
C ALA A 717 22.77 29.69 3.56
N ILE A 718 22.08 30.72 4.07
CA ILE A 718 21.70 31.85 3.23
C ILE A 718 22.94 32.54 2.68
N GLN A 719 23.92 32.79 3.55
CA GLN A 719 25.15 33.44 3.12
C GLN A 719 25.90 32.59 2.09
N ALA A 720 25.94 31.27 2.31
CA ALA A 720 26.61 30.37 1.36
C ALA A 720 25.91 30.39 0.01
N VAL A 721 24.57 30.37 0.01
CA VAL A 721 23.83 30.40 -1.25
C VAL A 721 24.08 31.70 -1.98
N ARG A 722 24.05 32.83 -1.25
CA ARG A 722 24.29 34.12 -1.88
C ARG A 722 25.73 34.25 -2.35
N ASP A 723 26.66 33.51 -1.74
CA ASP A 723 28.07 33.56 -2.10
C ASP A 723 28.48 32.42 -3.04
N ASN A 724 27.51 31.84 -3.76
CA ASN A 724 27.76 30.83 -4.77
C ASN A 724 28.35 29.54 -4.20
N LYS A 725 28.42 29.44 -2.86
CA LYS A 725 28.91 28.20 -2.25
C LYS A 725 27.95 27.05 -2.53
N LEU A 726 26.64 27.29 -2.45
CA LEU A 726 25.63 26.30 -2.77
C LEU A 726 25.00 26.63 -4.12
N HIS A 727 24.04 25.80 -4.53
CA HIS A 727 23.22 26.06 -5.69
C HIS A 727 21.74 26.05 -5.40
N ALA A 728 21.31 25.47 -4.29
CA ALA A 728 19.90 25.47 -3.91
C ALA A 728 19.80 25.27 -2.41
N PHE A 729 18.73 25.80 -1.82
CA PHE A 729 18.46 25.67 -0.40
C PHE A 729 17.00 25.23 -0.23
N ILE A 730 16.77 24.32 0.72
CA ILE A 730 15.43 23.82 0.98
C ILE A 730 15.04 24.27 2.37
N TRP A 731 14.03 25.13 2.46
CA TRP A 731 13.71 25.71 3.76
C TRP A 731 12.26 26.19 3.76
N ASP A 732 11.81 26.64 4.94
CA ASP A 732 10.43 27.07 5.11
C ASP A 732 10.10 28.25 4.20
N SER A 733 8.88 28.26 3.68
CA SER A 733 8.45 29.37 2.84
C SER A 733 8.42 30.69 3.59
N ALA A 734 7.99 30.68 4.85
CA ALA A 734 7.89 31.91 5.63
C ALA A 734 9.25 32.57 5.80
N VAL A 735 10.33 31.79 5.81
CA VAL A 735 11.67 32.33 5.96
C VAL A 735 12.28 32.67 4.62
N LEU A 736 12.14 31.79 3.63
CA LEU A 736 12.76 32.01 2.33
C LEU A 736 12.11 33.18 1.59
N GLU A 737 10.80 33.35 1.72
CA GLU A 737 10.14 34.49 1.10
C GLU A 737 10.65 35.80 1.68
N PHE A 738 10.81 35.87 3.00
CA PHE A 738 11.35 37.06 3.62
C PHE A 738 12.80 37.29 3.20
N GLU A 739 13.59 36.22 3.10
CA GLU A 739 14.97 36.36 2.66
C GLU A 739 15.05 36.89 1.22
N ALA A 740 14.16 36.42 0.35
CA ALA A 740 14.12 36.93 -1.02
C ALA A 740 13.67 38.39 -1.05
N SER A 741 12.69 38.74 -0.21
CA SER A 741 12.22 40.13 -0.16
C SER A 741 13.33 41.06 0.31
N GLN A 742 14.07 40.65 1.33
CA GLN A 742 15.17 41.46 1.86
C GLN A 742 16.33 41.49 0.87
N LYS A 743 16.84 40.32 0.50
CA LYS A 743 17.97 40.22 -0.44
C LYS A 743 17.40 39.92 -1.83
N CYS A 744 17.44 40.94 -2.69
CA CYS A 744 16.90 40.78 -4.05
C CYS A 744 17.76 39.85 -4.89
N ASP A 745 18.97 39.55 -4.44
CA ASP A 745 19.87 38.70 -5.21
C ASP A 745 19.36 37.26 -5.29
N LEU A 746 18.46 36.89 -4.39
CA LEU A 746 17.94 35.53 -4.30
C LEU A 746 16.45 35.51 -4.56
N VAL A 747 15.97 34.38 -5.09
CA VAL A 747 14.55 34.16 -5.34
C VAL A 747 14.16 32.79 -4.79
N THR A 748 12.86 32.59 -4.67
CA THR A 748 12.28 31.35 -4.18
C THR A 748 11.45 30.70 -5.28
N THR A 749 11.56 29.38 -5.37
CA THR A 749 10.86 28.60 -6.38
C THR A 749 10.37 27.30 -5.78
N GLY A 750 9.67 26.52 -6.60
CA GLY A 750 9.11 25.26 -6.17
C GLY A 750 7.76 25.42 -5.51
N GLU A 751 6.79 24.61 -5.92
CA GLU A 751 5.48 24.63 -5.29
C GLU A 751 5.60 24.17 -3.84
N LEU A 752 4.74 24.71 -2.99
CA LEU A 752 4.77 24.36 -1.57
C LEU A 752 4.55 22.86 -1.39
N PHE A 753 5.44 22.24 -0.62
CA PHE A 753 5.30 20.83 -0.27
C PHE A 753 5.59 20.67 1.21
N PHE A 754 5.05 19.60 1.79
CA PHE A 754 5.10 19.37 3.22
C PHE A 754 4.52 20.58 3.96
N ARG A 755 3.36 21.03 3.50
CA ARG A 755 2.74 22.24 4.03
C ARG A 755 2.19 21.97 5.42
N SER A 756 3.01 22.25 6.44
CA SER A 756 2.60 22.12 7.83
C SER A 756 3.20 23.28 8.60
N GLY A 757 2.35 24.08 9.24
CA GLY A 757 2.80 25.31 9.86
C GLY A 757 3.51 25.11 11.18
N PHE A 758 4.03 26.22 11.69
CA PHE A 758 4.74 26.23 12.96
C PHE A 758 3.74 26.11 14.12
N GLY A 759 4.28 25.95 15.32
CA GLY A 759 3.44 25.81 16.50
C GLY A 759 4.22 26.12 17.75
N ILE A 760 3.47 26.39 18.82
CA ILE A 760 4.08 26.71 20.12
C ILE A 760 4.25 25.38 20.84
N GLY A 761 5.38 24.73 20.58
CA GLY A 761 5.65 23.44 21.18
C GLY A 761 5.82 23.54 22.69
N MET A 762 5.25 22.55 23.38
CA MET A 762 5.29 22.50 24.84
C MET A 762 4.83 21.11 25.28
N ARG A 763 5.17 20.76 26.51
CA ARG A 763 5.00 19.40 26.99
C ARG A 763 3.52 19.04 27.08
N LYS A 764 3.25 17.73 26.96
CA LYS A 764 1.88 17.24 26.95
C LYS A 764 1.17 17.52 28.27
N ASP A 765 1.87 17.32 29.39
CA ASP A 765 1.28 17.50 30.72
C ASP A 765 1.53 18.94 31.16
N SER A 766 0.76 19.85 30.59
CA SER A 766 0.83 21.26 30.91
C SER A 766 -0.57 21.83 31.03
N PRO A 767 -0.80 22.79 31.92
CA PRO A 767 -2.15 23.36 32.08
C PRO A 767 -2.51 24.39 31.04
N TRP A 768 -1.55 24.90 30.27
CA TRP A 768 -1.83 25.95 29.29
C TRP A 768 -2.34 25.39 27.97
N LYS A 769 -2.35 24.07 27.80
CA LYS A 769 -2.66 23.49 26.49
C LYS A 769 -4.06 23.87 26.02
N GLN A 770 -5.02 23.93 26.93
CA GLN A 770 -6.38 24.26 26.57
C GLN A 770 -6.61 25.77 26.45
N ASN A 771 -5.61 26.59 26.74
CA ASN A 771 -5.80 28.04 26.70
C ASN A 771 -4.90 28.77 25.72
N VAL A 772 -3.67 28.28 25.49
CA VAL A 772 -2.82 28.91 24.49
C VAL A 772 -3.43 28.75 23.10
N SER A 773 -3.80 27.52 22.75
CA SER A 773 -4.29 27.24 21.40
C SER A 773 -5.47 28.13 21.04
N LEU A 774 -6.49 28.16 21.92
CA LEU A 774 -7.64 29.04 21.69
C LEU A 774 -7.19 30.47 21.47
N SER A 775 -6.28 30.96 22.31
CA SER A 775 -5.78 32.32 22.13
C SER A 775 -5.14 32.49 20.76
N ILE A 776 -4.32 31.50 20.36
CA ILE A 776 -3.70 31.56 19.04
C ILE A 776 -4.78 31.58 17.96
N LEU A 777 -5.88 30.84 18.18
CA LEU A 777 -7.00 30.93 17.26
C LEU A 777 -7.58 32.34 17.26
N LYS A 778 -7.80 32.92 18.44
CA LYS A 778 -8.41 34.24 18.52
C LYS A 778 -7.54 35.27 17.83
N SER A 779 -6.24 35.29 18.13
CA SER A 779 -5.32 36.18 17.45
C SER A 779 -5.28 35.92 15.95
N HIS A 780 -5.58 34.69 15.54
CA HIS A 780 -5.57 34.34 14.12
C HIS A 780 -6.84 34.80 13.43
N GLU A 781 -7.88 35.07 14.22
CA GLU A 781 -9.17 35.50 13.70
C GLU A 781 -9.47 36.96 13.95
N ASN A 782 -8.97 37.52 15.06
CA ASN A 782 -9.15 38.93 15.36
C ASN A 782 -8.32 39.83 14.45
N GLY A 783 -7.42 39.27 13.64
CA GLY A 783 -6.56 40.03 12.77
C GLY A 783 -5.21 40.39 13.35
N PHE A 784 -4.91 39.97 14.57
CA PHE A 784 -3.63 40.30 15.18
C PHE A 784 -2.47 39.67 14.42
N MET A 785 -2.63 38.41 13.99
CA MET A 785 -1.56 37.75 13.25
C MET A 785 -1.37 38.38 11.86
N GLU A 786 -2.45 38.86 11.25
CA GLU A 786 -2.31 39.58 9.99
C GLU A 786 -1.48 40.85 10.17
N ASP A 787 -1.74 41.59 11.25
CA ASP A 787 -0.95 42.78 11.55
C ASP A 787 0.50 42.43 11.82
N LEU A 788 0.74 41.33 12.54
CA LEU A 788 2.12 40.91 12.79
C LEU A 788 2.83 40.56 11.48
N ASP A 789 2.14 39.87 10.58
CA ASP A 789 2.73 39.54 9.29
C ASP A 789 3.02 40.80 8.48
N LYS A 790 2.09 41.77 8.52
CA LYS A 790 2.31 43.03 7.81
C LYS A 790 3.53 43.78 8.35
N THR A 791 3.67 43.82 9.68
CA THR A 791 4.74 44.61 10.27
C THR A 791 6.07 43.86 10.34
N TRP A 792 6.08 42.55 10.10
CA TRP A 792 7.30 41.77 10.25
C TRP A 792 7.68 40.95 9.02
N VAL A 793 6.71 40.53 8.20
CA VAL A 793 7.02 39.70 7.04
C VAL A 793 6.66 40.44 5.77
N ARG A 794 5.39 40.78 5.61
CA ARG A 794 4.92 41.46 4.41
C ARG A 794 5.01 42.97 4.56
N TYR A 795 6.22 43.52 4.46
CA TYR A 795 6.37 44.98 4.54
C TYR A 795 7.23 45.55 3.42
N GLN A 796 7.75 44.70 2.52
CA GLN A 796 8.63 45.17 1.47
C GLN A 796 8.55 44.18 0.31
N GLU A 797 9.05 44.62 -0.85
CA GLU A 797 9.06 43.80 -2.04
C GLU A 797 10.31 44.15 -2.85
N CYS A 798 10.36 43.71 -4.10
CA CYS A 798 11.51 43.96 -4.96
C CYS A 798 11.08 44.24 -6.39
N LEU A 808 16.34 48.42 -24.03
CA LEU A 808 17.72 48.18 -24.44
C LEU A 808 18.56 49.40 -24.10
N THR A 809 19.88 49.23 -24.09
CA THR A 809 20.73 50.21 -23.43
C THR A 809 21.97 50.47 -24.27
N PHE A 810 22.95 51.18 -23.68
CA PHE A 810 24.11 51.72 -24.37
C PHE A 810 25.06 50.66 -24.95
N GLU A 811 24.76 49.38 -24.75
CA GLU A 811 25.63 48.34 -25.30
C GLU A 811 25.68 48.41 -26.82
N ASN A 812 24.54 48.68 -27.46
CA ASN A 812 24.51 48.75 -28.91
C ASN A 812 24.72 50.18 -29.41
N MET A 813 24.96 51.12 -28.49
CA MET A 813 25.21 52.50 -28.89
C MET A 813 26.67 52.91 -28.76
N ALA A 814 27.37 52.44 -27.73
CA ALA A 814 28.77 52.82 -27.51
C ALA A 814 29.68 52.26 -28.60
N GLY A 815 29.45 51.01 -28.98
CA GLY A 815 30.30 50.34 -29.94
C GLY A 815 30.20 50.91 -31.33
N VAL A 816 29.20 51.76 -31.58
CA VAL A 816 29.09 52.49 -32.83
C VAL A 816 29.53 53.93 -32.68
N PHE A 817 29.20 54.57 -31.56
CA PHE A 817 29.63 55.97 -31.39
C PHE A 817 31.15 56.08 -31.33
N MET A 818 31.82 55.18 -30.61
CA MET A 818 33.27 55.32 -30.50
C MET A 818 33.97 54.87 -31.78
N LEU A 819 33.38 53.90 -32.51
CA LEU A 819 33.94 53.54 -33.81
C LEU A 819 33.78 54.67 -34.83
N VAL A 820 32.63 55.36 -34.82
CA VAL A 820 32.48 56.46 -35.77
C VAL A 820 33.37 57.63 -35.37
N ALA A 821 33.60 57.84 -34.06
CA ALA A 821 34.56 58.85 -33.63
C ALA A 821 35.98 58.48 -34.06
N GLY A 822 36.34 57.19 -33.99
CA GLY A 822 37.62 56.77 -34.52
C GLY A 822 37.73 56.99 -36.02
N GLY A 823 36.65 56.72 -36.75
CA GLY A 823 36.63 57.03 -38.17
C GLY A 823 36.81 58.51 -38.44
N ILE A 824 36.21 59.35 -37.59
CA ILE A 824 36.42 60.80 -37.68
C ILE A 824 37.90 61.12 -37.54
N VAL A 825 38.52 60.61 -36.48
CA VAL A 825 39.90 61.00 -36.21
C VAL A 825 40.86 60.34 -37.19
N ALA A 826 40.43 59.30 -37.90
CA ALA A 826 41.31 58.57 -38.79
C ALA A 826 41.16 58.95 -40.26
N GLY A 827 40.00 59.41 -40.70
CA GLY A 827 39.81 59.68 -42.12
C GLY A 827 40.46 60.98 -42.55
N ILE A 828 40.82 61.82 -41.59
CA ILE A 828 41.46 63.10 -41.91
C ILE A 828 42.83 62.87 -42.55
N PHE A 829 43.60 61.91 -42.02
CA PHE A 829 44.86 61.54 -42.64
C PHE A 829 44.64 61.03 -44.06
N LEU A 830 43.61 60.21 -44.26
CA LEU A 830 43.34 59.70 -45.60
C LEU A 830 42.97 60.82 -46.56
N ILE A 831 42.16 61.79 -46.11
CA ILE A 831 41.83 62.92 -46.97
C ILE A 831 43.10 63.67 -47.36
N PHE A 832 43.96 63.95 -46.37
CA PHE A 832 45.23 64.64 -46.62
C PHE A 832 46.08 63.89 -47.63
N ILE A 833 46.30 62.59 -47.40
CA ILE A 833 47.18 61.81 -48.26
C ILE A 833 46.60 61.67 -49.66
N GLU A 834 45.29 61.47 -49.77
CA GLU A 834 44.66 61.41 -51.08
C GLU A 834 44.86 62.70 -51.86
N ILE A 835 44.57 63.86 -51.25
CA ILE A 835 44.65 65.10 -52.01
C ILE A 835 46.09 65.56 -52.19
N ALA A 836 47.05 64.92 -51.52
CA ALA A 836 48.46 65.18 -51.83
C ALA A 836 48.95 64.28 -52.97
N TYR A 837 48.62 62.99 -52.89
CA TYR A 837 49.06 62.06 -53.93
C TYR A 837 48.35 62.35 -55.25
N LYS A 838 47.20 63.03 -55.20
CA LYS A 838 46.63 63.57 -56.43
C LYS A 838 47.54 64.65 -57.03
N ARG A 839 48.13 65.50 -56.19
CA ARG A 839 49.19 66.36 -56.69
C ARG A 839 50.37 65.58 -57.23
N HIS A 840 50.63 64.39 -56.69
CA HIS A 840 51.65 63.54 -57.32
C HIS A 840 51.29 63.17 -58.75
N LYS A 841 50.02 63.29 -59.13
CA LYS A 841 49.59 62.99 -60.50
C LYS A 841 48.83 64.18 -61.10
N LEU B 34 49.38 -12.16 46.82
CA LEU B 34 50.57 -13.01 46.86
C LEU B 34 50.16 -14.48 47.01
N ASN B 35 48.92 -14.71 47.40
CA ASN B 35 48.38 -16.06 47.58
C ASN B 35 47.01 -16.13 46.93
N ILE B 36 46.82 -17.10 46.03
CA ILE B 36 45.56 -17.29 45.34
C ILE B 36 45.11 -18.73 45.56
N ALA B 37 43.86 -18.91 45.98
CA ALA B 37 43.30 -20.23 46.19
C ALA B 37 42.33 -20.58 45.07
N VAL B 38 42.44 -21.81 44.56
CA VAL B 38 41.61 -22.29 43.48
C VAL B 38 40.94 -23.57 43.96
N MET B 39 39.62 -23.56 44.05
CA MET B 39 38.84 -24.66 44.61
C MET B 39 37.93 -25.24 43.54
N LEU B 40 37.95 -26.56 43.39
CA LEU B 40 37.11 -27.27 42.45
C LEU B 40 36.34 -28.38 43.16
N GLY B 41 35.39 -28.96 42.44
CA GLY B 41 34.59 -30.04 42.97
C GLY B 41 35.07 -31.40 42.49
N HIS B 42 36.09 -31.40 41.63
CA HIS B 42 36.77 -32.61 41.14
C HIS B 42 35.82 -33.64 40.53
N SER B 43 34.59 -33.22 40.19
CA SER B 43 33.64 -34.11 39.54
C SER B 43 33.71 -33.98 38.02
N HIS B 44 33.49 -32.79 37.50
CA HIS B 44 33.66 -32.53 36.07
C HIS B 44 35.11 -32.29 35.70
N ASP B 45 36.01 -32.19 36.68
CA ASP B 45 37.43 -31.95 36.46
C ASP B 45 38.20 -33.17 36.98
N VAL B 46 38.38 -34.16 36.11
CA VAL B 46 39.09 -35.38 36.50
C VAL B 46 40.59 -35.16 36.44
N THR B 47 41.08 -34.66 35.29
CA THR B 47 42.52 -34.44 35.12
C THR B 47 43.01 -33.21 35.86
N GLU B 48 42.11 -32.33 36.28
CA GLU B 48 42.50 -31.09 36.95
C GLU B 48 42.85 -31.29 38.43
N ARG B 49 42.94 -32.53 38.90
CA ARG B 49 43.36 -32.78 40.28
C ARG B 49 44.76 -32.27 40.52
N GLU B 50 45.67 -32.53 39.58
CA GLU B 50 47.03 -32.01 39.65
C GLU B 50 47.31 -30.98 38.57
N LEU B 51 46.51 -30.95 37.50
CA LEU B 51 46.71 -29.99 36.43
C LEU B 51 46.52 -28.55 36.89
N ARG B 52 45.63 -28.30 37.85
CA ARG B 52 45.45 -26.95 38.37
C ARG B 52 46.71 -26.46 39.07
N THR B 53 47.37 -27.34 39.83
CA THR B 53 48.57 -26.94 40.55
C THR B 53 49.70 -26.55 39.59
N LEU B 54 49.89 -27.34 38.53
CA LEU B 54 50.96 -27.04 37.58
C LEU B 54 50.62 -25.82 36.73
N TRP B 55 49.34 -25.61 36.42
CA TRP B 55 48.92 -24.47 35.60
C TRP B 55 48.83 -23.25 36.50
N GLY B 56 49.88 -22.42 36.45
CA GLY B 56 49.89 -21.16 37.17
C GLY B 56 50.48 -20.07 36.31
N PRO B 57 50.52 -18.84 36.84
CA PRO B 57 51.11 -17.71 36.11
C PRO B 57 52.64 -17.66 36.19
N GLU B 58 53.27 -18.82 36.03
CA GLU B 58 54.73 -18.87 36.04
C GLU B 58 55.30 -18.27 34.76
N GLN B 59 54.74 -18.64 33.61
CA GLN B 59 55.15 -18.11 32.32
C GLN B 59 54.04 -17.35 31.62
N ALA B 60 52.84 -17.27 32.21
CA ALA B 60 51.75 -16.55 31.58
C ALA B 60 52.05 -15.05 31.49
N ALA B 61 52.60 -14.48 32.56
CA ALA B 61 52.94 -13.06 32.56
C ALA B 61 53.95 -12.79 33.67
N GLY B 62 54.74 -11.74 33.49
CA GLY B 62 55.70 -11.31 34.48
C GLY B 62 55.13 -10.27 35.41
N LEU B 63 54.12 -10.64 36.20
CA LEU B 63 53.46 -9.69 37.08
C LEU B 63 54.43 -9.21 38.17
N PRO B 64 54.29 -7.95 38.61
CA PRO B 64 55.19 -7.44 39.66
C PRO B 64 55.04 -8.16 40.99
N LEU B 65 53.92 -8.84 41.22
CA LEU B 65 53.68 -9.57 42.46
C LEU B 65 53.65 -11.06 42.18
N ASP B 66 54.49 -11.81 42.88
CA ASP B 66 54.53 -13.26 42.73
C ASP B 66 53.43 -13.90 43.56
N VAL B 67 52.63 -14.76 42.95
CA VAL B 67 51.49 -15.40 43.58
C VAL B 67 51.63 -16.91 43.46
N ASN B 68 51.30 -17.61 44.54
CA ASN B 68 51.25 -19.06 44.55
C ASN B 68 49.80 -19.52 44.59
N VAL B 69 49.49 -20.55 43.79
CA VAL B 69 48.14 -21.06 43.64
C VAL B 69 48.00 -22.32 44.48
N VAL B 70 47.13 -22.27 45.47
CA VAL B 70 46.82 -23.40 46.33
C VAL B 70 45.56 -24.06 45.76
N ALA B 71 45.70 -25.30 45.28
CA ALA B 71 44.61 -26.00 44.62
C ALA B 71 43.94 -26.95 45.61
N LEU B 72 42.62 -26.85 45.72
CA LEU B 72 41.83 -27.71 46.59
C LEU B 72 40.71 -28.35 45.78
N LEU B 73 40.35 -29.57 46.18
CA LEU B 73 39.23 -30.30 45.58
C LEU B 73 38.20 -30.58 46.66
N MET B 74 36.94 -30.31 46.36
CA MET B 74 35.86 -30.49 47.30
C MET B 74 35.05 -31.73 46.94
N ASN B 75 34.90 -32.64 47.90
CA ASN B 75 34.08 -33.83 47.67
C ASN B 75 32.63 -33.45 47.43
N ARG B 76 32.12 -32.51 48.24
CA ARG B 76 30.75 -32.04 48.12
C ARG B 76 30.68 -30.57 48.56
N THR B 77 29.80 -29.80 47.95
CA THR B 77 29.66 -28.40 48.31
C THR B 77 28.53 -28.20 49.32
N ASP B 78 28.66 -28.89 50.44
CA ASP B 78 27.72 -28.70 51.55
C ASP B 78 27.93 -27.31 52.16
N PRO B 79 26.85 -26.68 52.64
CA PRO B 79 27.00 -25.32 53.19
C PRO B 79 27.97 -25.25 54.35
N LYS B 80 27.80 -26.12 55.36
CA LYS B 80 28.73 -26.13 56.48
C LYS B 80 30.14 -26.52 56.04
N SER B 81 30.24 -27.52 55.16
CA SER B 81 31.55 -27.94 54.65
C SER B 81 32.22 -26.81 53.88
N LEU B 82 31.46 -26.12 53.03
CA LEU B 82 32.03 -25.01 52.28
C LEU B 82 32.46 -23.87 53.19
N ILE B 83 31.65 -23.57 54.21
CA ILE B 83 32.02 -22.56 55.19
C ILE B 83 33.34 -22.92 55.86
N THR B 84 33.46 -24.17 56.32
CA THR B 84 34.68 -24.60 57.00
C THR B 84 35.88 -24.54 56.06
N HIS B 85 35.72 -24.99 54.83
CA HIS B 85 36.83 -24.99 53.88
C HIS B 85 37.31 -23.58 53.59
N VAL B 86 36.37 -22.66 53.33
CA VAL B 86 36.76 -21.29 53.00
C VAL B 86 37.38 -20.61 54.21
N CYS B 87 36.86 -20.90 55.41
CA CYS B 87 37.44 -20.30 56.62
C CYS B 87 38.85 -20.82 56.86
N ASP B 88 39.08 -22.11 56.63
CA ASP B 88 40.42 -22.65 56.77
C ASP B 88 41.37 -22.04 55.75
N LEU B 89 40.89 -21.87 54.51
CA LEU B 89 41.73 -21.24 53.48
C LEU B 89 42.01 -19.78 53.80
N MET B 90 41.08 -19.10 54.47
CA MET B 90 41.33 -17.72 54.89
C MET B 90 42.32 -17.67 56.05
N SER B 91 42.25 -18.64 56.96
CA SER B 91 43.20 -18.68 58.07
C SER B 91 44.56 -19.21 57.63
N GLY B 92 44.58 -20.43 57.08
CA GLY B 92 45.82 -21.00 56.61
C GLY B 92 46.24 -20.41 55.27
N ALA B 93 47.54 -20.10 55.17
CA ALA B 93 48.19 -19.60 53.96
C ALA B 93 47.79 -18.16 53.65
N ARG B 94 46.83 -17.61 54.40
CA ARG B 94 46.41 -16.22 54.29
C ARG B 94 46.15 -15.82 52.83
N ILE B 95 45.14 -16.44 52.24
CA ILE B 95 44.81 -16.19 50.84
C ILE B 95 44.32 -14.76 50.67
N HIS B 96 44.75 -14.13 49.57
CA HIS B 96 44.29 -12.80 49.19
C HIS B 96 43.14 -12.84 48.20
N GLY B 97 42.69 -14.03 47.83
CA GLY B 97 41.61 -14.18 46.87
C GLY B 97 41.23 -15.64 46.76
N LEU B 98 40.20 -15.90 45.97
CA LEU B 98 39.72 -17.26 45.81
C LEU B 98 39.00 -17.40 44.48
N VAL B 99 39.14 -18.58 43.88
CA VAL B 99 38.45 -18.93 42.65
C VAL B 99 37.71 -20.24 42.90
N PHE B 100 36.39 -20.20 42.76
CA PHE B 100 35.53 -21.33 43.11
C PHE B 100 34.75 -21.79 41.89
N GLY B 101 34.75 -23.09 41.65
CA GLY B 101 33.94 -23.69 40.61
C GLY B 101 33.55 -25.11 40.96
N ASP B 102 32.25 -25.40 40.93
CA ASP B 102 31.74 -26.71 41.31
C ASP B 102 30.96 -27.32 40.16
N ASP B 103 30.73 -28.63 40.25
CA ASP B 103 29.92 -29.34 39.27
C ASP B 103 28.44 -29.36 39.63
N THR B 104 28.08 -28.88 40.82
CA THR B 104 26.69 -28.89 41.23
C THR B 104 25.87 -27.90 40.41
N ASP B 105 24.64 -28.29 40.09
CA ASP B 105 23.69 -27.43 39.42
C ASP B 105 22.88 -26.58 40.39
N GLN B 106 23.10 -26.76 41.70
CA GLN B 106 22.36 -25.99 42.70
C GLN B 106 22.71 -24.51 42.61
N GLU B 107 21.70 -23.66 42.73
CA GLU B 107 21.90 -22.23 42.65
C GLU B 107 22.21 -21.54 43.98
N ALA B 108 22.11 -22.27 45.08
CA ALA B 108 22.39 -21.67 46.37
C ALA B 108 23.87 -21.49 46.63
N VAL B 109 24.73 -22.15 45.86
CA VAL B 109 26.17 -22.00 46.04
C VAL B 109 26.59 -20.56 45.77
N ALA B 110 25.99 -19.93 44.76
CA ALA B 110 26.32 -18.53 44.47
C ALA B 110 25.96 -17.62 45.64
N GLN B 111 24.79 -17.85 46.21
CA GLN B 111 24.33 -17.06 47.35
C GLN B 111 25.28 -17.23 48.52
N MET B 112 25.62 -18.48 48.82
CA MET B 112 26.53 -18.76 49.93
C MET B 112 27.89 -18.12 49.71
N LEU B 113 28.40 -18.18 48.47
CA LEU B 113 29.68 -17.56 48.16
C LEU B 113 29.61 -16.05 48.33
N ASP B 114 28.50 -15.45 47.94
CA ASP B 114 28.32 -14.02 48.08
C ASP B 114 28.34 -13.64 49.56
N PHE B 115 27.61 -14.40 50.38
CA PHE B 115 27.58 -14.14 51.81
C PHE B 115 28.96 -14.28 52.44
N ILE B 116 29.70 -15.32 52.04
CA ILE B 116 31.04 -15.54 52.59
C ILE B 116 31.97 -14.41 52.18
N SER B 117 31.89 -13.96 50.92
CA SER B 117 32.72 -12.85 50.49
C SER B 117 32.37 -11.57 51.24
N SER B 118 31.08 -11.36 51.52
CA SER B 118 30.66 -10.17 52.26
C SER B 118 31.21 -10.18 53.69
N HIS B 119 31.17 -11.34 54.35
CA HIS B 119 31.57 -11.38 55.75
C HIS B 119 33.07 -11.52 55.96
N THR B 120 33.71 -12.43 55.21
CA THR B 120 35.13 -12.70 55.37
C THR B 120 36.00 -11.60 54.76
N PHE B 121 35.47 -10.82 53.83
CA PHE B 121 36.21 -9.77 53.13
C PHE B 121 37.33 -10.36 52.27
N VAL B 122 36.99 -11.38 51.49
CA VAL B 122 37.92 -11.98 50.54
C VAL B 122 37.25 -12.04 49.17
N PRO B 123 37.96 -11.63 48.11
CA PRO B 123 37.40 -11.66 46.76
C PRO B 123 37.21 -13.08 46.26
N ILE B 124 35.97 -13.46 45.96
CA ILE B 124 35.67 -14.81 45.48
C ILE B 124 35.00 -14.83 44.10
N LEU B 125 35.53 -15.63 43.19
CA LEU B 125 34.99 -15.76 41.85
C LEU B 125 34.67 -17.21 41.50
N GLY B 126 33.48 -17.46 40.96
CA GLY B 126 33.13 -18.82 40.59
C GLY B 126 33.26 -19.03 39.09
N ILE B 127 34.31 -19.74 38.70
CA ILE B 127 34.60 -20.03 37.30
C ILE B 127 33.61 -20.94 36.55
N HIS B 128 33.15 -22.01 37.19
CA HIS B 128 32.28 -22.97 36.52
C HIS B 128 31.12 -23.51 37.37
N GLY B 129 30.08 -23.97 36.68
CA GLY B 129 28.92 -24.56 37.33
C GLY B 129 28.04 -23.56 38.05
N GLY B 130 27.36 -24.04 39.09
CA GLY B 130 26.49 -23.22 39.91
C GLY B 130 26.98 -21.83 40.26
N ALA B 131 28.24 -21.71 40.66
CA ALA B 131 28.80 -20.40 40.98
C ALA B 131 28.70 -19.50 39.75
N SER B 132 28.57 -20.12 38.57
CA SER B 132 28.46 -19.43 37.31
C SER B 132 27.19 -18.56 37.26
N MET B 133 26.11 -19.07 37.83
CA MET B 133 24.84 -18.35 37.83
C MET B 133 25.01 -17.02 38.56
N ILE B 134 24.35 -15.99 38.02
CA ILE B 134 24.45 -14.66 38.60
C ILE B 134 23.19 -14.23 39.34
N MET B 135 23.38 -13.79 40.59
CA MET B 135 22.26 -13.32 41.40
C MET B 135 21.90 -11.92 40.97
N ALA B 136 20.61 -11.59 41.01
CA ALA B 136 20.15 -10.27 40.60
C ALA B 136 20.86 -9.17 41.37
N ASP B 137 20.87 -9.25 42.70
CA ASP B 137 21.44 -8.21 43.54
C ASP B 137 22.39 -8.83 44.55
N LYS B 138 23.60 -8.28 44.63
CA LYS B 138 24.60 -8.70 45.60
C LYS B 138 24.71 -7.65 46.70
N ASP B 139 25.15 -8.09 47.88
CA ASP B 139 25.34 -7.17 48.98
C ASP B 139 26.43 -6.16 48.63
N PRO B 140 26.24 -4.87 48.95
CA PRO B 140 27.27 -3.88 48.62
C PRO B 140 28.62 -4.17 49.26
N THR B 141 28.63 -4.75 50.46
CA THR B 141 29.88 -5.13 51.09
C THR B 141 30.55 -6.29 50.36
N SER B 142 29.76 -7.20 49.79
CA SER B 142 30.30 -8.38 49.15
C SER B 142 31.17 -8.03 47.96
N THR B 143 32.24 -8.79 47.78
CA THR B 143 33.18 -8.65 46.67
C THR B 143 33.12 -9.89 45.79
N PHE B 144 31.91 -10.38 45.53
CA PHE B 144 31.70 -11.57 44.73
C PHE B 144 31.54 -11.20 43.26
N PHE B 145 32.24 -11.93 42.40
CA PHE B 145 32.16 -11.73 40.96
C PHE B 145 31.97 -13.07 40.27
N GLN B 146 31.20 -13.06 39.19
CA GLN B 146 30.91 -14.28 38.45
C GLN B 146 31.17 -14.11 36.97
N PHE B 147 31.37 -15.23 36.30
CA PHE B 147 31.64 -15.25 34.86
C PHE B 147 30.37 -15.38 34.02
N GLY B 148 29.22 -15.55 34.66
CA GLY B 148 27.97 -15.71 33.93
C GLY B 148 27.49 -14.40 33.32
N ALA B 149 26.31 -14.47 32.71
CA ALA B 149 25.69 -13.33 32.07
C ALA B 149 24.35 -13.03 32.72
N SER B 150 24.13 -11.76 33.05
CA SER B 150 22.87 -11.36 33.65
C SER B 150 21.73 -11.44 32.64
N ILE B 151 20.50 -11.40 33.15
CA ILE B 151 19.33 -11.51 32.29
C ILE B 151 19.23 -10.32 31.33
N GLN B 152 19.79 -9.18 31.72
CA GLN B 152 19.81 -8.03 30.81
C GLN B 152 20.64 -8.34 29.57
N GLN B 153 21.80 -8.97 29.74
CA GLN B 153 22.63 -9.33 28.59
C GLN B 153 21.96 -10.38 27.73
N GLN B 154 21.28 -11.35 28.35
CA GLN B 154 20.54 -12.34 27.58
C GLN B 154 19.42 -11.69 26.78
N ALA B 155 18.71 -10.72 27.37
CA ALA B 155 17.66 -10.03 26.64
C ALA B 155 18.23 -9.23 25.48
N THR B 156 19.38 -8.57 25.68
CA THR B 156 19.92 -7.74 24.62
C THR B 156 20.47 -8.61 23.48
N VAL B 157 21.04 -9.78 23.79
CA VAL B 157 21.48 -10.64 22.70
C VAL B 157 20.26 -11.26 22.01
N MET B 158 19.17 -11.49 22.73
CA MET B 158 17.92 -11.92 22.09
C MET B 158 17.47 -10.88 21.07
N LEU B 159 17.43 -9.61 21.48
CA LEU B 159 16.97 -8.56 20.57
C LEU B 159 17.94 -8.38 19.41
N LYS B 160 19.24 -8.60 19.64
CA LYS B 160 20.19 -8.59 18.53
C LYS B 160 19.91 -9.72 17.55
N ILE B 161 19.57 -10.91 18.06
CA ILE B 161 19.20 -12.01 17.18
C ILE B 161 18.00 -11.65 16.34
N MET B 162 16.98 -11.05 16.98
CA MET B 162 15.79 -10.64 16.24
C MET B 162 16.14 -9.62 15.17
N GLN B 163 16.99 -8.64 15.52
CA GLN B 163 17.36 -7.60 14.56
C GLN B 163 18.12 -8.19 13.37
N ASP B 164 19.00 -9.15 13.63
CA ASP B 164 19.79 -9.75 12.56
C ASP B 164 18.99 -10.70 11.68
N TYR B 165 17.76 -11.04 12.06
CA TYR B 165 16.92 -11.93 11.27
C TYR B 165 15.60 -11.28 10.86
N ASP B 166 15.45 -9.97 11.08
CA ASP B 166 14.25 -9.22 10.68
C ASP B 166 12.99 -9.82 11.30
N TRP B 167 13.08 -10.24 12.56
CA TRP B 167 11.92 -10.69 13.32
C TRP B 167 11.44 -9.52 14.17
N HIS B 168 10.74 -8.59 13.51
CA HIS B 168 10.33 -7.35 14.13
C HIS B 168 8.96 -7.42 14.78
N VAL B 169 8.33 -8.59 14.81
CA VAL B 169 7.08 -8.79 15.52
C VAL B 169 7.26 -9.96 16.48
N PHE B 170 6.91 -9.75 17.74
CA PHE B 170 7.10 -10.80 18.74
C PHE B 170 6.12 -10.59 19.88
N SER B 171 5.85 -11.69 20.60
CA SER B 171 4.88 -11.72 21.70
C SER B 171 5.57 -12.29 22.92
N LEU B 172 6.09 -11.42 23.79
CA LEU B 172 6.74 -11.86 25.02
C LEU B 172 5.74 -12.56 25.92
N VAL B 173 6.13 -13.71 26.46
CA VAL B 173 5.32 -14.45 27.43
C VAL B 173 6.22 -14.91 28.56
N THR B 174 5.76 -14.72 29.80
CA THR B 174 6.52 -15.12 30.97
C THR B 174 5.59 -15.80 31.97
N THR B 175 6.18 -16.63 32.83
CA THR B 175 5.48 -17.22 33.95
C THR B 175 5.88 -16.50 35.23
N ILE B 176 5.29 -16.91 36.35
CA ILE B 176 5.64 -16.33 37.64
C ILE B 176 6.91 -16.99 38.13
N PHE B 177 8.06 -16.41 37.75
CA PHE B 177 9.37 -16.91 38.13
C PHE B 177 10.20 -15.76 38.68
N PRO B 178 11.07 -16.02 39.66
CA PRO B 178 11.91 -14.93 40.19
C PRO B 178 12.74 -14.28 39.09
N GLY B 179 12.52 -12.97 38.91
CA GLY B 179 13.21 -12.21 37.91
C GLY B 179 12.41 -11.93 36.64
N TYR B 180 11.15 -12.38 36.57
CA TYR B 180 10.36 -12.15 35.37
C TYR B 180 10.02 -10.67 35.21
N ARG B 181 9.76 -9.97 36.31
CA ARG B 181 9.42 -8.55 36.22
C ARG B 181 10.58 -7.74 35.68
N GLU B 182 11.80 -8.03 36.14
CA GLU B 182 12.97 -7.32 35.63
C GLU B 182 13.18 -7.58 34.14
N PHE B 183 13.01 -8.83 33.72
CA PHE B 183 13.16 -9.16 32.31
C PHE B 183 12.13 -8.44 31.46
N ILE B 184 10.87 -8.43 31.91
CA ILE B 184 9.82 -7.77 31.16
C ILE B 184 10.08 -6.27 31.08
N SER B 185 10.47 -5.66 32.19
CA SER B 185 10.74 -4.23 32.20
C SER B 185 11.91 -3.87 31.28
N PHE B 186 12.99 -4.67 31.32
CA PHE B 186 14.13 -4.39 30.46
C PHE B 186 13.76 -4.55 28.99
N VAL B 187 12.98 -5.58 28.66
CA VAL B 187 12.56 -5.78 27.27
C VAL B 187 11.71 -4.60 26.81
N LYS B 188 10.76 -4.16 27.64
CA LYS B 188 9.92 -3.04 27.27
C LYS B 188 10.73 -1.76 27.08
N THR B 189 11.69 -1.51 27.98
CA THR B 189 12.51 -0.31 27.86
C THR B 189 13.36 -0.35 26.61
N THR B 190 13.93 -1.51 26.28
CA THR B 190 14.72 -1.60 25.05
C THR B 190 13.85 -1.47 23.81
N VAL B 191 12.60 -1.94 23.88
CA VAL B 191 11.67 -1.76 22.77
C VAL B 191 11.38 -0.27 22.58
N ASP B 192 11.15 0.45 23.67
CA ASP B 192 10.76 1.85 23.57
C ASP B 192 11.92 2.76 23.18
N ASN B 193 13.15 2.31 23.36
CA ASN B 193 14.34 3.14 23.12
C ASN B 193 15.19 2.58 21.99
N SER B 194 14.55 2.16 20.90
CA SER B 194 15.26 1.63 19.74
C SER B 194 14.69 2.27 18.47
N PHE B 195 15.56 2.48 17.49
CA PHE B 195 15.15 3.08 16.22
C PHE B 195 14.68 1.99 15.25
N VAL B 196 14.95 0.74 15.60
CA VAL B 196 14.55 -0.38 14.76
C VAL B 196 13.03 -0.44 14.59
N GLY B 197 12.32 -0.19 15.68
CA GLY B 197 10.86 -0.20 15.64
C GLY B 197 10.28 -1.59 15.55
N TRP B 198 10.08 -2.22 16.71
CA TRP B 198 9.51 -3.56 16.77
C TRP B 198 8.02 -3.48 17.06
N ASP B 199 7.27 -4.47 16.60
CA ASP B 199 5.85 -4.51 16.82
C ASP B 199 5.53 -5.42 18.00
N MET B 200 6.14 -5.12 19.14
CA MET B 200 5.93 -5.90 20.35
C MET B 200 4.45 -6.00 20.69
N GLN B 201 3.90 -7.21 20.57
CA GLN B 201 2.48 -7.43 20.85
C GLN B 201 2.23 -7.76 22.32
N ASN B 202 1.15 -8.50 22.56
CA ASN B 202 0.75 -8.88 23.91
C ASN B 202 1.89 -9.50 24.72
N VAL B 203 2.01 -9.08 25.96
CA VAL B 203 3.03 -9.59 26.87
C VAL B 203 2.31 -10.39 27.95
N ILE B 204 2.03 -11.66 27.64
CA ILE B 204 1.30 -12.53 28.55
C ILE B 204 2.08 -13.04 29.76
N THR B 205 1.41 -13.00 30.92
CA THR B 205 1.96 -13.48 32.17
C THR B 205 1.07 -14.61 32.68
N LEU B 206 1.60 -15.82 32.68
CA LEU B 206 0.86 -16.99 33.16
C LEU B 206 0.91 -17.00 34.69
N ASP B 207 -0.17 -16.55 35.31
CA ASP B 207 -0.21 -16.47 36.77
C ASP B 207 -0.13 -17.84 37.43
N THR B 208 -0.53 -18.90 36.72
CA THR B 208 -0.48 -20.25 37.27
C THR B 208 -0.26 -21.24 36.13
N SER B 209 0.88 -21.92 36.14
CA SER B 209 1.17 -22.91 35.13
C SER B 209 0.24 -24.11 35.28
N PHE B 210 -0.05 -24.77 34.15
CA PHE B 210 -0.91 -25.94 34.08
C PHE B 210 -2.33 -25.65 34.56
N GLU B 211 -2.74 -24.38 34.56
CA GLU B 211 -4.10 -24.03 34.96
C GLU B 211 -5.11 -24.43 33.89
N ASP B 212 -4.75 -24.22 32.61
CA ASP B 212 -5.58 -24.59 31.46
C ASP B 212 -6.93 -23.87 31.45
N ALA B 213 -7.05 -22.76 32.18
CA ALA B 213 -8.27 -21.97 32.19
C ALA B 213 -8.05 -20.59 31.59
N LYS B 214 -7.08 -19.83 32.11
CA LYS B 214 -6.71 -18.55 31.53
C LYS B 214 -5.48 -18.65 30.62
N THR B 215 -4.63 -19.66 30.84
CA THR B 215 -3.46 -19.82 30.00
C THR B 215 -3.83 -20.08 28.55
N GLN B 216 -4.84 -20.91 28.32
CA GLN B 216 -5.25 -21.23 26.96
C GLN B 216 -5.78 -20.01 26.23
N VAL B 217 -6.69 -19.27 26.86
CA VAL B 217 -7.27 -18.09 26.21
C VAL B 217 -6.24 -16.99 26.05
N GLN B 218 -5.24 -16.93 26.94
CA GLN B 218 -4.19 -15.94 26.77
C GLN B 218 -3.24 -16.32 25.63
N LEU B 219 -2.91 -17.60 25.52
CA LEU B 219 -2.00 -18.05 24.46
C LEU B 219 -2.67 -18.01 23.09
N LYS B 220 -4.00 -18.18 23.03
CA LYS B 220 -4.69 -18.19 21.75
C LYS B 220 -4.63 -16.84 21.03
N LYS B 221 -4.24 -15.77 21.72
CA LYS B 221 -4.14 -14.46 21.10
C LYS B 221 -2.81 -14.24 20.38
N ILE B 222 -1.89 -15.21 20.43
CA ILE B 222 -0.57 -15.05 19.85
C ILE B 222 -0.70 -15.28 18.34
N HIS B 223 -0.82 -14.18 17.59
CA HIS B 223 -0.78 -14.23 16.13
C HIS B 223 0.59 -13.90 15.57
N SER B 224 1.58 -13.70 16.43
CA SER B 224 2.90 -13.26 15.99
C SER B 224 3.70 -14.45 15.44
N SER B 225 4.98 -14.23 15.18
CA SER B 225 5.86 -15.26 14.65
C SER B 225 7.07 -15.53 15.53
N VAL B 226 7.30 -14.73 16.56
CA VAL B 226 8.43 -14.90 17.47
C VAL B 226 7.92 -14.78 18.89
N ILE B 227 8.33 -15.70 19.76
CA ILE B 227 7.87 -15.76 21.13
C ILE B 227 9.08 -15.81 22.05
N LEU B 228 9.14 -14.88 23.01
CA LEU B 228 10.17 -14.87 24.04
C LEU B 228 9.65 -15.57 25.29
N LEU B 229 9.70 -16.90 25.27
CA LEU B 229 9.34 -17.66 26.45
C LEU B 229 10.32 -17.40 27.58
N TYR B 230 9.80 -17.27 28.79
CA TYR B 230 10.65 -17.08 29.97
C TYR B 230 9.98 -17.82 31.13
N CYS B 231 10.50 -19.01 31.44
CA CYS B 231 9.90 -19.85 32.47
C CYS B 231 10.98 -20.78 33.01
N SER B 232 10.64 -21.48 34.09
CA SER B 232 11.55 -22.47 34.63
C SER B 232 11.68 -23.65 33.66
N LYS B 233 12.73 -24.45 33.88
CA LYS B 233 12.96 -25.61 33.01
C LYS B 233 11.80 -26.58 33.07
N ASP B 234 11.21 -26.79 34.25
CA ASP B 234 10.07 -27.68 34.38
C ASP B 234 8.81 -27.07 33.77
N GLU B 235 8.57 -25.78 34.02
CA GLU B 235 7.35 -25.14 33.52
C GLU B 235 7.40 -24.90 32.02
N ALA B 236 8.60 -24.71 31.46
CA ALA B 236 8.72 -24.49 30.03
C ALA B 236 8.29 -25.71 29.23
N VAL B 237 8.53 -26.92 29.76
CA VAL B 237 8.08 -28.13 29.08
C VAL B 237 6.57 -28.14 28.95
N LEU B 238 5.87 -27.84 30.06
CA LEU B 238 4.41 -27.78 30.03
C LEU B 238 3.92 -26.69 29.09
N ILE B 239 4.56 -25.52 29.14
CA ILE B 239 4.14 -24.41 28.27
C ILE B 239 4.29 -24.78 26.81
N LEU B 240 5.41 -25.41 26.45
CA LEU B 240 5.63 -25.77 25.05
C LEU B 240 4.72 -26.90 24.61
N SER B 241 4.42 -27.84 25.51
CA SER B 241 3.46 -28.88 25.18
C SER B 241 2.07 -28.30 24.93
N GLU B 242 1.65 -27.35 25.77
CA GLU B 242 0.36 -26.70 25.56
C GLU B 242 0.37 -25.90 24.27
N ALA B 243 1.49 -25.25 23.95
CA ALA B 243 1.59 -24.50 22.71
C ALA B 243 1.47 -25.42 21.50
N ARG B 244 2.12 -26.59 21.54
CA ARG B 244 1.97 -27.55 20.45
C ARG B 244 0.53 -28.03 20.35
N SER B 245 -0.12 -28.29 21.50
CA SER B 245 -1.52 -28.69 21.51
C SER B 245 -2.47 -27.53 21.21
N LEU B 246 -1.93 -26.38 20.80
CA LEU B 246 -2.73 -25.22 20.48
C LEU B 246 -2.44 -24.66 19.10
N GLY B 247 -1.36 -25.08 18.45
CA GLY B 247 -1.03 -24.61 17.13
C GLY B 247 0.01 -23.51 17.07
N LEU B 248 0.73 -23.24 18.16
CA LEU B 248 1.72 -22.17 18.21
C LEU B 248 3.12 -22.65 17.83
N THR B 249 3.27 -23.90 17.41
CA THR B 249 4.57 -24.45 17.03
C THR B 249 4.52 -24.84 15.56
N GLY B 250 5.47 -24.35 14.78
CA GLY B 250 5.50 -24.65 13.37
C GLY B 250 6.63 -23.92 12.67
N TYR B 251 6.55 -23.91 11.34
CA TYR B 251 7.58 -23.23 10.55
C TYR B 251 7.58 -21.73 10.80
N ASP B 252 6.40 -21.13 10.94
CA ASP B 252 6.27 -19.68 11.05
C ASP B 252 6.49 -19.18 12.47
N PHE B 253 6.71 -20.06 13.44
CA PHE B 253 6.88 -19.67 14.83
C PHE B 253 8.30 -19.99 15.29
N PHE B 254 9.00 -18.98 15.80
CA PHE B 254 10.34 -19.13 16.33
C PHE B 254 10.34 -18.77 17.81
N TRP B 255 10.84 -19.68 18.64
CA TRP B 255 10.91 -19.47 20.08
C TRP B 255 12.34 -19.16 20.47
N ILE B 256 12.57 -17.96 20.97
CA ILE B 256 13.85 -17.56 21.53
C ILE B 256 13.75 -17.64 23.05
N VAL B 257 14.76 -18.23 23.68
CA VAL B 257 14.65 -18.74 25.05
C VAL B 257 15.93 -18.44 25.83
N PRO B 258 15.83 -18.03 27.11
CA PRO B 258 17.04 -17.75 27.90
C PRO B 258 17.85 -18.98 28.27
N SER B 259 18.97 -18.76 28.94
CA SER B 259 19.87 -19.85 29.30
C SER B 259 19.27 -20.73 30.39
N LEU B 260 18.55 -20.13 31.34
CA LEU B 260 18.04 -20.89 32.48
C LEU B 260 17.03 -21.95 32.07
N VAL B 261 16.49 -21.87 30.86
CA VAL B 261 15.64 -22.93 30.35
C VAL B 261 16.45 -24.02 29.65
N SER B 262 17.68 -23.73 29.25
CA SER B 262 18.59 -24.71 28.65
C SER B 262 19.85 -24.84 29.49
N GLY B 263 19.68 -24.89 30.81
CA GLY B 263 20.83 -24.95 31.70
C GLY B 263 21.65 -26.21 31.50
N ASN B 264 20.99 -27.34 31.34
CA ASN B 264 21.65 -28.62 31.08
C ASN B 264 21.40 -28.98 29.63
N THR B 265 22.40 -28.72 28.77
CA THR B 265 22.27 -29.03 27.36
C THR B 265 22.27 -30.53 27.07
N GLU B 266 22.62 -31.36 28.05
CA GLU B 266 22.60 -32.81 27.88
C GLU B 266 21.23 -33.41 28.16
N LEU B 267 20.29 -32.64 28.68
CA LEU B 267 18.93 -33.12 28.99
C LEU B 267 17.95 -32.32 28.14
N ILE B 268 17.56 -32.87 27.00
CA ILE B 268 16.65 -32.23 26.06
C ILE B 268 15.30 -32.94 26.15
N PRO B 269 14.28 -32.33 26.74
CA PRO B 269 12.98 -32.99 26.84
C PRO B 269 12.34 -33.18 25.47
N LYS B 270 11.48 -34.19 25.38
CA LYS B 270 10.80 -34.50 24.13
C LYS B 270 9.84 -33.41 23.70
N GLU B 271 9.38 -32.57 24.63
CA GLU B 271 8.43 -31.53 24.31
C GLU B 271 9.08 -30.28 23.71
N PHE B 272 10.41 -30.23 23.68
CA PHE B 272 11.11 -29.07 23.13
C PHE B 272 11.07 -29.13 21.61
N PRO B 273 10.49 -28.11 20.97
CA PRO B 273 10.37 -28.05 19.51
C PRO B 273 11.74 -27.92 18.85
N SER B 274 11.86 -28.41 17.63
CA SER B 274 13.10 -28.34 16.88
C SER B 274 13.41 -26.90 16.47
N GLY B 275 14.69 -26.59 16.31
CA GLY B 275 15.08 -25.25 15.93
C GLY B 275 14.64 -24.17 16.89
N LEU B 276 14.73 -24.45 18.18
CA LEU B 276 14.34 -23.48 19.21
C LEU B 276 15.58 -22.71 19.65
N ILE B 277 15.64 -21.42 19.30
CA ILE B 277 16.79 -20.60 19.62
C ILE B 277 16.97 -20.34 21.11
N SER B 278 18.21 -20.40 21.57
CA SER B 278 18.52 -20.15 22.97
C SER B 278 19.89 -19.49 23.12
N VAL B 279 20.09 -18.78 24.22
CA VAL B 279 21.36 -18.12 24.47
C VAL B 279 21.92 -18.58 25.81
N SER B 280 23.17 -19.02 25.83
CA SER B 280 23.78 -19.50 27.06
C SER B 280 25.25 -19.15 27.10
N TYR B 281 25.95 -19.68 28.09
CA TYR B 281 27.39 -19.49 28.22
C TYR B 281 28.09 -20.52 27.32
N ASP B 282 29.38 -20.36 27.11
CA ASP B 282 30.06 -21.31 26.22
C ASP B 282 30.54 -22.55 26.95
N ASP B 283 29.72 -23.59 26.92
CA ASP B 283 30.06 -24.88 27.52
C ASP B 283 31.21 -25.56 26.77
N TRP B 284 31.16 -25.46 25.44
CA TRP B 284 32.15 -26.09 24.56
C TRP B 284 33.56 -25.49 24.60
N ASP B 285 33.72 -24.27 24.09
CA ASP B 285 35.01 -23.62 24.09
C ASP B 285 35.21 -22.89 25.41
N TYR B 286 36.42 -22.36 25.62
CA TYR B 286 36.76 -21.62 26.84
C TYR B 286 36.37 -22.41 28.09
N SER B 287 37.01 -23.58 28.26
CA SER B 287 36.73 -24.45 29.39
C SER B 287 37.58 -24.13 30.62
N LEU B 288 37.61 -25.08 31.56
CA LEU B 288 38.35 -24.94 32.80
C LEU B 288 39.80 -24.47 32.59
N GLU B 289 40.54 -25.19 31.74
CA GLU B 289 41.93 -24.85 31.47
C GLU B 289 42.07 -23.39 31.05
N ALA B 290 40.93 -22.77 30.76
CA ALA B 290 40.90 -21.37 30.34
C ALA B 290 40.15 -20.52 31.35
N ARG B 291 39.08 -21.05 31.94
CA ARG B 291 38.33 -20.30 32.94
C ARG B 291 39.19 -19.98 34.16
N VAL B 292 39.89 -21.00 34.69
CA VAL B 292 40.71 -20.76 35.87
C VAL B 292 41.90 -19.87 35.53
N ARG B 293 42.47 -20.01 34.32
CA ARG B 293 43.54 -19.11 33.90
C ARG B 293 43.05 -17.66 33.87
N ASP B 294 41.87 -17.44 33.30
CA ASP B 294 41.32 -16.09 33.23
C ASP B 294 41.05 -15.54 34.63
N GLY B 295 40.52 -16.38 35.53
CA GLY B 295 40.26 -15.92 36.89
C GLY B 295 41.53 -15.54 37.63
N ILE B 296 42.56 -16.38 37.52
CA ILE B 296 43.83 -16.09 38.17
C ILE B 296 44.45 -14.83 37.60
N GLY B 297 44.39 -14.67 36.27
CA GLY B 297 44.89 -13.46 35.65
C GLY B 297 44.14 -12.22 36.10
N ILE B 298 42.82 -12.32 36.22
CA ILE B 298 42.02 -11.19 36.70
C ILE B 298 42.43 -10.81 38.11
N LEU B 299 42.56 -11.80 38.99
CA LEU B 299 42.95 -11.51 40.36
C LEU B 299 44.34 -10.90 40.44
N THR B 300 45.28 -11.42 39.65
CA THR B 300 46.64 -10.88 39.66
C THR B 300 46.68 -9.45 39.13
N THR B 301 45.92 -9.17 38.07
CA THR B 301 45.87 -7.81 37.55
C THR B 301 45.24 -6.86 38.55
N ALA B 302 44.19 -7.30 39.24
CA ALA B 302 43.59 -6.45 40.27
C ALA B 302 44.58 -6.18 41.41
N ALA B 303 45.33 -7.20 41.82
CA ALA B 303 46.32 -7.01 42.86
C ALA B 303 47.42 -6.05 42.40
N SER B 304 47.85 -6.18 41.14
CA SER B 304 48.86 -5.28 40.60
C SER B 304 48.37 -3.84 40.57
N SER B 305 47.12 -3.64 40.16
CA SER B 305 46.55 -2.30 40.15
C SER B 305 46.45 -1.73 41.56
N MET B 306 46.07 -2.56 42.53
CA MET B 306 46.02 -2.11 43.92
C MET B 306 47.41 -1.74 44.42
N LEU B 307 48.42 -2.53 44.08
CA LEU B 307 49.80 -2.20 44.47
C LEU B 307 50.25 -0.89 43.82
N GLU B 308 49.88 -0.68 42.56
CA GLU B 308 50.22 0.59 41.89
C GLU B 308 49.55 1.76 42.58
N LYS B 309 48.28 1.61 42.98
CA LYS B 309 47.58 2.69 43.65
C LYS B 309 47.98 2.82 45.12
N PHE B 310 48.01 1.70 45.84
CA PHE B 310 48.39 1.68 47.24
C PHE B 310 49.70 0.92 47.40
N SER B 311 50.68 1.57 48.03
CA SER B 311 51.98 0.95 48.22
C SER B 311 51.88 -0.30 49.09
N TYR B 312 51.10 -0.23 50.17
CA TYR B 312 50.93 -1.37 51.05
C TYR B 312 50.07 -2.44 50.39
N ILE B 313 50.39 -3.70 50.67
CA ILE B 313 49.63 -4.83 50.14
C ILE B 313 48.47 -5.12 51.09
N PRO B 314 47.35 -5.65 50.60
CA PRO B 314 46.25 -5.97 51.49
C PRO B 314 46.60 -7.13 52.43
N GLU B 315 45.99 -7.10 53.61
CA GLU B 315 46.21 -8.12 54.63
C GLU B 315 44.92 -8.90 54.83
N ALA B 316 45.03 -10.23 54.74
CA ALA B 316 43.87 -11.09 54.92
C ALA B 316 43.42 -11.10 56.38
N LYS B 317 42.13 -11.36 56.58
CA LYS B 317 41.59 -11.44 57.93
C LYS B 317 42.19 -12.63 58.68
N ALA B 318 42.34 -12.45 60.00
CA ALA B 318 42.94 -13.51 60.82
C ALA B 318 42.07 -14.76 60.81
N SER B 319 40.77 -14.61 61.02
CA SER B 319 39.86 -15.75 61.05
C SER B 319 38.44 -15.26 60.91
N CYS B 320 37.58 -16.13 60.36
CA CYS B 320 36.17 -15.79 60.22
C CYS B 320 35.42 -15.92 61.55
N TYR B 321 35.88 -16.82 62.41
CA TYR B 321 35.26 -17.04 63.71
C TYR B 321 35.61 -15.94 64.71
N GLY B 322 36.08 -14.80 64.23
CA GLY B 322 36.44 -13.71 65.12
C GLY B 322 35.26 -12.83 65.51
N GLN B 323 34.35 -13.39 66.30
CA GLN B 323 33.17 -12.67 66.76
C GLN B 323 33.52 -11.50 67.67
N MET B 324 34.48 -11.71 68.56
CA MET B 324 34.89 -10.69 69.52
C MET B 324 35.47 -9.42 68.91
N GLU B 325 36.31 -9.58 67.88
CA GLU B 325 36.93 -8.42 67.25
C GLU B 325 36.24 -8.01 65.95
N ARG B 326 35.77 -6.77 65.91
CA ARG B 326 35.10 -6.26 64.71
C ARG B 326 36.15 -5.77 63.72
N PRO B 327 36.18 -6.38 62.52
CA PRO B 327 37.14 -6.04 61.47
C PRO B 327 36.61 -4.94 60.57
N GLU B 328 37.42 -4.48 59.63
CA GLU B 328 37.03 -3.43 58.69
C GLU B 328 37.97 -3.49 57.50
N VAL B 329 37.77 -2.55 56.57
CA VAL B 329 38.60 -2.44 55.38
C VAL B 329 39.08 -1.00 55.25
N PRO B 330 40.03 -0.55 56.08
CA PRO B 330 40.53 0.84 55.94
C PRO B 330 41.13 1.10 54.58
N MET B 331 41.81 0.13 54.00
CA MET B 331 42.31 0.25 52.64
C MET B 331 41.18 0.06 51.65
N HIS B 332 41.32 0.69 50.48
CA HIS B 332 40.30 0.58 49.45
C HIS B 332 40.19 -0.86 48.97
N THR B 333 38.95 -1.32 48.79
CA THR B 333 38.70 -2.69 48.35
C THR B 333 39.11 -2.84 46.88
N LEU B 334 38.92 -4.04 46.34
CA LEU B 334 39.36 -4.30 44.95
C LEU B 334 38.40 -4.07 43.76
N HIS B 335 37.23 -3.47 43.99
CA HIS B 335 36.27 -3.28 42.89
C HIS B 335 36.80 -2.38 41.75
N PRO B 336 37.47 -1.28 42.12
CA PRO B 336 38.03 -0.37 41.10
C PRO B 336 39.07 -1.11 40.27
N PHE B 337 39.90 -1.92 40.93
CA PHE B 337 40.93 -2.70 40.26
C PHE B 337 40.30 -3.71 39.31
N MET B 338 39.20 -4.31 39.77
CA MET B 338 38.44 -5.27 38.99
C MET B 338 37.90 -4.65 37.71
N VAL B 339 37.40 -3.42 37.82
CA VAL B 339 36.82 -2.71 36.67
C VAL B 339 37.82 -2.52 35.54
N ASN B 340 38.87 -1.75 35.79
CA ASN B 340 39.88 -1.50 34.79
C ASN B 340 40.92 -2.62 34.78
N VAL B 341 40.53 -3.79 34.28
CA VAL B 341 41.42 -4.94 34.23
C VAL B 341 41.63 -5.48 32.82
N THR B 342 42.89 -5.62 32.43
CA THR B 342 43.23 -6.17 31.11
C THR B 342 44.19 -7.34 31.31
N TRP B 343 43.91 -8.45 30.65
CA TRP B 343 44.77 -9.64 30.78
C TRP B 343 44.83 -10.49 29.52
N ASP B 344 46.04 -10.81 29.09
CA ASP B 344 46.27 -11.63 27.90
C ASP B 344 45.49 -11.10 26.70
N GLY B 345 45.48 -9.78 26.55
CA GLY B 345 44.78 -9.17 25.42
C GLY B 345 43.30 -8.96 25.59
N LYS B 346 42.57 -10.01 25.98
CA LYS B 346 41.13 -9.90 26.18
C LYS B 346 40.82 -8.96 27.35
N ASP B 347 39.71 -8.25 27.25
CA ASP B 347 39.28 -7.30 28.26
C ASP B 347 38.23 -7.97 29.13
N LEU B 348 38.69 -8.58 30.23
CA LEU B 348 37.79 -9.25 31.18
C LEU B 348 37.34 -8.30 32.29
N SER B 349 36.81 -7.15 31.89
CA SER B 349 36.36 -6.16 32.86
C SER B 349 35.05 -6.59 33.50
N PHE B 350 34.69 -5.91 34.59
CA PHE B 350 33.45 -6.16 35.30
C PHE B 350 32.68 -4.86 35.45
N THR B 351 31.37 -4.93 35.27
CA THR B 351 30.53 -3.74 35.35
C THR B 351 30.43 -3.26 36.80
N GLU B 352 29.86 -2.06 36.95
CA GLU B 352 29.66 -1.51 38.29
C GLU B 352 28.69 -2.38 39.10
N GLU B 353 27.65 -2.90 38.44
CA GLU B 353 26.71 -3.78 39.13
C GLU B 353 27.39 -5.06 39.60
N GLY B 354 28.27 -5.62 38.78
CA GLY B 354 28.98 -6.83 39.15
C GLY B 354 28.94 -7.90 38.08
N TYR B 355 28.46 -7.54 36.89
CA TYR B 355 28.38 -8.46 35.77
C TYR B 355 29.59 -8.27 34.85
N GLN B 356 29.94 -9.34 34.13
CA GLN B 356 31.04 -9.27 33.19
C GLN B 356 30.68 -8.37 32.02
N VAL B 357 31.59 -7.47 31.66
CA VAL B 357 31.31 -6.52 30.58
C VAL B 357 31.26 -7.24 29.25
N HIS B 358 32.11 -8.25 29.04
CA HIS B 358 32.21 -8.97 27.79
C HIS B 358 32.01 -10.46 28.05
N PRO B 359 30.76 -10.91 28.23
CA PRO B 359 30.50 -12.33 28.41
C PRO B 359 30.62 -13.09 27.10
N ARG B 360 30.57 -14.41 27.20
CA ARG B 360 30.69 -15.25 26.00
C ARG B 360 29.37 -15.35 25.25
N LEU B 361 28.33 -15.85 25.92
CA LEU B 361 26.95 -15.79 25.42
C LEU B 361 26.83 -16.36 24.01
N VAL B 362 27.14 -17.64 23.89
CA VAL B 362 26.99 -18.36 22.62
C VAL B 362 25.51 -18.64 22.37
N VAL B 363 25.07 -18.38 21.14
CA VAL B 363 23.72 -18.70 20.70
C VAL B 363 23.68 -20.14 20.23
N ILE B 364 22.63 -20.86 20.61
CA ILE B 364 22.46 -22.27 20.26
C ILE B 364 21.05 -22.47 19.73
N VAL B 365 20.88 -23.56 18.99
CA VAL B 365 19.58 -23.91 18.42
C VAL B 365 19.41 -25.42 18.50
N LEU B 366 18.20 -25.86 18.79
CA LEU B 366 17.89 -27.29 18.85
C LEU B 366 17.88 -27.84 17.43
N ASN B 367 18.94 -28.58 17.08
CA ASN B 367 19.10 -29.10 15.73
C ASN B 367 18.02 -30.15 15.43
N LYS B 368 17.84 -30.43 14.14
CA LYS B 368 16.88 -31.46 13.73
C LYS B 368 17.23 -32.83 14.30
N ASP B 369 18.49 -33.05 14.68
CA ASP B 369 18.90 -34.28 15.36
C ASP B 369 18.75 -34.17 16.88
N ARG B 370 18.14 -33.10 17.37
CA ARG B 370 17.92 -32.87 18.79
C ARG B 370 19.25 -32.83 19.55
N GLU B 371 20.06 -31.84 19.20
CA GLU B 371 21.34 -31.61 19.86
C GLU B 371 21.69 -30.14 19.69
N TRP B 372 21.91 -29.45 20.81
CA TRP B 372 22.23 -28.03 20.75
C TRP B 372 23.54 -27.81 20.01
N GLU B 373 23.54 -26.83 19.10
CA GLU B 373 24.73 -26.51 18.32
C GLU B 373 24.86 -24.99 18.23
N LYS B 374 26.11 -24.53 18.16
CA LYS B 374 26.38 -23.10 18.11
C LYS B 374 26.01 -22.54 16.74
N VAL B 375 25.32 -21.40 16.75
CA VAL B 375 25.00 -20.69 15.51
C VAL B 375 25.40 -19.23 15.64
N GLY B 376 26.33 -18.96 16.56
CA GLY B 376 26.79 -17.60 16.77
C GLY B 376 27.32 -17.40 18.16
N LYS B 377 28.48 -16.76 18.25
CA LYS B 377 29.12 -16.49 19.52
C LYS B 377 29.10 -15.00 19.74
N TRP B 378 28.74 -14.56 20.94
CA TRP B 378 28.69 -13.14 21.21
C TRP B 378 30.09 -12.59 21.01
N GLU B 379 30.17 -11.51 20.24
CA GLU B 379 31.43 -10.86 19.92
C GLU B 379 31.71 -9.73 20.90
N ASN B 380 32.64 -8.87 20.50
CA ASN B 380 33.01 -7.67 21.25
C ASN B 380 31.72 -6.96 21.59
N HIS B 381 30.92 -6.69 20.57
CA HIS B 381 29.62 -6.05 20.75
C HIS B 381 28.75 -6.30 19.53
N THR B 382 29.02 -7.42 18.86
CA THR B 382 28.29 -7.81 17.66
C THR B 382 27.78 -9.25 17.77
N LEU B 383 26.64 -9.52 17.15
CA LEU B 383 26.05 -10.86 17.20
C LEU B 383 26.92 -11.93 16.54
N SER B 384 27.53 -11.60 15.41
CA SER B 384 28.40 -12.52 14.67
C SER B 384 27.70 -13.84 14.35
N LEU B 385 26.45 -13.76 13.88
CA LEU B 385 25.67 -14.94 13.55
C LEU B 385 26.30 -15.75 12.41
N ARG B 386 26.20 -17.07 12.51
CA ARG B 386 26.76 -17.97 11.51
C ARG B 386 25.87 -18.17 10.29
N HIS B 387 24.56 -18.16 10.50
CA HIS B 387 23.61 -18.36 9.40
C HIS B 387 23.07 -17.00 8.97
N ALA B 388 23.43 -16.58 7.76
CA ALA B 388 22.96 -15.30 7.23
C ALA B 388 21.49 -15.38 6.91
N VAL B 389 21.08 -16.58 6.48
CA VAL B 389 19.69 -16.85 6.15
C VAL B 389 19.22 -17.90 7.12
N TRP B 390 18.05 -17.70 7.71
CA TRP B 390 17.52 -18.66 8.67
C TRP B 390 17.41 -20.04 8.05
N PRO B 391 17.78 -21.06 8.82
CA PRO B 391 17.78 -22.49 8.48
C PRO B 391 16.37 -23.03 8.21
N ARG B 392 15.38 -22.44 8.88
CA ARG B 392 13.96 -22.81 8.79
C ARG B 392 13.77 -24.24 9.29
N TYR B 393 14.32 -24.46 10.48
CA TYR B 393 14.26 -25.75 11.16
C TYR B 393 12.85 -26.30 11.32
N LYS B 394 12.72 -27.60 11.08
CA LYS B 394 11.44 -28.29 11.17
C LYS B 394 11.19 -28.72 12.61
N SER B 395 9.98 -28.43 13.09
CA SER B 395 9.56 -28.84 14.43
C SER B 395 9.17 -30.31 14.41
N PHE B 396 8.44 -30.75 15.44
CA PHE B 396 8.03 -32.14 15.57
C PHE B 396 7.57 -32.73 14.24
N SER B 397 7.93 -33.99 14.00
CA SER B 397 7.80 -34.63 12.69
C SER B 397 6.38 -34.61 12.14
N ASP B 398 5.37 -34.29 12.95
CA ASP B 398 4.00 -34.25 12.47
C ASP B 398 3.65 -32.96 11.75
N CYS B 399 4.56 -31.98 11.72
CA CYS B 399 4.26 -30.69 11.12
C CYS B 399 4.19 -30.79 9.60
N GLU B 400 3.38 -29.91 9.01
CA GLU B 400 3.21 -29.87 7.57
C GLU B 400 4.46 -29.29 6.89
N PRO B 401 4.62 -29.57 5.60
CA PRO B 401 5.75 -29.04 4.81
C PRO B 401 5.49 -27.58 4.43
N ASP B 402 6.52 -26.88 3.94
CA ASP B 402 6.33 -25.48 3.60
C ASP B 402 5.87 -25.30 2.15
N ASP B 403 4.61 -24.91 1.99
CA ASP B 403 4.03 -24.69 0.67
C ASP B 403 3.90 -23.21 0.34
N ASN B 404 4.39 -22.35 1.21
CA ASN B 404 4.30 -20.91 0.99
C ASN B 404 5.67 -20.25 0.96
N HIS B 405 6.64 -20.87 1.62
CA HIS B 405 8.00 -20.34 1.65
C HIS B 405 8.75 -20.75 0.39
N LEU B 406 9.36 -19.77 -0.28
CA LEU B 406 10.07 -20.00 -1.52
C LEU B 406 11.46 -19.40 -1.45
N SER B 407 12.37 -19.96 -2.25
CA SER B 407 13.72 -19.45 -2.40
C SER B 407 13.84 -18.84 -3.80
N ILE B 408 14.27 -17.59 -3.86
CA ILE B 408 14.27 -16.82 -5.10
C ILE B 408 15.67 -16.31 -5.37
N VAL B 409 16.15 -16.53 -6.59
CA VAL B 409 17.49 -16.14 -7.01
C VAL B 409 17.38 -14.88 -7.87
N THR B 410 18.39 -14.01 -7.78
CA THR B 410 18.36 -12.71 -8.42
C THR B 410 19.76 -12.31 -8.83
N LEU B 411 19.85 -11.40 -9.81
CA LEU B 411 21.10 -10.77 -10.21
C LEU B 411 21.03 -9.28 -9.94
N GLU B 412 22.06 -8.75 -9.26
CA GLU B 412 22.09 -7.35 -8.87
C GLU B 412 22.90 -6.51 -9.86
N GLU B 413 22.47 -6.55 -11.12
CA GLU B 413 23.13 -5.80 -12.19
C GLU B 413 22.25 -4.72 -12.79
N ALA B 414 21.05 -5.08 -13.23
CA ALA B 414 20.18 -4.12 -13.89
C ALA B 414 19.59 -3.15 -12.86
N PRO B 415 19.10 -1.99 -13.32
CA PRO B 415 18.40 -1.07 -12.40
C PRO B 415 17.11 -1.65 -11.84
N PHE B 416 16.66 -2.81 -12.33
CA PHE B 416 15.47 -3.44 -11.78
C PHE B 416 15.75 -4.07 -10.42
N VAL B 417 17.01 -4.44 -10.16
CA VAL B 417 17.42 -4.97 -8.86
C VAL B 417 18.79 -4.37 -8.54
N ILE B 418 18.85 -3.49 -7.54
CA ILE B 418 20.07 -2.84 -7.13
C ILE B 418 20.27 -3.07 -5.64
N VAL B 419 21.50 -3.41 -5.25
CA VAL B 419 21.81 -3.69 -3.85
C VAL B 419 22.23 -2.40 -3.16
N GLU B 420 22.12 -2.41 -1.83
CA GLU B 420 22.53 -1.29 -1.00
C GLU B 420 22.82 -1.80 0.40
N ASP B 421 23.88 -1.26 1.00
CA ASP B 421 24.23 -1.67 2.36
C ASP B 421 23.17 -1.23 3.34
N ILE B 422 23.11 -1.94 4.48
CA ILE B 422 22.12 -1.61 5.49
C ILE B 422 22.39 -0.21 6.05
N ASP B 423 21.32 0.47 6.45
CA ASP B 423 21.43 1.83 6.92
C ASP B 423 22.23 1.89 8.22
N PRO B 424 22.99 2.96 8.45
CA PRO B 424 23.75 3.05 9.72
C PRO B 424 22.85 3.09 10.94
N LEU B 425 21.91 4.03 10.98
CA LEU B 425 20.95 4.09 12.09
C LEU B 425 19.87 3.03 11.89
N THR B 426 19.62 2.23 12.93
CA THR B 426 18.65 1.15 12.88
C THR B 426 18.97 0.18 11.73
N GLU B 427 20.12 -0.48 11.86
CA GLU B 427 20.65 -1.29 10.78
C GLU B 427 19.67 -2.37 10.36
N THR B 428 19.07 -2.20 9.18
CA THR B 428 18.07 -3.10 8.62
C THR B 428 17.67 -2.63 7.24
N CYS B 429 16.77 -3.36 6.58
CA CYS B 429 16.15 -2.91 5.34
C CYS B 429 14.98 -2.01 5.73
N VAL B 430 15.12 -0.71 5.45
CA VAL B 430 14.34 0.29 6.18
C VAL B 430 12.95 0.46 5.57
N ARG B 431 12.87 0.93 4.33
CA ARG B 431 11.61 1.42 3.78
C ARG B 431 11.09 0.58 2.62
N ASN B 432 11.87 0.43 1.56
CA ASN B 432 11.43 -0.31 0.38
C ASN B 432 12.36 -1.44 -0.01
N THR B 433 13.47 -1.63 0.71
CA THR B 433 14.39 -2.70 0.40
C THR B 433 13.95 -4.00 1.07
N VAL B 434 14.65 -5.08 0.72
CA VAL B 434 14.30 -6.42 1.19
C VAL B 434 15.57 -7.12 1.64
N PRO B 435 15.55 -7.90 2.71
CA PRO B 435 16.73 -8.71 3.06
C PRO B 435 17.16 -9.56 1.89
N CYS B 436 18.45 -9.49 1.56
CA CYS B 436 18.93 -9.92 0.25
C CYS B 436 20.40 -10.29 0.40
N ARG B 437 20.68 -11.59 0.52
CA ARG B 437 22.02 -12.04 0.89
C ARG B 437 22.85 -12.37 -0.34
N LYS B 438 24.06 -11.85 -0.37
CA LYS B 438 25.05 -12.15 -1.39
C LYS B 438 26.13 -13.06 -0.82
N PHE B 439 26.86 -13.72 -1.71
CA PHE B 439 27.94 -14.65 -1.35
C PHE B 439 29.25 -13.99 -1.72
N VAL B 440 29.86 -13.28 -0.77
CA VAL B 440 31.07 -12.51 -1.02
C VAL B 440 32.27 -13.35 -0.63
N LYS B 441 33.24 -13.46 -1.55
CA LYS B 441 34.45 -14.22 -1.27
C LYS B 441 35.29 -13.50 -0.23
N ILE B 442 35.74 -14.24 0.79
CA ILE B 442 36.55 -13.66 1.85
C ILE B 442 37.92 -13.29 1.30
N ASN B 443 38.36 -12.06 1.61
CA ASN B 443 39.65 -11.53 1.13
C ASN B 443 39.63 -11.54 -0.40
N ASN B 444 40.78 -11.77 -1.02
CA ASN B 444 40.88 -11.83 -2.48
C ASN B 444 41.26 -13.23 -2.96
N SER B 445 42.37 -13.78 -2.47
CA SER B 445 42.80 -15.11 -2.89
C SER B 445 42.24 -16.23 -2.02
N THR B 446 41.65 -15.90 -0.88
CA THR B 446 41.11 -16.92 0.00
C THR B 446 39.85 -17.54 -0.60
N ASN B 447 39.79 -18.87 -0.57
CA ASN B 447 38.64 -19.59 -1.10
C ASN B 447 37.41 -19.50 -0.21
N GLU B 448 37.56 -19.00 1.02
CA GLU B 448 36.42 -18.89 1.91
C GLU B 448 35.40 -17.90 1.39
N GLY B 449 34.12 -18.23 1.56
CA GLY B 449 33.04 -17.36 1.14
C GLY B 449 32.01 -17.13 2.23
N MET B 450 31.72 -15.86 2.49
CA MET B 450 30.78 -15.50 3.54
C MET B 450 29.47 -14.94 2.98
N ASN B 451 28.36 -15.43 3.51
CA ASN B 451 27.03 -14.97 3.09
C ASN B 451 26.72 -13.69 3.85
N VAL B 452 26.86 -12.57 3.18
CA VAL B 452 26.58 -11.26 3.77
C VAL B 452 25.14 -10.88 3.46
N LYS B 453 24.46 -10.26 4.43
CA LYS B 453 23.08 -9.85 4.26
C LYS B 453 23.05 -8.39 3.79
N LYS B 454 22.42 -8.16 2.65
CA LYS B 454 22.29 -6.84 2.07
C LYS B 454 20.82 -6.52 1.82
N CYS B 455 20.55 -5.26 1.50
CA CYS B 455 19.20 -4.80 1.19
C CYS B 455 19.16 -4.41 -0.29
N CYS B 456 18.56 -5.26 -1.11
CA CYS B 456 18.47 -5.03 -2.55
C CYS B 456 17.04 -4.63 -2.92
N LYS B 457 16.91 -3.57 -3.71
CA LYS B 457 15.64 -3.01 -4.11
C LYS B 457 15.63 -2.79 -5.62
N GLY B 458 14.52 -2.29 -6.13
CA GLY B 458 14.39 -1.94 -7.53
C GLY B 458 13.00 -2.26 -8.04
N PHE B 459 12.87 -2.20 -9.37
CA PHE B 459 11.59 -2.48 -10.01
C PHE B 459 11.15 -3.92 -9.79
N CYS B 460 12.04 -4.88 -10.08
CA CYS B 460 11.70 -6.28 -9.89
C CYS B 460 11.46 -6.62 -8.42
N ILE B 461 12.13 -5.91 -7.51
CA ILE B 461 11.89 -6.14 -6.09
C ILE B 461 10.50 -5.67 -5.68
N ASP B 462 10.07 -4.53 -6.22
CA ASP B 462 8.70 -4.08 -5.98
C ASP B 462 7.69 -5.04 -6.58
N ILE B 463 7.99 -5.59 -7.76
CA ILE B 463 7.12 -6.59 -8.36
C ILE B 463 7.03 -7.83 -7.46
N LEU B 464 8.17 -8.26 -6.92
CA LEU B 464 8.17 -9.41 -6.02
C LEU B 464 7.37 -9.14 -4.76
N LYS B 465 7.52 -7.93 -4.21
CA LYS B 465 6.82 -7.56 -3.01
C LYS B 465 5.33 -7.57 -3.26
N LYS B 466 4.91 -6.97 -4.38
CA LYS B 466 3.50 -6.93 -4.75
C LYS B 466 2.98 -8.34 -4.98
N LEU B 467 3.78 -9.17 -5.63
CA LEU B 467 3.38 -10.55 -5.90
C LEU B 467 3.18 -11.33 -4.61
N SER B 468 4.09 -11.14 -3.66
CA SER B 468 4.00 -11.83 -2.38
C SER B 468 2.73 -11.41 -1.64
N ARG B 469 2.43 -10.12 -1.70
CA ARG B 469 1.26 -9.57 -1.03
C ARG B 469 -0.02 -10.16 -1.61
N THR B 470 -0.06 -10.31 -2.93
CA THR B 470 -1.23 -10.85 -3.61
C THR B 470 -1.29 -12.36 -3.56
N VAL B 471 -0.23 -13.03 -4.00
CA VAL B 471 -0.23 -14.49 -3.97
C VAL B 471 -0.11 -15.05 -2.57
N LYS B 472 0.26 -14.21 -1.59
CA LYS B 472 0.33 -14.60 -0.18
C LYS B 472 1.32 -15.74 0.03
N PHE B 473 2.60 -15.46 -0.25
CA PHE B 473 3.67 -16.40 0.00
C PHE B 473 4.84 -15.66 0.63
N THR B 474 5.79 -16.43 1.16
CA THR B 474 7.00 -15.88 1.77
C THR B 474 8.20 -16.30 0.91
N TYR B 475 9.21 -15.44 0.86
CA TYR B 475 10.36 -15.64 0.00
C TYR B 475 11.64 -15.39 0.78
N ASP B 476 12.73 -16.01 0.30
CA ASP B 476 14.07 -15.85 0.87
C ASP B 476 14.99 -15.42 -0.27
N LEU B 477 15.08 -14.12 -0.49
CA LEU B 477 15.86 -13.59 -1.60
C LEU B 477 17.35 -13.84 -1.41
N TYR B 478 18.03 -14.11 -2.51
CA TYR B 478 19.48 -14.28 -2.49
C TYR B 478 20.02 -14.10 -3.90
N LEU B 479 21.15 -13.38 -3.99
CA LEU B 479 21.77 -13.13 -5.29
C LEU B 479 22.50 -14.37 -5.79
N VAL B 480 22.72 -14.40 -7.09
CA VAL B 480 23.44 -15.50 -7.73
C VAL B 480 24.92 -15.16 -7.77
N THR B 481 25.76 -16.19 -7.64
CA THR B 481 27.20 -16.03 -7.68
C THR B 481 27.85 -16.56 -8.94
N ASN B 482 27.30 -17.63 -9.52
CA ASN B 482 27.91 -18.29 -10.68
C ASN B 482 27.43 -17.60 -11.96
N GLY B 483 28.05 -16.48 -12.27
CA GLY B 483 27.86 -15.85 -13.56
C GLY B 483 26.66 -14.92 -13.66
N LYS B 484 26.35 -14.58 -14.90
CA LYS B 484 25.29 -13.64 -15.24
C LYS B 484 23.97 -14.40 -15.36
N HIS B 485 22.95 -13.75 -15.97
CA HIS B 485 21.60 -14.29 -16.10
C HIS B 485 21.56 -15.77 -16.47
N GLY B 486 22.44 -16.20 -17.37
CA GLY B 486 22.52 -17.61 -17.69
C GLY B 486 22.89 -17.93 -19.12
N LYS B 487 23.77 -18.90 -19.30
CA LYS B 487 24.17 -19.36 -20.62
C LYS B 487 24.47 -20.85 -20.56
N LYS B 488 24.11 -21.57 -21.62
CA LYS B 488 24.36 -23.00 -21.68
C LYS B 488 25.83 -23.25 -21.98
N VAL B 489 26.58 -23.68 -20.96
CA VAL B 489 28.01 -23.95 -21.09
C VAL B 489 28.22 -25.45 -20.95
N ASN B 490 28.70 -26.08 -22.02
CA ASN B 490 28.97 -27.52 -22.06
C ASN B 490 27.74 -28.31 -21.63
N ASN B 491 26.57 -27.93 -22.17
CA ASN B 491 25.28 -28.56 -21.86
C ASN B 491 24.91 -28.43 -20.39
N VAL B 492 25.56 -27.53 -19.66
CA VAL B 492 25.27 -27.27 -18.26
C VAL B 492 24.84 -25.82 -18.13
N TRP B 493 23.66 -25.60 -17.56
CA TRP B 493 23.12 -24.26 -17.44
C TRP B 493 23.80 -23.50 -16.31
N ASN B 494 24.01 -22.20 -16.54
CA ASN B 494 24.71 -21.34 -15.59
C ASN B 494 23.76 -20.24 -15.11
N GLY B 495 24.20 -19.52 -14.08
CA GLY B 495 23.45 -18.38 -13.58
C GLY B 495 22.16 -18.78 -12.90
N MET B 496 21.24 -17.82 -12.79
CA MET B 496 19.97 -18.08 -12.14
C MET B 496 19.13 -19.08 -12.91
N ILE B 497 19.30 -19.15 -14.24
CA ILE B 497 18.63 -20.20 -14.99
C ILE B 497 19.13 -21.57 -14.54
N GLY B 498 20.44 -21.72 -14.34
CA GLY B 498 20.97 -22.94 -13.79
C GLY B 498 20.46 -23.22 -12.38
N GLU B 499 20.32 -22.17 -11.58
CA GLU B 499 19.79 -22.33 -10.23
C GLU B 499 18.36 -22.88 -10.27
N VAL B 500 17.54 -22.34 -11.17
CA VAL B 500 16.15 -22.78 -11.28
C VAL B 500 16.07 -24.20 -11.83
N VAL B 501 16.91 -24.52 -12.82
CA VAL B 501 16.88 -25.85 -13.43
C VAL B 501 17.24 -26.92 -12.41
N TYR B 502 18.27 -26.68 -11.60
CA TYR B 502 18.77 -27.67 -10.66
C TYR B 502 18.03 -27.63 -9.32
N GLN B 503 16.82 -27.10 -9.30
CA GLN B 503 15.95 -27.07 -8.12
C GLN B 503 16.54 -26.30 -6.95
N ARG B 504 17.63 -25.56 -7.17
CA ARG B 504 18.19 -24.73 -6.10
C ARG B 504 17.27 -23.58 -5.73
N ALA B 505 16.41 -23.15 -6.65
CA ALA B 505 15.42 -22.12 -6.37
C ALA B 505 14.19 -22.40 -7.21
N VAL B 506 13.05 -21.89 -6.73
CA VAL B 506 11.78 -22.08 -7.42
C VAL B 506 11.33 -20.82 -8.17
N MET B 507 12.15 -19.78 -8.16
CA MET B 507 11.80 -18.53 -8.82
C MET B 507 13.08 -17.76 -9.12
N ALA B 508 13.06 -16.99 -10.21
CA ALA B 508 14.20 -16.15 -10.59
C ALA B 508 13.63 -14.80 -11.05
N VAL B 509 13.52 -13.87 -10.11
CA VAL B 509 13.02 -12.53 -10.40
C VAL B 509 14.18 -11.67 -10.85
N GLY B 510 14.00 -10.97 -11.96
CA GLY B 510 15.05 -10.10 -12.46
C GLY B 510 14.88 -9.85 -13.95
N SER B 511 16.01 -9.59 -14.61
CA SER B 511 16.03 -9.30 -16.04
C SER B 511 16.38 -10.59 -16.77
N LEU B 512 15.37 -11.23 -17.35
CA LEU B 512 15.54 -12.50 -18.08
C LEU B 512 14.88 -12.35 -19.44
N THR B 513 15.68 -12.09 -20.47
CA THR B 513 15.14 -12.00 -21.81
C THR B 513 14.50 -13.32 -22.22
N ILE B 514 13.29 -13.25 -22.76
CA ILE B 514 12.58 -14.45 -23.17
C ILE B 514 13.22 -15.00 -24.43
N ASN B 515 13.55 -16.30 -24.41
CA ASN B 515 14.21 -16.95 -25.53
C ASN B 515 13.63 -18.34 -25.72
N GLU B 516 13.85 -18.88 -26.92
CA GLU B 516 13.52 -20.27 -27.19
C GLU B 516 14.45 -21.25 -26.47
N GLU B 517 15.59 -20.77 -25.97
CA GLU B 517 16.50 -21.63 -25.22
C GLU B 517 16.08 -21.74 -23.76
N ARG B 518 15.74 -20.61 -23.13
CA ARG B 518 15.23 -20.65 -21.77
C ARG B 518 13.93 -21.45 -21.69
N SER B 519 12.98 -21.15 -22.59
CA SER B 519 11.69 -21.81 -22.55
C SER B 519 11.78 -23.29 -22.84
N GLU B 520 12.87 -23.74 -23.47
CA GLU B 520 13.04 -25.17 -23.75
C GLU B 520 13.34 -25.98 -22.50
N VAL B 521 13.71 -25.34 -21.39
CA VAL B 521 14.03 -26.05 -20.16
C VAL B 521 13.08 -25.58 -19.06
N VAL B 522 13.14 -24.30 -18.72
CA VAL B 522 12.26 -23.72 -17.73
C VAL B 522 11.02 -23.17 -18.43
N ASP B 523 9.96 -22.96 -17.65
CA ASP B 523 8.77 -22.28 -18.11
C ASP B 523 8.50 -21.11 -17.18
N PHE B 524 8.10 -19.98 -17.74
CA PHE B 524 7.93 -18.76 -16.96
C PHE B 524 6.76 -17.94 -17.48
N SER B 525 6.31 -17.03 -16.63
CA SER B 525 5.04 -16.35 -16.80
C SER B 525 5.12 -15.30 -17.91
N VAL B 526 4.02 -14.58 -18.10
CA VAL B 526 3.91 -13.57 -19.14
C VAL B 526 4.86 -12.42 -18.84
N PRO B 527 5.44 -11.76 -19.85
CA PRO B 527 6.33 -10.64 -19.58
C PRO B 527 5.60 -9.47 -18.93
N PHE B 528 6.33 -8.75 -18.08
CA PHE B 528 5.82 -7.52 -17.48
C PHE B 528 6.56 -6.28 -17.93
N VAL B 529 7.64 -6.42 -18.70
CA VAL B 529 8.38 -5.28 -19.24
C VAL B 529 8.78 -5.63 -20.67
N GLU B 530 8.36 -4.80 -21.62
CA GLU B 530 8.78 -4.99 -23.00
C GLU B 530 10.26 -4.66 -23.16
N THR B 531 10.97 -5.47 -23.94
CA THR B 531 12.40 -5.31 -24.10
C THR B 531 12.82 -5.96 -25.42
N GLY B 532 14.11 -5.96 -25.67
CA GLY B 532 14.64 -6.58 -26.88
C GLY B 532 16.02 -6.04 -27.19
N ILE B 533 16.53 -6.48 -28.34
CA ILE B 533 17.83 -6.01 -28.80
C ILE B 533 17.70 -4.58 -29.29
N SER B 534 18.65 -3.72 -28.91
CA SER B 534 18.63 -2.34 -29.37
C SER B 534 20.06 -1.82 -29.41
N VAL B 535 20.24 -0.76 -30.21
CA VAL B 535 21.54 -0.18 -30.48
C VAL B 535 21.59 1.22 -29.87
N MET B 536 22.72 1.52 -29.23
CA MET B 536 22.94 2.81 -28.58
C MET B 536 24.21 3.43 -29.16
N VAL B 537 24.11 4.70 -29.57
CA VAL B 537 25.23 5.41 -30.16
C VAL B 537 25.31 6.79 -29.53
N SER B 538 26.53 7.35 -29.49
CA SER B 538 26.76 8.67 -28.94
C SER B 538 26.96 9.66 -30.08
N ARG B 539 26.26 10.79 -30.01
CA ARG B 539 26.39 11.81 -31.03
C ARG B 539 27.72 12.53 -30.89
N SER B 540 28.46 12.64 -32.01
CA SER B 540 29.73 13.35 -31.99
C SER B 540 29.53 14.82 -31.65
N ASN B 541 28.52 15.45 -32.23
CA ASN B 541 28.22 16.85 -31.97
C ASN B 541 26.74 17.08 -32.24
N GLY B 542 26.34 18.35 -32.24
CA GLY B 542 24.95 18.68 -32.50
C GLY B 542 24.53 18.42 -33.93
N THR B 543 23.22 18.34 -34.13
CA THR B 543 22.65 18.09 -35.45
C THR B 543 21.75 19.27 -35.82
N VAL B 544 22.09 19.92 -36.92
CA VAL B 544 21.32 21.07 -37.42
C VAL B 544 21.18 20.93 -38.93
N SER B 545 19.96 21.13 -39.43
CA SER B 545 19.70 21.05 -40.86
C SER B 545 19.47 22.45 -41.42
N PRO B 546 20.39 22.98 -42.23
CA PRO B 546 20.16 24.32 -42.82
C PRO B 546 18.93 24.38 -43.70
N SER B 547 18.62 23.30 -44.41
CA SER B 547 17.45 23.22 -45.28
C SER B 547 17.42 24.37 -46.29
N ALA B 548 18.54 24.54 -47.00
CA ALA B 548 18.63 25.57 -48.02
C ALA B 548 17.77 25.28 -49.25
N PHE B 549 17.30 24.04 -49.41
CA PHE B 549 16.46 23.66 -50.52
C PHE B 549 15.05 23.22 -50.12
N LEU B 550 14.79 23.09 -48.82
CA LEU B 550 13.47 22.67 -48.35
C LEU B 550 12.43 23.77 -48.44
N GLU B 551 12.82 25.00 -48.75
CA GLU B 551 11.88 26.10 -48.87
C GLU B 551 10.98 25.88 -50.09
N PRO B 552 9.79 26.48 -50.10
CA PRO B 552 8.88 26.33 -51.25
C PRO B 552 9.40 26.98 -52.53
N PHE B 553 10.60 27.55 -52.53
CA PHE B 553 11.15 28.16 -53.73
C PHE B 553 11.42 27.09 -54.79
N SER B 554 11.79 27.55 -55.98
CA SER B 554 12.01 26.68 -57.15
C SER B 554 10.78 25.84 -57.44
N ALA B 555 9.60 26.45 -57.35
CA ALA B 555 8.34 25.76 -57.59
C ALA B 555 7.44 26.59 -58.50
N SER B 556 6.19 26.17 -58.64
CA SER B 556 5.25 26.90 -59.49
C SER B 556 4.97 28.30 -58.95
N VAL B 557 4.95 28.44 -57.61
CA VAL B 557 4.67 29.74 -57.01
C VAL B 557 5.74 30.75 -57.38
N TRP B 558 7.01 30.34 -57.34
CA TRP B 558 8.09 31.25 -57.73
C TRP B 558 7.99 31.65 -59.19
N VAL B 559 7.71 30.69 -60.07
CA VAL B 559 7.54 31.02 -61.48
C VAL B 559 6.31 31.89 -61.69
N MET B 560 5.24 31.63 -60.94
CA MET B 560 4.03 32.44 -61.05
C MET B 560 4.30 33.88 -60.65
N MET B 561 5.01 34.09 -59.54
CA MET B 561 5.29 35.46 -59.14
C MET B 561 6.29 36.13 -60.08
N PHE B 562 7.22 35.37 -60.66
CA PHE B 562 8.15 35.94 -61.64
C PHE B 562 7.40 36.42 -62.87
N VAL B 563 6.50 35.59 -63.41
CA VAL B 563 5.75 36.01 -64.60
C VAL B 563 4.77 37.12 -64.26
N MET B 564 4.24 37.14 -63.02
CA MET B 564 3.39 38.25 -62.61
C MET B 564 4.19 39.55 -62.55
N LEU B 565 5.43 39.49 -62.05
CA LEU B 565 6.29 40.67 -62.05
C LEU B 565 6.58 41.13 -63.48
N LEU B 566 6.84 40.18 -64.38
CA LEU B 566 7.10 40.54 -65.77
C LEU B 566 5.88 41.21 -66.41
N ILE B 567 4.68 40.68 -66.15
CA ILE B 567 3.47 41.26 -66.70
C ILE B 567 3.22 42.65 -66.11
N VAL B 568 3.48 42.82 -64.81
CA VAL B 568 3.32 44.12 -64.18
C VAL B 568 4.29 45.13 -64.78
N SER B 569 5.53 44.71 -65.02
CA SER B 569 6.51 45.59 -65.65
C SER B 569 6.08 45.98 -67.06
N ALA B 570 5.55 45.02 -67.83
CA ALA B 570 5.08 45.32 -69.16
C ALA B 570 3.92 46.31 -69.12
N ILE B 571 2.99 46.12 -68.19
CA ILE B 571 1.86 47.04 -68.06
C ILE B 571 2.34 48.43 -67.66
N ALA B 572 3.33 48.50 -66.76
CA ALA B 572 3.87 49.79 -66.36
C ALA B 572 4.55 50.50 -67.53
N VAL B 573 5.29 49.75 -68.35
CA VAL B 573 5.91 50.34 -69.53
C VAL B 573 4.85 50.85 -70.50
N PHE B 574 3.78 50.06 -70.70
CA PHE B 574 2.70 50.48 -71.59
C PHE B 574 2.02 51.75 -71.08
N VAL B 575 1.80 51.83 -69.77
CA VAL B 575 1.19 53.02 -69.18
C VAL B 575 2.11 54.23 -69.34
N PHE B 576 3.41 54.05 -69.10
CA PHE B 576 4.35 55.15 -69.20
C PHE B 576 4.45 55.65 -70.64
N GLU B 577 4.41 54.75 -71.62
CA GLU B 577 4.47 55.14 -73.01
C GLU B 577 3.25 55.94 -73.44
N TYR B 578 2.15 55.84 -72.69
CA TYR B 578 0.93 56.58 -73.01
C TYR B 578 0.92 57.94 -72.30
N PHE B 599 13.22 52.25 -74.38
CA PHE B 599 14.34 52.20 -73.44
C PHE B 599 13.83 52.13 -72.00
N THR B 600 12.51 52.17 -71.85
CA THR B 600 11.89 52.13 -70.53
C THR B 600 11.47 50.72 -70.11
N ILE B 601 11.77 49.71 -70.91
CA ILE B 601 11.38 48.34 -70.55
C ILE B 601 12.37 47.75 -69.56
N GLY B 602 13.65 47.70 -69.94
CA GLY B 602 14.65 47.15 -69.05
C GLY B 602 14.82 47.94 -67.78
N LYS B 603 14.71 49.28 -67.88
CA LYS B 603 14.80 50.12 -66.69
C LYS B 603 13.65 49.83 -65.74
N ALA B 604 12.43 49.69 -66.26
CA ALA B 604 11.29 49.38 -65.41
C ALA B 604 11.44 47.99 -64.78
N ILE B 605 11.93 47.02 -65.56
CA ILE B 605 12.15 45.67 -65.02
C ILE B 605 13.17 45.71 -63.89
N TRP B 606 14.27 46.44 -64.09
CA TRP B 606 15.28 46.55 -63.03
C TRP B 606 14.72 47.24 -61.80
N LEU B 607 13.93 48.30 -61.98
CA LEU B 607 13.36 49.00 -60.84
C LEU B 607 12.39 48.12 -60.08
N LEU B 608 11.57 47.34 -60.79
CA LEU B 608 10.63 46.45 -60.12
C LEU B 608 11.37 45.33 -59.38
N TRP B 609 12.42 44.78 -59.98
CA TRP B 609 13.21 43.77 -59.29
C TRP B 609 13.84 44.35 -58.03
N GLY B 610 14.36 45.58 -58.11
CA GLY B 610 14.88 46.23 -56.92
C GLY B 610 13.82 46.43 -55.85
N LEU B 611 12.66 46.96 -56.25
CA LEU B 611 11.57 47.16 -55.30
C LEU B 611 11.17 45.86 -54.63
N VAL B 612 11.27 44.74 -55.36
CA VAL B 612 11.11 43.43 -54.74
C VAL B 612 12.21 43.17 -53.74
N PHE B 613 13.46 43.52 -54.09
CA PHE B 613 14.61 43.24 -53.24
C PHE B 613 14.94 44.41 -52.31
N ASN B 614 15.29 45.56 -52.87
CA ASN B 614 15.68 46.72 -52.07
C ASN B 614 15.50 47.98 -52.89
N ASN B 615 15.07 49.05 -52.24
CA ASN B 615 14.72 50.30 -52.91
C ASN B 615 15.94 51.12 -53.30
N SER B 616 17.13 50.54 -53.30
CA SER B 616 18.36 51.23 -53.68
C SER B 616 18.69 51.09 -55.16
N VAL B 617 17.68 50.87 -56.01
CA VAL B 617 17.90 50.70 -57.44
C VAL B 617 17.29 51.90 -58.17
N PRO B 618 18.14 52.86 -58.57
CA PRO B 618 17.70 54.07 -59.28
C PRO B 618 17.15 53.81 -60.67
N VAL B 619 15.84 53.82 -60.81
CA VAL B 619 15.19 53.59 -62.10
C VAL B 619 14.40 54.82 -62.54
N GLN B 620 14.70 55.31 -63.75
CA GLN B 620 14.02 56.46 -64.31
C GLN B 620 12.97 56.05 -65.34
N ASN B 621 12.74 54.75 -65.45
CA ASN B 621 11.80 54.21 -66.43
C ASN B 621 10.35 54.66 -66.24
N PRO B 622 9.87 54.72 -64.99
CA PRO B 622 8.48 55.12 -64.80
C PRO B 622 8.30 56.52 -64.22
N LYS B 623 7.62 57.39 -64.96
CA LYS B 623 7.33 58.74 -64.52
C LYS B 623 5.87 59.08 -64.79
N GLY B 624 4.96 58.47 -64.04
CA GLY B 624 3.54 58.70 -64.24
C GLY B 624 2.72 58.84 -62.97
N THR B 625 1.60 59.54 -63.08
CA THR B 625 0.70 59.73 -61.95
C THR B 625 0.04 58.42 -61.58
N THR B 626 -0.85 57.95 -62.45
CA THR B 626 -1.55 56.68 -62.24
C THR B 626 -0.55 55.56 -61.97
N SER B 627 0.65 55.70 -62.51
CA SER B 627 1.69 54.69 -62.34
C SER B 627 2.16 54.64 -60.90
N LYS B 628 2.20 55.80 -60.25
CA LYS B 628 2.64 55.89 -58.86
C LYS B 628 1.81 54.98 -57.96
N ILE B 629 0.49 54.95 -58.19
CA ILE B 629 -0.38 54.08 -57.39
C ILE B 629 -0.05 52.62 -57.65
N MET B 630 0.21 52.25 -58.91
CA MET B 630 0.58 50.89 -59.23
C MET B 630 1.90 50.51 -58.55
N VAL B 631 2.87 51.41 -58.57
CA VAL B 631 4.15 51.16 -57.91
C VAL B 631 3.96 51.02 -56.41
N SER B 632 3.07 51.84 -55.83
CA SER B 632 2.80 51.73 -54.40
C SER B 632 2.16 50.39 -54.05
N VAL B 633 1.23 49.93 -54.90
CA VAL B 633 0.60 48.63 -54.66
C VAL B 633 1.63 47.51 -54.76
N TRP B 634 2.51 47.59 -55.76
CA TRP B 634 3.57 46.58 -55.89
C TRP B 634 4.50 46.62 -54.68
N ALA B 635 4.83 47.81 -54.18
CA ALA B 635 5.67 47.92 -52.99
C ALA B 635 4.98 47.33 -51.77
N PHE B 636 3.67 47.55 -51.63
CA PHE B 636 2.91 46.95 -50.54
C PHE B 636 2.96 45.43 -50.62
N PHE B 637 2.78 44.89 -51.83
CA PHE B 637 2.85 43.44 -52.00
C PHE B 637 4.24 42.91 -51.65
N ALA B 638 5.28 43.62 -52.08
CA ALA B 638 6.65 43.22 -51.76
C ALA B 638 6.91 43.26 -50.26
N VAL B 639 6.42 44.30 -49.59
CA VAL B 639 6.60 44.41 -48.14
C VAL B 639 5.90 43.25 -47.43
N ILE B 640 4.68 42.92 -47.85
CA ILE B 640 3.96 41.80 -47.26
C ILE B 640 4.74 40.50 -47.50
N PHE B 641 5.26 40.32 -48.72
CA PHE B 641 6.00 39.10 -49.03
C PHE B 641 7.25 38.97 -48.18
N LEU B 642 8.00 40.06 -48.01
CA LEU B 642 9.21 40.01 -47.18
C LEU B 642 8.86 39.77 -45.71
N ALA B 643 7.79 40.39 -45.21
CA ALA B 643 7.38 40.13 -43.84
C ALA B 643 7.02 38.66 -43.64
N SER B 644 6.25 38.10 -44.57
CA SER B 644 5.90 36.68 -44.49
C SER B 644 7.14 35.80 -44.57
N TYR B 645 8.11 36.18 -45.41
CA TYR B 645 9.35 35.42 -45.53
C TYR B 645 10.12 35.42 -44.21
N THR B 646 10.25 36.60 -43.58
CA THR B 646 10.94 36.67 -42.31
C THR B 646 10.21 35.85 -41.24
N ALA B 647 8.89 35.91 -41.22
CA ALA B 647 8.13 35.11 -40.27
C ALA B 647 8.34 33.62 -40.50
N ASN B 648 8.38 33.21 -41.77
CA ASN B 648 8.60 31.80 -42.09
C ASN B 648 9.99 31.34 -41.67
N LEU B 649 11.01 32.16 -41.90
CA LEU B 649 12.35 31.82 -41.45
C LEU B 649 12.42 31.71 -39.93
N ALA B 650 11.77 32.64 -39.22
CA ALA B 650 11.75 32.55 -37.76
C ALA B 650 11.06 31.27 -37.29
N ALA B 651 9.90 30.96 -37.89
CA ALA B 651 9.16 29.76 -37.49
C ALA B 651 9.96 28.49 -37.76
N PHE B 652 10.67 28.45 -38.89
CA PHE B 652 11.51 27.28 -39.16
C PHE B 652 12.70 27.22 -38.21
N MET B 653 13.27 28.38 -37.85
CA MET B 653 14.36 28.41 -36.88
C MET B 653 13.90 28.04 -35.48
N ILE B 654 12.59 28.05 -35.21
CA ILE B 654 12.10 27.58 -33.92
C ILE B 654 12.46 26.11 -33.70
N GLN B 655 12.28 25.29 -34.74
CA GLN B 655 12.45 23.85 -34.62
C GLN B 655 13.77 23.39 -35.24
N GLU B 656 14.15 22.16 -34.92
CA GLU B 656 15.39 21.57 -35.42
C GLU B 656 15.18 20.06 -35.57
N GLU B 657 16.06 19.44 -36.36
CA GLU B 657 15.95 18.03 -36.69
C GLU B 657 17.14 17.26 -36.12
N PHE B 658 16.84 16.21 -35.35
CA PHE B 658 17.84 15.33 -34.75
C PHE B 658 17.38 13.88 -34.88
N VAL B 659 17.03 13.49 -36.11
CA VAL B 659 16.25 12.26 -36.32
C VAL B 659 16.99 11.03 -35.78
N ASP B 660 18.13 10.70 -36.38
CA ASP B 660 18.81 9.44 -36.05
C ASP B 660 20.20 9.46 -36.68
N GLN B 661 20.94 8.38 -36.45
CA GLN B 661 22.29 8.22 -36.97
C GLN B 661 22.43 7.02 -37.90
N VAL B 662 22.01 5.84 -37.48
CA VAL B 662 22.25 4.62 -38.24
C VAL B 662 20.97 3.94 -38.69
N THR B 663 19.83 4.18 -38.04
CA THR B 663 18.53 3.65 -38.43
C THR B 663 18.52 2.12 -38.48
N GLY B 664 18.75 1.52 -37.32
CA GLY B 664 18.53 0.09 -37.14
C GLY B 664 19.70 -0.77 -37.58
N LEU B 665 19.55 -2.08 -37.29
CA LEU B 665 20.56 -3.05 -37.67
C LEU B 665 20.57 -3.35 -39.16
N SER B 666 19.53 -2.94 -39.89
CA SER B 666 19.47 -3.19 -41.32
C SER B 666 20.45 -2.33 -42.12
N ASP B 667 21.09 -1.36 -41.48
CA ASP B 667 22.04 -0.50 -42.17
C ASP B 667 23.24 -1.29 -42.64
N LYS B 668 23.81 -0.87 -43.78
CA LYS B 668 24.95 -1.56 -44.36
C LYS B 668 26.19 -1.47 -43.49
N LYS B 669 26.22 -0.55 -42.51
CA LYS B 669 27.36 -0.45 -41.62
C LYS B 669 27.55 -1.72 -40.81
N PHE B 670 26.45 -2.30 -40.33
CA PHE B 670 26.55 -3.55 -39.58
C PHE B 670 26.87 -4.73 -40.51
N GLN B 671 26.35 -4.70 -41.74
CA GLN B 671 26.66 -5.74 -42.70
C GLN B 671 28.09 -5.61 -43.22
N ARG B 672 28.59 -4.39 -43.37
CA ARG B 672 29.95 -4.12 -43.83
C ARG B 672 30.64 -3.30 -42.75
N PRO B 673 31.32 -3.94 -41.79
CA PRO B 673 31.87 -3.22 -40.64
C PRO B 673 33.26 -2.63 -40.85
N HIS B 674 33.92 -2.93 -41.96
CA HIS B 674 35.28 -2.44 -42.21
C HIS B 674 35.41 -1.64 -43.50
N ASP B 675 34.61 -2.00 -44.50
CA ASP B 675 34.66 -1.36 -45.81
C ASP B 675 34.35 0.14 -45.86
N TYR B 676 33.58 0.66 -44.92
CA TYR B 676 33.26 2.09 -44.96
C TYR B 676 33.94 2.95 -43.91
N SER B 677 34.75 3.89 -44.39
CA SER B 677 35.46 4.85 -43.54
C SER B 677 36.26 4.18 -42.43
N PRO B 678 36.14 4.73 -41.21
CA PRO B 678 36.78 4.23 -39.99
C PRO B 678 36.07 2.96 -39.52
N PRO B 679 36.76 2.08 -38.80
CA PRO B 679 36.10 0.87 -38.34
C PRO B 679 34.93 1.19 -37.40
N PHE B 680 33.83 0.49 -37.56
CA PHE B 680 32.64 0.70 -36.72
C PHE B 680 32.53 -0.46 -35.75
N ARG B 681 32.95 -0.23 -34.51
CA ARG B 681 32.93 -1.28 -33.50
C ARG B 681 31.52 -1.54 -33.01
N PHE B 682 31.24 -2.81 -32.72
CA PHE B 682 29.94 -3.24 -32.21
C PHE B 682 30.12 -3.67 -30.76
N GLY B 683 29.77 -2.78 -29.83
CA GLY B 683 29.87 -3.11 -28.42
C GLY B 683 28.80 -4.09 -28.01
N THR B 684 29.18 -5.11 -27.25
CA THR B 684 28.24 -6.10 -26.76
C THR B 684 28.82 -6.73 -25.50
N VAL B 685 27.93 -7.35 -24.71
CA VAL B 685 28.29 -7.99 -23.46
C VAL B 685 28.00 -9.48 -23.59
N PRO B 686 28.96 -10.36 -23.29
CA PRO B 686 28.68 -11.80 -23.38
C PRO B 686 27.82 -12.31 -22.23
N ASN B 687 27.62 -13.62 -22.19
CA ASN B 687 26.86 -14.34 -21.17
C ASN B 687 25.36 -14.10 -21.31
N GLY B 688 24.97 -13.19 -22.21
CA GLY B 688 23.61 -12.74 -22.31
C GLY B 688 22.85 -13.40 -23.44
N SER B 689 21.62 -12.92 -23.65
CA SER B 689 20.81 -13.35 -24.78
C SER B 689 21.15 -12.59 -26.05
N THR B 690 21.66 -11.37 -25.93
CA THR B 690 22.06 -10.60 -27.11
C THR B 690 23.15 -11.33 -27.89
N GLU B 691 24.17 -11.83 -27.19
CA GLU B 691 25.23 -12.57 -27.87
C GLU B 691 24.69 -13.83 -28.52
N ARG B 692 23.83 -14.56 -27.81
CA ARG B 692 23.22 -15.76 -28.39
C ARG B 692 22.35 -15.42 -29.59
N ASN B 693 21.59 -14.32 -29.49
CA ASN B 693 20.72 -13.93 -30.60
C ASN B 693 21.54 -13.58 -31.84
N ILE B 694 22.60 -12.79 -31.68
CA ILE B 694 23.40 -12.42 -32.84
C ILE B 694 24.18 -13.63 -33.37
N ARG B 695 24.57 -14.56 -32.49
CA ARG B 695 25.24 -15.77 -32.96
C ARG B 695 24.29 -16.66 -33.74
N ASN B 696 23.01 -16.70 -33.37
CA ASN B 696 22.04 -17.51 -34.08
C ASN B 696 21.38 -16.79 -35.25
N ASN B 697 21.64 -15.50 -35.41
CA ASN B 697 21.06 -14.73 -36.52
C ASN B 697 22.10 -14.17 -37.47
N TYR B 698 23.21 -13.63 -36.96
CA TYR B 698 24.26 -13.05 -37.78
C TYR B 698 25.60 -13.65 -37.37
N PRO B 699 25.87 -14.89 -37.78
CA PRO B 699 27.17 -15.50 -37.41
C PRO B 699 28.37 -14.73 -37.92
N TYR B 700 28.26 -14.08 -39.07
CA TYR B 700 29.38 -13.27 -39.58
C TYR B 700 29.67 -12.10 -38.68
N MET B 701 28.63 -11.41 -38.20
CA MET B 701 28.85 -10.26 -37.32
C MET B 701 29.36 -10.68 -35.95
N HIS B 702 29.05 -11.91 -35.53
CA HIS B 702 29.52 -12.38 -34.23
C HIS B 702 31.04 -12.44 -34.17
N GLN B 703 31.67 -12.93 -35.24
CA GLN B 703 33.12 -13.03 -35.25
C GLN B 703 33.77 -11.65 -35.16
N TYR B 704 33.22 -10.67 -35.87
CA TYR B 704 33.76 -9.31 -35.80
C TYR B 704 33.54 -8.70 -34.43
N MET B 705 32.36 -8.91 -33.83
CA MET B 705 32.05 -8.31 -32.54
C MET B 705 32.77 -9.00 -31.39
N THR B 706 33.27 -10.23 -31.60
CA THR B 706 33.99 -10.93 -30.55
C THR B 706 35.21 -10.14 -30.10
N LYS B 707 35.87 -9.43 -31.03
CA LYS B 707 37.04 -8.63 -30.67
C LYS B 707 36.68 -7.46 -29.77
N PHE B 708 35.41 -7.07 -29.71
CA PHE B 708 34.97 -5.94 -28.89
C PHE B 708 34.02 -6.37 -27.77
N ASN B 709 34.01 -7.66 -27.42
CA ASN B 709 33.21 -8.15 -26.32
C ASN B 709 33.62 -7.46 -25.02
N GLN B 710 32.72 -6.66 -24.45
CA GLN B 710 33.05 -5.83 -23.30
C GLN B 710 32.65 -6.53 -22.01
N LYS B 711 32.71 -5.81 -20.88
CA LYS B 711 32.46 -6.40 -19.57
C LYS B 711 31.06 -6.11 -19.05
N GLY B 712 30.66 -4.84 -18.96
CA GLY B 712 29.39 -4.50 -18.37
C GLY B 712 28.78 -3.25 -18.99
N VAL B 713 27.55 -2.96 -18.55
CA VAL B 713 26.80 -1.83 -19.11
C VAL B 713 27.50 -0.51 -18.76
N GLU B 714 27.94 -0.37 -17.52
CA GLU B 714 28.63 0.86 -17.11
C GLU B 714 29.92 1.04 -17.89
N ASP B 715 30.67 -0.04 -18.09
CA ASP B 715 31.88 0.04 -18.90
C ASP B 715 31.56 0.41 -20.34
N ALA B 716 30.46 -0.12 -20.87
CA ALA B 716 30.06 0.23 -22.24
C ALA B 716 29.70 1.71 -22.34
N LEU B 717 28.98 2.24 -21.35
CA LEU B 717 28.65 3.66 -21.36
C LEU B 717 29.90 4.52 -21.26
N VAL B 718 30.86 4.10 -20.41
CA VAL B 718 32.11 4.85 -20.29
C VAL B 718 32.87 4.83 -21.61
N SER B 719 32.94 3.68 -22.26
CA SER B 719 33.66 3.58 -23.54
C SER B 719 32.99 4.42 -24.61
N LEU B 720 31.66 4.38 -24.68
CA LEU B 720 30.94 5.20 -25.67
C LEU B 720 31.16 6.68 -25.40
N LYS B 721 31.13 7.10 -24.14
CA LYS B 721 31.38 8.50 -23.82
C LYS B 721 32.82 8.91 -24.09
N THR B 722 33.75 7.95 -24.15
CA THR B 722 35.15 8.24 -24.40
C THR B 722 35.56 8.02 -25.86
N GLY B 723 34.64 7.61 -26.72
CA GLY B 723 34.93 7.42 -28.12
C GLY B 723 35.61 6.12 -28.48
N LYS B 724 35.85 5.24 -27.50
CA LYS B 724 36.53 3.97 -27.77
C LYS B 724 35.64 2.96 -28.48
N LEU B 725 34.33 3.18 -28.52
CA LEU B 725 33.40 2.28 -29.19
C LEU B 725 32.45 3.09 -30.06
N ASP B 726 31.92 2.43 -31.09
CA ASP B 726 31.02 3.07 -32.03
C ASP B 726 29.55 2.89 -31.62
N ALA B 727 29.10 1.64 -31.53
CA ALA B 727 27.73 1.33 -31.19
C ALA B 727 27.69 0.19 -30.17
N PHE B 728 26.73 0.25 -29.27
CA PHE B 728 26.56 -0.76 -28.22
C PHE B 728 25.21 -1.42 -28.40
N ILE B 729 25.21 -2.73 -28.63
CA ILE B 729 23.98 -3.50 -28.82
C ILE B 729 23.71 -4.30 -27.56
N TYR B 730 22.51 -4.13 -27.00
CA TYR B 730 22.19 -4.76 -25.72
C TYR B 730 20.68 -4.67 -25.49
N ASP B 731 20.23 -5.10 -24.31
CA ASP B 731 18.81 -5.12 -24.01
C ASP B 731 18.23 -3.72 -24.05
N ALA B 732 16.98 -3.62 -24.53
CA ALA B 732 16.39 -2.31 -24.81
C ALA B 732 16.02 -1.55 -23.54
N ALA B 733 15.48 -2.26 -22.54
CA ALA B 733 14.99 -1.56 -21.34
C ALA B 733 16.12 -0.92 -20.56
N VAL B 734 17.20 -1.67 -20.32
CA VAL B 734 18.32 -1.13 -19.57
C VAL B 734 19.01 -0.02 -20.35
N LEU B 735 19.10 -0.16 -21.68
CA LEU B 735 19.68 0.90 -22.49
C LEU B 735 18.84 2.17 -22.45
N ASN B 736 17.52 2.02 -22.48
CA ASN B 736 16.64 3.18 -22.35
C ASN B 736 16.82 3.85 -21.00
N TYR B 737 16.93 3.05 -19.94
CA TYR B 737 17.18 3.61 -18.62
C TYR B 737 18.50 4.38 -18.59
N LYS B 738 19.56 3.80 -19.18
CA LYS B 738 20.85 4.48 -19.20
C LYS B 738 20.79 5.77 -19.98
N ALA B 739 20.06 5.78 -21.10
CA ALA B 739 19.88 7.01 -21.87
C ALA B 739 19.14 8.05 -21.05
N GLY B 740 18.12 7.63 -20.30
CA GLY B 740 17.37 8.55 -19.47
C GLY B 740 18.10 9.01 -18.22
N ARG B 741 19.23 8.38 -17.89
CA ARG B 741 20.01 8.71 -16.70
C ARG B 741 21.47 8.95 -17.08
N ASP B 742 21.67 9.73 -18.13
CA ASP B 742 23.01 10.09 -18.60
C ASP B 742 23.22 11.59 -18.48
N GLU B 743 24.47 11.98 -18.26
CA GLU B 743 24.81 13.38 -18.09
C GLU B 743 24.98 14.05 -19.45
N GLY B 744 24.16 15.07 -19.71
CA GLY B 744 24.23 15.83 -20.95
C GLY B 744 23.43 15.25 -22.10
N CYS B 745 22.86 14.06 -21.94
CA CYS B 745 22.08 13.40 -22.99
C CYS B 745 22.87 13.29 -24.28
N LYS B 746 24.17 13.01 -24.16
CA LYS B 746 25.04 12.93 -25.32
C LYS B 746 24.82 11.67 -26.14
N LEU B 747 24.48 10.56 -25.49
CA LEU B 747 24.31 9.28 -26.15
C LEU B 747 22.86 8.83 -26.08
N VAL B 748 22.33 8.37 -27.21
CA VAL B 748 20.93 8.00 -27.35
C VAL B 748 20.85 6.66 -28.07
N THR B 749 19.73 5.97 -27.89
CA THR B 749 19.50 4.73 -28.63
C THR B 749 19.29 5.01 -30.11
N ILE B 750 19.50 3.98 -30.93
CA ILE B 750 19.44 4.14 -32.38
C ILE B 750 18.02 4.47 -32.81
N GLY B 751 17.89 5.49 -33.65
CA GLY B 751 16.58 5.90 -34.12
C GLY B 751 15.73 6.51 -33.01
N SER B 752 14.42 6.52 -33.26
CA SER B 752 13.46 6.98 -32.27
C SER B 752 13.14 5.91 -31.23
N GLY B 753 13.96 4.87 -31.14
CA GLY B 753 13.69 3.75 -30.27
C GLY B 753 13.19 2.55 -31.06
N TYR B 754 14.08 1.60 -31.32
CA TYR B 754 13.78 0.44 -32.14
C TYR B 754 14.12 -0.84 -31.38
N ILE B 755 13.31 -1.86 -31.62
CA ILE B 755 13.48 -3.17 -30.99
C ILE B 755 13.75 -4.19 -32.08
N PHE B 756 14.93 -4.82 -32.03
CA PHE B 756 15.27 -5.81 -33.04
C PHE B 756 14.54 -7.13 -32.83
N ALA B 757 14.26 -7.45 -31.58
CA ALA B 757 13.54 -8.67 -31.22
C ALA B 757 12.78 -8.37 -29.95
N THR B 758 11.60 -7.77 -30.09
CA THR B 758 10.82 -7.41 -28.93
C THR B 758 10.48 -8.64 -28.13
N THR B 759 10.67 -8.55 -26.83
CA THR B 759 10.38 -9.66 -25.92
C THR B 759 10.13 -9.13 -24.51
N GLY B 760 9.47 -9.95 -23.71
CA GLY B 760 9.17 -9.62 -22.33
C GLY B 760 10.31 -10.02 -21.41
N TYR B 761 10.09 -9.86 -20.11
CA TYR B 761 11.09 -10.26 -19.14
C TYR B 761 10.62 -11.54 -18.46
N GLY B 762 9.47 -11.44 -17.79
CA GLY B 762 8.86 -12.55 -17.09
C GLY B 762 9.57 -12.86 -15.78
N ILE B 763 9.15 -13.97 -15.19
CA ILE B 763 9.68 -14.43 -13.90
C ILE B 763 9.89 -15.93 -14.00
N ALA B 764 11.14 -16.36 -14.03
CA ALA B 764 11.46 -17.77 -14.25
C ALA B 764 10.90 -18.65 -13.15
N LEU B 765 10.44 -19.83 -13.54
CA LEU B 765 9.88 -20.81 -12.61
C LEU B 765 10.34 -22.19 -13.02
N GLN B 766 10.32 -23.11 -12.05
CA GLN B 766 10.66 -24.50 -12.34
C GLN B 766 9.63 -25.11 -13.29
N LYS B 767 10.10 -26.06 -14.10
CA LYS B 767 9.22 -26.71 -15.06
C LYS B 767 8.09 -27.42 -14.34
N GLY B 768 6.86 -27.08 -14.70
CA GLY B 768 5.70 -27.66 -14.05
C GLY B 768 5.43 -27.14 -12.65
N SER B 769 5.93 -25.96 -12.31
CA SER B 769 5.71 -25.42 -10.98
C SER B 769 4.24 -25.06 -10.78
N PRO B 770 3.72 -25.23 -9.57
CA PRO B 770 2.31 -24.90 -9.31
C PRO B 770 2.04 -23.41 -9.16
N TRP B 771 3.04 -22.54 -9.31
CA TRP B 771 2.86 -21.12 -9.13
C TRP B 771 2.63 -20.36 -10.43
N LYS B 772 2.95 -20.96 -11.58
CA LYS B 772 2.85 -20.24 -12.85
C LYS B 772 1.42 -19.80 -13.12
N ARG B 773 0.46 -20.69 -12.91
CA ARG B 773 -0.95 -20.38 -13.17
C ARG B 773 -1.47 -19.29 -12.25
N GLN B 774 -0.78 -19.00 -11.15
CA GLN B 774 -1.16 -17.94 -10.23
C GLN B 774 -0.28 -16.70 -10.38
N ILE B 775 1.02 -16.89 -10.64
CA ILE B 775 1.91 -15.75 -10.86
C ILE B 775 1.49 -15.00 -12.11
N ASP B 776 1.13 -15.72 -13.18
CA ASP B 776 0.70 -15.06 -14.40
C ASP B 776 -0.57 -14.25 -14.17
N LEU B 777 -1.54 -14.81 -13.45
CA LEU B 777 -2.77 -14.08 -13.17
C LEU B 777 -2.50 -12.86 -12.31
N ALA B 778 -1.63 -12.98 -11.31
CA ALA B 778 -1.30 -11.84 -10.46
C ALA B 778 -0.62 -10.74 -11.27
N LEU B 779 0.29 -11.11 -12.17
CA LEU B 779 0.95 -10.11 -13.01
C LEU B 779 -0.04 -9.43 -13.94
N LEU B 780 -0.99 -10.19 -14.49
CA LEU B 780 -2.01 -9.60 -15.34
C LEU B 780 -2.90 -8.64 -14.55
N GLN B 781 -3.14 -8.98 -13.30
CA GLN B 781 -3.95 -8.14 -12.43
C GLN B 781 -3.18 -6.83 -12.16
N PHE B 782 -1.88 -6.95 -11.94
CA PHE B 782 -1.05 -5.77 -11.68
C PHE B 782 -1.00 -4.86 -12.89
N VAL B 783 -0.80 -5.42 -14.09
CA VAL B 783 -0.70 -4.58 -15.28
C VAL B 783 -2.06 -3.98 -15.63
N GLY B 784 -3.15 -4.69 -15.34
CA GLY B 784 -4.47 -4.17 -15.65
C GLY B 784 -4.97 -3.14 -14.66
N ASP B 785 -4.40 -3.11 -13.45
CA ASP B 785 -4.81 -2.18 -12.42
C ASP B 785 -4.00 -0.89 -12.42
N GLY B 786 -3.08 -0.72 -13.35
CA GLY B 786 -2.27 0.48 -13.43
C GLY B 786 -1.08 0.52 -12.51
N GLU B 787 -0.82 -0.54 -11.74
CA GLU B 787 0.35 -0.57 -10.86
C GLU B 787 1.65 -0.55 -11.66
N MET B 788 1.67 -1.25 -12.80
CA MET B 788 2.87 -1.30 -13.62
C MET B 788 3.25 0.08 -14.13
N GLU B 789 2.25 0.89 -14.50
CA GLU B 789 2.54 2.25 -14.96
C GLU B 789 3.16 3.08 -13.85
N GLU B 790 2.62 2.97 -12.63
CA GLU B 790 3.19 3.72 -11.51
C GLU B 790 4.62 3.27 -11.22
N LEU B 791 4.87 1.96 -11.25
CA LEU B 791 6.22 1.46 -11.01
C LEU B 791 7.18 1.93 -12.09
N GLU B 792 6.74 1.92 -13.35
CA GLU B 792 7.60 2.40 -14.43
C GLU B 792 7.90 3.89 -14.28
N THR B 793 6.90 4.67 -13.88
CA THR B 793 7.12 6.10 -13.66
C THR B 793 8.08 6.35 -12.51
N LEU B 794 7.97 5.56 -11.45
CA LEU B 794 8.78 5.76 -10.25
C LEU B 794 10.15 5.08 -10.32
N TRP B 795 10.41 4.27 -11.35
CA TRP B 795 11.67 3.53 -11.44
C TRP B 795 12.39 3.66 -12.76
N LEU B 796 11.71 4.03 -13.85
CA LEU B 796 12.33 4.09 -15.16
C LEU B 796 12.29 5.46 -15.82
N THR B 797 11.59 6.43 -15.24
CA THR B 797 11.54 7.76 -15.82
C THR B 797 12.91 8.41 -15.76
N GLY B 798 13.23 9.19 -16.79
CA GLY B 798 14.53 9.85 -16.88
C GLY B 798 14.39 11.27 -17.39
N ILE B 799 15.39 12.08 -17.05
CA ILE B 799 15.38 13.48 -17.46
C ILE B 799 15.60 13.61 -18.96
N CYS B 800 16.56 12.86 -19.51
CA CYS B 800 16.87 12.96 -20.93
C CYS B 800 15.68 12.53 -21.79
N HIS B 801 15.02 11.43 -21.41
CA HIS B 801 13.90 10.94 -22.18
C HIS B 801 12.72 11.91 -22.15
N ASN B 802 12.43 12.47 -20.97
CA ASN B 802 11.31 13.40 -20.84
C ASN B 802 11.55 14.72 -21.56
N GLU B 803 12.80 15.06 -21.82
CA GLU B 803 13.09 16.32 -22.50
C GLU B 803 12.58 16.29 -23.94
N LYS B 804 12.11 17.45 -24.41
CA LYS B 804 11.59 17.56 -25.77
C LYS B 804 11.70 19.01 -26.26
N LEU B 812 23.31 33.21 -39.81
CA LEU B 812 24.38 33.63 -40.72
C LEU B 812 25.52 32.61 -40.73
N ASP B 813 25.17 31.33 -40.68
CA ASP B 813 26.16 30.26 -40.69
C ASP B 813 26.92 30.24 -42.02
N ILE B 814 28.20 29.92 -41.95
CA ILE B 814 29.03 29.88 -43.15
C ILE B 814 28.53 28.81 -44.12
N ASP B 815 28.13 27.67 -43.57
CA ASP B 815 27.63 26.57 -44.39
C ASP B 815 26.18 26.80 -44.79
N ASN B 816 25.52 27.72 -44.09
CA ASN B 816 24.13 28.05 -44.36
C ASN B 816 23.94 28.76 -45.69
N MET B 817 24.77 29.74 -46.02
CA MET B 817 24.68 30.44 -47.29
C MET B 817 25.75 30.02 -48.29
N ALA B 818 26.53 28.98 -48.00
CA ALA B 818 27.49 28.48 -48.98
C ALA B 818 26.80 28.02 -50.25
N GLY B 819 25.64 27.36 -50.11
CA GLY B 819 24.89 26.94 -51.28
C GLY B 819 24.37 28.10 -52.10
N VAL B 820 23.78 29.10 -51.45
CA VAL B 820 23.26 30.23 -52.20
C VAL B 820 24.40 31.03 -52.83
N PHE B 821 25.59 30.99 -52.21
CA PHE B 821 26.75 31.60 -52.85
C PHE B 821 27.25 30.80 -54.05
N TYR B 822 27.12 29.47 -54.01
CA TYR B 822 27.34 28.69 -55.23
C TYR B 822 26.36 29.09 -56.33
N MET B 823 25.09 29.29 -55.97
CA MET B 823 24.12 29.76 -56.95
C MET B 823 24.47 31.15 -57.47
N LEU B 824 25.03 32.01 -56.61
CA LEU B 824 25.46 33.33 -57.04
C LEU B 824 26.64 33.24 -58.01
N ALA B 825 27.57 32.31 -57.75
CA ALA B 825 28.67 32.09 -58.68
C ALA B 825 28.15 31.58 -60.03
N ALA B 826 27.16 30.69 -60.01
CA ALA B 826 26.53 30.26 -61.26
C ALA B 826 25.86 31.44 -61.96
N ALA B 827 25.28 32.36 -61.19
CA ALA B 827 24.71 33.57 -61.77
C ALA B 827 25.78 34.41 -62.45
N MET B 828 26.96 34.53 -61.84
CA MET B 828 28.06 35.25 -62.48
C MET B 828 28.49 34.57 -63.77
N ALA B 829 28.55 33.23 -63.75
CA ALA B 829 28.91 32.50 -64.96
C ALA B 829 27.91 32.75 -66.07
N LEU B 830 26.61 32.69 -65.76
CA LEU B 830 25.61 32.96 -66.78
C LEU B 830 25.68 34.40 -67.24
N SER B 831 26.03 35.33 -66.35
CA SER B 831 26.17 36.72 -66.74
C SER B 831 27.27 36.88 -67.78
N LEU B 832 28.45 36.30 -67.53
CA LEU B 832 29.54 36.47 -68.48
C LEU B 832 29.25 35.74 -69.79
N ILE B 833 28.59 34.58 -69.72
CA ILE B 833 28.21 33.87 -70.93
C ILE B 833 27.22 34.71 -71.76
N THR B 834 26.24 35.34 -71.10
CA THR B 834 25.32 36.21 -71.79
C THR B 834 26.04 37.42 -72.38
N PHE B 835 27.07 37.92 -71.68
CA PHE B 835 27.89 38.99 -72.25
C PHE B 835 28.54 38.55 -73.55
N ILE B 836 29.11 37.34 -73.56
CA ILE B 836 29.74 36.82 -74.78
C ILE B 836 28.72 36.76 -75.92
N TRP B 837 27.56 36.16 -75.64
CA TRP B 837 26.58 35.97 -76.71
C TRP B 837 25.97 37.28 -77.17
N GLU B 838 25.83 38.26 -76.26
CA GLU B 838 25.29 39.55 -76.64
C GLU B 838 26.33 40.36 -77.41
N HIS B 839 27.62 40.12 -77.15
CA HIS B 839 28.65 40.86 -77.86
C HIS B 839 29.07 40.20 -79.17
N LEU B 840 28.63 38.98 -79.43
CA LEU B 840 28.67 38.49 -80.81
C LEU B 840 27.71 39.28 -81.69
N PHE B 841 26.55 39.63 -81.16
CA PHE B 841 25.56 40.40 -81.89
C PHE B 841 25.82 41.90 -81.74
N LYS C 25 -28.59 -59.38 30.43
CA LYS C 25 -27.29 -59.51 29.79
C LYS C 25 -27.47 -59.79 28.29
N ILE C 26 -28.70 -60.14 27.92
CA ILE C 26 -29.02 -60.44 26.53
C ILE C 26 -28.83 -59.17 25.69
N VAL C 27 -28.17 -59.32 24.54
CA VAL C 27 -27.98 -58.23 23.60
C VAL C 27 -28.49 -58.73 22.25
N ASN C 28 -29.65 -58.21 21.84
CA ASN C 28 -30.27 -58.65 20.60
C ASN C 28 -29.65 -57.92 19.41
N ILE C 29 -29.37 -58.69 18.36
CA ILE C 29 -28.87 -58.15 17.10
C ILE C 29 -29.80 -58.63 15.99
N GLY C 30 -30.51 -57.71 15.36
CA GLY C 30 -31.45 -58.07 14.33
C GLY C 30 -30.79 -58.29 12.98
N ALA C 31 -31.58 -58.83 12.04
CA ALA C 31 -31.09 -59.10 10.70
C ALA C 31 -32.29 -59.31 9.78
N VAL C 32 -32.11 -58.93 8.52
CA VAL C 32 -33.08 -59.18 7.47
C VAL C 32 -32.33 -59.79 6.30
N LEU C 33 -32.55 -61.08 6.05
CA LEU C 33 -31.80 -61.82 5.05
C LEU C 33 -32.72 -62.29 3.93
N SER C 34 -32.10 -62.84 2.89
CA SER C 34 -32.85 -63.27 1.72
C SER C 34 -33.67 -64.52 2.00
N THR C 35 -33.07 -65.52 2.65
CA THR C 35 -33.71 -66.80 2.87
C THR C 35 -33.40 -67.32 4.26
N ARG C 36 -34.23 -68.24 4.73
CA ARG C 36 -34.07 -68.83 6.05
C ARG C 36 -32.78 -69.64 6.16
N LYS C 37 -32.21 -70.08 5.03
CA LYS C 37 -30.94 -70.79 5.07
C LYS C 37 -29.83 -69.89 5.62
N HIS C 38 -29.82 -68.62 5.23
CA HIS C 38 -28.83 -67.69 5.74
C HIS C 38 -29.07 -67.34 7.21
N GLU C 39 -30.28 -67.55 7.72
CA GLU C 39 -30.53 -67.33 9.14
C GLU C 39 -29.72 -68.30 10.00
N GLN C 40 -29.60 -69.55 9.55
CA GLN C 40 -28.77 -70.52 10.27
C GLN C 40 -27.31 -70.09 10.26
N MET C 41 -26.83 -69.57 9.12
CA MET C 41 -25.46 -69.08 9.06
C MET C 41 -25.26 -67.88 10.00
N PHE C 42 -26.26 -67.00 10.06
CA PHE C 42 -26.18 -65.86 10.98
C PHE C 42 -26.13 -66.33 12.43
N ARG C 43 -26.95 -67.31 12.79
CA ARG C 43 -26.93 -67.85 14.14
C ARG C 43 -25.59 -68.50 14.45
N GLU C 44 -25.04 -69.25 13.50
CA GLU C 44 -23.73 -69.85 13.70
C GLU C 44 -22.65 -68.79 13.88
N ALA C 45 -22.73 -67.71 13.10
CA ALA C 45 -21.74 -66.64 13.19
C ALA C 45 -21.81 -65.95 14.54
N VAL C 46 -23.02 -65.66 15.03
CA VAL C 46 -23.13 -64.99 16.33
C VAL C 46 -22.70 -65.93 17.45
N ASN C 47 -22.99 -67.23 17.32
CA ASN C 47 -22.53 -68.19 18.31
C ASN C 47 -21.01 -68.25 18.34
N GLN C 48 -20.37 -68.26 17.16
CA GLN C 48 -18.92 -68.28 17.11
C GLN C 48 -18.33 -66.99 17.70
N ALA C 49 -18.96 -65.85 17.43
CA ALA C 49 -18.49 -64.60 18.00
C ALA C 49 -18.61 -64.61 19.52
N ASN C 50 -19.70 -65.15 20.04
CA ASN C 50 -19.86 -65.27 21.48
C ASN C 50 -18.78 -66.18 22.06
N LYS C 51 -18.52 -67.31 21.41
CA LYS C 51 -17.48 -68.22 21.88
C LYS C 51 -16.10 -67.58 21.80
N ARG C 52 -15.90 -66.64 20.88
CA ARG C 52 -14.61 -65.96 20.78
C ARG C 52 -14.32 -65.13 22.02
N HIS C 53 -15.32 -64.45 22.55
CA HIS C 53 -15.15 -63.64 23.75
C HIS C 53 -16.49 -63.31 24.39
N GLN C 59 -24.86 -64.08 25.85
CA GLN C 59 -24.89 -62.65 26.12
C GLN C 59 -25.10 -61.86 24.83
N LEU C 60 -25.36 -62.58 23.73
CA LEU C 60 -25.58 -61.92 22.44
C LEU C 60 -26.58 -62.78 21.66
N ASN C 61 -27.85 -62.38 21.70
CA ASN C 61 -28.90 -63.05 20.96
C ASN C 61 -28.87 -62.62 19.50
N ALA C 62 -29.70 -63.26 18.68
CA ALA C 62 -29.79 -62.91 17.27
C ALA C 62 -31.17 -63.28 16.75
N THR C 63 -31.69 -62.47 15.84
CA THR C 63 -32.98 -62.72 15.21
C THR C 63 -32.90 -62.34 13.74
N SER C 64 -33.79 -62.94 12.95
CA SER C 64 -33.76 -62.74 11.50
C SER C 64 -35.17 -62.88 10.94
N VAL C 65 -35.34 -62.35 9.73
CA VAL C 65 -36.61 -62.45 9.01
C VAL C 65 -36.31 -62.30 7.54
N THR C 66 -37.11 -62.95 6.70
CA THR C 66 -36.91 -62.90 5.26
C THR C 66 -37.46 -61.59 4.69
N HIS C 67 -37.06 -61.31 3.45
CA HIS C 67 -37.56 -60.13 2.76
C HIS C 67 -39.03 -60.29 2.41
N LYS C 68 -39.75 -59.17 2.42
CA LYS C 68 -41.17 -59.18 2.08
C LYS C 68 -41.39 -58.63 0.68
N PRO C 69 -42.37 -59.15 -0.06
CA PRO C 69 -42.59 -58.66 -1.42
C PRO C 69 -42.95 -57.19 -1.49
N ASN C 70 -43.68 -56.67 -0.50
CA ASN C 70 -44.12 -55.28 -0.49
C ASN C 70 -43.22 -54.47 0.43
N ALA C 71 -42.76 -53.32 -0.06
CA ALA C 71 -41.89 -52.47 0.76
C ALA C 71 -42.61 -51.98 2.00
N ILE C 72 -43.87 -51.57 1.86
CA ILE C 72 -44.64 -51.13 3.02
C ILE C 72 -44.82 -52.28 4.00
N GLN C 73 -45.17 -53.46 3.49
CA GLN C 73 -45.29 -54.63 4.35
C GLN C 73 -43.95 -54.98 4.98
N MET C 74 -42.85 -54.81 4.23
CA MET C 74 -41.53 -55.09 4.79
C MET C 74 -41.22 -54.17 5.96
N ALA C 75 -41.50 -52.87 5.80
CA ALA C 75 -41.26 -51.92 6.88
C ALA C 75 -42.15 -52.21 8.08
N LEU C 76 -43.42 -52.56 7.83
CA LEU C 76 -44.32 -52.90 8.91
C LEU C 76 -43.81 -54.11 9.68
N SER C 77 -43.36 -55.15 8.97
CA SER C 77 -42.83 -56.33 9.62
C SER C 77 -41.57 -56.01 10.41
N VAL C 78 -40.70 -55.20 9.80
CA VAL C 78 -39.42 -54.82 10.41
C VAL C 78 -39.53 -54.39 11.86
N CYS C 79 -40.16 -53.24 12.07
CA CYS C 79 -40.36 -52.72 13.41
C CYS C 79 -41.25 -53.59 14.28
N GLU C 80 -42.32 -54.11 13.69
CA GLU C 80 -43.27 -54.97 14.41
C GLU C 80 -42.56 -56.12 15.10
N ASP C 81 -41.63 -56.73 14.38
CA ASP C 81 -40.86 -57.85 14.91
C ASP C 81 -39.48 -57.44 15.40
N LEU C 82 -38.68 -56.80 14.54
CA LEU C 82 -37.30 -56.48 14.90
C LEU C 82 -37.24 -55.42 16.00
N ILE C 83 -38.04 -54.36 15.86
CA ILE C 83 -38.00 -53.27 16.84
C ILE C 83 -38.54 -53.75 18.18
N SER C 84 -39.63 -54.53 18.16
CA SER C 84 -40.23 -54.99 19.41
C SER C 84 -39.26 -55.83 20.23
N SER C 85 -38.35 -56.54 19.57
CA SER C 85 -37.33 -57.31 20.28
C SER C 85 -36.22 -56.44 20.85
N GLN C 86 -36.23 -55.14 20.55
CA GLN C 86 -35.23 -54.19 21.05
C GLN C 86 -33.82 -54.59 20.60
N VAL C 87 -33.66 -54.66 19.28
CA VAL C 87 -32.38 -55.01 18.71
C VAL C 87 -31.43 -53.81 18.77
N TYR C 88 -30.14 -54.09 18.62
CA TYR C 88 -29.12 -53.05 18.60
C TYR C 88 -28.62 -52.72 17.20
N ALA C 89 -28.84 -53.61 16.24
CA ALA C 89 -28.47 -53.37 14.86
C ALA C 89 -29.24 -54.35 13.98
N ILE C 90 -29.43 -53.97 12.72
CA ILE C 90 -30.15 -54.80 11.76
C ILE C 90 -29.24 -55.08 10.57
N LEU C 91 -29.09 -56.35 10.21
CA LEU C 91 -28.33 -56.74 9.03
C LEU C 91 -29.28 -56.86 7.86
N VAL C 92 -28.96 -56.18 6.76
CA VAL C 92 -29.82 -56.14 5.59
C VAL C 92 -29.00 -56.53 4.36
N SER C 93 -29.59 -57.36 3.50
CA SER C 93 -28.94 -57.80 2.27
C SER C 93 -29.97 -57.81 1.15
N HIS C 94 -29.49 -57.60 -0.07
CA HIS C 94 -30.38 -57.55 -1.22
C HIS C 94 -30.86 -58.96 -1.59
N PRO C 95 -32.10 -59.09 -2.05
CA PRO C 95 -32.60 -60.40 -2.48
C PRO C 95 -32.00 -60.79 -3.81
N PRO C 96 -32.09 -62.07 -4.19
CA PRO C 96 -31.59 -62.48 -5.51
C PRO C 96 -32.28 -61.79 -6.68
N THR C 97 -33.53 -61.36 -6.49
CA THR C 97 -34.24 -60.67 -7.57
C THR C 97 -33.57 -59.33 -7.86
N PRO C 98 -33.50 -58.93 -9.13
CA PRO C 98 -32.83 -57.65 -9.48
C PRO C 98 -33.76 -56.45 -9.36
N ASN C 99 -34.05 -56.06 -8.12
CA ASN C 99 -34.86 -54.90 -7.82
C ASN C 99 -33.98 -53.86 -7.14
N ASP C 100 -33.97 -52.64 -7.69
CA ASP C 100 -33.13 -51.57 -7.16
C ASP C 100 -33.75 -50.96 -5.92
N HIS C 101 -32.92 -50.68 -4.92
CA HIS C 101 -33.32 -50.06 -3.66
C HIS C 101 -34.37 -50.88 -2.92
N PHE C 102 -34.53 -52.15 -3.28
CA PHE C 102 -35.63 -52.94 -2.72
C PHE C 102 -35.41 -53.24 -1.25
N THR C 103 -34.23 -53.72 -0.90
CA THR C 103 -33.98 -54.21 0.45
C THR C 103 -33.81 -53.11 1.48
N PRO C 104 -32.86 -52.19 1.32
CA PRO C 104 -32.50 -51.34 2.48
C PRO C 104 -33.52 -50.26 2.79
N THR C 105 -34.11 -49.63 1.77
CA THR C 105 -34.86 -48.39 1.97
C THR C 105 -35.93 -48.48 3.04
N PRO C 106 -36.83 -49.46 3.07
CA PRO C 106 -37.78 -49.52 4.18
C PRO C 106 -37.10 -49.78 5.51
N VAL C 107 -36.18 -50.75 5.55
CA VAL C 107 -35.46 -51.06 6.78
C VAL C 107 -34.63 -49.86 7.21
N SER C 108 -33.94 -49.22 6.26
CA SER C 108 -33.10 -48.08 6.59
C SER C 108 -33.92 -46.94 7.18
N TYR C 109 -35.07 -46.63 6.56
CA TYR C 109 -35.91 -45.56 7.08
C TYR C 109 -36.46 -45.90 8.46
N THR C 110 -36.97 -47.12 8.63
CA THR C 110 -37.56 -47.50 9.91
C THR C 110 -36.54 -47.48 11.03
N ALA C 111 -35.33 -47.98 10.77
CA ALA C 111 -34.30 -47.99 11.80
C ALA C 111 -33.70 -46.61 12.03
N GLY C 112 -33.66 -45.76 11.00
CA GLY C 112 -33.19 -44.41 11.19
C GLY C 112 -34.18 -43.52 11.92
N PHE C 113 -35.46 -43.90 11.93
CA PHE C 113 -36.42 -43.18 12.76
C PHE C 113 -36.00 -43.21 14.22
N TYR C 114 -35.44 -44.33 14.67
CA TYR C 114 -34.92 -44.46 16.03
C TYR C 114 -33.40 -44.37 16.08
N ARG C 115 -32.78 -44.03 14.95
CA ARG C 115 -31.32 -43.91 14.81
C ARG C 115 -30.55 -45.20 15.14
N ILE C 116 -31.20 -46.34 14.94
CA ILE C 116 -30.59 -47.64 15.15
C ILE C 116 -29.79 -47.99 13.90
N PRO C 117 -28.47 -48.15 13.99
CA PRO C 117 -27.68 -48.39 12.79
C PRO C 117 -28.00 -49.74 12.16
N VAL C 118 -27.87 -49.79 10.84
CA VAL C 118 -28.03 -51.02 10.08
C VAL C 118 -26.77 -51.26 9.26
N LEU C 119 -26.56 -52.52 8.91
CA LEU C 119 -25.38 -52.95 8.15
C LEU C 119 -25.85 -53.56 6.83
N GLY C 120 -25.50 -52.91 5.73
CA GLY C 120 -25.82 -53.42 4.41
C GLY C 120 -24.76 -54.40 3.93
N LEU C 121 -25.22 -55.41 3.19
CA LEU C 121 -24.35 -56.49 2.74
C LEU C 121 -24.21 -56.52 1.23
N THR C 122 -25.30 -56.58 0.48
CA THR C 122 -25.26 -56.69 -0.97
C THR C 122 -25.95 -55.50 -1.63
N THR C 123 -25.70 -54.30 -1.09
CA THR C 123 -26.30 -53.08 -1.60
C THR C 123 -25.19 -52.07 -1.85
N ARG C 124 -24.87 -51.83 -3.12
CA ARG C 124 -23.78 -50.93 -3.50
C ARG C 124 -24.28 -49.63 -4.10
N MET C 125 -25.57 -49.34 -4.01
CA MET C 125 -26.08 -48.07 -4.49
C MET C 125 -25.55 -46.92 -3.64
N SER C 126 -25.18 -45.82 -4.31
CA SER C 126 -24.56 -44.70 -3.61
C SER C 126 -25.57 -43.81 -2.90
N ILE C 127 -26.87 -44.00 -3.13
CA ILE C 127 -27.87 -43.19 -2.47
C ILE C 127 -27.77 -43.34 -0.95
N TYR C 128 -27.41 -44.53 -0.48
CA TYR C 128 -27.25 -44.77 0.95
C TYR C 128 -26.01 -44.13 1.54
N SER C 129 -25.12 -43.61 0.68
CA SER C 129 -23.92 -42.96 1.18
C SER C 129 -24.20 -41.54 1.69
N ASP C 130 -25.37 -41.01 1.35
CA ASP C 130 -25.77 -39.67 1.78
C ASP C 130 -26.42 -39.78 3.15
N LYS C 131 -25.69 -39.37 4.18
CA LYS C 131 -26.20 -39.48 5.55
C LYS C 131 -27.35 -38.51 5.83
N SER C 132 -27.60 -37.55 4.94
CA SER C 132 -28.74 -36.65 5.14
C SER C 132 -30.06 -37.42 5.06
N ILE C 133 -30.16 -38.35 4.11
CA ILE C 133 -31.39 -39.12 3.94
C ILE C 133 -31.38 -40.32 4.88
N HIS C 134 -30.37 -41.19 4.72
CA HIS C 134 -30.23 -42.37 5.56
C HIS C 134 -29.32 -42.01 6.73
N LEU C 135 -29.92 -41.79 7.90
CA LEU C 135 -29.17 -41.26 9.04
C LEU C 135 -28.14 -42.26 9.56
N SER C 136 -28.52 -43.52 9.68
CA SER C 136 -27.65 -44.55 10.26
C SER C 136 -27.62 -45.73 9.30
N PHE C 137 -26.58 -45.80 8.47
CA PHE C 137 -26.47 -46.87 7.47
C PHE C 137 -24.99 -47.13 7.22
N LEU C 138 -24.44 -48.13 7.89
CA LEU C 138 -23.12 -48.63 7.58
C LEU C 138 -23.23 -49.76 6.56
N ARG C 139 -22.18 -49.97 5.79
CA ARG C 139 -22.17 -51.09 4.87
C ARG C 139 -20.76 -51.63 4.71
N THR C 140 -20.68 -52.93 4.47
CA THR C 140 -19.42 -53.64 4.34
C THR C 140 -18.94 -53.76 2.89
N VAL C 141 -19.68 -53.19 1.94
CA VAL C 141 -19.30 -53.19 0.53
C VAL C 141 -19.23 -51.74 0.07
N PRO C 142 -18.17 -51.34 -0.63
CA PRO C 142 -18.10 -49.96 -1.12
C PRO C 142 -19.17 -49.72 -2.17
N PRO C 143 -19.67 -48.49 -2.27
CA PRO C 143 -20.70 -48.19 -3.26
C PRO C 143 -20.11 -48.16 -4.67
N TYR C 144 -21.02 -48.15 -5.66
CA TYR C 144 -20.60 -48.10 -7.05
C TYR C 144 -19.82 -46.83 -7.36
N SER C 145 -20.18 -45.72 -6.72
CA SER C 145 -19.47 -44.47 -6.96
C SER C 145 -18.00 -44.58 -6.60
N HIS C 146 -17.68 -45.38 -5.58
CA HIS C 146 -16.28 -45.57 -5.20
C HIS C 146 -15.45 -46.17 -6.32
N GLN C 147 -16.09 -46.84 -7.28
CA GLN C 147 -15.36 -47.35 -8.44
C GLN C 147 -14.63 -46.24 -9.16
N SER C 148 -15.13 -45.01 -9.08
CA SER C 148 -14.44 -43.87 -9.68
C SER C 148 -12.99 -43.81 -9.22
N SER C 149 -12.76 -44.04 -7.92
CA SER C 149 -11.39 -44.04 -7.42
C SER C 149 -10.51 -44.99 -8.22
N VAL C 150 -11.01 -46.20 -8.47
CA VAL C 150 -10.25 -47.17 -9.25
C VAL C 150 -9.86 -46.57 -10.60
N TRP C 151 -10.82 -45.93 -11.28
CA TRP C 151 -10.52 -45.29 -12.54
C TRP C 151 -9.32 -44.37 -12.40
N PHE C 152 -9.36 -43.49 -11.39
CA PHE C 152 -8.26 -42.56 -11.18
C PHE C 152 -6.96 -43.31 -10.95
N GLU C 153 -7.01 -44.36 -10.13
CA GLU C 153 -5.81 -45.16 -9.91
C GLU C 153 -5.33 -45.75 -11.23
N MET C 154 -6.25 -46.28 -12.03
CA MET C 154 -5.88 -46.84 -13.31
C MET C 154 -5.57 -45.74 -14.33
N MET C 155 -5.88 -44.49 -14.01
CA MET C 155 -5.37 -43.38 -14.79
C MET C 155 -3.89 -43.13 -14.54
N ARG C 156 -3.34 -43.57 -13.41
CA ARG C 156 -1.96 -43.31 -13.08
C ARG C 156 -1.01 -44.32 -13.74
N VAL C 157 -1.34 -45.61 -13.65
CA VAL C 157 -0.46 -46.64 -14.18
C VAL C 157 -0.40 -46.57 -15.70
N TYR C 158 -1.53 -46.28 -16.36
CA TYR C 158 -1.57 -46.23 -17.81
C TYR C 158 -1.37 -44.84 -18.37
N SER C 159 -1.35 -43.81 -17.52
CA SER C 159 -1.05 -42.44 -17.92
C SER C 159 -2.00 -41.95 -19.01
N TRP C 160 -3.29 -41.90 -18.67
CA TRP C 160 -4.32 -41.34 -19.54
C TRP C 160 -4.92 -40.12 -18.87
N ASN C 161 -4.88 -38.99 -19.57
CA ASN C 161 -5.34 -37.73 -18.99
C ASN C 161 -6.57 -37.14 -19.67
N HIS C 162 -6.82 -37.50 -20.92
CA HIS C 162 -7.98 -36.99 -21.66
C HIS C 162 -9.02 -38.10 -21.72
N ILE C 163 -10.13 -37.91 -21.01
CA ILE C 163 -11.18 -38.92 -20.92
C ILE C 163 -12.53 -38.26 -21.19
N ILE C 164 -13.48 -39.09 -21.64
CA ILE C 164 -14.87 -38.69 -21.76
C ILE C 164 -15.68 -39.59 -20.84
N LEU C 165 -16.72 -39.00 -20.24
CA LEU C 165 -17.48 -39.66 -19.18
C LEU C 165 -18.94 -39.77 -19.59
N LEU C 166 -19.47 -40.98 -19.57
CA LEU C 166 -20.88 -41.23 -19.82
C LEU C 166 -21.57 -41.56 -18.50
N VAL C 167 -22.61 -40.81 -18.17
CA VAL C 167 -23.25 -40.87 -16.87
C VAL C 167 -24.77 -40.82 -17.05
N SER C 168 -25.47 -41.71 -16.35
CA SER C 168 -26.93 -41.70 -16.38
C SER C 168 -27.47 -40.58 -15.51
N ASP C 169 -28.70 -40.18 -15.79
CA ASP C 169 -29.35 -39.09 -15.05
C ASP C 169 -30.01 -39.60 -13.77
N ASP C 170 -29.23 -40.30 -12.95
CA ASP C 170 -29.69 -40.80 -11.67
C ASP C 170 -28.76 -40.31 -10.57
N HIS C 171 -29.13 -40.61 -9.32
CA HIS C 171 -28.27 -40.24 -8.20
C HIS C 171 -26.97 -41.02 -8.23
N GLU C 172 -27.02 -42.28 -8.68
CA GLU C 172 -25.81 -43.10 -8.75
C GLU C 172 -24.80 -42.49 -9.73
N GLY C 173 -25.25 -42.21 -10.96
CA GLY C 173 -24.35 -41.64 -11.95
C GLY C 173 -23.84 -40.27 -11.54
N ARG C 174 -24.72 -39.44 -11.00
CA ARG C 174 -24.30 -38.11 -10.56
C ARG C 174 -23.27 -38.20 -9.44
N ALA C 175 -23.47 -39.11 -8.49
CA ALA C 175 -22.50 -39.29 -7.42
C ALA C 175 -21.16 -39.77 -7.95
N ALA C 176 -21.18 -40.72 -8.88
CA ALA C 176 -19.93 -41.20 -9.46
C ALA C 176 -19.21 -40.09 -10.21
N GLN C 177 -19.95 -39.28 -10.97
CA GLN C 177 -19.36 -38.19 -11.72
C GLN C 177 -18.77 -37.13 -10.80
N LYS C 178 -19.49 -36.81 -9.70
CA LYS C 178 -18.96 -35.85 -8.74
C LYS C 178 -17.69 -36.38 -8.08
N ARG C 179 -17.67 -37.66 -7.73
CA ARG C 179 -16.48 -38.24 -7.14
C ARG C 179 -15.31 -38.18 -8.11
N LEU C 180 -15.55 -38.49 -9.39
CA LEU C 180 -14.48 -38.43 -10.37
C LEU C 180 -13.96 -37.00 -10.52
N GLU C 181 -14.86 -36.02 -10.55
CA GLU C 181 -14.42 -34.63 -10.64
C GLU C 181 -13.57 -34.25 -9.43
N THR C 182 -14.00 -34.66 -8.22
CA THR C 182 -13.25 -34.32 -7.02
C THR C 182 -11.86 -34.93 -7.05
N LEU C 183 -11.75 -36.19 -7.48
CA LEU C 183 -10.43 -36.80 -7.56
C LEU C 183 -9.54 -36.13 -8.61
N LEU C 184 -10.11 -35.82 -9.79
CA LEU C 184 -9.28 -35.21 -10.83
C LEU C 184 -8.96 -33.75 -10.55
N GLU C 185 -9.72 -33.08 -9.68
CA GLU C 185 -9.42 -31.68 -9.38
C GLU C 185 -8.07 -31.54 -8.69
N GLU C 186 -7.74 -32.47 -7.80
CA GLU C 186 -6.45 -32.41 -7.11
C GLU C 186 -5.30 -32.56 -8.09
N ARG C 187 -5.43 -33.47 -9.06
CA ARG C 187 -4.39 -33.70 -10.05
C ARG C 187 -4.36 -32.64 -11.14
N GLU C 188 -5.12 -31.55 -10.98
CA GLU C 188 -5.17 -30.45 -11.95
C GLU C 188 -5.53 -30.96 -13.34
N SER C 189 -6.47 -31.90 -13.41
CA SER C 189 -6.93 -32.47 -14.66
C SER C 189 -8.45 -32.47 -14.68
N LYS C 190 -9.03 -32.31 -15.87
CA LYS C 190 -10.47 -32.31 -16.05
C LYS C 190 -10.83 -33.22 -17.21
N ALA C 191 -11.97 -33.88 -17.09
CA ALA C 191 -12.47 -34.73 -18.17
C ALA C 191 -12.79 -33.89 -19.39
N GLU C 192 -12.55 -34.46 -20.57
CA GLU C 192 -12.81 -33.73 -21.81
C GLU C 192 -14.28 -33.37 -21.95
N LYS C 193 -15.16 -34.32 -21.62
CA LYS C 193 -16.60 -34.07 -21.70
C LYS C 193 -17.31 -34.94 -20.67
N VAL C 194 -18.51 -34.51 -20.30
CA VAL C 194 -19.37 -35.25 -19.39
C VAL C 194 -20.72 -35.38 -20.09
N LEU C 195 -21.03 -36.57 -20.60
CA LEU C 195 -22.25 -36.81 -21.34
C LEU C 195 -23.27 -37.46 -20.42
N GLN C 196 -24.47 -36.88 -20.37
CA GLN C 196 -25.55 -37.37 -19.53
C GLN C 196 -26.69 -37.88 -20.40
N PHE C 197 -27.11 -39.12 -20.16
CA PHE C 197 -28.24 -39.72 -20.84
C PHE C 197 -29.27 -40.15 -19.82
N ASP C 198 -30.53 -39.82 -20.08
CA ASP C 198 -31.59 -40.15 -19.15
C ASP C 198 -31.76 -41.67 -19.06
N PRO C 199 -32.10 -42.18 -17.89
CA PRO C 199 -32.31 -43.62 -17.75
C PRO C 199 -33.47 -44.11 -18.59
N GLY C 200 -33.32 -45.32 -19.13
CA GLY C 200 -34.37 -45.95 -19.89
C GLY C 200 -34.53 -45.44 -21.30
N THR C 201 -33.68 -44.53 -21.76
CA THR C 201 -33.80 -44.02 -23.12
C THR C 201 -33.39 -45.08 -24.13
N LYS C 202 -34.22 -45.25 -25.15
CA LYS C 202 -33.91 -46.17 -26.24
C LYS C 202 -33.05 -45.54 -27.33
N ASN C 203 -32.82 -44.24 -27.26
CA ASN C 203 -31.98 -43.53 -28.23
C ASN C 203 -30.86 -42.83 -27.48
N VAL C 204 -29.62 -43.19 -27.79
CA VAL C 204 -28.44 -42.57 -27.19
C VAL C 204 -27.40 -42.18 -28.22
N THR C 205 -27.62 -42.49 -29.51
CA THR C 205 -26.64 -42.20 -30.54
C THR C 205 -26.37 -40.71 -30.69
N ALA C 206 -27.29 -39.86 -30.24
CA ALA C 206 -27.11 -38.42 -30.39
C ALA C 206 -25.85 -37.94 -29.67
N LEU C 207 -25.70 -38.31 -28.39
CA LEU C 207 -24.51 -37.90 -27.65
C LEU C 207 -23.30 -38.73 -28.04
N LEU C 208 -23.50 -39.96 -28.53
CA LEU C 208 -22.38 -40.73 -29.06
C LEU C 208 -21.75 -40.02 -30.25
N MET C 209 -22.58 -39.41 -31.11
CA MET C 209 -22.04 -38.67 -32.24
C MET C 209 -21.16 -37.51 -31.77
N GLU C 210 -21.62 -36.78 -30.74
CA GLU C 210 -20.80 -35.71 -30.19
C GLU C 210 -19.52 -36.24 -29.58
N ALA C 211 -19.59 -37.41 -28.94
CA ALA C 211 -18.39 -38.03 -28.39
C ALA C 211 -17.40 -38.38 -29.48
N LYS C 212 -17.90 -38.82 -30.64
CA LYS C 212 -17.01 -39.20 -31.74
C LYS C 212 -16.15 -38.02 -32.18
N GLU C 213 -16.69 -36.81 -32.14
CA GLU C 213 -15.96 -35.61 -32.51
C GLU C 213 -15.19 -35.03 -31.34
N LEU C 214 -14.37 -35.86 -30.69
CA LEU C 214 -13.58 -35.44 -29.55
C LEU C 214 -12.20 -36.08 -29.61
N GLU C 215 -11.21 -35.40 -29.03
CA GLU C 215 -9.85 -35.92 -29.04
C GLU C 215 -9.74 -37.20 -28.20
N ALA C 216 -10.38 -37.22 -27.04
CA ALA C 216 -10.28 -38.38 -26.16
C ALA C 216 -11.06 -39.56 -26.72
N ARG C 217 -10.46 -40.74 -26.65
CA ARG C 217 -11.07 -41.97 -27.14
C ARG C 217 -11.13 -43.05 -26.07
N VAL C 218 -11.27 -42.64 -24.81
CA VAL C 218 -11.48 -43.56 -23.69
C VAL C 218 -12.83 -43.26 -23.07
N ILE C 219 -13.66 -44.30 -22.92
CA ILE C 219 -15.04 -44.16 -22.49
C ILE C 219 -15.18 -44.78 -21.12
N ILE C 220 -15.77 -44.02 -20.19
CA ILE C 220 -16.03 -44.49 -18.84
C ILE C 220 -17.55 -44.52 -18.68
N LEU C 221 -18.11 -45.73 -18.54
CA LEU C 221 -19.55 -45.89 -18.42
C LEU C 221 -19.97 -46.00 -16.96
N SER C 222 -21.20 -45.59 -16.69
CA SER C 222 -21.82 -45.78 -15.38
C SER C 222 -23.32 -45.85 -15.61
N ALA C 223 -23.86 -47.06 -15.69
CA ALA C 223 -25.26 -47.24 -16.03
C ALA C 223 -25.69 -48.64 -15.64
N SER C 224 -27.01 -48.86 -15.65
CA SER C 224 -27.57 -50.17 -15.36
C SER C 224 -27.38 -51.11 -16.56
N GLU C 225 -27.91 -52.33 -16.42
CA GLU C 225 -27.73 -53.32 -17.47
C GLU C 225 -28.40 -52.90 -18.77
N ASP C 226 -29.63 -52.39 -18.70
CA ASP C 226 -30.34 -52.01 -19.91
C ASP C 226 -29.67 -50.85 -20.62
N ASP C 227 -29.27 -49.82 -19.87
CA ASP C 227 -28.57 -48.68 -20.47
C ASP C 227 -27.21 -49.10 -21.00
N ALA C 228 -26.52 -50.01 -20.30
CA ALA C 228 -25.25 -50.51 -20.81
C ALA C 228 -25.44 -51.23 -22.13
N ALA C 229 -26.49 -52.05 -22.25
CA ALA C 229 -26.77 -52.73 -23.50
C ALA C 229 -27.09 -51.73 -24.61
N THR C 230 -27.86 -50.70 -24.29
CA THR C 230 -28.21 -49.69 -25.28
C THR C 230 -26.98 -48.96 -25.79
N VAL C 231 -26.11 -48.53 -24.87
CA VAL C 231 -24.92 -47.80 -25.28
C VAL C 231 -23.96 -48.72 -26.01
N TYR C 232 -23.92 -50.01 -25.65
CA TYR C 232 -23.09 -50.95 -26.40
C TYR C 232 -23.59 -51.11 -27.83
N ARG C 233 -24.91 -51.22 -28.00
CA ARG C 233 -25.46 -51.31 -29.35
C ARG C 233 -25.17 -50.06 -30.16
N ALA C 234 -25.32 -48.89 -29.54
CA ALA C 234 -25.00 -47.64 -30.24
C ALA C 234 -23.53 -47.57 -30.61
N ALA C 235 -22.64 -47.99 -29.70
CA ALA C 235 -21.21 -47.98 -29.99
C ALA C 235 -20.87 -48.93 -31.15
N ALA C 236 -21.48 -50.11 -31.15
CA ALA C 236 -21.26 -51.03 -32.27
C ALA C 236 -21.79 -50.45 -33.57
N MET C 237 -22.91 -49.73 -33.52
CA MET C 237 -23.45 -49.13 -34.73
C MET C 237 -22.58 -47.98 -35.24
N LEU C 238 -21.96 -47.22 -34.34
CA LEU C 238 -21.16 -46.06 -34.72
C LEU C 238 -19.67 -46.32 -34.70
N ASN C 239 -19.27 -47.59 -34.72
CA ASN C 239 -17.85 -47.99 -34.80
C ASN C 239 -17.04 -47.42 -33.64
N MET C 240 -17.63 -47.41 -32.45
CA MET C 240 -16.88 -47.01 -31.26
C MET C 240 -16.10 -48.17 -30.65
N THR C 241 -16.26 -49.38 -31.17
CA THR C 241 -15.60 -50.56 -30.64
C THR C 241 -14.31 -50.89 -31.37
N GLY C 242 -13.89 -50.05 -32.31
CA GLY C 242 -12.70 -50.32 -33.09
C GLY C 242 -11.42 -50.05 -32.32
N SER C 243 -10.30 -50.19 -33.03
CA SER C 243 -9.00 -49.96 -32.43
C SER C 243 -8.85 -48.49 -32.04
N GLY C 244 -8.02 -48.25 -31.03
CA GLY C 244 -7.84 -46.93 -30.49
C GLY C 244 -8.91 -46.50 -29.50
N TYR C 245 -9.83 -47.38 -29.14
CA TYR C 245 -10.89 -47.08 -28.19
C TYR C 245 -10.71 -47.97 -26.96
N VAL C 246 -10.77 -47.36 -25.78
CA VAL C 246 -10.65 -48.08 -24.52
C VAL C 246 -11.93 -47.87 -23.73
N TRP C 247 -12.52 -48.95 -23.25
CA TRP C 247 -13.79 -48.91 -22.53
C TRP C 247 -13.56 -49.37 -21.10
N LEU C 248 -13.92 -48.50 -20.14
CA LEU C 248 -13.82 -48.78 -18.72
C LEU C 248 -15.23 -48.83 -18.16
N VAL C 249 -15.56 -49.91 -17.46
CA VAL C 249 -16.94 -50.19 -17.07
C VAL C 249 -16.98 -50.67 -15.62
N GLY C 250 -17.99 -50.23 -14.88
CA GLY C 250 -18.18 -50.65 -13.51
C GLY C 250 -18.69 -52.08 -13.43
N GLU C 251 -18.92 -52.51 -12.18
CA GLU C 251 -19.26 -53.90 -11.92
C GLU C 251 -20.60 -54.28 -12.53
N ARG C 252 -21.60 -53.41 -12.41
CA ARG C 252 -22.97 -53.76 -12.76
C ARG C 252 -23.30 -53.54 -14.23
N GLU C 253 -22.35 -53.06 -15.04
CA GLU C 253 -22.60 -52.83 -16.45
C GLU C 253 -21.82 -53.80 -17.34
N ILE C 254 -21.47 -54.98 -16.83
CA ILE C 254 -20.86 -56.03 -17.62
C ILE C 254 -21.56 -57.37 -17.40
N SER C 255 -22.76 -57.36 -16.82
CA SER C 255 -23.52 -58.57 -16.57
C SER C 255 -24.86 -58.51 -17.30
N GLY C 256 -25.54 -59.65 -17.35
CA GLY C 256 -26.82 -59.72 -18.03
C GLY C 256 -26.68 -59.43 -19.52
N ASN C 257 -27.55 -58.57 -20.03
CA ASN C 257 -27.49 -58.21 -21.45
C ASN C 257 -26.22 -57.45 -21.77
N ALA C 258 -25.65 -56.75 -20.79
CA ALA C 258 -24.42 -56.01 -21.04
C ALA C 258 -23.28 -56.95 -21.43
N LEU C 259 -23.17 -58.10 -20.75
CA LEU C 259 -22.15 -59.08 -21.11
C LEU C 259 -22.36 -59.61 -22.52
N ARG C 260 -23.62 -59.87 -22.88
CA ARG C 260 -23.91 -60.38 -24.22
C ARG C 260 -23.55 -59.37 -25.29
N TYR C 261 -23.86 -58.09 -25.06
CA TYR C 261 -23.62 -57.06 -26.05
C TYR C 261 -22.29 -56.34 -25.86
N ALA C 262 -21.47 -56.77 -24.92
CA ALA C 262 -20.20 -56.09 -24.67
C ALA C 262 -19.22 -56.36 -25.82
N PRO C 263 -18.67 -55.34 -26.46
CA PRO C 263 -17.61 -55.58 -27.44
C PRO C 263 -16.34 -56.06 -26.75
N ASP C 264 -15.56 -56.84 -27.49
CA ASP C 264 -14.32 -57.36 -26.94
C ASP C 264 -13.39 -56.22 -26.54
N GLY C 265 -12.80 -56.34 -25.36
CA GLY C 265 -11.89 -55.33 -24.86
C GLY C 265 -12.40 -54.47 -23.72
N ILE C 266 -13.53 -54.83 -23.10
CA ILE C 266 -14.02 -54.08 -21.96
C ILE C 266 -13.12 -54.36 -20.75
N LEU C 267 -12.66 -53.29 -20.10
CA LEU C 267 -11.87 -53.43 -18.87
C LEU C 267 -12.78 -53.19 -17.66
N GLY C 268 -13.70 -54.12 -17.46
CA GLY C 268 -14.65 -53.98 -16.39
C GLY C 268 -14.03 -54.21 -15.02
N LEU C 269 -14.75 -53.75 -14.00
CA LEU C 269 -14.34 -53.95 -12.62
C LEU C 269 -15.22 -55.02 -11.97
N GLN C 270 -14.68 -55.68 -10.95
CA GLN C 270 -15.46 -56.60 -10.13
C GLN C 270 -15.01 -56.48 -8.69
N LEU C 271 -15.89 -56.87 -7.77
CA LEU C 271 -15.61 -56.84 -6.35
C LEU C 271 -15.21 -58.24 -5.88
N ILE C 272 -14.20 -58.29 -5.02
CA ILE C 272 -13.74 -59.56 -4.47
C ILE C 272 -14.75 -60.02 -3.42
N ASN C 273 -15.35 -61.18 -3.66
CA ASN C 273 -16.43 -61.71 -2.82
C ASN C 273 -17.59 -60.73 -2.70
N GLY C 274 -17.88 -60.01 -3.79
CA GLY C 274 -18.95 -59.03 -3.76
C GLY C 274 -20.32 -59.67 -3.60
N LYS C 275 -20.58 -60.76 -4.31
CA LYS C 275 -21.86 -61.45 -4.22
C LYS C 275 -21.89 -62.51 -3.12
N ASN C 276 -20.78 -62.73 -2.43
CA ASN C 276 -20.73 -63.70 -1.34
C ASN C 276 -21.21 -63.04 -0.06
N GLU C 277 -22.53 -63.08 0.17
CA GLU C 277 -23.08 -62.47 1.38
C GLU C 277 -22.63 -63.19 2.63
N SER C 278 -22.34 -64.50 2.51
CA SER C 278 -21.89 -65.26 3.68
C SER C 278 -20.54 -64.77 4.16
N ALA C 279 -19.63 -64.43 3.24
CA ALA C 279 -18.32 -63.94 3.64
C ALA C 279 -18.40 -62.59 4.32
N HIS C 280 -19.42 -61.79 3.99
CA HIS C 280 -19.61 -60.49 4.60
C HIS C 280 -20.38 -60.57 5.91
N ILE C 281 -21.22 -61.59 6.09
CA ILE C 281 -21.99 -61.73 7.32
C ILE C 281 -21.06 -61.91 8.50
N SER C 282 -20.03 -62.74 8.35
CA SER C 282 -19.08 -62.97 9.44
C SER C 282 -18.37 -61.67 9.83
N ASP C 283 -17.91 -60.91 8.84
CA ASP C 283 -17.23 -59.66 9.14
C ASP C 283 -18.18 -58.67 9.83
N ALA C 284 -19.41 -58.57 9.34
CA ALA C 284 -20.37 -57.65 9.93
C ALA C 284 -20.70 -58.02 11.37
N VAL C 285 -20.93 -59.31 11.64
CA VAL C 285 -21.27 -59.71 12.99
C VAL C 285 -20.07 -59.54 13.92
N GLY C 286 -18.86 -59.80 13.42
CA GLY C 286 -17.67 -59.56 14.23
C GLY C 286 -17.54 -58.10 14.60
N VAL C 287 -17.73 -57.20 13.62
CA VAL C 287 -17.62 -55.77 13.87
C VAL C 287 -18.67 -55.33 14.88
N VAL C 288 -19.92 -55.77 14.69
CA VAL C 288 -20.99 -55.31 15.57
C VAL C 288 -20.81 -55.86 16.98
N ALA C 289 -20.34 -57.11 17.11
CA ALA C 289 -20.10 -57.67 18.43
C ALA C 289 -18.96 -56.96 19.14
N GLN C 290 -17.87 -56.67 18.42
CA GLN C 290 -16.77 -55.93 19.02
C GLN C 290 -17.22 -54.55 19.46
N ALA C 291 -18.00 -53.86 18.62
CA ALA C 291 -18.48 -52.53 18.98
C ALA C 291 -19.42 -52.59 20.17
N VAL C 292 -20.28 -53.59 20.24
CA VAL C 292 -21.21 -53.71 21.37
C VAL C 292 -20.44 -53.94 22.66
N HIS C 293 -19.48 -54.86 22.64
CA HIS C 293 -18.71 -55.15 23.84
C HIS C 293 -17.85 -53.96 24.25
N GLU C 294 -17.40 -53.16 23.29
CA GLU C 294 -16.65 -51.95 23.64
C GLU C 294 -17.59 -50.88 24.21
N LEU C 295 -18.82 -50.80 23.69
CA LEU C 295 -19.77 -49.80 24.18
C LEU C 295 -20.22 -50.12 25.59
N LEU C 296 -20.47 -51.40 25.89
CA LEU C 296 -20.93 -51.76 27.22
C LEU C 296 -19.87 -51.49 28.28
N GLU C 297 -18.60 -51.34 27.89
CA GLU C 297 -17.56 -50.92 28.82
C GLU C 297 -17.60 -49.42 29.11
N LYS C 298 -18.40 -48.67 28.37
CA LYS C 298 -18.56 -47.23 28.61
C LYS C 298 -19.61 -46.99 29.68
N GLU C 299 -20.06 -45.74 29.82
CA GLU C 299 -21.01 -45.36 30.85
C GLU C 299 -22.40 -45.92 30.51
N ASN C 300 -23.41 -45.46 31.25
CA ASN C 300 -24.76 -46.00 31.11
C ASN C 300 -25.26 -45.91 29.68
N ILE C 301 -25.72 -47.04 29.15
CA ILE C 301 -26.21 -47.14 27.78
C ILE C 301 -27.67 -47.53 27.83
N THR C 302 -28.54 -46.68 27.28
CA THR C 302 -29.97 -46.91 27.32
C THR C 302 -30.36 -48.02 26.36
N ASP C 303 -31.38 -48.79 26.75
CA ASP C 303 -31.88 -49.85 25.89
C ASP C 303 -32.63 -49.27 24.70
N PRO C 304 -32.59 -49.93 23.55
CA PRO C 304 -33.31 -49.45 22.38
C PRO C 304 -34.82 -49.58 22.57
N PRO C 305 -35.61 -48.79 21.86
CA PRO C 305 -37.06 -48.89 21.99
C PRO C 305 -37.56 -50.26 21.53
N ARG C 306 -38.67 -50.67 22.13
CA ARG C 306 -39.29 -51.93 21.77
C ARG C 306 -40.21 -51.68 20.59
N GLY C 307 -41.45 -51.28 20.89
CA GLY C 307 -42.44 -51.03 19.86
C GLY C 307 -42.51 -49.68 19.17
N CYS C 308 -42.84 -49.74 17.89
CA CYS C 308 -43.02 -48.58 17.01
C CYS C 308 -44.25 -47.77 17.41
N VAL C 309 -45.33 -48.46 17.74
CA VAL C 309 -46.57 -47.80 18.13
C VAL C 309 -46.54 -47.47 19.61
N GLY C 310 -46.06 -46.28 19.93
CA GLY C 310 -45.97 -45.86 21.31
C GLY C 310 -44.62 -45.32 21.74
N ASN C 311 -43.60 -45.44 20.89
CA ASN C 311 -42.27 -44.90 21.18
C ASN C 311 -41.86 -44.02 20.02
N THR C 312 -41.78 -42.71 20.26
CA THR C 312 -41.42 -41.72 19.25
C THR C 312 -40.24 -40.89 19.73
N ASN C 313 -39.24 -41.56 20.29
CA ASN C 313 -38.04 -40.90 20.79
C ASN C 313 -36.80 -41.53 20.17
N ILE C 314 -35.84 -40.69 19.80
CA ILE C 314 -34.59 -41.17 19.26
C ILE C 314 -33.83 -41.93 20.34
N TRP C 315 -33.22 -43.05 19.96
CA TRP C 315 -32.40 -43.80 20.89
C TRP C 315 -31.25 -42.93 21.40
N LYS C 316 -31.05 -42.94 22.72
CA LYS C 316 -30.09 -42.02 23.33
C LYS C 316 -28.67 -42.30 22.84
N THR C 317 -28.28 -43.56 22.75
CA THR C 317 -26.92 -43.94 22.37
C THR C 317 -26.80 -44.25 20.88
N GLY C 318 -27.81 -43.94 20.09
CA GLY C 318 -27.80 -44.18 18.67
C GLY C 318 -26.59 -43.58 17.96
N PRO C 319 -26.48 -42.24 17.97
CA PRO C 319 -25.34 -41.61 17.31
C PRO C 319 -23.99 -42.05 17.86
N LEU C 320 -23.88 -42.24 19.17
CA LEU C 320 -22.62 -42.70 19.75
C LEU C 320 -22.26 -44.10 19.26
N PHE C 321 -23.25 -45.00 19.23
CA PHE C 321 -22.99 -46.36 18.77
C PHE C 321 -22.63 -46.37 17.29
N LYS C 322 -23.30 -45.54 16.49
CA LYS C 322 -22.92 -45.42 15.08
C LYS C 322 -21.50 -44.89 14.93
N ARG C 323 -21.12 -43.92 15.78
CA ARG C 323 -19.77 -43.38 15.72
C ARG C 323 -18.73 -44.43 16.08
N VAL C 324 -18.99 -45.24 17.11
CA VAL C 324 -18.01 -46.25 17.48
C VAL C 324 -17.94 -47.36 16.43
N LEU C 325 -19.05 -47.64 15.73
CA LEU C 325 -18.97 -48.54 14.58
C LEU C 325 -18.10 -47.93 13.48
N MET C 326 -18.30 -46.64 13.19
CA MET C 326 -17.52 -45.99 12.14
C MET C 326 -16.05 -45.83 12.50
N SER C 327 -15.71 -45.90 13.78
CA SER C 327 -14.33 -45.80 14.23
C SER C 327 -13.77 -47.13 14.71
N SER C 328 -14.38 -48.25 14.32
CA SER C 328 -13.93 -49.56 14.76
C SER C 328 -13.05 -50.20 13.69
N LYS C 329 -11.95 -50.81 14.13
CA LYS C 329 -11.03 -51.53 13.25
C LYS C 329 -11.16 -53.02 13.55
N TYR C 330 -11.33 -53.80 12.49
CA TYR C 330 -11.55 -55.24 12.63
C TYR C 330 -10.88 -55.93 11.43
N ALA C 331 -9.65 -56.40 11.64
CA ALA C 331 -8.85 -57.01 10.58
C ALA C 331 -8.93 -58.53 10.58
N ASP C 332 -9.75 -59.12 11.44
CA ASP C 332 -9.85 -60.57 11.53
C ASP C 332 -10.96 -61.15 10.67
N GLY C 333 -11.60 -60.31 9.84
CA GLY C 333 -12.69 -60.79 9.03
C GLY C 333 -12.24 -61.67 7.88
N VAL C 334 -13.21 -62.39 7.31
CA VAL C 334 -12.94 -63.24 6.16
C VAL C 334 -12.52 -62.41 4.96
N THR C 335 -13.18 -61.27 4.75
CA THR C 335 -12.92 -60.39 3.61
C THR C 335 -11.84 -59.34 3.92
N GLY C 336 -10.93 -59.63 4.84
CA GLY C 336 -9.87 -58.71 5.16
C GLY C 336 -10.29 -57.68 6.20
N ARG C 337 -9.48 -56.63 6.31
CA ARG C 337 -9.75 -55.57 7.27
C ARG C 337 -11.03 -54.83 6.91
N VAL C 338 -11.78 -54.45 7.95
CA VAL C 338 -13.05 -53.75 7.78
C VAL C 338 -12.90 -52.39 8.45
N GLU C 339 -12.68 -51.35 7.65
CA GLU C 339 -12.54 -49.99 8.14
C GLU C 339 -13.53 -49.09 7.40
N PHE C 340 -14.27 -48.28 8.16
CA PHE C 340 -15.28 -47.41 7.59
C PHE C 340 -14.75 -45.98 7.49
N ASN C 341 -15.20 -45.27 6.45
CA ASN C 341 -14.80 -43.90 6.22
C ASN C 341 -15.81 -42.95 6.89
N GLU C 342 -15.72 -41.66 6.56
CA GLU C 342 -16.63 -40.68 7.15
C GLU C 342 -18.08 -40.96 6.74
N ASP C 343 -18.30 -41.32 5.48
CA ASP C 343 -19.65 -41.60 4.99
C ASP C 343 -20.22 -42.90 5.55
N GLY C 344 -19.42 -43.71 6.24
CA GLY C 344 -19.88 -44.99 6.72
C GLY C 344 -19.79 -46.11 5.71
N ASP C 345 -18.84 -46.05 4.79
CA ASP C 345 -18.63 -47.07 3.78
C ASP C 345 -17.27 -47.72 3.99
N ARG C 346 -17.18 -49.00 3.64
CA ARG C 346 -15.93 -49.72 3.86
C ARG C 346 -14.80 -49.11 3.02
N LYS C 347 -13.65 -48.95 3.66
CA LYS C 347 -12.46 -48.42 3.02
C LYS C 347 -11.48 -49.54 2.72
N PHE C 348 -10.66 -49.34 1.69
CA PHE C 348 -9.62 -50.28 1.29
C PHE C 348 -10.23 -51.64 0.93
N ALA C 349 -11.05 -51.63 -0.12
CA ALA C 349 -11.67 -52.83 -0.64
C ALA C 349 -10.87 -53.39 -1.81
N ASN C 350 -11.07 -54.67 -2.07
CA ASN C 350 -10.32 -55.39 -3.11
C ASN C 350 -11.12 -55.41 -4.40
N TYR C 351 -10.56 -54.84 -5.46
CA TYR C 351 -11.18 -54.82 -6.77
C TYR C 351 -10.35 -55.65 -7.74
N SER C 352 -11.03 -56.39 -8.60
CA SER C 352 -10.40 -57.23 -9.60
C SER C 352 -10.71 -56.70 -10.99
N ILE C 353 -9.68 -56.45 -11.79
CA ILE C 353 -9.86 -56.10 -13.18
C ILE C 353 -10.37 -57.32 -13.94
N MET C 354 -11.21 -57.09 -14.95
CA MET C 354 -11.72 -58.17 -15.77
C MET C 354 -11.80 -57.68 -17.20
N ASN C 355 -10.94 -58.21 -18.07
CA ASN C 355 -10.97 -57.87 -19.47
C ASN C 355 -11.83 -58.88 -20.22
N LEU C 356 -12.66 -58.38 -21.12
CA LEU C 356 -13.50 -59.24 -21.94
C LEU C 356 -12.65 -59.83 -23.06
N GLN C 357 -12.47 -61.15 -23.04
CA GLN C 357 -11.67 -61.86 -24.04
C GLN C 357 -12.55 -62.90 -24.72
N ASN C 358 -13.03 -62.57 -25.92
CA ASN C 358 -13.85 -63.47 -26.73
C ASN C 358 -15.06 -63.96 -25.95
N ARG C 359 -15.86 -63.00 -25.48
CA ARG C 359 -17.06 -63.28 -24.70
C ARG C 359 -16.76 -64.13 -23.47
N LYS C 360 -15.63 -63.85 -22.82
CA LYS C 360 -15.23 -64.59 -21.63
C LYS C 360 -14.37 -63.66 -20.78
N LEU C 361 -14.91 -63.25 -19.63
CA LEU C 361 -14.18 -62.37 -18.74
C LEU C 361 -12.94 -63.07 -18.19
N VAL C 362 -11.81 -62.38 -18.20
CA VAL C 362 -10.54 -62.91 -17.70
C VAL C 362 -9.93 -61.89 -16.76
N GLN C 363 -9.55 -62.34 -15.56
CA GLN C 363 -8.91 -61.45 -14.61
C GLN C 363 -7.56 -60.97 -15.14
N VAL C 364 -7.30 -59.69 -14.98
CA VAL C 364 -6.08 -59.06 -15.48
C VAL C 364 -5.25 -58.47 -14.34
N GLY C 365 -5.89 -57.70 -13.46
CA GLY C 365 -5.19 -57.08 -12.35
C GLY C 365 -6.08 -56.99 -11.13
N ILE C 366 -5.46 -56.59 -10.02
CA ILE C 366 -6.13 -56.47 -8.74
C ILE C 366 -5.78 -55.12 -8.13
N TYR C 367 -6.79 -54.41 -7.64
CA TYR C 367 -6.63 -53.13 -6.96
C TYR C 367 -7.02 -53.32 -5.50
N ASN C 368 -6.05 -53.17 -4.60
CA ASN C 368 -6.29 -53.33 -3.18
C ASN C 368 -6.52 -52.00 -2.46
N GLY C 369 -5.58 -51.06 -2.59
CA GLY C 369 -5.80 -49.72 -2.09
C GLY C 369 -4.69 -48.78 -2.52
N THR C 370 -5.07 -47.64 -3.12
CA THR C 370 -4.12 -46.64 -3.60
C THR C 370 -3.08 -47.21 -4.57
N HIS C 371 -3.33 -48.42 -5.08
CA HIS C 371 -2.38 -49.08 -5.98
C HIS C 371 -3.03 -50.27 -6.68
N VAL C 372 -2.87 -50.36 -7.99
CA VAL C 372 -3.37 -51.47 -8.78
C VAL C 372 -2.18 -52.22 -9.36
N ILE C 373 -2.23 -53.55 -9.30
CA ILE C 373 -1.15 -54.40 -9.77
C ILE C 373 -1.72 -55.37 -10.80
N PRO C 374 -1.18 -55.40 -12.02
CA PRO C 374 -1.65 -56.37 -13.01
C PRO C 374 -0.99 -57.72 -12.82
N ASN C 375 -1.58 -58.73 -13.46
CA ASN C 375 -1.11 -60.11 -13.38
C ASN C 375 -0.43 -60.50 -14.69
N ASP C 376 -0.01 -61.77 -14.76
CA ASP C 376 0.68 -62.27 -15.95
C ASP C 376 -0.24 -62.42 -17.15
N ARG C 377 -1.56 -62.39 -16.94
CA ARG C 377 -2.48 -62.52 -18.05
C ARG C 377 -2.36 -61.33 -19.00
N LYS C 378 -2.42 -61.61 -20.29
CA LYS C 378 -2.30 -60.57 -21.30
C LYS C 378 -3.59 -59.77 -21.39
N ILE C 379 -3.49 -58.59 -22.03
CA ILE C 379 -4.61 -57.68 -22.20
C ILE C 379 -4.85 -57.50 -23.69
N ILE C 380 -6.08 -57.75 -24.12
CA ILE C 380 -6.49 -57.52 -25.50
C ILE C 380 -7.49 -56.37 -25.50
N TRP C 381 -7.23 -55.38 -26.33
CA TRP C 381 -8.02 -54.16 -26.39
C TRP C 381 -8.97 -54.20 -27.59
N PRO C 382 -10.01 -53.36 -27.58
CA PRO C 382 -10.99 -53.40 -28.68
C PRO C 382 -10.32 -53.16 -30.02
N GLY C 383 -10.82 -53.88 -31.03
CA GLY C 383 -10.21 -53.88 -32.34
C GLY C 383 -9.09 -54.87 -32.53
N GLY C 384 -8.77 -55.67 -31.51
CA GLY C 384 -7.71 -56.65 -31.59
C GLY C 384 -6.33 -56.14 -31.27
N GLU C 385 -6.17 -54.85 -30.99
CA GLU C 385 -4.87 -54.30 -30.67
C GLU C 385 -4.37 -54.84 -29.33
N THR C 386 -3.08 -55.16 -29.27
CA THR C 386 -2.46 -55.67 -28.05
C THR C 386 -1.49 -54.68 -27.43
N GLU C 387 -1.43 -53.46 -27.94
CA GLU C 387 -0.56 -52.43 -27.38
C GLU C 387 -1.34 -51.65 -26.32
N LYS C 388 -0.82 -50.50 -25.90
CA LYS C 388 -1.55 -49.64 -24.98
C LYS C 388 -1.99 -48.39 -25.72
N PRO C 389 -3.11 -48.46 -26.45
CA PRO C 389 -3.48 -47.35 -27.34
C PRO C 389 -3.98 -46.13 -26.59
N ARG C 390 -3.18 -45.07 -26.56
CA ARG C 390 -3.62 -43.80 -25.99
C ARG C 390 -4.64 -43.18 -26.93
N GLY C 391 -5.92 -43.26 -26.56
CA GLY C 391 -6.97 -42.72 -27.39
C GLY C 391 -7.03 -41.21 -27.34
N TYR C 392 -6.01 -40.55 -27.88
CA TYR C 392 -5.86 -39.10 -27.81
C TYR C 392 -5.47 -38.55 -29.18
N GLN C 393 -6.21 -38.94 -30.21
CA GLN C 393 -5.96 -38.40 -31.54
C GLN C 393 -6.25 -36.90 -31.56
N MET C 394 -5.23 -36.12 -31.92
CA MET C 394 -5.38 -34.66 -31.90
C MET C 394 -6.26 -34.16 -33.04
N SER C 395 -6.34 -34.92 -34.13
CA SER C 395 -7.23 -34.67 -35.27
C SER C 395 -6.78 -33.48 -36.13
N THR C 396 -5.81 -32.72 -35.63
CA THR C 396 -5.09 -31.69 -36.39
C THR C 396 -6.00 -30.91 -37.34
N ARG C 397 -7.08 -30.36 -36.79
CA ARG C 397 -8.01 -29.56 -37.58
C ARG C 397 -8.02 -28.10 -37.16
N LEU C 398 -8.28 -27.82 -35.88
CA LEU C 398 -8.10 -26.49 -35.30
C LEU C 398 -8.93 -25.43 -36.05
N LYS C 399 -10.25 -25.57 -35.93
CA LYS C 399 -11.14 -24.51 -36.38
C LYS C 399 -10.79 -23.21 -35.69
N ILE C 400 -10.66 -22.13 -36.46
CA ILE C 400 -10.09 -20.88 -35.97
C ILE C 400 -11.07 -19.75 -36.21
N VAL C 401 -11.34 -18.97 -35.16
CA VAL C 401 -12.13 -17.76 -35.28
C VAL C 401 -11.17 -16.59 -35.46
N THR C 402 -11.70 -15.48 -35.99
CA THR C 402 -10.89 -14.30 -36.26
C THR C 402 -11.81 -13.12 -36.50
N ILE C 403 -11.54 -12.01 -35.82
CA ILE C 403 -12.32 -10.79 -35.98
C ILE C 403 -11.68 -9.97 -37.10
N HIS C 404 -12.52 -9.21 -37.81
CA HIS C 404 -12.05 -8.36 -38.89
C HIS C 404 -11.40 -7.11 -38.31
N GLN C 405 -10.07 -7.06 -38.34
CA GLN C 405 -9.31 -5.92 -37.88
C GLN C 405 -8.46 -5.39 -39.03
N GLU C 406 -8.41 -4.06 -39.16
CA GLU C 406 -7.85 -3.47 -40.37
C GLU C 406 -6.40 -3.86 -40.63
N PRO C 407 -5.43 -3.51 -39.77
CA PRO C 407 -4.03 -3.78 -40.13
C PRO C 407 -3.62 -5.24 -40.00
N PHE C 408 -4.43 -6.08 -39.36
CA PHE C 408 -4.06 -7.45 -39.08
C PHE C 408 -4.78 -8.46 -39.97
N VAL C 409 -6.11 -8.38 -40.06
CA VAL C 409 -6.91 -9.34 -40.82
C VAL C 409 -7.80 -8.55 -41.77
N TYR C 410 -7.32 -8.34 -43.00
CA TYR C 410 -8.17 -7.80 -44.05
C TYR C 410 -9.17 -8.85 -44.50
N VAL C 411 -10.44 -8.47 -44.61
CA VAL C 411 -11.49 -9.33 -45.09
C VAL C 411 -12.11 -8.67 -46.31
N LYS C 412 -12.15 -9.38 -47.43
CA LYS C 412 -12.71 -8.84 -48.66
C LYS C 412 -13.54 -9.90 -49.36
N PRO C 413 -14.60 -9.51 -50.06
CA PRO C 413 -15.38 -10.48 -50.83
C PRO C 413 -14.53 -11.14 -51.90
N THR C 414 -14.75 -12.44 -52.10
CA THR C 414 -13.99 -13.18 -53.09
C THR C 414 -14.53 -12.90 -54.49
N LEU C 415 -13.82 -13.42 -55.49
CA LEU C 415 -14.25 -13.29 -56.87
C LEU C 415 -15.49 -14.15 -57.11
N SER C 416 -16.14 -13.90 -58.26
CA SER C 416 -17.34 -14.66 -58.61
C SER C 416 -17.02 -16.14 -58.77
N ASP C 417 -15.79 -16.48 -59.16
CA ASP C 417 -15.40 -17.87 -59.27
C ASP C 417 -15.29 -18.57 -57.92
N GLY C 418 -15.30 -17.81 -56.83
CA GLY C 418 -15.19 -18.36 -55.49
C GLY C 418 -13.80 -18.29 -54.89
N THR C 419 -12.78 -18.04 -55.69
CA THR C 419 -11.41 -17.92 -55.22
C THR C 419 -10.95 -16.48 -55.36
N CYS C 420 -10.46 -15.91 -54.27
CA CYS C 420 -10.04 -14.51 -54.28
C CYS C 420 -8.83 -14.31 -55.19
N LYS C 421 -8.72 -13.10 -55.73
CA LYS C 421 -7.65 -12.78 -56.67
C LYS C 421 -6.29 -12.88 -55.99
N GLU C 422 -5.28 -13.26 -56.78
CA GLU C 422 -3.92 -13.41 -56.29
C GLU C 422 -3.18 -12.10 -56.51
N GLU C 423 -3.09 -11.27 -55.47
CA GLU C 423 -2.38 -10.01 -55.54
C GLU C 423 -0.89 -10.23 -55.29
N PHE C 424 -0.12 -9.16 -55.47
CA PHE C 424 1.32 -9.20 -55.29
C PHE C 424 1.76 -8.03 -54.42
N THR C 425 2.81 -8.25 -53.63
CA THR C 425 3.32 -7.23 -52.73
C THR C 425 4.24 -6.27 -53.47
N VAL C 426 4.78 -5.29 -52.73
CA VAL C 426 5.69 -4.33 -53.33
C VAL C 426 6.98 -5.01 -53.80
N ASN C 427 7.46 -5.97 -53.01
CA ASN C 427 8.69 -6.70 -53.34
C ASN C 427 8.45 -7.82 -54.34
N GLY C 428 7.24 -7.95 -54.88
CA GLY C 428 6.93 -8.98 -55.85
C GLY C 428 6.54 -10.31 -55.25
N ASP C 429 6.57 -10.45 -53.94
CA ASP C 429 6.17 -11.71 -53.32
C ASP C 429 4.64 -11.84 -53.38
N PRO C 430 4.12 -13.05 -53.60
CA PRO C 430 2.67 -13.24 -53.64
C PRO C 430 2.09 -13.17 -52.23
N VAL C 431 1.12 -12.28 -52.03
CA VAL C 431 0.47 -12.16 -50.73
C VAL C 431 -0.35 -13.41 -50.47
N LYS C 432 -0.21 -13.97 -49.27
CA LYS C 432 -0.91 -15.20 -48.91
C LYS C 432 -2.32 -14.88 -48.45
N LYS C 433 -3.29 -15.64 -48.93
CA LYS C 433 -4.69 -15.42 -48.63
C LYS C 433 -5.34 -16.75 -48.23
N VAL C 434 -6.41 -16.66 -47.45
CA VAL C 434 -7.17 -17.85 -47.09
C VAL C 434 -8.65 -17.57 -47.27
N ILE C 435 -9.42 -18.65 -47.41
CA ILE C 435 -10.88 -18.56 -47.55
C ILE C 435 -11.47 -18.59 -46.15
N CYS C 436 -12.24 -17.55 -45.83
CA CYS C 436 -12.70 -17.30 -44.46
C CYS C 436 -14.21 -17.16 -44.49
N THR C 437 -14.90 -18.08 -43.82
CA THR C 437 -16.36 -18.19 -43.91
C THR C 437 -17.00 -17.30 -42.84
N GLY C 438 -17.10 -16.01 -43.16
CA GLY C 438 -17.72 -15.06 -42.27
C GLY C 438 -19.05 -14.57 -42.79
N PRO C 439 -19.80 -13.85 -41.96
CA PRO C 439 -21.09 -13.31 -42.39
C PRO C 439 -20.89 -12.06 -43.26
N ASN C 440 -21.60 -12.02 -44.39
CA ASN C 440 -21.52 -10.86 -45.27
C ASN C 440 -22.19 -9.65 -44.62
N ASP C 441 -23.47 -9.77 -44.28
CA ASP C 441 -24.18 -8.66 -43.69
C ASP C 441 -23.64 -8.35 -42.30
N THR C 442 -23.40 -7.07 -42.03
CA THR C 442 -22.94 -6.61 -40.73
C THR C 442 -24.01 -5.90 -39.93
N SER C 443 -25.21 -5.75 -40.48
CA SER C 443 -26.29 -5.09 -39.77
C SER C 443 -26.84 -6.00 -38.67
N PRO C 444 -26.90 -5.54 -37.43
CA PRO C 444 -27.46 -6.39 -36.37
C PRO C 444 -28.94 -6.66 -36.60
N GLY C 445 -29.39 -7.81 -36.11
CA GLY C 445 -30.77 -8.23 -36.31
C GLY C 445 -31.12 -8.53 -37.75
N SER C 446 -30.22 -9.19 -38.47
CA SER C 446 -30.39 -9.53 -39.87
C SER C 446 -30.06 -11.01 -40.08
N PRO C 447 -30.58 -11.62 -41.15
CA PRO C 447 -30.28 -13.03 -41.40
C PRO C 447 -28.85 -13.23 -41.89
N ARG C 448 -27.92 -13.34 -40.95
CA ARG C 448 -26.51 -13.48 -41.26
C ARG C 448 -26.26 -14.57 -42.29
N HIS C 449 -25.74 -14.17 -43.45
CA HIS C 449 -25.46 -15.08 -44.55
C HIS C 449 -23.99 -15.49 -44.47
N THR C 450 -23.74 -16.76 -44.16
CA THR C 450 -22.37 -17.27 -44.00
C THR C 450 -21.81 -17.61 -45.39
N VAL C 451 -21.35 -16.58 -46.07
CA VAL C 451 -20.75 -16.75 -47.40
C VAL C 451 -19.23 -16.70 -47.24
N PRO C 452 -18.48 -17.48 -48.02
CA PRO C 452 -17.02 -17.52 -47.86
C PRO C 452 -16.35 -16.33 -48.51
N GLN C 453 -15.83 -15.42 -47.69
CA GLN C 453 -15.02 -14.32 -48.18
C GLN C 453 -13.56 -14.77 -48.25
N CYS C 454 -12.65 -13.84 -48.55
CA CYS C 454 -11.22 -14.12 -48.51
C CYS C 454 -10.56 -13.15 -47.54
N CYS C 455 -9.81 -13.68 -46.59
CA CYS C 455 -9.14 -12.86 -45.59
C CYS C 455 -7.65 -13.18 -45.58
N TYR C 456 -6.88 -12.16 -45.23
CA TYR C 456 -5.43 -12.17 -45.37
C TYR C 456 -4.86 -11.00 -44.60
N GLY C 457 -3.64 -11.16 -44.09
CA GLY C 457 -2.97 -10.08 -43.42
C GLY C 457 -1.92 -10.60 -42.46
N PHE C 458 -1.61 -9.77 -41.45
CA PHE C 458 -0.56 -10.07 -40.50
C PHE C 458 -0.86 -11.36 -39.74
N CYS C 459 -2.04 -11.43 -39.12
CA CYS C 459 -2.41 -12.61 -38.36
C CYS C 459 -2.53 -13.83 -39.26
N ILE C 460 -3.03 -13.63 -40.49
CA ILE C 460 -3.14 -14.75 -41.43
C ILE C 460 -1.77 -15.27 -41.81
N ASP C 461 -0.82 -14.37 -42.06
CA ASP C 461 0.54 -14.82 -42.39
C ASP C 461 1.18 -15.55 -41.22
N LEU C 462 0.96 -15.05 -40.00
CA LEU C 462 1.45 -15.76 -38.82
C LEU C 462 0.83 -17.15 -38.73
N LEU C 463 -0.46 -17.26 -39.02
CA LEU C 463 -1.13 -18.55 -39.01
C LEU C 463 -0.53 -19.49 -40.05
N ILE C 464 -0.22 -18.97 -41.23
CA ILE C 464 0.40 -19.79 -42.26
C ILE C 464 1.75 -20.31 -41.79
N LYS C 465 2.55 -19.44 -41.17
CA LYS C 465 3.84 -19.87 -40.64
C LYS C 465 3.67 -20.94 -39.57
N LEU C 466 2.71 -20.75 -38.66
CA LEU C 466 2.47 -21.73 -37.61
C LEU C 466 2.04 -23.08 -38.20
N ALA C 467 1.15 -23.05 -39.19
CA ALA C 467 0.72 -24.28 -39.84
C ALA C 467 1.88 -24.97 -40.53
N ARG C 468 2.73 -24.20 -41.21
CA ARG C 468 3.87 -24.79 -41.89
C ARG C 468 4.83 -25.45 -40.91
N THR C 469 5.06 -24.83 -39.76
CA THR C 469 6.01 -25.35 -38.80
C THR C 469 5.42 -26.33 -37.80
N MET C 470 4.09 -26.52 -37.79
CA MET C 470 3.51 -27.30 -36.70
C MET C 470 2.39 -28.23 -37.18
N ASN C 471 2.33 -28.54 -38.48
CA ASN C 471 1.43 -29.57 -39.02
C ASN C 471 -0.04 -29.27 -38.71
N PHE C 472 -0.53 -28.18 -39.28
CA PHE C 472 -1.94 -27.83 -39.15
C PHE C 472 -2.69 -28.07 -40.44
N THR C 473 -4.02 -28.19 -40.33
CA THR C 473 -4.94 -28.08 -41.46
C THR C 473 -6.03 -27.11 -41.00
N TYR C 474 -5.75 -25.82 -41.13
CA TYR C 474 -6.61 -24.79 -40.57
C TYR C 474 -7.88 -24.62 -41.38
N GLU C 475 -8.96 -24.24 -40.70
CA GLU C 475 -10.23 -23.88 -41.32
C GLU C 475 -10.65 -22.54 -40.74
N VAL C 476 -10.15 -21.45 -41.32
CA VAL C 476 -10.39 -20.12 -40.79
C VAL C 476 -11.85 -19.74 -41.03
N HIS C 477 -12.44 -19.02 -40.08
CA HIS C 477 -13.79 -18.52 -40.23
C HIS C 477 -13.98 -17.35 -39.25
N LEU C 478 -14.71 -16.34 -39.70
CA LEU C 478 -14.95 -15.17 -38.87
C LEU C 478 -15.98 -15.49 -37.79
N VAL C 479 -16.34 -14.47 -37.02
CA VAL C 479 -17.25 -14.65 -35.89
C VAL C 479 -18.58 -13.98 -36.19
N ALA C 480 -19.62 -14.43 -35.49
CA ALA C 480 -20.96 -13.92 -35.72
C ALA C 480 -21.18 -12.58 -35.03
N ASP C 481 -20.82 -12.50 -33.75
CA ASP C 481 -21.06 -11.27 -33.00
C ASP C 481 -20.22 -10.11 -33.52
N GLY C 482 -19.08 -10.41 -34.13
CA GLY C 482 -18.16 -9.35 -34.52
C GLY C 482 -17.59 -8.59 -33.35
N LYS C 483 -17.35 -9.28 -32.25
CA LYS C 483 -16.85 -8.65 -31.03
C LYS C 483 -15.73 -9.50 -30.44
N PHE C 484 -14.86 -8.85 -29.68
CA PHE C 484 -13.72 -9.57 -29.11
C PHE C 484 -14.15 -10.47 -27.96
N GLY C 485 -15.03 -9.98 -27.09
CA GLY C 485 -15.56 -10.82 -26.03
C GLY C 485 -15.42 -10.24 -24.64
N THR C 486 -16.54 -10.14 -23.93
CA THR C 486 -16.58 -9.67 -22.55
C THR C 486 -17.47 -10.57 -21.73
N GLN C 487 -17.54 -10.31 -20.43
CA GLN C 487 -18.42 -11.03 -19.52
C GLN C 487 -19.75 -10.29 -19.47
N GLU C 488 -20.70 -10.75 -20.28
CA GLU C 488 -22.00 -10.09 -20.40
C GLU C 488 -23.03 -10.85 -19.60
N ARG C 489 -23.83 -10.12 -18.83
CA ARG C 489 -24.89 -10.75 -18.05
C ARG C 489 -25.99 -11.25 -18.97
N VAL C 490 -26.33 -12.54 -18.85
CA VAL C 490 -27.36 -13.12 -19.69
C VAL C 490 -28.70 -12.47 -19.35
N ASN C 491 -29.49 -12.19 -20.40
CA ASN C 491 -30.79 -11.55 -20.20
C ASN C 491 -31.68 -12.41 -19.32
N ASN C 492 -32.31 -11.78 -18.32
CA ASN C 492 -33.18 -12.45 -17.36
C ASN C 492 -32.46 -13.57 -16.64
N SER C 493 -31.18 -13.39 -16.35
CA SER C 493 -30.38 -14.38 -15.64
C SER C 493 -29.23 -13.70 -14.92
N ASN C 494 -28.97 -14.15 -13.69
CA ASN C 494 -27.84 -13.61 -12.94
C ASN C 494 -26.51 -14.07 -13.51
N LYS C 495 -26.48 -15.28 -14.10
CA LYS C 495 -25.24 -15.81 -14.65
C LYS C 495 -24.74 -14.95 -15.80
N LYS C 496 -23.43 -14.77 -15.86
CA LYS C 496 -22.77 -14.02 -16.93
C LYS C 496 -22.06 -15.00 -17.84
N GLU C 497 -22.05 -14.72 -19.13
CA GLU C 497 -21.43 -15.59 -20.12
C GLU C 497 -20.47 -14.80 -21.01
N TRP C 498 -19.74 -15.54 -21.82
CA TRP C 498 -18.77 -14.98 -22.75
C TRP C 498 -19.38 -14.86 -24.13
N ASN C 499 -19.21 -13.70 -24.76
CA ASN C 499 -19.68 -13.45 -26.11
C ASN C 499 -18.49 -13.27 -27.04
N GLY C 500 -18.78 -13.05 -28.32
CA GLY C 500 -17.73 -12.75 -29.27
C GLY C 500 -16.76 -13.90 -29.46
N MET C 501 -15.51 -13.55 -29.73
CA MET C 501 -14.49 -14.56 -30.02
C MET C 501 -14.29 -15.49 -28.84
N MET C 502 -14.28 -14.94 -27.62
CA MET C 502 -14.16 -15.78 -26.44
C MET C 502 -15.36 -16.72 -26.33
N GLY C 503 -16.56 -16.23 -26.65
CA GLY C 503 -17.71 -17.10 -26.64
C GLY C 503 -17.59 -18.24 -27.63
N GLU C 504 -17.10 -17.95 -28.84
CA GLU C 504 -16.91 -19.03 -29.82
C GLU C 504 -15.85 -20.02 -29.37
N LEU C 505 -14.75 -19.53 -28.80
CA LEU C 505 -13.66 -20.43 -28.42
C LEU C 505 -14.04 -21.32 -27.24
N LEU C 506 -14.65 -20.72 -26.21
CA LEU C 506 -15.01 -21.50 -25.03
C LEU C 506 -16.13 -22.48 -25.33
N SER C 507 -17.00 -22.17 -26.28
CA SER C 507 -18.10 -23.06 -26.64
C SER C 507 -17.62 -24.30 -27.39
N GLY C 508 -16.36 -24.35 -27.79
CA GLY C 508 -15.83 -25.46 -28.56
C GLY C 508 -15.95 -25.29 -30.06
N GLN C 509 -16.60 -24.21 -30.53
CA GLN C 509 -16.71 -23.98 -31.96
C GLN C 509 -15.37 -23.66 -32.60
N ALA C 510 -14.37 -23.31 -31.80
CA ALA C 510 -13.04 -23.00 -32.31
C ALA C 510 -12.00 -23.59 -31.38
N ASP C 511 -10.81 -23.83 -31.93
CA ASP C 511 -9.69 -24.33 -31.15
C ASP C 511 -8.60 -23.29 -30.91
N MET C 512 -8.54 -22.25 -31.73
CA MET C 512 -7.54 -21.20 -31.59
C MET C 512 -8.18 -19.87 -31.97
N ILE C 513 -7.57 -18.79 -31.48
CA ILE C 513 -8.00 -17.44 -31.83
C ILE C 513 -6.79 -16.73 -32.42
N VAL C 514 -6.66 -16.80 -33.74
CA VAL C 514 -5.59 -16.09 -34.44
C VAL C 514 -6.16 -14.73 -34.82
N ALA C 515 -6.06 -13.79 -33.90
CA ALA C 515 -6.62 -12.45 -34.08
C ALA C 515 -5.96 -11.53 -33.05
N PRO C 516 -6.06 -10.22 -33.23
CA PRO C 516 -5.53 -9.32 -32.21
C PRO C 516 -6.36 -9.38 -30.94
N LEU C 517 -5.82 -10.05 -29.91
CA LEU C 517 -6.55 -10.30 -28.68
C LEU C 517 -5.69 -9.82 -27.51
N THR C 518 -6.15 -8.76 -26.83
CA THR C 518 -5.41 -8.24 -25.70
C THR C 518 -5.42 -9.25 -24.56
N ILE C 519 -4.26 -9.40 -23.90
CA ILE C 519 -4.11 -10.33 -22.80
C ILE C 519 -4.59 -9.63 -21.54
N ASN C 520 -5.82 -9.91 -21.13
CA ASN C 520 -6.39 -9.36 -19.90
C ASN C 520 -6.40 -10.41 -18.80
N ASN C 521 -6.54 -9.92 -17.57
CA ASN C 521 -6.73 -10.82 -16.44
C ASN C 521 -8.05 -11.55 -16.54
N GLU C 522 -9.10 -10.85 -16.98
CA GLU C 522 -10.40 -11.49 -17.11
C GLU C 522 -10.38 -12.60 -18.16
N ARG C 523 -9.68 -12.39 -19.27
CA ARG C 523 -9.63 -13.40 -20.31
C ARG C 523 -8.71 -14.55 -19.93
N ALA C 524 -7.65 -14.27 -19.18
CA ALA C 524 -6.63 -15.27 -18.91
C ALA C 524 -7.11 -16.35 -17.94
N GLN C 525 -8.18 -16.09 -17.19
CA GLN C 525 -8.64 -17.08 -16.23
C GLN C 525 -9.36 -18.25 -16.88
N TYR C 526 -9.85 -18.08 -18.11
CA TYR C 526 -10.61 -19.12 -18.79
C TYR C 526 -9.88 -19.74 -19.97
N ILE C 527 -9.04 -18.99 -20.67
CA ILE C 527 -8.26 -19.52 -21.78
C ILE C 527 -6.78 -19.34 -21.46
N GLU C 528 -5.91 -19.82 -22.34
CA GLU C 528 -4.47 -19.77 -22.13
C GLU C 528 -3.82 -19.06 -23.31
N PHE C 529 -3.48 -17.79 -23.12
CA PHE C 529 -2.77 -17.05 -24.14
C PHE C 529 -1.35 -17.58 -24.32
N SER C 530 -0.86 -17.52 -25.54
CA SER C 530 0.53 -17.85 -25.84
C SER C 530 1.39 -16.62 -25.54
N LYS C 531 2.68 -16.70 -25.83
CA LYS C 531 3.54 -15.56 -25.67
C LYS C 531 3.12 -14.46 -26.65
N PRO C 532 3.14 -13.20 -26.24
CA PRO C 532 2.66 -12.13 -27.12
C PRO C 532 3.53 -12.02 -28.38
N PHE C 533 2.87 -11.89 -29.52
CA PHE C 533 3.55 -11.72 -30.79
C PHE C 533 3.60 -10.26 -31.25
N LYS C 534 2.98 -9.35 -30.50
CA LYS C 534 2.95 -7.94 -30.87
C LYS C 534 2.63 -7.13 -29.62
N TYR C 535 3.57 -6.32 -29.17
CA TYR C 535 3.39 -5.52 -27.97
C TYR C 535 2.77 -4.19 -28.36
N GLN C 536 1.55 -3.93 -27.90
CA GLN C 536 0.81 -2.74 -28.30
C GLN C 536 -0.11 -2.30 -27.17
N GLY C 537 0.05 -1.05 -26.73
CA GLY C 537 -0.82 -0.47 -25.74
C GLY C 537 -1.99 0.27 -26.37
N LEU C 538 -2.71 1.01 -25.54
CA LEU C 538 -3.84 1.79 -26.00
C LEU C 538 -3.42 3.24 -26.24
N THR C 539 -3.93 3.81 -27.32
CA THR C 539 -3.64 5.19 -27.69
C THR C 539 -4.93 5.87 -28.14
N ILE C 540 -4.81 7.16 -28.44
CA ILE C 540 -5.94 8.00 -28.81
C ILE C 540 -5.73 8.49 -30.24
N LEU C 541 -6.76 8.38 -31.06
CA LEU C 541 -6.74 8.83 -32.44
C LEU C 541 -7.70 10.00 -32.59
N VAL C 542 -7.23 11.08 -33.23
CA VAL C 542 -8.03 12.28 -33.43
C VAL C 542 -7.84 12.76 -34.86
N LYS C 543 -8.65 13.73 -35.25
CA LYS C 543 -8.56 14.31 -36.58
C LYS C 543 -7.55 15.45 -36.60
N LYS C 544 -6.77 15.52 -37.68
CA LYS C 544 -5.75 16.54 -37.85
C LYS C 544 -6.34 17.74 -38.58
N GLU C 545 -6.19 18.92 -37.98
CA GLU C 545 -6.73 20.14 -38.57
C GLU C 545 -5.83 20.62 -39.69
N ILE C 546 -6.43 21.23 -40.70
CA ILE C 546 -5.70 21.75 -41.85
C ILE C 546 -4.78 22.88 -41.39
N PRO C 547 -3.54 22.94 -41.89
CA PRO C 547 -2.63 24.02 -41.47
C PRO C 547 -3.14 25.38 -41.95
N ARG C 548 -3.52 26.22 -40.99
CA ARG C 548 -4.03 27.55 -41.30
C ARG C 548 -2.90 28.57 -41.32
N SER C 549 -3.25 29.86 -41.37
CA SER C 549 -2.30 30.96 -41.33
C SER C 549 -1.33 30.90 -42.52
N THR C 550 -1.90 30.93 -43.72
CA THR C 550 -1.13 30.93 -44.96
C THR C 550 -0.78 32.35 -45.40
N LEU C 551 -0.78 33.31 -44.48
CA LEU C 551 -0.51 34.72 -44.77
C LEU C 551 -1.46 35.25 -45.84
N ASP C 552 -2.71 34.77 -45.78
CA ASP C 552 -3.72 35.22 -46.73
C ASP C 552 -4.25 36.61 -46.34
N SER C 553 -4.81 36.73 -45.15
CA SER C 553 -5.36 37.99 -44.65
C SER C 553 -4.28 38.69 -43.82
N PHE C 554 -3.78 39.80 -44.34
CA PHE C 554 -2.78 40.58 -43.60
C PHE C 554 -3.38 41.21 -42.35
N MET C 555 -4.68 41.48 -42.37
CA MET C 555 -5.35 42.07 -41.21
C MET C 555 -5.77 41.04 -40.17
N GLN C 556 -5.58 39.76 -40.44
CA GLN C 556 -5.92 38.73 -39.46
C GLN C 556 -5.09 38.82 -38.18
N PRO C 557 -3.74 38.93 -38.21
CA PRO C 557 -2.97 38.96 -36.96
C PRO C 557 -3.34 40.13 -36.05
N PHE C 558 -3.21 41.36 -36.55
CA PHE C 558 -3.49 42.55 -35.78
C PHE C 558 -4.97 42.91 -35.92
N GLN C 559 -5.37 44.01 -35.28
CA GLN C 559 -6.74 44.49 -35.43
C GLN C 559 -6.94 45.05 -36.82
N SER C 560 -8.00 44.60 -37.50
CA SER C 560 -8.24 45.01 -38.88
C SER C 560 -8.55 46.49 -39.00
N THR C 561 -9.01 47.14 -37.94
CA THR C 561 -9.36 48.55 -37.99
C THR C 561 -8.15 49.45 -38.21
N LEU C 562 -6.95 48.96 -37.90
CA LEU C 562 -5.75 49.79 -38.06
C LEU C 562 -5.49 50.13 -39.51
N TRP C 563 -5.86 49.24 -40.43
CA TRP C 563 -5.68 49.49 -41.85
C TRP C 563 -6.46 50.73 -42.29
N LEU C 564 -7.70 50.86 -41.84
CA LEU C 564 -8.47 52.05 -42.17
C LEU C 564 -8.02 53.24 -41.34
N LEU C 565 -7.57 53.00 -40.11
CA LEU C 565 -7.16 54.10 -39.24
C LEU C 565 -5.93 54.82 -39.78
N VAL C 566 -4.94 54.08 -40.27
CA VAL C 566 -3.69 54.70 -40.69
C VAL C 566 -3.81 55.40 -42.04
N GLY C 567 -4.88 55.12 -42.80
CA GLY C 567 -4.99 55.69 -44.13
C GLY C 567 -5.15 57.20 -44.13
N LEU C 568 -6.00 57.73 -43.26
CA LEU C 568 -6.27 59.16 -43.24
C LEU C 568 -5.19 59.97 -42.54
N SER C 569 -4.36 59.33 -41.71
CA SER C 569 -3.30 60.05 -41.01
C SER C 569 -2.29 60.64 -41.99
N VAL C 570 -1.94 59.88 -43.02
CA VAL C 570 -0.99 60.37 -44.03
C VAL C 570 -1.55 61.59 -44.74
N HIS C 571 -2.82 61.52 -45.14
CA HIS C 571 -3.45 62.65 -45.82
C HIS C 571 -3.55 63.87 -44.92
N VAL C 572 -3.88 63.66 -43.65
CA VAL C 572 -3.96 64.78 -42.71
C VAL C 572 -2.60 65.43 -42.51
N VAL C 573 -1.55 64.61 -42.37
CA VAL C 573 -0.20 65.15 -42.21
C VAL C 573 0.21 65.92 -43.45
N ALA C 574 -0.08 65.39 -44.63
CA ALA C 574 0.26 66.07 -45.87
C ALA C 574 -0.47 67.41 -45.97
N VAL C 575 -1.76 67.42 -45.63
CA VAL C 575 -2.55 68.65 -45.68
C VAL C 575 -1.99 69.68 -44.71
N MET C 576 -1.63 69.27 -43.50
CA MET C 576 -1.03 70.19 -42.55
C MET C 576 0.29 70.74 -43.07
N LEU C 577 1.11 69.88 -43.70
CA LEU C 577 2.38 70.34 -44.25
C LEU C 577 2.16 71.36 -45.36
N TYR C 578 1.18 71.12 -46.24
CA TYR C 578 0.92 72.06 -47.32
C TYR C 578 0.36 73.37 -46.79
N LEU C 579 -0.49 73.31 -45.76
CA LEU C 579 -1.02 74.53 -45.16
C LEU C 579 0.03 75.30 -44.41
N LEU C 580 1.06 74.64 -43.88
CA LEU C 580 2.13 75.33 -43.18
C LEU C 580 3.04 76.11 -44.12
N ASP C 581 2.91 75.90 -45.44
CA ASP C 581 3.72 76.64 -46.40
C ASP C 581 3.27 78.08 -46.58
N ARG C 582 2.10 78.45 -46.06
CA ARG C 582 1.60 79.80 -46.18
C ARG C 582 2.00 80.65 -44.97
N THR C 602 1.08 71.78 -57.80
CA THR C 602 1.94 70.78 -57.19
C THR C 602 1.24 70.05 -56.05
N LEU C 603 -0.06 70.34 -55.89
CA LEU C 603 -0.83 69.72 -54.81
C LEU C 603 -0.97 68.21 -55.04
N SER C 604 -1.39 67.82 -56.24
CA SER C 604 -1.57 66.39 -56.53
C SER C 604 -0.24 65.65 -56.49
N SER C 605 0.81 66.24 -57.07
CA SER C 605 2.12 65.59 -57.07
C SER C 605 2.63 65.42 -55.64
N ALA C 606 2.50 66.45 -54.82
CA ALA C 606 2.93 66.35 -53.42
C ALA C 606 2.10 65.32 -52.66
N MET C 607 0.80 65.25 -52.93
CA MET C 607 -0.05 64.27 -52.26
C MET C 607 0.38 62.85 -52.63
N TRP C 608 0.63 62.60 -53.91
CA TRP C 608 1.10 61.28 -54.32
C TRP C 608 2.47 60.97 -53.72
N PHE C 609 3.35 61.97 -53.66
CA PHE C 609 4.66 61.77 -53.05
C PHE C 609 4.52 61.37 -51.58
N SER C 610 3.70 62.11 -50.83
CA SER C 610 3.52 61.80 -49.41
C SER C 610 2.88 60.44 -49.21
N TRP C 611 1.94 60.07 -50.09
CA TRP C 611 1.33 58.75 -49.99
C TRP C 611 2.31 57.64 -50.32
N GLY C 612 3.25 57.90 -51.22
CA GLY C 612 4.21 56.89 -51.64
C GLY C 612 5.50 56.81 -50.84
N VAL C 613 5.76 57.78 -49.97
CA VAL C 613 6.98 57.73 -49.16
C VAL C 613 6.96 56.49 -48.26
N LEU C 614 5.80 56.21 -47.63
CA LEU C 614 5.70 55.06 -46.73
C LEU C 614 5.95 53.75 -47.45
N LEU C 615 5.75 53.70 -48.76
CA LEU C 615 6.01 52.51 -49.55
C LEU C 615 7.43 52.47 -50.11
N ASN C 616 8.29 53.40 -49.69
CA ASN C 616 9.66 53.49 -50.17
C ASN C 616 9.73 53.67 -51.69
N SER C 617 8.73 54.37 -52.25
CA SER C 617 8.75 54.66 -53.68
C SER C 617 9.93 55.55 -54.05
N GLY C 618 10.25 56.53 -53.20
CA GLY C 618 11.35 57.43 -53.48
C GLY C 618 11.13 58.31 -54.69
N ILE C 619 9.91 58.84 -54.85
CA ILE C 619 9.62 59.72 -55.97
C ILE C 619 10.44 61.01 -55.86
N GLY C 620 10.50 61.58 -54.66
CA GLY C 620 11.26 62.81 -54.47
C GLY C 620 10.63 64.03 -55.11
N GLU C 621 9.32 64.00 -55.35
CA GLU C 621 8.62 65.13 -55.96
C GLU C 621 8.15 66.15 -54.94
N GLY C 622 8.38 65.93 -53.65
CA GLY C 622 7.96 66.86 -52.63
C GLY C 622 9.10 67.60 -51.98
N ALA C 623 9.18 68.91 -52.22
CA ALA C 623 10.21 69.77 -51.64
C ALA C 623 9.51 70.99 -51.03
N PRO C 624 8.97 70.85 -49.83
CA PRO C 624 8.27 71.99 -49.21
C PRO C 624 9.20 73.16 -48.99
N ARG C 625 8.67 74.37 -49.18
CA ARG C 625 9.47 75.58 -49.04
C ARG C 625 9.82 75.84 -47.58
N SER C 626 8.89 75.59 -46.67
CA SER C 626 9.12 75.87 -45.26
C SER C 626 10.05 74.82 -44.65
N PHE C 627 11.05 75.28 -43.90
CA PHE C 627 11.93 74.36 -43.19
C PHE C 627 11.17 73.58 -42.14
N SER C 628 10.22 74.23 -41.46
CA SER C 628 9.38 73.51 -40.50
C SER C 628 8.54 72.45 -41.19
N ALA C 629 8.08 72.74 -42.41
CA ALA C 629 7.35 71.73 -43.18
C ALA C 629 8.23 70.53 -43.48
N ARG C 630 9.50 70.77 -43.86
CA ARG C 630 10.42 69.67 -44.11
C ARG C 630 10.68 68.87 -42.83
N ILE C 631 10.81 69.55 -41.69
CA ILE C 631 11.02 68.87 -40.43
C ILE C 631 9.82 67.99 -40.09
N LEU C 632 8.61 68.53 -40.31
CA LEU C 632 7.40 67.75 -40.07
C LEU C 632 7.33 66.54 -41.00
N GLY C 633 7.75 66.72 -42.26
CA GLY C 633 7.78 65.60 -43.18
C GLY C 633 8.74 64.52 -42.76
N MET C 634 9.93 64.91 -42.28
CA MET C 634 10.89 63.93 -41.79
C MET C 634 10.37 63.22 -40.54
N VAL C 635 9.69 63.96 -39.66
CA VAL C 635 9.10 63.36 -38.47
C VAL C 635 8.03 62.35 -38.86
N TRP C 636 7.20 62.70 -39.85
CA TRP C 636 6.19 61.76 -40.33
C TRP C 636 6.82 60.53 -40.96
N ALA C 637 7.92 60.72 -41.69
CA ALA C 637 8.62 59.58 -42.29
C ALA C 637 9.16 58.66 -41.21
N GLY C 638 9.75 59.22 -40.15
CA GLY C 638 10.21 58.41 -39.04
C GLY C 638 9.07 57.67 -38.35
N PHE C 639 7.93 58.35 -38.18
CA PHE C 639 6.76 57.72 -37.58
C PHE C 639 6.27 56.57 -38.44
N ALA C 640 6.24 56.75 -39.76
CA ALA C 640 5.80 55.68 -40.66
C ALA C 640 6.77 54.51 -40.63
N MET C 641 8.07 54.79 -40.56
CA MET C 641 9.06 53.72 -40.44
C MET C 641 8.86 52.94 -39.14
N ILE C 642 8.62 53.65 -38.04
CA ILE C 642 8.35 52.99 -36.77
C ILE C 642 7.10 52.14 -36.87
N ILE C 643 6.06 52.65 -37.54
CA ILE C 643 4.80 51.93 -37.65
C ILE C 643 4.98 50.65 -38.46
N VAL C 644 5.69 50.73 -39.58
CA VAL C 644 5.87 49.54 -40.42
C VAL C 644 6.76 48.53 -39.72
N ALA C 645 7.77 49.00 -38.98
CA ALA C 645 8.60 48.08 -38.19
C ALA C 645 7.76 47.39 -37.12
N SER C 646 6.87 48.14 -36.47
CA SER C 646 5.99 47.56 -35.46
C SER C 646 5.05 46.54 -36.08
N TYR C 647 4.54 46.82 -37.28
CA TYR C 647 3.68 45.86 -37.97
C TYR C 647 4.42 44.59 -38.31
N THR C 648 5.66 44.71 -38.79
CA THR C 648 6.46 43.53 -39.08
C THR C 648 6.72 42.73 -37.81
N ALA C 649 7.03 43.41 -36.71
CA ALA C 649 7.26 42.72 -35.44
C ALA C 649 6.00 42.02 -34.96
N ASN C 650 4.84 42.67 -35.10
CA ASN C 650 3.58 42.04 -34.69
C ASN C 650 3.27 40.82 -35.54
N LEU C 651 3.52 40.90 -36.85
CA LEU C 651 3.32 39.75 -37.71
C LEU C 651 4.24 38.61 -37.32
N ALA C 652 5.51 38.91 -37.04
CA ALA C 652 6.44 37.87 -36.63
C ALA C 652 6.02 37.25 -35.31
N ALA C 653 5.55 38.06 -34.37
CA ALA C 653 5.09 37.54 -33.08
C ALA C 653 3.87 36.65 -33.25
N PHE C 654 2.92 37.08 -34.08
CA PHE C 654 1.72 36.27 -34.33
C PHE C 654 2.08 34.95 -34.99
N LEU C 655 3.01 34.97 -35.94
CA LEU C 655 3.47 33.73 -36.55
C LEU C 655 4.17 32.84 -35.54
N VAL C 656 4.98 33.42 -34.67
CA VAL C 656 5.67 32.64 -33.65
C VAL C 656 4.68 32.15 -32.60
N LEU C 657 3.73 33.01 -32.21
CA LEU C 657 2.77 32.62 -31.18
C LEU C 657 1.68 31.74 -31.75
N ASP C 658 1.69 31.51 -33.06
CA ASP C 658 0.65 30.72 -33.70
C ASP C 658 0.72 29.27 -33.23
N ARG C 659 -0.24 28.90 -32.38
CA ARG C 659 -0.39 27.53 -31.90
C ARG C 659 -1.82 27.34 -31.39
N PRO C 660 -2.83 27.43 -32.26
CA PRO C 660 -4.22 27.40 -31.77
C PRO C 660 -4.67 26.04 -31.29
N GLU C 661 -4.13 24.96 -31.85
CA GLU C 661 -4.58 23.61 -31.55
C GLU C 661 -3.82 23.05 -30.35
N GLU C 662 -4.58 22.50 -29.40
CA GLU C 662 -4.03 21.83 -28.24
C GLU C 662 -4.54 20.39 -28.24
N ARG C 663 -3.62 19.43 -28.21
CA ARG C 663 -3.97 18.03 -28.31
C ARG C 663 -3.99 17.36 -26.95
N ILE C 664 -5.01 16.55 -26.70
CA ILE C 664 -5.12 15.80 -25.45
C ILE C 664 -4.01 14.76 -25.39
N THR C 665 -3.35 14.67 -24.24
CA THR C 665 -2.21 13.78 -24.04
C THR C 665 -2.58 12.73 -22.99
N GLY C 666 -2.95 11.54 -23.45
CA GLY C 666 -3.21 10.44 -22.56
C GLY C 666 -4.48 10.60 -21.75
N ILE C 667 -4.62 9.72 -20.76
CA ILE C 667 -5.79 9.74 -19.88
C ILE C 667 -5.68 10.79 -18.80
N ASN C 668 -4.46 11.24 -18.47
CA ASN C 668 -4.29 12.24 -17.42
C ASN C 668 -4.72 13.64 -17.84
N ASP C 669 -5.03 13.86 -19.10
CA ASP C 669 -5.44 15.18 -19.55
C ASP C 669 -6.76 15.57 -18.91
N PRO C 670 -6.91 16.80 -18.41
CA PRO C 670 -8.17 17.19 -17.77
C PRO C 670 -9.37 17.12 -18.69
N ARG C 671 -9.19 17.38 -19.99
CA ARG C 671 -10.32 17.32 -20.91
C ARG C 671 -10.89 15.91 -21.01
N LEU C 672 -10.06 14.89 -20.84
CA LEU C 672 -10.53 13.50 -20.85
C LEU C 672 -10.97 13.04 -19.48
N ARG C 673 -10.25 13.45 -18.42
CA ARG C 673 -10.65 13.08 -17.07
C ARG C 673 -12.00 13.67 -16.71
N ASN C 674 -12.24 14.93 -17.10
CA ASN C 674 -13.53 15.56 -16.88
C ASN C 674 -14.32 15.57 -18.17
N PRO C 675 -15.39 14.82 -18.29
CA PRO C 675 -16.12 14.73 -19.55
C PRO C 675 -16.97 15.98 -19.80
N SER C 676 -17.46 16.07 -21.03
CA SER C 676 -18.32 17.18 -21.44
C SER C 676 -19.22 16.70 -22.57
N ASP C 677 -20.45 17.21 -22.59
CA ASP C 677 -21.41 16.78 -23.60
C ASP C 677 -21.05 17.24 -25.00
N LYS C 678 -20.31 18.33 -25.13
CA LYS C 678 -19.94 18.88 -26.43
C LYS C 678 -18.65 18.27 -26.98
N PHE C 679 -18.03 17.34 -26.25
CA PHE C 679 -16.78 16.72 -26.69
C PHE C 679 -16.82 15.28 -26.25
N ILE C 680 -17.00 14.36 -27.20
CA ILE C 680 -17.25 12.96 -26.88
C ILE C 680 -16.11 12.10 -27.40
N TYR C 681 -15.83 11.03 -26.66
CA TYR C 681 -14.85 10.02 -27.05
C TYR C 681 -15.39 8.66 -26.61
N ALA C 682 -15.14 7.64 -27.43
CA ALA C 682 -15.67 6.32 -27.11
C ALA C 682 -14.88 5.25 -27.85
N THR C 683 -14.61 4.15 -27.15
CA THR C 683 -14.04 2.97 -27.77
C THR C 683 -15.16 2.07 -28.28
N VAL C 684 -14.79 0.92 -28.86
CA VAL C 684 -15.81 0.01 -29.35
C VAL C 684 -16.42 -0.75 -28.18
N LYS C 685 -17.68 -1.14 -28.34
CA LYS C 685 -18.42 -1.80 -27.27
C LYS C 685 -18.02 -3.26 -27.16
N GLN C 686 -17.99 -3.76 -25.92
CA GLN C 686 -17.69 -5.15 -25.62
C GLN C 686 -16.31 -5.55 -26.17
N SER C 687 -15.28 -4.90 -25.63
CA SER C 687 -13.91 -5.15 -26.04
C SER C 687 -12.99 -5.07 -24.83
N SER C 688 -11.69 -5.15 -25.09
CA SER C 688 -10.71 -5.11 -24.00
C SER C 688 -10.68 -3.75 -23.32
N VAL C 689 -10.85 -2.67 -24.09
CA VAL C 689 -10.83 -1.34 -23.51
C VAL C 689 -12.00 -1.15 -22.56
N ASP C 690 -13.15 -1.72 -22.91
CA ASP C 690 -14.30 -1.69 -21.99
C ASP C 690 -13.99 -2.40 -20.69
N ILE C 691 -13.32 -3.56 -20.78
CA ILE C 691 -12.91 -4.28 -19.58
C ILE C 691 -11.96 -3.44 -18.75
N TYR C 692 -10.99 -2.79 -19.40
CA TYR C 692 -10.01 -2.00 -18.67
C TYR C 692 -10.68 -0.83 -17.94
N PHE C 693 -11.58 -0.13 -18.63
CA PHE C 693 -12.25 1.01 -17.99
C PHE C 693 -13.19 0.55 -16.88
N ARG C 694 -13.93 -0.54 -17.09
CA ARG C 694 -14.88 -0.98 -16.09
C ARG C 694 -14.18 -1.52 -14.84
N ARG C 695 -13.10 -2.27 -15.01
CA ARG C 695 -12.44 -2.95 -13.92
C ARG C 695 -11.40 -2.09 -13.21
N GLN C 696 -11.51 -0.77 -13.32
CA GLN C 696 -10.60 0.16 -12.63
C GLN C 696 -11.41 1.37 -12.20
N VAL C 697 -11.75 1.44 -10.91
CA VAL C 697 -12.58 2.54 -10.40
C VAL C 697 -11.64 3.66 -10.01
N GLU C 698 -11.17 4.39 -11.04
CA GLU C 698 -10.56 5.68 -10.88
C GLU C 698 -10.98 6.64 -11.98
N LEU C 699 -11.75 6.17 -12.96
CA LEU C 699 -12.20 6.96 -14.09
C LEU C 699 -13.66 6.68 -14.39
N SER C 700 -14.48 6.49 -13.36
CA SER C 700 -15.86 6.10 -13.55
C SER C 700 -16.63 7.12 -14.37
N THR C 701 -16.29 8.41 -14.23
CA THR C 701 -16.93 9.43 -15.05
C THR C 701 -16.64 9.21 -16.53
N MET C 702 -15.38 8.90 -16.86
CA MET C 702 -15.02 8.65 -18.25
C MET C 702 -15.73 7.42 -18.79
N TYR C 703 -15.81 6.35 -17.98
CA TYR C 703 -16.51 5.15 -18.43
C TYR C 703 -17.99 5.42 -18.65
N ARG C 704 -18.63 6.16 -17.74
CA ARG C 704 -20.03 6.48 -17.91
C ARG C 704 -20.26 7.33 -19.15
N HIS C 705 -19.38 8.29 -19.40
CA HIS C 705 -19.50 9.11 -20.60
C HIS C 705 -19.33 8.29 -21.87
N MET C 706 -18.36 7.37 -21.87
CA MET C 706 -18.12 6.56 -23.06
C MET C 706 -19.19 5.50 -23.28
N GLU C 707 -19.89 5.10 -22.22
CA GLU C 707 -20.90 4.04 -22.36
C GLU C 707 -22.06 4.45 -23.25
N LYS C 708 -22.25 5.75 -23.46
CA LYS C 708 -23.35 6.25 -24.28
C LYS C 708 -22.96 6.48 -25.74
N HIS C 709 -21.70 6.22 -26.11
CA HIS C 709 -21.26 6.48 -27.47
C HIS C 709 -20.44 5.34 -28.07
N ASN C 710 -20.37 4.19 -27.41
CA ASN C 710 -19.56 3.08 -27.92
C ASN C 710 -20.13 2.56 -29.23
N TYR C 711 -19.25 2.02 -30.07
CA TYR C 711 -19.61 1.56 -31.39
C TYR C 711 -19.43 0.05 -31.49
N GLU C 712 -20.04 -0.54 -32.52
CA GLU C 712 -20.04 -1.98 -32.70
C GLU C 712 -18.78 -2.50 -33.39
N SER C 713 -17.97 -1.63 -33.98
CA SER C 713 -16.77 -2.07 -34.68
C SER C 713 -15.76 -0.93 -34.74
N ALA C 714 -14.51 -1.29 -35.05
CA ALA C 714 -13.46 -0.28 -35.15
C ALA C 714 -13.55 0.53 -36.43
N ALA C 715 -13.95 -0.09 -37.54
CA ALA C 715 -14.07 0.64 -38.80
C ALA C 715 -15.13 1.72 -38.71
N GLU C 716 -16.25 1.42 -38.05
CA GLU C 716 -17.29 2.43 -37.86
C GLU C 716 -16.76 3.61 -37.05
N ALA C 717 -15.99 3.33 -36.00
CA ALA C 717 -15.41 4.41 -35.20
C ALA C 717 -14.43 5.23 -36.02
N ILE C 718 -13.64 4.58 -36.87
CA ILE C 718 -12.71 5.31 -37.73
C ILE C 718 -13.48 6.24 -38.67
N GLN C 719 -14.53 5.72 -39.30
CA GLN C 719 -15.32 6.53 -40.21
C GLN C 719 -15.97 7.69 -39.49
N ALA C 720 -16.46 7.46 -38.27
CA ALA C 720 -17.07 8.55 -37.50
C ALA C 720 -16.02 9.60 -37.09
N VAL C 721 -14.80 9.17 -36.82
CA VAL C 721 -13.75 10.12 -36.49
C VAL C 721 -13.40 10.98 -37.70
N ARG C 722 -13.29 10.36 -38.88
CA ARG C 722 -13.03 11.14 -40.09
C ARG C 722 -14.17 12.09 -40.39
N ASP C 723 -15.42 11.64 -40.22
CA ASP C 723 -16.59 12.45 -40.51
C ASP C 723 -16.95 13.42 -39.38
N ASN C 724 -16.03 13.66 -38.45
CA ASN C 724 -16.19 14.58 -37.33
C ASN C 724 -17.34 14.21 -36.41
N LYS C 725 -17.94 13.03 -36.58
CA LYS C 725 -18.99 12.60 -35.66
C LYS C 725 -18.43 12.37 -34.26
N LEU C 726 -17.24 11.77 -34.17
CA LEU C 726 -16.55 11.59 -32.91
C LEU C 726 -15.52 12.70 -32.72
N HIS C 727 -14.78 12.62 -31.62
CA HIS C 727 -13.67 13.52 -31.37
C HIS C 727 -12.39 12.83 -30.92
N ALA C 728 -12.47 11.62 -30.38
CA ALA C 728 -11.29 10.87 -29.97
C ALA C 728 -11.66 9.39 -29.90
N PHE C 729 -10.78 8.55 -30.42
CA PHE C 729 -10.97 7.11 -30.41
C PHE C 729 -9.88 6.47 -29.57
N ILE C 730 -10.26 5.67 -28.58
CA ILE C 730 -9.32 4.98 -27.70
C ILE C 730 -9.23 3.54 -28.18
N TRP C 731 -8.06 3.16 -28.69
CA TRP C 731 -7.95 1.84 -29.30
C TRP C 731 -6.49 1.38 -29.28
N ASP C 732 -6.29 0.11 -29.60
CA ASP C 732 -4.95 -0.48 -29.57
C ASP C 732 -4.01 0.27 -30.49
N SER C 733 -2.78 0.50 -30.01
CA SER C 733 -1.83 1.30 -30.75
C SER C 733 -1.42 0.61 -32.05
N ALA C 734 -1.40 -0.72 -32.06
CA ALA C 734 -1.01 -1.43 -33.28
C ALA C 734 -1.99 -1.17 -34.43
N VAL C 735 -3.21 -0.77 -34.12
CA VAL C 735 -4.21 -0.47 -35.15
C VAL C 735 -4.25 1.04 -35.44
N LEU C 736 -4.19 1.87 -34.40
CA LEU C 736 -4.26 3.30 -34.60
C LEU C 736 -3.01 3.84 -35.29
N GLU C 737 -1.84 3.30 -34.96
CA GLU C 737 -0.61 3.73 -35.61
C GLU C 737 -0.56 3.35 -37.08
N PHE C 738 -1.38 2.39 -37.50
CA PHE C 738 -1.51 2.08 -38.92
C PHE C 738 -2.62 2.89 -39.58
N GLU C 739 -3.71 3.15 -38.86
CA GLU C 739 -4.77 3.97 -39.41
C GLU C 739 -4.31 5.40 -39.63
N ALA C 740 -3.42 5.90 -38.77
CA ALA C 740 -2.86 7.23 -38.95
C ALA C 740 -1.89 7.31 -40.12
N SER C 741 -1.50 6.18 -40.70
CA SER C 741 -0.62 6.16 -41.86
C SER C 741 -1.38 5.87 -43.16
N GLN C 742 -2.20 4.82 -43.18
CA GLN C 742 -3.02 4.55 -44.35
C GLN C 742 -4.02 5.68 -44.59
N LYS C 743 -4.64 6.17 -43.51
CA LYS C 743 -5.50 7.35 -43.57
C LYS C 743 -4.72 8.49 -42.92
N CYS C 744 -3.96 9.21 -43.74
CA CYS C 744 -3.05 10.23 -43.24
C CYS C 744 -3.78 11.43 -42.64
N ASP C 745 -5.09 11.53 -42.85
CA ASP C 745 -5.86 12.63 -42.27
C ASP C 745 -5.87 12.61 -40.75
N LEU C 746 -5.72 11.45 -40.14
CA LEU C 746 -5.84 11.31 -38.69
C LEU C 746 -4.46 11.24 -38.04
N VAL C 747 -4.41 11.59 -36.75
CA VAL C 747 -3.16 11.63 -36.01
C VAL C 747 -3.38 10.99 -34.64
N THR C 748 -2.40 10.21 -34.21
CA THR C 748 -2.41 9.61 -32.87
C THR C 748 -1.75 10.56 -31.88
N THR C 749 -2.43 10.80 -30.77
CA THR C 749 -1.96 11.73 -29.76
C THR C 749 -1.93 11.04 -28.39
N GLY C 750 -1.10 11.57 -27.51
CA GLY C 750 -1.02 11.08 -26.16
C GLY C 750 -0.01 9.96 -25.99
N GLU C 751 0.37 9.72 -24.74
CA GLU C 751 1.29 8.65 -24.41
C GLU C 751 0.59 7.30 -24.47
N LEU C 752 1.40 6.24 -24.57
CA LEU C 752 0.88 4.89 -24.65
C LEU C 752 0.66 4.35 -23.24
N PHE C 753 -0.56 3.88 -22.98
CA PHE C 753 -0.93 3.38 -21.66
C PHE C 753 -1.60 2.02 -21.79
N PHE C 754 -1.61 1.28 -20.68
CA PHE C 754 -2.09 -0.10 -20.64
C PHE C 754 -1.37 -0.95 -21.69
N ARG C 755 -0.05 -0.92 -21.64
CA ARG C 755 0.75 -1.69 -22.57
C ARG C 755 0.61 -3.19 -22.28
N SER C 756 0.09 -3.93 -23.25
CA SER C 756 -0.11 -5.36 -23.09
C SER C 756 -0.22 -5.97 -24.47
N GLY C 757 0.64 -6.94 -24.77
CA GLY C 757 0.71 -7.49 -26.10
C GLY C 757 -0.49 -8.35 -26.44
N PHE C 758 -0.59 -8.69 -27.73
CA PHE C 758 -1.64 -9.56 -28.21
C PHE C 758 -1.28 -11.01 -27.88
N GLY C 759 -2.02 -11.95 -28.43
CA GLY C 759 -1.72 -13.35 -28.18
C GLY C 759 -2.63 -14.27 -28.95
N ILE C 760 -2.19 -15.51 -29.09
CA ILE C 760 -2.96 -16.53 -29.79
C ILE C 760 -3.82 -17.21 -28.73
N GLY C 761 -4.99 -16.63 -28.46
CA GLY C 761 -5.86 -17.19 -27.46
C GLY C 761 -6.31 -18.59 -27.85
N MET C 762 -6.31 -19.49 -26.87
CA MET C 762 -6.65 -20.89 -27.13
C MET C 762 -6.94 -21.57 -25.80
N ARG C 763 -7.68 -22.68 -25.86
CA ARG C 763 -8.20 -23.30 -24.65
C ARG C 763 -7.08 -23.83 -23.77
N LYS C 764 -7.33 -23.82 -22.45
CA LYS C 764 -6.32 -24.23 -21.48
C LYS C 764 -5.97 -25.70 -21.62
N ASP C 765 -6.96 -26.56 -21.85
CA ASP C 765 -6.74 -28.00 -21.98
C ASP C 765 -6.46 -28.30 -23.44
N SER C 766 -5.23 -28.01 -23.87
CA SER C 766 -4.83 -28.16 -25.26
C SER C 766 -3.36 -28.51 -25.32
N PRO C 767 -2.95 -29.29 -26.33
CA PRO C 767 -1.53 -29.64 -26.46
C PRO C 767 -0.69 -28.60 -27.19
N TRP C 768 -1.29 -27.82 -28.09
CA TRP C 768 -0.53 -26.86 -28.88
C TRP C 768 -0.04 -25.67 -28.06
N LYS C 769 -0.66 -25.41 -26.90
CA LYS C 769 -0.33 -24.20 -26.14
C LYS C 769 1.12 -24.18 -25.70
N GLN C 770 1.73 -25.35 -25.53
CA GLN C 770 3.12 -25.43 -25.11
C GLN C 770 4.11 -25.35 -26.27
N ASN C 771 3.62 -25.33 -27.50
CA ASN C 771 4.49 -25.26 -28.67
C ASN C 771 4.36 -23.99 -29.46
N VAL C 772 3.14 -23.47 -29.64
CA VAL C 772 2.98 -22.20 -30.34
C VAL C 772 3.74 -21.10 -29.61
N SER C 773 3.65 -21.10 -28.27
CA SER C 773 4.37 -20.12 -27.48
C SER C 773 5.87 -20.21 -27.68
N LEU C 774 6.37 -21.37 -28.10
CA LEU C 774 7.77 -21.46 -28.49
C LEU C 774 7.96 -21.01 -29.94
N SER C 775 7.08 -21.46 -30.85
CA SER C 775 7.25 -21.14 -32.25
C SER C 775 7.14 -19.64 -32.48
N ILE C 776 6.34 -18.96 -31.67
CA ILE C 776 6.34 -17.50 -31.72
C ILE C 776 7.68 -16.94 -31.26
N LEU C 777 8.18 -17.42 -30.12
CA LEU C 777 9.42 -16.88 -29.59
C LEU C 777 10.59 -17.14 -30.53
N LYS C 778 10.54 -18.23 -31.29
CA LYS C 778 11.48 -18.39 -32.39
C LYS C 778 11.24 -17.32 -33.44
N SER C 779 10.05 -17.31 -34.02
CA SER C 779 9.68 -16.34 -35.05
C SER C 779 9.95 -14.91 -34.59
N HIS C 780 9.65 -14.65 -33.33
CA HIS C 780 9.88 -13.33 -32.77
C HIS C 780 11.36 -12.97 -32.76
N GLU C 781 12.19 -13.95 -32.43
CA GLU C 781 13.62 -13.75 -32.37
C GLU C 781 14.35 -14.05 -33.67
N ASN C 782 13.70 -14.80 -34.56
CA ASN C 782 14.34 -15.13 -35.84
C ASN C 782 14.31 -13.96 -36.82
N GLY C 783 13.56 -12.91 -36.51
CA GLY C 783 13.37 -11.81 -37.42
C GLY C 783 12.15 -11.92 -38.31
N PHE C 784 11.43 -13.05 -38.23
CA PHE C 784 10.24 -13.22 -39.06
C PHE C 784 9.16 -12.20 -38.70
N MET C 785 9.01 -11.89 -37.42
CA MET C 785 8.05 -10.87 -37.01
C MET C 785 8.44 -9.50 -37.57
N GLU C 786 9.73 -9.22 -37.65
CA GLU C 786 10.18 -7.98 -38.27
C GLU C 786 9.78 -7.94 -39.74
N ASP C 787 9.94 -9.06 -40.44
CA ASP C 787 9.53 -9.11 -41.84
C ASP C 787 8.03 -8.91 -41.99
N LEU C 788 7.24 -9.53 -41.11
CA LEU C 788 5.79 -9.36 -41.19
C LEU C 788 5.38 -7.92 -40.91
N ASP C 789 6.02 -7.29 -39.91
CA ASP C 789 5.70 -5.90 -39.60
C ASP C 789 6.10 -4.97 -40.75
N LYS C 790 7.22 -5.28 -41.41
CA LYS C 790 7.69 -4.42 -42.49
C LYS C 790 6.69 -4.40 -43.65
N THR C 791 6.13 -5.56 -44.00
CA THR C 791 5.26 -5.66 -45.15
C THR C 791 3.79 -5.49 -44.83
N TRP C 792 3.43 -5.19 -43.58
CA TRP C 792 2.02 -5.06 -43.25
C TRP C 792 1.72 -3.79 -42.47
N VAL C 793 2.70 -3.27 -41.73
CA VAL C 793 2.46 -2.09 -40.90
C VAL C 793 3.48 -1.00 -41.23
N ARG C 794 4.66 -1.39 -41.70
CA ARG C 794 5.76 -0.45 -41.90
C ARG C 794 5.86 -0.01 -43.36
N TYR C 795 4.81 0.65 -43.84
CA TYR C 795 4.85 1.36 -45.11
C TYR C 795 4.15 2.70 -45.00
N GLN C 796 4.31 3.36 -43.86
CA GLN C 796 3.64 4.63 -43.56
C GLN C 796 3.91 5.69 -44.62
N GLU C 797 2.87 6.15 -45.31
CA GLU C 797 3.03 7.21 -46.29
C GLU C 797 3.46 8.52 -45.66
N CYS C 798 2.89 8.87 -44.50
CA CYS C 798 3.28 10.09 -43.80
C CYS C 798 4.04 9.77 -42.53
N LEU C 808 6.92 29.93 -47.82
CA LEU C 808 6.06 30.82 -48.59
C LEU C 808 4.68 30.21 -48.79
N THR C 809 3.73 30.64 -47.95
CA THR C 809 2.36 30.14 -48.02
C THR C 809 1.69 30.54 -49.34
N PHE C 810 0.88 29.64 -49.87
CA PHE C 810 0.18 29.89 -51.12
C PHE C 810 -0.79 31.07 -50.99
N GLU C 811 -1.46 31.14 -49.85
CA GLU C 811 -2.41 32.21 -49.57
C GLU C 811 -1.71 33.57 -49.55
N ASN C 812 -0.52 33.60 -48.97
CA ASN C 812 0.26 34.84 -48.88
C ASN C 812 0.62 35.34 -50.27
N MET C 813 0.99 34.43 -51.16
CA MET C 813 1.35 34.78 -52.52
C MET C 813 0.10 35.11 -53.33
N ALA C 814 -1.05 34.64 -52.85
CA ALA C 814 -2.32 34.88 -53.50
C ALA C 814 -3.06 36.08 -52.92
N GLY C 815 -3.19 36.10 -51.59
CA GLY C 815 -4.05 37.05 -50.90
C GLY C 815 -3.75 38.51 -51.18
N VAL C 816 -2.56 38.79 -51.72
CA VAL C 816 -2.20 40.15 -52.11
C VAL C 816 -1.76 40.22 -53.58
N PHE C 817 -1.53 39.07 -54.22
CA PHE C 817 -1.09 39.12 -55.61
C PHE C 817 -2.27 39.06 -56.58
N MET C 818 -3.37 38.43 -56.18
CA MET C 818 -4.62 38.72 -56.87
C MET C 818 -4.93 40.20 -56.80
N LEU C 819 -4.62 40.83 -55.66
CA LEU C 819 -4.82 42.26 -55.50
C LEU C 819 -3.88 43.06 -56.41
N VAL C 820 -2.62 42.64 -56.53
CA VAL C 820 -1.70 43.41 -57.37
C VAL C 820 -2.08 43.26 -58.85
N ALA C 821 -2.52 42.06 -59.25
CA ALA C 821 -3.03 41.89 -60.61
C ALA C 821 -4.26 42.76 -60.85
N GLY C 822 -5.16 42.83 -59.86
CA GLY C 822 -6.29 43.73 -59.96
C GLY C 822 -5.85 45.17 -60.10
N GLY C 823 -4.80 45.57 -59.39
CA GLY C 823 -4.30 46.93 -59.52
C GLY C 823 -3.72 47.21 -60.90
N ILE C 824 -2.98 46.24 -61.44
CA ILE C 824 -2.43 46.39 -62.79
C ILE C 824 -3.55 46.56 -63.81
N VAL C 825 -4.58 45.74 -63.69
CA VAL C 825 -5.69 45.82 -64.65
C VAL C 825 -6.58 47.02 -64.35
N ALA C 826 -6.49 47.58 -63.13
CA ALA C 826 -7.26 48.74 -62.76
C ALA C 826 -6.58 50.04 -63.13
N GLY C 827 -5.28 50.02 -63.41
CA GLY C 827 -4.59 51.24 -63.78
C GLY C 827 -5.20 51.91 -65.01
N ILE C 828 -5.67 51.10 -65.96
CA ILE C 828 -6.24 51.65 -67.18
C ILE C 828 -7.57 52.36 -66.89
N PHE C 829 -8.31 51.89 -65.90
CA PHE C 829 -9.55 52.57 -65.52
C PHE C 829 -9.28 54.03 -65.13
N LEU C 830 -8.32 54.24 -64.23
CA LEU C 830 -7.99 55.61 -63.83
C LEU C 830 -7.25 56.34 -64.93
N ILE C 831 -6.56 55.61 -65.82
CA ILE C 831 -5.99 56.23 -67.01
C ILE C 831 -7.09 56.92 -67.81
N PHE C 832 -8.17 56.18 -68.10
CA PHE C 832 -9.28 56.74 -68.85
C PHE C 832 -9.96 57.87 -68.08
N ILE C 833 -10.14 57.67 -66.77
CA ILE C 833 -10.79 58.70 -65.95
C ILE C 833 -10.01 60.01 -66.01
N GLU C 834 -8.69 59.95 -65.82
CA GLU C 834 -7.88 61.16 -65.79
C GLU C 834 -7.68 61.78 -67.16
N ILE C 835 -7.59 60.97 -68.23
CA ILE C 835 -7.47 61.56 -69.54
C ILE C 835 -8.79 62.17 -69.99
N ALA C 836 -9.92 61.69 -69.46
CA ALA C 836 -11.19 62.37 -69.71
C ALA C 836 -11.29 63.65 -68.89
N TYR C 837 -10.86 63.61 -67.63
CA TYR C 837 -10.87 64.80 -66.78
C TYR C 837 -9.99 65.91 -67.34
N LYS C 838 -8.82 65.56 -67.88
CA LYS C 838 -7.93 66.56 -68.45
C LYS C 838 -8.62 67.30 -69.60
N ARG C 839 -9.27 66.55 -70.49
CA ARG C 839 -9.94 67.15 -71.63
C ARG C 839 -11.22 67.89 -71.25
N HIS C 840 -11.87 67.48 -70.16
CA HIS C 840 -13.12 68.12 -69.74
C HIS C 840 -12.95 69.58 -69.37
N LYS C 841 -11.74 70.01 -69.00
CA LYS C 841 -11.52 71.40 -68.59
C LYS C 841 -10.16 71.90 -69.07
N LEU D 34 -60.33 -34.39 -5.23
CA LEU D 34 -61.64 -34.48 -4.63
C LEU D 34 -61.53 -34.86 -3.16
N ASN D 35 -61.12 -36.10 -2.91
CA ASN D 35 -60.98 -36.62 -1.54
C ASN D 35 -59.59 -36.26 -1.04
N ILE D 36 -59.50 -35.29 -0.14
CA ILE D 36 -58.23 -34.85 0.42
C ILE D 36 -58.23 -35.14 1.92
N ALA D 37 -57.21 -35.82 2.39
CA ALA D 37 -57.06 -36.16 3.80
C ALA D 37 -55.99 -35.27 4.43
N VAL D 38 -56.32 -34.71 5.59
CA VAL D 38 -55.42 -33.80 6.30
C VAL D 38 -55.19 -34.36 7.70
N MET D 39 -53.91 -34.52 8.06
CA MET D 39 -53.52 -35.07 9.34
C MET D 39 -52.74 -34.03 10.13
N LEU D 40 -53.06 -33.90 11.41
CA LEU D 40 -52.40 -32.94 12.28
C LEU D 40 -51.61 -33.66 13.36
N GLY D 41 -50.71 -32.91 14.01
CA GLY D 41 -49.87 -33.47 15.05
C GLY D 41 -50.59 -33.75 16.36
N HIS D 42 -51.73 -33.10 16.59
CA HIS D 42 -52.62 -33.30 17.73
C HIS D 42 -52.01 -32.85 19.05
N SER D 43 -50.75 -32.41 19.07
CA SER D 43 -50.11 -31.96 20.30
C SER D 43 -50.22 -30.45 20.47
N HIS D 44 -49.69 -29.70 19.51
CA HIS D 44 -49.80 -28.24 19.54
C HIS D 44 -50.98 -27.73 18.73
N ASP D 45 -51.54 -28.54 17.84
CA ASP D 45 -52.68 -28.17 17.03
C ASP D 45 -53.99 -28.71 17.58
N VAL D 46 -53.99 -29.22 18.82
CA VAL D 46 -55.21 -29.73 19.43
C VAL D 46 -56.24 -28.62 19.55
N THR D 47 -55.81 -27.42 19.92
CA THR D 47 -56.72 -26.27 19.94
C THR D 47 -57.22 -25.96 18.55
N GLU D 48 -56.36 -26.05 17.54
CA GLU D 48 -56.74 -25.84 16.15
C GLU D 48 -57.33 -27.09 15.51
N ARG D 49 -57.38 -28.21 16.22
CA ARG D 49 -57.95 -29.43 15.67
C ARG D 49 -59.43 -29.27 15.38
N GLU D 50 -60.17 -28.63 16.28
CA GLU D 50 -61.59 -28.39 16.05
C GLU D 50 -61.81 -27.48 14.84
N LEU D 51 -60.99 -26.44 14.71
CA LEU D 51 -61.09 -25.56 13.55
C LEU D 51 -60.79 -26.31 12.26
N ARG D 52 -59.76 -27.14 12.27
CA ARG D 52 -59.41 -27.92 11.08
C ARG D 52 -60.53 -28.88 10.71
N THR D 53 -61.14 -29.52 11.71
CA THR D 53 -62.29 -30.39 11.44
C THR D 53 -63.46 -29.61 10.87
N LEU D 54 -63.70 -28.41 11.40
CA LEU D 54 -64.79 -27.56 10.91
C LEU D 54 -64.38 -26.69 9.74
N TRP D 55 -63.11 -26.71 9.34
CA TRP D 55 -62.68 -25.90 8.20
C TRP D 55 -63.30 -26.43 6.92
N GLY D 56 -63.64 -25.51 6.02
CA GLY D 56 -64.22 -25.87 4.75
C GLY D 56 -63.50 -25.20 3.59
N PRO D 57 -62.89 -26.01 2.72
CA PRO D 57 -62.25 -25.44 1.52
C PRO D 57 -63.22 -24.72 0.61
N GLU D 58 -64.48 -25.17 0.55
CA GLU D 58 -65.47 -24.51 -0.29
C GLU D 58 -65.72 -23.08 0.19
N GLN D 59 -65.78 -22.88 1.50
CA GLN D 59 -65.96 -21.53 2.03
C GLN D 59 -64.76 -20.65 1.68
N ALA D 60 -63.55 -21.20 1.75
CA ALA D 60 -62.36 -20.43 1.41
C ALA D 60 -62.35 -20.03 -0.06
N ALA D 61 -62.68 -20.96 -0.94
CA ALA D 61 -62.69 -20.67 -2.37
C ALA D 61 -63.57 -21.69 -3.08
N GLY D 62 -64.01 -21.33 -4.29
CA GLY D 62 -64.82 -22.20 -5.12
C GLY D 62 -64.01 -22.78 -6.25
N LEU D 63 -64.15 -24.08 -6.47
CA LEU D 63 -63.40 -24.80 -7.47
C LEU D 63 -64.33 -25.61 -8.36
N PRO D 64 -63.95 -25.87 -9.61
CA PRO D 64 -64.79 -26.70 -10.47
C PRO D 64 -65.00 -28.11 -9.94
N LEU D 65 -64.01 -28.68 -9.26
CA LEU D 65 -64.11 -30.02 -8.70
C LEU D 65 -64.42 -29.93 -7.21
N ASP D 66 -65.50 -30.60 -6.80
CA ASP D 66 -65.86 -30.63 -5.39
C ASP D 66 -64.80 -31.34 -4.57
N VAL D 67 -64.50 -30.80 -3.40
CA VAL D 67 -63.44 -31.32 -2.53
C VAL D 67 -64.01 -31.58 -1.14
N ASN D 68 -63.72 -32.75 -0.60
CA ASN D 68 -64.07 -33.10 0.77
C ASN D 68 -62.82 -33.44 1.55
N VAL D 69 -62.73 -32.85 2.75
CA VAL D 69 -61.53 -32.92 3.59
C VAL D 69 -61.82 -33.89 4.73
N VAL D 70 -60.96 -34.89 4.88
CA VAL D 70 -61.05 -35.86 5.96
C VAL D 70 -59.97 -35.48 6.97
N ALA D 71 -60.39 -34.87 8.07
CA ALA D 71 -59.44 -34.47 9.11
C ALA D 71 -59.11 -35.65 10.02
N LEU D 72 -57.87 -35.69 10.50
CA LEU D 72 -57.44 -36.74 11.40
C LEU D 72 -56.31 -36.22 12.29
N LEU D 73 -56.22 -36.79 13.49
CA LEU D 73 -55.21 -36.43 14.47
C LEU D 73 -54.44 -37.67 14.87
N MET D 74 -53.12 -37.53 14.98
CA MET D 74 -52.24 -38.62 15.41
C MET D 74 -51.52 -38.18 16.68
N ASN D 75 -51.72 -38.95 17.76
CA ASN D 75 -51.10 -38.60 19.03
C ASN D 75 -49.58 -38.74 18.96
N ARG D 76 -49.10 -39.87 18.46
CA ARG D 76 -47.67 -40.14 18.36
C ARG D 76 -47.32 -40.43 16.90
N THR D 77 -46.20 -39.85 16.46
CA THR D 77 -45.75 -40.01 15.08
C THR D 77 -44.78 -41.18 14.93
N ASP D 78 -45.19 -42.35 15.41
CA ASP D 78 -44.38 -43.54 15.22
C ASP D 78 -44.43 -43.98 13.76
N PRO D 79 -43.31 -44.50 13.23
CA PRO D 79 -43.33 -44.93 11.82
C PRO D 79 -44.36 -46.00 11.53
N LYS D 80 -44.51 -46.99 12.40
CA LYS D 80 -45.55 -48.00 12.21
C LYS D 80 -46.94 -47.38 12.30
N SER D 81 -47.15 -46.50 13.27
CA SER D 81 -48.44 -45.82 13.39
C SER D 81 -48.72 -44.96 12.17
N LEU D 82 -47.70 -44.26 11.67
CA LEU D 82 -47.88 -43.44 10.47
C LEU D 82 -48.24 -44.29 9.26
N ILE D 83 -47.55 -45.42 9.08
CA ILE D 83 -47.84 -46.29 7.95
C ILE D 83 -49.25 -46.85 8.05
N THR D 84 -49.65 -47.29 9.25
CA THR D 84 -50.99 -47.83 9.42
C THR D 84 -52.06 -46.77 9.16
N HIS D 85 -51.84 -45.54 9.66
CA HIS D 85 -52.81 -44.47 9.43
C HIS D 85 -52.94 -44.13 7.96
N VAL D 86 -51.81 -44.04 7.25
CA VAL D 86 -51.87 -43.73 5.83
C VAL D 86 -52.54 -44.88 5.06
N CYS D 87 -52.27 -46.12 5.46
CA CYS D 87 -52.91 -47.25 4.81
C CYS D 87 -54.42 -47.24 5.02
N ASP D 88 -54.86 -46.92 6.24
CA ASP D 88 -56.29 -46.82 6.50
C ASP D 88 -56.91 -45.69 5.69
N LEU D 89 -56.21 -44.55 5.58
CA LEU D 89 -56.72 -43.43 4.80
C LEU D 89 -56.84 -43.81 3.32
N MET D 90 -55.85 -44.51 2.79
CA MET D 90 -55.92 -44.96 1.40
C MET D 90 -57.06 -45.95 1.20
N SER D 91 -57.24 -46.87 2.16
CA SER D 91 -58.37 -47.80 2.08
C SER D 91 -59.68 -47.09 2.37
N GLY D 92 -59.65 -46.01 3.15
CA GLY D 92 -60.86 -45.28 3.50
C GLY D 92 -61.22 -44.23 2.48
N ALA D 93 -62.19 -44.55 1.61
CA ALA D 93 -62.73 -43.66 0.59
C ALA D 93 -61.72 -43.26 -0.49
N ARG D 94 -60.52 -43.85 -0.47
CA ARG D 94 -59.52 -43.64 -1.51
C ARG D 94 -59.17 -42.17 -1.66
N ILE D 95 -58.58 -41.62 -0.60
CA ILE D 95 -58.17 -40.21 -0.60
C ILE D 95 -57.19 -39.96 -1.73
N HIS D 96 -57.45 -38.92 -2.51
CA HIS D 96 -56.63 -38.58 -3.67
C HIS D 96 -55.41 -37.75 -3.32
N GLY D 97 -55.31 -37.27 -2.09
CA GLY D 97 -54.18 -36.48 -1.67
C GLY D 97 -54.14 -36.36 -0.17
N LEU D 98 -52.94 -36.14 0.36
CA LEU D 98 -52.73 -36.07 1.80
C LEU D 98 -51.91 -34.83 2.13
N VAL D 99 -52.30 -34.15 3.21
CA VAL D 99 -51.58 -33.00 3.73
C VAL D 99 -51.17 -33.36 5.16
N PHE D 100 -49.86 -33.44 5.41
CA PHE D 100 -49.33 -33.90 6.68
C PHE D 100 -48.70 -32.73 7.43
N GLY D 101 -48.99 -32.66 8.73
CA GLY D 101 -48.37 -31.68 9.60
C GLY D 101 -48.17 -32.22 10.99
N ASP D 102 -46.93 -32.21 11.48
CA ASP D 102 -46.59 -32.76 12.78
C ASP D 102 -45.99 -31.68 13.67
N ASP D 103 -45.87 -32.00 14.95
CA ASP D 103 -45.28 -31.10 15.93
C ASP D 103 -43.88 -31.52 16.37
N THR D 104 -43.50 -32.78 16.18
CA THR D 104 -42.20 -33.24 16.59
C THR D 104 -41.11 -32.67 15.67
N ASP D 105 -39.89 -32.62 16.21
CA ASP D 105 -38.73 -32.13 15.47
C ASP D 105 -37.95 -33.26 14.81
N GLN D 106 -38.44 -34.50 14.89
CA GLN D 106 -37.74 -35.63 14.29
C GLN D 106 -37.71 -35.50 12.78
N GLU D 107 -36.50 -35.45 12.22
CA GLU D 107 -36.35 -35.28 10.78
C GLU D 107 -36.77 -36.51 10.00
N ALA D 108 -36.41 -37.70 10.49
CA ALA D 108 -36.62 -38.94 9.74
C ALA D 108 -38.08 -39.15 9.35
N VAL D 109 -39.03 -38.59 10.11
CA VAL D 109 -40.43 -38.72 9.75
C VAL D 109 -40.67 -38.25 8.32
N ALA D 110 -40.09 -37.10 7.96
CA ALA D 110 -40.20 -36.62 6.59
C ALA D 110 -39.78 -37.69 5.60
N GLN D 111 -38.64 -38.31 5.86
CA GLN D 111 -38.13 -39.39 5.01
C GLN D 111 -39.19 -40.48 4.82
N MET D 112 -39.82 -40.88 5.92
CA MET D 112 -40.87 -41.90 5.86
C MET D 112 -41.98 -41.47 4.92
N LEU D 113 -42.42 -40.21 5.04
CA LEU D 113 -43.47 -39.72 4.16
C LEU D 113 -43.09 -39.91 2.69
N ASP D 114 -41.86 -39.51 2.33
CA ASP D 114 -41.42 -39.70 0.95
C ASP D 114 -41.52 -41.16 0.55
N PHE D 115 -41.07 -42.06 1.42
CA PHE D 115 -41.15 -43.48 1.11
C PHE D 115 -42.59 -43.89 0.86
N ILE D 116 -43.51 -43.38 1.68
CA ILE D 116 -44.92 -43.68 1.45
C ILE D 116 -45.35 -43.19 0.09
N SER D 117 -44.94 -41.97 -0.28
CA SER D 117 -45.31 -41.43 -1.58
C SER D 117 -44.72 -42.27 -2.71
N SER D 118 -43.65 -43.00 -2.42
CA SER D 118 -43.03 -43.85 -3.44
C SER D 118 -43.88 -45.09 -3.69
N HIS D 119 -44.64 -45.54 -2.68
CA HIS D 119 -45.34 -46.82 -2.81
C HIS D 119 -46.84 -46.64 -2.97
N THR D 120 -47.43 -45.70 -2.25
CA THR D 120 -48.87 -45.47 -2.32
C THR D 120 -49.28 -44.62 -3.51
N PHE D 121 -48.33 -43.91 -4.12
CA PHE D 121 -48.59 -43.02 -5.26
C PHE D 121 -49.64 -41.97 -4.92
N VAL D 122 -49.59 -41.46 -3.69
CA VAL D 122 -50.48 -40.41 -3.22
C VAL D 122 -49.64 -39.17 -2.93
N PRO D 123 -50.01 -38.00 -3.43
CA PRO D 123 -49.25 -36.78 -3.09
C PRO D 123 -49.32 -36.49 -1.61
N ILE D 124 -48.20 -36.04 -1.05
CA ILE D 124 -48.10 -35.70 0.36
C ILE D 124 -47.44 -34.34 0.48
N LEU D 125 -47.99 -33.48 1.32
CA LEU D 125 -47.48 -32.12 1.53
C LEU D 125 -47.04 -31.98 2.98
N GLY D 126 -45.81 -31.53 3.18
CA GLY D 126 -45.35 -31.21 4.52
C GLY D 126 -45.84 -29.84 4.97
N ILE D 127 -46.09 -29.73 6.27
CA ILE D 127 -46.65 -28.50 6.82
C ILE D 127 -45.75 -27.96 7.92
N HIS D 128 -45.57 -28.73 8.97
CA HIS D 128 -44.84 -28.25 10.15
C HIS D 128 -44.08 -29.40 10.78
N GLY D 129 -43.09 -29.04 11.59
CA GLY D 129 -42.31 -30.01 12.34
C GLY D 129 -41.41 -30.85 11.47
N GLY D 130 -41.43 -32.17 11.70
CA GLY D 130 -40.55 -33.05 10.95
C GLY D 130 -40.84 -33.06 9.47
N ALA D 131 -42.12 -33.00 9.09
CA ALA D 131 -42.49 -33.04 7.68
C ALA D 131 -41.92 -31.84 6.92
N SER D 132 -41.91 -30.67 7.55
CA SER D 132 -41.42 -29.47 6.89
C SER D 132 -39.92 -29.49 6.63
N MET D 133 -39.18 -30.39 7.27
CA MET D 133 -37.74 -30.47 7.04
C MET D 133 -37.45 -30.93 5.62
N ILE D 134 -36.56 -30.22 4.94
CA ILE D 134 -36.25 -30.49 3.54
C ILE D 134 -35.14 -31.55 3.47
N MET D 135 -35.40 -32.61 2.70
CA MET D 135 -34.39 -33.62 2.46
C MET D 135 -33.64 -33.32 1.16
N ALA D 136 -32.47 -33.93 1.02
CA ALA D 136 -31.60 -33.64 -0.11
C ALA D 136 -32.27 -34.01 -1.43
N ASP D 137 -32.55 -35.30 -1.64
CA ASP D 137 -33.09 -35.78 -2.89
C ASP D 137 -34.11 -36.89 -2.62
N LYS D 138 -35.31 -36.72 -3.14
CA LYS D 138 -36.36 -37.72 -3.00
C LYS D 138 -36.28 -38.73 -4.14
N ASP D 139 -36.95 -39.86 -3.94
CA ASP D 139 -37.01 -40.88 -4.98
C ASP D 139 -37.78 -40.33 -6.18
N PRO D 140 -37.36 -40.65 -7.41
CA PRO D 140 -38.07 -40.14 -8.59
C PRO D 140 -39.52 -40.55 -8.65
N THR D 141 -39.86 -41.75 -8.18
CA THR D 141 -41.25 -42.18 -8.16
C THR D 141 -42.06 -41.42 -7.12
N SER D 142 -41.44 -41.04 -6.01
CA SER D 142 -42.15 -40.36 -4.93
C SER D 142 -42.66 -39.00 -5.39
N THR D 143 -43.86 -38.65 -4.93
CA THR D 143 -44.51 -37.39 -5.24
C THR D 143 -44.68 -36.56 -3.97
N PHE D 144 -43.65 -36.52 -3.13
CA PHE D 144 -43.71 -35.86 -1.84
C PHE D 144 -43.17 -34.44 -1.97
N PHE D 145 -43.93 -33.48 -1.48
CA PHE D 145 -43.56 -32.06 -1.53
C PHE D 145 -43.52 -31.48 -0.12
N GLN D 146 -42.72 -30.44 0.06
CA GLN D 146 -42.54 -29.81 1.35
C GLN D 146 -42.59 -28.30 1.21
N PHE D 147 -42.95 -27.62 2.29
CA PHE D 147 -42.99 -26.17 2.33
C PHE D 147 -41.69 -25.56 2.83
N GLY D 148 -40.68 -26.37 3.12
CA GLY D 148 -39.40 -25.85 3.57
C GLY D 148 -38.61 -25.24 2.42
N ALA D 149 -37.40 -24.80 2.76
CA ALA D 149 -36.50 -24.18 1.80
C ALA D 149 -35.21 -24.97 1.72
N SER D 150 -34.73 -25.18 0.50
CA SER D 150 -33.48 -25.89 0.27
C SER D 150 -32.30 -25.05 0.76
N ILE D 151 -31.13 -25.66 0.77
CA ILE D 151 -29.94 -24.96 1.25
C ILE D 151 -29.51 -23.89 0.24
N GLN D 152 -29.84 -24.06 -1.04
CA GLN D 152 -29.53 -23.02 -2.02
C GLN D 152 -30.29 -21.74 -1.71
N GLN D 153 -31.58 -21.84 -1.38
CA GLN D 153 -32.36 -20.66 -1.06
C GLN D 153 -31.88 -20.01 0.24
N GLN D 154 -31.52 -20.81 1.24
CA GLN D 154 -30.97 -20.24 2.46
C GLN D 154 -29.66 -19.51 2.18
N ALA D 155 -28.80 -20.07 1.34
CA ALA D 155 -27.55 -19.41 1.00
C ALA D 155 -27.80 -18.10 0.26
N THR D 156 -28.76 -18.08 -0.66
CA THR D 156 -29.00 -16.85 -1.41
C THR D 156 -29.64 -15.79 -0.52
N VAL D 157 -30.44 -16.20 0.47
CA VAL D 157 -30.95 -15.22 1.43
C VAL D 157 -29.83 -14.69 2.31
N MET D 158 -28.88 -15.56 2.69
CA MET D 158 -27.70 -15.09 3.41
C MET D 158 -26.96 -14.02 2.61
N LEU D 159 -26.72 -14.30 1.33
CA LEU D 159 -25.98 -13.35 0.51
C LEU D 159 -26.77 -12.07 0.29
N LYS D 160 -28.10 -12.15 0.24
CA LYS D 160 -28.91 -10.93 0.17
C LYS D 160 -28.78 -10.11 1.45
N ILE D 161 -28.80 -10.77 2.61
CA ILE D 161 -28.55 -10.08 3.89
C ILE D 161 -27.22 -9.36 3.83
N MET D 162 -26.20 -10.07 3.36
CA MET D 162 -24.84 -9.55 3.37
C MET D 162 -24.69 -8.38 2.41
N GLN D 163 -25.31 -8.47 1.24
CA GLN D 163 -25.29 -7.36 0.30
C GLN D 163 -26.02 -6.15 0.85
N ASP D 164 -27.16 -6.36 1.50
CA ASP D 164 -27.95 -5.24 1.99
C ASP D 164 -27.28 -4.50 3.14
N TYR D 165 -26.29 -5.11 3.80
CA TYR D 165 -25.58 -4.47 4.89
C TYR D 165 -24.13 -4.16 4.53
N ASP D 166 -23.76 -4.28 3.25
CA ASP D 166 -22.41 -3.96 2.78
C ASP D 166 -21.35 -4.77 3.52
N TRP D 167 -21.66 -6.04 3.77
CA TRP D 167 -20.69 -6.99 4.34
C TRP D 167 -20.05 -7.75 3.18
N HIS D 168 -19.14 -7.07 2.49
CA HIS D 168 -18.58 -7.59 1.25
C HIS D 168 -17.33 -8.45 1.46
N VAL D 169 -16.88 -8.61 2.70
CA VAL D 169 -15.75 -9.47 3.01
C VAL D 169 -16.20 -10.47 4.08
N PHE D 170 -15.87 -11.74 3.87
CA PHE D 170 -16.35 -12.80 4.76
C PHE D 170 -15.49 -14.03 4.55
N SER D 171 -15.85 -15.10 5.26
CA SER D 171 -15.12 -16.36 5.18
C SER D 171 -16.08 -17.51 5.43
N LEU D 172 -16.01 -18.54 4.60
CA LEU D 172 -16.74 -19.77 4.86
C LEU D 172 -16.00 -20.62 5.89
N VAL D 173 -16.75 -21.20 6.80
CA VAL D 173 -16.24 -22.26 7.67
C VAL D 173 -17.30 -23.36 7.71
N THR D 174 -16.89 -24.58 7.35
CA THR D 174 -17.83 -25.70 7.22
C THR D 174 -17.26 -26.93 7.92
N THR D 175 -18.11 -27.60 8.67
CA THR D 175 -17.81 -28.94 9.15
C THR D 175 -18.20 -29.96 8.08
N ILE D 176 -17.71 -31.18 8.24
CA ILE D 176 -18.05 -32.25 7.31
C ILE D 176 -19.44 -32.75 7.66
N PHE D 177 -20.45 -32.16 7.02
CA PHE D 177 -21.85 -32.49 7.21
C PHE D 177 -22.49 -32.74 5.86
N PRO D 178 -23.43 -33.68 5.78
CA PRO D 178 -24.08 -33.95 4.49
C PRO D 178 -24.64 -32.70 3.83
N GLY D 179 -24.14 -32.39 2.64
CA GLY D 179 -24.54 -31.19 1.92
C GLY D 179 -23.55 -30.04 2.00
N TYR D 180 -22.43 -30.20 2.69
CA TYR D 180 -21.47 -29.11 2.78
C TYR D 180 -20.85 -28.80 1.43
N ARG D 181 -20.56 -29.82 0.62
CA ARG D 181 -19.98 -29.60 -0.69
C ARG D 181 -20.93 -28.82 -1.59
N GLU D 182 -22.22 -29.18 -1.56
CA GLU D 182 -23.21 -28.46 -2.36
C GLU D 182 -23.31 -27.00 -1.92
N PHE D 183 -23.30 -26.76 -0.61
CA PHE D 183 -23.38 -25.40 -0.10
C PHE D 183 -22.17 -24.58 -0.55
N ILE D 184 -20.97 -25.16 -0.42
CA ILE D 184 -19.76 -24.45 -0.80
C ILE D 184 -19.76 -24.16 -2.30
N SER D 185 -20.13 -25.14 -3.10
CA SER D 185 -20.17 -24.94 -4.56
C SER D 185 -21.19 -23.87 -4.93
N PHE D 186 -22.36 -23.89 -4.30
CA PHE D 186 -23.37 -22.88 -4.60
C PHE D 186 -22.90 -21.49 -4.22
N VAL D 187 -22.25 -21.35 -3.06
CA VAL D 187 -21.74 -20.04 -2.66
C VAL D 187 -20.68 -19.56 -3.65
N LYS D 188 -19.78 -20.47 -4.06
CA LYS D 188 -18.75 -20.09 -5.02
C LYS D 188 -19.34 -19.66 -6.35
N THR D 189 -20.32 -20.42 -6.85
CA THR D 189 -20.95 -20.05 -8.11
C THR D 189 -21.69 -18.72 -7.99
N THR D 190 -22.34 -18.48 -6.86
CA THR D 190 -23.08 -17.23 -6.70
C THR D 190 -22.15 -16.03 -6.63
N VAL D 191 -21.03 -16.16 -5.89
CA VAL D 191 -20.10 -15.03 -5.82
C VAL D 191 -19.43 -14.80 -7.17
N ASP D 192 -19.12 -15.89 -7.90
CA ASP D 192 -18.51 -15.72 -9.22
C ASP D 192 -19.46 -15.07 -10.21
N ASN D 193 -20.72 -15.52 -10.24
CA ASN D 193 -21.65 -15.02 -11.25
C ASN D 193 -22.17 -13.64 -10.93
N SER D 194 -22.23 -13.32 -9.64
CA SER D 194 -22.76 -12.05 -9.15
C SER D 194 -22.00 -10.79 -9.57
N PHE D 195 -22.76 -9.82 -10.07
CA PHE D 195 -22.23 -8.54 -10.52
C PHE D 195 -21.61 -7.66 -9.43
N VAL D 196 -22.25 -7.64 -8.26
CA VAL D 196 -21.82 -6.85 -7.08
C VAL D 196 -20.32 -6.70 -6.87
N GLY D 197 -19.69 -7.76 -6.38
CA GLY D 197 -18.25 -7.76 -6.19
C GLY D 197 -17.76 -7.96 -4.77
N TRP D 198 -18.53 -8.63 -3.92
CA TRP D 198 -18.05 -8.92 -2.58
C TRP D 198 -16.88 -9.90 -2.63
N ASP D 199 -15.91 -9.70 -1.74
CA ASP D 199 -14.66 -10.46 -1.78
C ASP D 199 -14.76 -11.67 -0.86
N MET D 200 -14.81 -12.85 -1.44
CA MET D 200 -14.80 -14.12 -0.71
C MET D 200 -13.38 -14.64 -0.61
N GLN D 201 -12.95 -14.97 0.61
CA GLN D 201 -11.60 -15.48 0.82
C GLN D 201 -11.49 -16.25 2.13
N ASN D 202 -10.36 -16.94 2.27
CA ASN D 202 -10.05 -17.71 3.47
C ASN D 202 -11.13 -18.73 3.86
N VAL D 203 -11.68 -19.44 2.88
CA VAL D 203 -12.69 -20.44 3.19
C VAL D 203 -12.04 -21.51 4.05
N ILE D 204 -12.73 -21.94 5.10
CA ILE D 204 -12.18 -22.96 5.99
C ILE D 204 -13.10 -24.16 6.17
N THR D 205 -12.54 -25.36 6.03
CA THR D 205 -13.28 -26.60 6.21
C THR D 205 -12.43 -27.48 7.13
N LEU D 206 -12.95 -27.78 8.32
CA LEU D 206 -12.17 -28.58 9.26
C LEU D 206 -12.71 -29.98 9.55
N ASP D 207 -11.87 -30.98 9.27
CA ASP D 207 -12.19 -32.37 9.54
C ASP D 207 -11.30 -32.94 10.64
N THR D 208 -10.55 -32.04 11.30
CA THR D 208 -9.61 -32.40 12.34
C THR D 208 -10.15 -32.15 13.76
N SER D 209 -11.47 -31.96 13.83
CA SER D 209 -12.25 -31.69 15.06
C SER D 209 -12.02 -30.29 15.60
N PHE D 210 -12.37 -30.06 16.87
CA PHE D 210 -12.26 -28.73 17.44
C PHE D 210 -11.18 -28.50 18.50
N GLU D 211 -10.69 -29.55 19.16
CA GLU D 211 -9.68 -29.35 20.18
C GLU D 211 -8.27 -29.59 19.68
N ASP D 212 -8.10 -29.90 18.40
CA ASP D 212 -6.78 -30.20 17.85
C ASP D 212 -6.05 -28.90 17.51
N ALA D 213 -4.89 -29.01 16.89
CA ALA D 213 -4.11 -27.85 16.50
C ALA D 213 -4.38 -27.41 15.07
N LYS D 214 -4.71 -28.35 14.18
CA LYS D 214 -5.03 -27.99 12.80
C LYS D 214 -6.26 -27.09 12.76
N THR D 215 -7.29 -27.41 13.55
CA THR D 215 -8.47 -26.56 13.60
C THR D 215 -8.14 -25.18 14.14
N GLN D 216 -7.26 -25.08 15.14
CA GLN D 216 -6.87 -23.79 15.68
C GLN D 216 -6.14 -22.95 14.64
N VAL D 217 -5.15 -23.53 13.97
CA VAL D 217 -4.37 -22.77 13.01
C VAL D 217 -5.21 -22.40 11.81
N GLN D 218 -6.18 -23.23 11.44
CA GLN D 218 -7.04 -22.89 10.31
C GLN D 218 -8.06 -21.82 10.69
N LEU D 219 -8.57 -21.88 11.92
CA LEU D 219 -9.56 -20.89 12.35
C LEU D 219 -8.92 -19.54 12.63
N LYS D 220 -7.62 -19.52 12.94
CA LYS D 220 -6.93 -18.26 13.12
C LYS D 220 -6.82 -17.46 11.83
N LYS D 221 -6.97 -18.11 10.67
CA LYS D 221 -6.83 -17.44 9.39
C LYS D 221 -7.97 -16.48 9.08
N ILE D 222 -9.09 -16.57 9.81
CA ILE D 222 -10.26 -15.75 9.50
C ILE D 222 -9.99 -14.34 9.98
N HIS D 223 -9.61 -13.46 9.05
CA HIS D 223 -9.43 -12.05 9.34
C HIS D 223 -10.65 -11.21 8.98
N SER D 224 -11.65 -11.82 8.36
CA SER D 224 -12.84 -11.09 7.95
C SER D 224 -13.78 -10.88 9.12
N SER D 225 -14.69 -9.92 8.96
CA SER D 225 -15.66 -9.59 10.00
C SER D 225 -16.99 -10.31 9.81
N VAL D 226 -17.12 -11.14 8.78
CA VAL D 226 -18.34 -11.89 8.52
C VAL D 226 -17.97 -13.34 8.25
N ILE D 227 -18.70 -14.25 8.88
CA ILE D 227 -18.41 -15.68 8.80
C ILE D 227 -19.69 -16.41 8.42
N LEU D 228 -19.62 -17.23 7.37
CA LEU D 228 -20.75 -18.03 6.90
C LEU D 228 -20.56 -19.46 7.42
N LEU D 229 -20.92 -19.66 8.68
CA LEU D 229 -20.77 -20.97 9.30
C LEU D 229 -21.74 -21.97 8.70
N TYR D 230 -21.29 -23.23 8.60
CA TYR D 230 -22.16 -24.32 8.16
C TYR D 230 -21.72 -25.58 8.92
N CYS D 231 -22.54 -26.00 9.88
CA CYS D 231 -22.20 -27.13 10.72
C CYS D 231 -23.48 -27.69 11.32
N SER D 232 -23.37 -28.88 11.92
CA SER D 232 -24.49 -29.45 12.63
C SER D 232 -24.75 -28.67 13.93
N LYS D 233 -25.95 -28.87 14.49
CA LYS D 233 -26.30 -28.20 15.73
C LYS D 233 -25.35 -28.57 16.86
N ASP D 234 -24.98 -29.85 16.95
CA ASP D 234 -24.05 -30.29 17.99
C ASP D 234 -22.65 -29.70 17.77
N GLU D 235 -22.19 -29.66 16.51
CA GLU D 235 -20.88 -29.13 16.21
C GLU D 235 -20.85 -27.61 16.25
N ALA D 236 -21.97 -26.94 16.04
CA ALA D 236 -21.99 -25.49 16.01
C ALA D 236 -21.63 -24.90 17.37
N VAL D 237 -22.13 -25.50 18.46
CA VAL D 237 -21.82 -24.97 19.78
C VAL D 237 -20.33 -25.11 20.08
N LEU D 238 -19.73 -26.23 19.68
CA LEU D 238 -18.30 -26.40 19.90
C LEU D 238 -17.49 -25.43 19.06
N ILE D 239 -17.89 -25.22 17.80
CA ILE D 239 -17.15 -24.29 16.95
C ILE D 239 -17.26 -22.87 17.50
N LEU D 240 -18.45 -22.48 17.95
CA LEU D 240 -18.62 -21.13 18.47
C LEU D 240 -17.90 -20.95 19.81
N SER D 241 -17.85 -22.00 20.62
CA SER D 241 -17.08 -21.91 21.86
C SER D 241 -15.59 -21.78 21.57
N GLU D 242 -15.08 -22.52 20.58
CA GLU D 242 -13.68 -22.39 20.20
C GLU D 242 -13.39 -21.00 19.65
N ALA D 243 -14.31 -20.46 18.85
CA ALA D 243 -14.11 -19.12 18.29
C ALA D 243 -14.15 -18.06 19.39
N ARG D 244 -15.05 -18.20 20.36
CA ARG D 244 -15.12 -17.25 21.46
C ARG D 244 -13.83 -17.24 22.26
N SER D 245 -13.25 -18.41 22.51
CA SER D 245 -11.96 -18.52 23.19
C SER D 245 -10.80 -18.11 22.31
N LEU D 246 -11.08 -17.54 21.13
CA LEU D 246 -10.04 -17.12 20.20
C LEU D 246 -10.16 -15.67 19.77
N GLY D 247 -11.31 -15.03 19.96
CA GLY D 247 -11.48 -13.63 19.63
C GLY D 247 -12.36 -13.35 18.42
N LEU D 248 -13.11 -14.33 17.93
CA LEU D 248 -13.92 -14.17 16.74
C LEU D 248 -15.38 -13.86 17.04
N THR D 249 -15.73 -13.59 18.30
CA THR D 249 -17.10 -13.31 18.70
C THR D 249 -17.10 -11.99 19.49
N GLY D 250 -17.19 -10.88 18.77
CA GLY D 250 -17.29 -9.58 19.39
C GLY D 250 -18.34 -8.71 18.73
N TYR D 251 -18.28 -7.40 18.98
CA TYR D 251 -19.19 -6.49 18.30
C TYR D 251 -18.88 -6.40 16.81
N ASP D 252 -17.62 -6.57 16.44
CA ASP D 252 -17.17 -6.36 15.07
C ASP D 252 -17.29 -7.61 14.20
N PHE D 253 -17.69 -8.74 14.77
CA PHE D 253 -17.80 -9.99 14.03
C PHE D 253 -19.27 -10.40 13.95
N PHE D 254 -19.72 -10.74 12.75
CA PHE D 254 -21.11 -11.13 12.50
C PHE D 254 -21.13 -12.54 11.93
N TRP D 255 -21.83 -13.44 12.60
CA TRP D 255 -21.95 -14.82 12.19
C TRP D 255 -23.32 -15.03 11.54
N ILE D 256 -23.33 -15.53 10.32
CA ILE D 256 -24.55 -15.84 9.60
C ILE D 256 -24.62 -17.35 9.44
N VAL D 257 -25.77 -17.93 9.75
CA VAL D 257 -25.90 -19.36 10.03
C VAL D 257 -27.18 -19.90 9.42
N PRO D 258 -27.18 -21.10 8.81
CA PRO D 258 -28.40 -21.62 8.19
C PRO D 258 -29.47 -22.05 9.18
N SER D 259 -30.60 -22.54 8.65
CA SER D 259 -31.74 -22.88 9.48
C SER D 259 -31.52 -24.17 10.28
N LEU D 260 -30.81 -25.15 9.72
CA LEU D 260 -30.66 -26.43 10.40
C LEU D 260 -29.92 -26.29 11.73
N VAL D 261 -29.07 -25.28 11.87
CA VAL D 261 -28.43 -25.02 13.15
C VAL D 261 -29.42 -24.47 14.17
N SER D 262 -30.39 -23.68 13.72
CA SER D 262 -31.39 -23.08 14.58
C SER D 262 -32.77 -23.64 14.27
N GLY D 263 -32.85 -24.95 14.07
CA GLY D 263 -34.12 -25.58 13.74
C GLY D 263 -35.15 -25.40 14.84
N ASN D 264 -34.74 -25.58 16.10
CA ASN D 264 -35.62 -25.41 17.24
C ASN D 264 -35.26 -24.10 17.92
N THR D 265 -36.05 -23.05 17.63
CA THR D 265 -35.82 -21.74 18.20
C THR D 265 -36.11 -21.68 19.70
N GLU D 266 -36.77 -22.70 20.25
CA GLU D 266 -37.07 -22.74 21.67
C GLU D 266 -35.95 -23.38 22.49
N LEU D 267 -34.90 -23.87 21.85
CA LEU D 267 -33.75 -24.47 22.52
C LEU D 267 -32.51 -23.71 22.07
N ILE D 268 -32.08 -22.75 22.87
CA ILE D 268 -30.93 -21.90 22.56
C ILE D 268 -29.76 -22.35 23.44
N PRO D 269 -28.72 -22.95 22.87
CA PRO D 269 -27.57 -23.35 23.69
C PRO D 269 -26.84 -22.15 24.25
N LYS D 270 -26.16 -22.37 25.38
CA LYS D 270 -25.46 -21.28 26.05
C LYS D 270 -24.27 -20.78 25.24
N GLU D 271 -23.76 -21.56 24.29
CA GLU D 271 -22.60 -21.18 23.52
C GLU D 271 -22.92 -20.29 22.33
N PHE D 272 -24.20 -20.05 22.05
CA PHE D 272 -24.58 -19.22 20.92
C PHE D 272 -24.42 -17.74 21.28
N PRO D 273 -23.63 -16.98 20.55
CA PRO D 273 -23.52 -15.54 20.85
C PRO D 273 -24.80 -14.79 20.52
N SER D 274 -25.02 -13.71 21.25
CA SER D 274 -26.18 -12.85 21.02
C SER D 274 -25.91 -12.00 19.79
N GLY D 275 -26.61 -12.28 18.70
CA GLY D 275 -26.40 -11.55 17.47
C GLY D 275 -26.22 -12.47 16.28
N LEU D 276 -26.45 -13.76 16.48
CA LEU D 276 -26.42 -14.71 15.38
C LEU D 276 -27.52 -14.38 14.39
N ILE D 277 -27.16 -14.33 13.11
CA ILE D 277 -28.13 -14.07 12.04
C ILE D 277 -28.42 -15.40 11.35
N SER D 278 -29.67 -15.85 11.44
CA SER D 278 -30.04 -17.13 10.88
C SER D 278 -31.32 -16.99 10.06
N VAL D 279 -31.30 -17.53 8.86
CA VAL D 279 -32.51 -17.61 8.05
C VAL D 279 -33.26 -18.87 8.45
N SER D 280 -34.58 -18.79 8.49
CA SER D 280 -35.39 -19.92 8.89
C SER D 280 -36.81 -19.72 8.38
N TYR D 281 -37.55 -20.82 8.30
CA TYR D 281 -38.93 -20.74 7.84
C TYR D 281 -39.78 -19.98 8.86
N ASP D 282 -40.86 -19.36 8.36
CA ASP D 282 -41.67 -18.47 9.17
C ASP D 282 -42.48 -19.24 10.21
N ASP D 283 -41.96 -19.32 11.43
CA ASP D 283 -42.65 -19.98 12.53
C ASP D 283 -43.50 -19.02 13.36
N TRP D 284 -43.48 -17.73 13.03
CA TRP D 284 -44.27 -16.73 13.74
C TRP D 284 -45.32 -16.04 12.88
N ASP D 285 -45.08 -15.91 11.57
CA ASP D 285 -45.97 -15.15 10.71
C ASP D 285 -47.37 -15.76 10.68
N TYR D 286 -47.49 -16.98 10.17
CA TYR D 286 -48.77 -17.64 10.03
C TYR D 286 -48.71 -19.06 10.58
N SER D 287 -49.75 -19.45 11.31
CA SER D 287 -49.79 -20.71 12.02
C SER D 287 -50.24 -21.83 11.08
N LEU D 288 -50.54 -23.00 11.66
CA LEU D 288 -50.87 -24.18 10.86
C LEU D 288 -52.17 -24.02 10.07
N GLU D 289 -53.06 -23.11 10.48
CA GLU D 289 -54.31 -22.93 9.75
C GLU D 289 -54.04 -22.40 8.34
N ALA D 290 -53.21 -21.36 8.23
CA ALA D 290 -52.87 -20.84 6.92
C ALA D 290 -52.12 -21.87 6.09
N ARG D 291 -51.23 -22.66 6.73
CA ARG D 291 -50.49 -23.67 6.02
C ARG D 291 -51.41 -24.74 5.45
N VAL D 292 -52.37 -25.22 6.25
CA VAL D 292 -53.28 -26.25 5.76
C VAL D 292 -54.20 -25.70 4.69
N ARG D 293 -54.64 -24.44 4.84
CA ARG D 293 -55.44 -23.82 3.78
C ARG D 293 -54.65 -23.73 2.48
N ASP D 294 -53.38 -23.33 2.56
CA ASP D 294 -52.54 -23.24 1.37
C ASP D 294 -52.33 -24.61 0.74
N GLY D 295 -52.11 -25.63 1.57
CA GLY D 295 -51.95 -26.98 1.02
C GLY D 295 -53.19 -27.49 0.35
N ILE D 296 -54.36 -27.24 0.96
CA ILE D 296 -55.62 -27.63 0.35
C ILE D 296 -55.81 -26.93 -0.98
N GLY D 297 -55.52 -25.63 -1.03
CA GLY D 297 -55.62 -24.90 -2.28
C GLY D 297 -54.68 -25.42 -3.34
N ILE D 298 -53.44 -25.74 -2.94
CA ILE D 298 -52.46 -26.29 -3.88
C ILE D 298 -52.95 -27.59 -4.47
N LEU D 299 -53.43 -28.50 -3.60
CA LEU D 299 -53.91 -29.80 -4.09
C LEU D 299 -55.13 -29.63 -4.98
N THR D 300 -56.06 -28.77 -4.59
CA THR D 300 -57.27 -28.57 -5.39
C THR D 300 -56.94 -27.98 -6.76
N THR D 301 -56.06 -26.98 -6.80
CA THR D 301 -55.67 -26.39 -8.07
C THR D 301 -54.89 -27.37 -8.94
N ALA D 302 -54.03 -28.19 -8.34
CA ALA D 302 -53.33 -29.21 -9.12
C ALA D 302 -54.30 -30.22 -9.70
N ALA D 303 -55.30 -30.64 -8.92
CA ALA D 303 -56.31 -31.55 -9.42
C ALA D 303 -57.12 -30.91 -10.55
N SER D 304 -57.45 -29.63 -10.41
CA SER D 304 -58.20 -28.93 -11.46
C SER D 304 -57.38 -28.84 -12.73
N SER D 305 -56.09 -28.53 -12.61
CA SER D 305 -55.23 -28.47 -13.80
C SER D 305 -55.10 -29.84 -14.46
N MET D 306 -54.96 -30.89 -13.65
CA MET D 306 -54.91 -32.24 -14.21
C MET D 306 -56.21 -32.59 -14.93
N LEU D 307 -57.35 -32.24 -14.35
CA LEU D 307 -58.63 -32.51 -15.01
C LEU D 307 -58.74 -31.73 -16.31
N GLU D 308 -58.29 -30.48 -16.33
CA GLU D 308 -58.31 -29.69 -17.56
C GLU D 308 -57.42 -30.31 -18.63
N LYS D 309 -56.24 -30.78 -18.24
CA LYS D 309 -55.32 -31.40 -19.19
C LYS D 309 -55.55 -32.89 -19.37
N PHE D 310 -56.40 -33.50 -18.55
CA PHE D 310 -56.69 -34.93 -18.66
C PHE D 310 -58.03 -35.18 -17.98
N SER D 311 -59.04 -35.58 -18.75
CA SER D 311 -60.40 -35.67 -18.24
C SER D 311 -60.49 -36.66 -17.07
N TYR D 312 -59.79 -37.78 -17.17
CA TYR D 312 -59.86 -38.80 -16.13
C TYR D 312 -59.22 -38.29 -14.84
N ILE D 313 -59.82 -38.65 -13.71
CA ILE D 313 -59.28 -38.36 -12.39
C ILE D 313 -58.55 -39.61 -11.90
N PRO D 314 -57.24 -39.54 -11.63
CA PRO D 314 -56.53 -40.74 -11.17
C PRO D 314 -57.10 -41.27 -9.87
N GLU D 315 -57.12 -42.60 -9.76
CA GLU D 315 -57.63 -43.30 -8.58
C GLU D 315 -56.67 -44.42 -8.18
N ALA D 316 -55.38 -44.11 -8.13
CA ALA D 316 -54.38 -45.10 -7.80
C ALA D 316 -54.47 -45.58 -6.36
N LYS D 317 -55.22 -44.89 -5.51
CA LYS D 317 -55.38 -45.28 -4.11
C LYS D 317 -56.33 -46.46 -4.04
N ALA D 318 -55.78 -47.67 -4.15
CA ALA D 318 -56.56 -48.90 -4.09
C ALA D 318 -56.24 -49.74 -2.87
N SER D 319 -54.98 -50.09 -2.66
CA SER D 319 -54.58 -50.91 -1.50
C SER D 319 -53.09 -50.75 -1.29
N CYS D 320 -52.70 -50.27 -0.11
CA CYS D 320 -51.28 -50.14 0.21
C CYS D 320 -50.63 -51.51 0.37
N TYR D 321 -51.24 -52.38 1.16
CA TYR D 321 -50.70 -53.70 1.47
C TYR D 321 -51.36 -54.71 0.53
N GLY D 322 -50.71 -54.98 -0.59
CA GLY D 322 -51.22 -55.94 -1.55
C GLY D 322 -50.13 -56.65 -2.32
N GLN D 323 -50.17 -57.97 -2.34
CA GLN D 323 -49.18 -58.74 -3.08
C GLN D 323 -49.36 -58.53 -4.59
N MET D 324 -48.25 -58.63 -5.31
CA MET D 324 -48.21 -58.40 -6.76
C MET D 324 -48.78 -57.02 -7.11
N GLU D 325 -48.15 -56.00 -6.53
CA GLU D 325 -48.59 -54.63 -6.74
C GLU D 325 -48.39 -54.22 -8.19
N ARG D 326 -49.27 -53.33 -8.67
CA ARG D 326 -49.19 -52.85 -10.03
C ARG D 326 -47.93 -52.01 -10.23
N PRO D 327 -47.36 -52.01 -11.43
CA PRO D 327 -46.22 -51.13 -11.72
C PRO D 327 -46.62 -49.66 -11.73
N GLU D 328 -45.67 -48.79 -12.10
CA GLU D 328 -45.90 -47.35 -12.09
C GLU D 328 -47.24 -46.99 -12.73
N VAL D 329 -47.95 -46.08 -12.07
CA VAL D 329 -49.33 -45.76 -12.47
C VAL D 329 -49.32 -45.09 -13.84
N PRO D 330 -50.09 -45.59 -14.80
CA PRO D 330 -50.17 -44.91 -16.10
C PRO D 330 -50.80 -43.53 -16.03
N MET D 331 -51.51 -43.22 -14.95
CA MET D 331 -52.13 -41.91 -14.81
C MET D 331 -51.07 -40.81 -14.79
N HIS D 332 -51.43 -39.65 -15.33
CA HIS D 332 -50.50 -38.53 -15.42
C HIS D 332 -50.04 -38.10 -14.03
N THR D 333 -48.73 -37.93 -13.88
CA THR D 333 -48.17 -37.51 -12.61
C THR D 333 -48.53 -36.07 -12.30
N LEU D 334 -48.58 -35.75 -11.01
CA LEU D 334 -48.96 -34.41 -10.56
C LEU D 334 -47.81 -33.42 -10.59
N HIS D 335 -46.57 -33.87 -10.86
CA HIS D 335 -45.43 -32.95 -10.87
C HIS D 335 -45.56 -31.86 -11.92
N PRO D 336 -45.84 -32.15 -13.20
CA PRO D 336 -46.00 -31.04 -14.16
C PRO D 336 -47.13 -30.09 -13.81
N PHE D 337 -48.21 -30.61 -13.22
CA PHE D 337 -49.30 -29.75 -12.78
C PHE D 337 -48.88 -28.90 -11.59
N MET D 338 -48.10 -29.48 -10.67
CA MET D 338 -47.64 -28.75 -9.50
C MET D 338 -46.55 -27.74 -9.80
N VAL D 339 -45.87 -27.86 -10.95
CA VAL D 339 -44.87 -26.86 -11.32
C VAL D 339 -45.51 -25.50 -11.56
N ASN D 340 -46.62 -25.48 -12.29
CA ASN D 340 -47.31 -24.24 -12.65
C ASN D 340 -48.63 -24.21 -11.90
N VAL D 341 -48.60 -23.67 -10.69
CA VAL D 341 -49.78 -23.63 -9.82
C VAL D 341 -49.83 -22.30 -9.10
N THR D 342 -51.03 -21.75 -8.95
CA THR D 342 -51.27 -20.53 -8.19
C THR D 342 -52.59 -20.66 -7.46
N TRP D 343 -52.74 -19.89 -6.38
CA TRP D 343 -53.93 -19.97 -5.55
C TRP D 343 -54.04 -18.73 -4.68
N ASP D 344 -55.21 -18.08 -4.74
CA ASP D 344 -55.52 -16.91 -3.91
C ASP D 344 -54.49 -15.81 -4.08
N GLY D 345 -54.06 -15.58 -5.31
CA GLY D 345 -53.06 -14.55 -5.58
C GLY D 345 -51.63 -14.94 -5.31
N LYS D 346 -51.36 -15.55 -4.16
CA LYS D 346 -50.02 -16.00 -3.85
C LYS D 346 -49.60 -17.12 -4.78
N ASP D 347 -48.38 -17.04 -5.29
CA ASP D 347 -47.85 -18.02 -6.22
C ASP D 347 -47.15 -19.11 -5.43
N LEU D 348 -47.89 -20.16 -5.09
CA LEU D 348 -47.35 -21.30 -4.36
C LEU D 348 -46.86 -22.39 -5.31
N SER D 349 -46.00 -22.01 -6.25
CA SER D 349 -45.50 -22.95 -7.23
C SER D 349 -44.38 -23.80 -6.65
N PHE D 350 -43.93 -24.78 -7.43
CA PHE D 350 -42.84 -25.66 -7.04
C PHE D 350 -41.85 -25.77 -8.20
N THR D 351 -40.56 -25.71 -7.87
CA THR D 351 -39.53 -25.84 -8.89
C THR D 351 -39.45 -27.29 -9.37
N GLU D 352 -38.74 -27.47 -10.48
CA GLU D 352 -38.54 -28.82 -11.03
C GLU D 352 -37.81 -29.71 -10.05
N GLU D 353 -36.91 -29.14 -9.23
CA GLU D 353 -36.22 -29.93 -8.22
C GLU D 353 -37.19 -30.46 -7.16
N GLY D 354 -38.16 -29.65 -6.77
CA GLY D 354 -39.13 -30.06 -5.78
C GLY D 354 -39.19 -29.16 -4.57
N TYR D 355 -38.76 -27.91 -4.72
CA TYR D 355 -38.77 -26.93 -3.66
C TYR D 355 -39.75 -25.81 -3.97
N GLN D 356 -40.23 -25.15 -2.92
CA GLN D 356 -41.12 -24.01 -3.10
C GLN D 356 -40.40 -22.89 -3.82
N VAL D 357 -41.04 -22.32 -4.85
CA VAL D 357 -40.43 -21.23 -5.60
C VAL D 357 -40.34 -19.98 -4.73
N HIS D 358 -41.34 -19.74 -3.90
CA HIS D 358 -41.41 -18.54 -3.07
C HIS D 358 -41.58 -18.95 -1.61
N PRO D 359 -40.50 -19.38 -0.97
CA PRO D 359 -40.58 -19.71 0.47
C PRO D 359 -40.67 -18.44 1.30
N ARG D 360 -41.03 -18.62 2.57
CA ARG D 360 -41.17 -17.47 3.46
C ARG D 360 -39.81 -16.97 3.93
N LEU D 361 -39.07 -17.83 4.65
CA LEU D 361 -37.66 -17.60 4.96
C LEU D 361 -37.43 -16.27 5.65
N VAL D 362 -38.02 -16.13 6.84
CA VAL D 362 -37.73 -14.97 7.67
C VAL D 362 -36.27 -15.03 8.13
N VAL D 363 -35.75 -13.89 8.55
CA VAL D 363 -34.38 -13.76 9.05
C VAL D 363 -34.46 -13.35 10.51
N ILE D 364 -33.87 -14.17 11.39
CA ILE D 364 -33.99 -13.97 12.82
C ILE D 364 -32.61 -13.74 13.42
N VAL D 365 -32.60 -13.06 14.56
CA VAL D 365 -31.37 -12.77 15.30
C VAL D 365 -31.59 -13.13 16.76
N LEU D 366 -30.49 -13.31 17.48
CA LEU D 366 -30.54 -13.66 18.90
C LEU D 366 -30.42 -12.37 19.72
N ASN D 367 -31.52 -11.97 20.35
CA ASN D 367 -31.57 -10.69 21.05
C ASN D 367 -30.70 -10.71 22.30
N LYS D 368 -30.60 -9.55 22.95
CA LYS D 368 -29.92 -9.47 24.24
C LYS D 368 -30.66 -10.27 25.31
N ASP D 369 -31.97 -10.47 25.12
CA ASP D 369 -32.76 -11.31 26.00
C ASP D 369 -32.71 -12.77 25.60
N ARG D 370 -31.89 -13.13 24.61
CA ARG D 370 -31.70 -14.50 24.16
C ARG D 370 -33.01 -15.13 23.71
N GLU D 371 -33.57 -14.54 22.66
CA GLU D 371 -34.79 -15.08 22.03
C GLU D 371 -34.78 -14.66 20.57
N TRP D 372 -35.00 -15.62 19.68
CA TRP D 372 -34.96 -15.34 18.25
C TRP D 372 -36.08 -14.40 17.87
N GLU D 373 -35.74 -13.33 17.16
CA GLU D 373 -36.72 -12.34 16.71
C GLU D 373 -36.46 -11.97 15.26
N LYS D 374 -37.53 -11.75 14.52
CA LYS D 374 -37.41 -11.43 13.10
C LYS D 374 -36.79 -10.06 12.90
N VAL D 375 -35.97 -9.93 11.86
CA VAL D 375 -35.42 -8.65 11.44
C VAL D 375 -35.66 -8.46 9.95
N GLY D 376 -36.54 -9.28 9.38
CA GLY D 376 -36.83 -9.20 7.97
C GLY D 376 -37.53 -10.44 7.45
N LYS D 377 -38.33 -10.30 6.41
CA LYS D 377 -39.06 -11.40 5.81
C LYS D 377 -38.74 -11.47 4.33
N TRP D 378 -38.30 -12.64 3.87
CA TRP D 378 -37.95 -12.83 2.46
C TRP D 378 -39.23 -12.75 1.64
N GLU D 379 -39.41 -11.61 0.97
CA GLU D 379 -40.62 -11.34 0.20
C GLU D 379 -40.56 -12.04 -1.15
N ASN D 380 -41.41 -11.60 -2.09
CA ASN D 380 -41.45 -12.14 -3.44
C ASN D 380 -40.06 -12.43 -3.98
N HIS D 381 -39.21 -11.40 -4.08
CA HIS D 381 -37.79 -11.63 -4.24
C HIS D 381 -36.93 -10.59 -3.52
N THR D 382 -37.53 -9.66 -2.77
CA THR D 382 -36.79 -8.64 -2.05
C THR D 382 -36.70 -9.01 -0.57
N LEU D 383 -35.56 -8.69 0.05
CA LEU D 383 -35.37 -9.06 1.43
C LEU D 383 -36.21 -8.21 2.37
N SER D 384 -36.21 -6.89 2.18
CA SER D 384 -37.04 -5.96 2.96
C SER D 384 -36.78 -6.13 4.46
N LEU D 385 -35.55 -5.81 4.84
CA LEU D 385 -35.15 -5.94 6.25
C LEU D 385 -35.86 -4.90 7.11
N ARG D 386 -36.03 -5.23 8.39
CA ARG D 386 -36.69 -4.32 9.31
C ARG D 386 -35.78 -3.18 9.74
N HIS D 387 -34.48 -3.45 9.91
CA HIS D 387 -33.54 -2.45 10.41
C HIS D 387 -32.67 -1.96 9.27
N ALA D 388 -32.65 -0.64 9.08
CA ALA D 388 -31.81 -0.05 8.04
C ALA D 388 -30.33 -0.17 8.41
N VAL D 389 -29.97 0.13 9.65
CA VAL D 389 -28.60 0.04 10.14
C VAL D 389 -28.55 -1.06 11.18
N TRP D 390 -27.50 -1.87 11.12
CA TRP D 390 -27.36 -3.00 12.03
C TRP D 390 -27.28 -2.49 13.47
N PRO D 391 -28.10 -3.03 14.38
CA PRO D 391 -28.14 -2.50 15.76
C PRO D 391 -26.87 -2.74 16.57
N ARG D 392 -25.87 -3.39 15.96
CA ARG D 392 -24.62 -3.72 16.63
C ARG D 392 -24.91 -4.42 17.95
N TYR D 393 -25.54 -5.59 17.86
CA TYR D 393 -25.91 -6.38 19.02
C TYR D 393 -24.72 -6.88 19.83
N LYS D 394 -24.86 -6.85 21.15
CA LYS D 394 -23.81 -7.33 22.05
C LYS D 394 -23.76 -8.85 21.95
N SER D 395 -22.58 -9.42 22.15
CA SER D 395 -22.43 -10.87 22.09
C SER D 395 -22.54 -11.49 23.47
N PHE D 396 -21.44 -12.01 24.00
CA PHE D 396 -21.52 -12.61 25.31
C PHE D 396 -21.49 -11.56 26.41
N SER D 397 -21.85 -11.99 27.61
CA SER D 397 -21.98 -11.08 28.74
C SER D 397 -20.65 -10.41 29.09
N ASP D 398 -19.57 -11.17 29.02
CA ASP D 398 -18.24 -10.65 29.32
C ASP D 398 -17.54 -10.05 28.11
N CYS D 399 -18.30 -9.44 27.21
CA CYS D 399 -17.74 -8.83 26.02
C CYS D 399 -17.29 -7.40 26.31
N GLU D 400 -16.17 -7.01 25.67
CA GLU D 400 -15.67 -5.66 25.82
C GLU D 400 -16.63 -4.65 25.19
N PRO D 401 -16.73 -3.45 25.76
CA PRO D 401 -17.64 -2.45 25.21
C PRO D 401 -17.21 -1.98 23.82
N ASP D 402 -18.18 -1.48 23.07
CA ASP D 402 -17.93 -1.03 21.70
C ASP D 402 -17.20 0.30 21.67
N ASP D 403 -15.87 0.25 21.65
CA ASP D 403 -15.05 1.46 21.58
C ASP D 403 -14.52 1.72 20.19
N ASN D 404 -14.35 0.69 19.36
CA ASN D 404 -13.78 0.83 18.04
C ASN D 404 -14.81 1.18 16.97
N HIS D 405 -16.08 1.31 17.33
CA HIS D 405 -17.13 1.68 16.40
C HIS D 405 -17.57 3.11 16.69
N LEU D 406 -17.58 3.95 15.66
CA LEU D 406 -17.87 5.37 15.79
C LEU D 406 -19.04 5.76 14.90
N SER D 407 -19.80 6.74 15.35
CA SER D 407 -20.87 7.35 14.57
C SER D 407 -20.40 8.73 14.13
N ILE D 408 -20.30 8.93 12.81
CA ILE D 408 -19.67 10.11 12.24
C ILE D 408 -20.71 10.90 11.46
N VAL D 409 -20.84 12.18 11.78
CA VAL D 409 -21.77 13.08 11.12
C VAL D 409 -21.05 13.82 10.00
N THR D 410 -21.77 14.11 8.92
CA THR D 410 -21.18 14.74 7.75
C THR D 410 -22.22 15.67 7.13
N LEU D 411 -21.73 16.59 6.30
CA LEU D 411 -22.59 17.51 5.55
C LEU D 411 -22.04 17.61 4.13
N GLU D 412 -22.75 17.02 3.18
CA GLU D 412 -22.33 17.02 1.78
C GLU D 412 -22.69 18.35 1.15
N GLU D 413 -21.79 19.33 1.29
CA GLU D 413 -21.99 20.63 0.70
C GLU D 413 -20.76 21.19 0.01
N ALA D 414 -19.70 20.40 -0.18
CA ALA D 414 -18.44 20.85 -0.75
C ALA D 414 -17.86 19.76 -1.64
N PRO D 415 -16.81 20.07 -2.40
CA PRO D 415 -16.08 19.00 -3.09
C PRO D 415 -15.43 18.01 -2.14
N PHE D 416 -15.27 18.38 -0.87
CA PHE D 416 -14.72 17.46 0.11
C PHE D 416 -15.66 16.29 0.37
N VAL D 417 -16.96 16.54 0.39
CA VAL D 417 -17.97 15.50 0.58
C VAL D 417 -19.05 15.70 -0.47
N ILE D 418 -19.08 14.83 -1.47
CA ILE D 418 -20.10 14.84 -2.52
C ILE D 418 -20.88 13.54 -2.43
N VAL D 419 -22.21 13.66 -2.38
CA VAL D 419 -23.10 12.52 -2.18
C VAL D 419 -23.81 12.21 -3.49
N GLU D 420 -24.06 10.93 -3.74
CA GLU D 420 -24.79 10.48 -4.91
C GLU D 420 -25.74 9.36 -4.53
N ASP D 421 -26.73 9.12 -5.38
CA ASP D 421 -27.64 8.02 -5.18
C ASP D 421 -26.95 6.69 -5.48
N ILE D 422 -27.50 5.61 -4.90
CA ILE D 422 -26.92 4.29 -5.11
C ILE D 422 -27.14 3.86 -6.55
N ASP D 423 -26.29 2.94 -7.00
CA ASP D 423 -26.36 2.46 -8.37
C ASP D 423 -27.68 1.71 -8.60
N PRO D 424 -28.41 1.99 -9.67
CA PRO D 424 -29.68 1.29 -9.91
C PRO D 424 -29.52 -0.21 -10.04
N LEU D 425 -28.41 -0.69 -10.62
CA LEU D 425 -28.13 -2.10 -10.74
C LEU D 425 -27.19 -2.53 -9.62
N THR D 426 -27.57 -3.57 -8.88
CA THR D 426 -26.82 -4.05 -7.72
C THR D 426 -26.60 -2.91 -6.73
N GLU D 427 -27.71 -2.44 -6.15
CA GLU D 427 -27.71 -1.22 -5.36
C GLU D 427 -26.73 -1.28 -4.20
N THR D 428 -25.65 -0.51 -4.32
CA THR D 428 -24.58 -0.41 -3.33
C THR D 428 -23.57 0.59 -3.87
N CYS D 429 -22.65 1.01 -3.00
CA CYS D 429 -21.52 1.80 -3.45
C CYS D 429 -20.60 0.97 -4.33
N VAL D 430 -20.12 1.56 -5.41
CA VAL D 430 -19.56 0.78 -6.50
C VAL D 430 -18.08 0.48 -6.27
N ARG D 431 -17.22 1.50 -6.22
CA ARG D 431 -15.79 1.29 -6.18
C ARG D 431 -15.12 1.88 -4.94
N ASN D 432 -15.38 3.15 -4.66
CA ASN D 432 -14.68 3.84 -3.58
C ASN D 432 -15.56 4.66 -2.66
N THR D 433 -16.80 4.96 -3.04
CA THR D 433 -17.68 5.71 -2.16
C THR D 433 -18.08 4.87 -0.96
N VAL D 434 -18.48 5.54 0.11
CA VAL D 434 -18.89 4.85 1.33
C VAL D 434 -20.38 5.09 1.56
N PRO D 435 -21.10 4.15 2.18
CA PRO D 435 -22.53 4.33 2.40
C PRO D 435 -22.80 5.24 3.59
N CYS D 436 -23.58 6.30 3.35
CA CYS D 436 -24.02 7.20 4.40
C CYS D 436 -25.53 7.35 4.28
N ARG D 437 -26.21 7.38 5.43
CA ARG D 437 -27.67 7.39 5.46
C ARG D 437 -28.16 8.80 5.77
N LYS D 438 -28.96 9.35 4.86
CA LYS D 438 -29.54 10.68 5.02
C LYS D 438 -31.00 10.54 5.41
N PHE D 439 -31.44 11.35 6.37
CA PHE D 439 -32.82 11.34 6.83
C PHE D 439 -33.68 12.00 5.76
N VAL D 440 -34.28 11.17 4.89
CA VAL D 440 -35.06 11.70 3.77
C VAL D 440 -36.28 12.44 4.29
N LYS D 441 -36.61 13.54 3.62
CA LYS D 441 -37.74 14.37 4.01
C LYS D 441 -39.03 13.70 3.58
N ILE D 442 -39.76 13.14 4.55
CA ILE D 442 -41.07 12.55 4.30
C ILE D 442 -42.07 13.67 4.01
N ASN D 443 -43.26 13.29 3.56
CA ASN D 443 -44.30 14.28 3.28
C ASN D 443 -44.59 15.14 4.50
N ASN D 444 -45.20 16.29 4.25
CA ASN D 444 -45.42 17.28 5.32
C ASN D 444 -46.33 16.76 6.41
N SER D 445 -47.11 15.72 6.14
CA SER D 445 -48.03 15.19 7.15
C SER D 445 -47.26 14.58 8.33
N THR D 446 -46.26 13.74 8.04
CA THR D 446 -45.50 13.05 9.06
C THR D 446 -44.07 13.59 9.08
N ASN D 447 -43.64 14.07 10.25
CA ASN D 447 -42.27 14.56 10.39
C ASN D 447 -41.26 13.43 10.19
N GLU D 448 -41.53 12.27 10.77
CA GLU D 448 -40.61 11.15 10.67
C GLU D 448 -40.53 10.62 9.25
N GLY D 449 -39.33 10.21 8.84
CA GLY D 449 -39.13 9.70 7.49
C GLY D 449 -38.06 8.63 7.49
N MET D 450 -38.01 7.89 6.39
CA MET D 450 -37.06 6.80 6.25
C MET D 450 -35.64 7.35 6.06
N ASN D 451 -34.67 6.56 6.49
CA ASN D 451 -33.25 6.90 6.36
C ASN D 451 -32.75 6.29 5.06
N VAL D 452 -32.73 7.10 4.01
CA VAL D 452 -32.33 6.62 2.69
C VAL D 452 -30.82 6.50 2.62
N LYS D 453 -30.34 5.36 2.13
CA LYS D 453 -28.91 5.11 2.00
C LYS D 453 -28.40 5.66 0.68
N LYS D 454 -27.42 6.56 0.76
CA LYS D 454 -26.74 7.10 -0.42
C LYS D 454 -25.27 6.75 -0.31
N CYS D 455 -24.55 6.93 -1.42
CA CYS D 455 -23.12 6.65 -1.44
C CYS D 455 -22.40 7.98 -1.62
N CYS D 456 -21.57 8.34 -0.64
CA CYS D 456 -20.96 9.66 -0.58
C CYS D 456 -19.44 9.54 -0.45
N LYS D 457 -18.73 10.24 -1.34
CA LYS D 457 -17.28 10.19 -1.43
C LYS D 457 -16.69 11.59 -1.34
N GLY D 458 -15.39 11.73 -1.60
CA GLY D 458 -14.76 13.03 -1.70
C GLY D 458 -13.46 13.06 -0.95
N PHE D 459 -12.94 14.28 -0.77
CA PHE D 459 -11.66 14.47 -0.10
C PHE D 459 -11.74 14.03 1.36
N CYS D 460 -12.73 14.55 2.10
CA CYS D 460 -12.85 14.17 3.51
C CYS D 460 -13.25 12.70 3.66
N ILE D 461 -14.00 12.16 2.70
CA ILE D 461 -14.33 10.74 2.76
C ILE D 461 -13.09 9.88 2.54
N ASP D 462 -12.22 10.30 1.61
CA ASP D 462 -10.95 9.59 1.44
C ASP D 462 -10.10 9.69 2.70
N ILE D 463 -10.09 10.86 3.34
CA ILE D 463 -9.37 11.03 4.59
C ILE D 463 -9.93 10.08 5.65
N LEU D 464 -11.26 9.98 5.72
CA LEU D 464 -11.90 9.08 6.68
C LEU D 464 -11.53 7.63 6.42
N LYS D 465 -11.52 7.23 5.15
CA LYS D 465 -11.14 5.85 4.81
C LYS D 465 -9.70 5.58 5.21
N LYS D 466 -8.80 6.52 4.93
CA LYS D 466 -7.40 6.36 5.33
C LYS D 466 -7.26 6.27 6.84
N LEU D 467 -8.03 7.10 7.57
CA LEU D 467 -8.00 7.06 9.02
C LEU D 467 -8.48 5.71 9.54
N SER D 468 -9.57 5.19 8.97
CA SER D 468 -10.09 3.90 9.40
C SER D 468 -9.09 2.79 9.13
N ARG D 469 -8.39 2.87 7.99
CA ARG D 469 -7.38 1.86 7.68
C ARG D 469 -6.16 1.98 8.59
N THR D 470 -5.80 3.20 9.01
CA THR D 470 -4.57 3.42 9.75
C THR D 470 -4.73 3.17 11.25
N VAL D 471 -5.79 3.72 11.86
CA VAL D 471 -6.00 3.60 13.30
C VAL D 471 -6.97 2.49 13.64
N LYS D 472 -7.50 1.77 12.64
CA LYS D 472 -8.25 0.53 12.83
C LYS D 472 -9.50 0.76 13.69
N PHE D 473 -10.43 1.53 13.14
CA PHE D 473 -11.75 1.70 13.74
C PHE D 473 -12.81 1.58 12.65
N THR D 474 -14.01 1.24 13.07
CA THR D 474 -15.16 1.14 12.18
C THR D 474 -16.09 2.32 12.41
N TYR D 475 -16.76 2.76 11.34
CA TYR D 475 -17.59 3.94 11.37
C TYR D 475 -18.95 3.66 10.75
N ASP D 476 -19.93 4.46 11.14
CA ASP D 476 -21.29 4.41 10.61
C ASP D 476 -21.64 5.81 10.14
N LEU D 477 -21.26 6.12 8.90
CA LEU D 477 -21.41 7.47 8.38
C LEU D 477 -22.88 7.82 8.16
N TYR D 478 -23.21 9.09 8.37
CA TYR D 478 -24.55 9.59 8.09
C TYR D 478 -24.51 11.10 7.97
N LEU D 479 -25.25 11.63 7.00
CA LEU D 479 -25.27 13.07 6.77
C LEU D 479 -26.13 13.77 7.82
N VAL D 480 -25.80 15.04 8.06
CA VAL D 480 -26.57 15.84 9.00
C VAL D 480 -27.82 16.38 8.32
N THR D 481 -28.86 16.66 9.11
CA THR D 481 -30.11 17.18 8.60
C THR D 481 -30.55 18.49 9.24
N ASN D 482 -30.12 18.78 10.46
CA ASN D 482 -30.60 19.95 11.19
C ASN D 482 -29.72 21.18 10.97
N GLY D 483 -29.49 21.54 9.71
CA GLY D 483 -28.86 22.79 9.39
C GLY D 483 -27.48 22.66 8.79
N LYS D 484 -26.69 23.72 8.95
CA LYS D 484 -25.36 23.84 8.38
C LYS D 484 -24.31 23.29 9.37
N HIS D 485 -23.04 23.61 9.11
CA HIS D 485 -21.96 23.14 9.96
C HIS D 485 -22.22 23.44 11.44
N GLY D 486 -22.59 24.67 11.76
CA GLY D 486 -22.86 25.01 13.14
C GLY D 486 -23.14 26.47 13.39
N LYS D 487 -24.06 26.74 14.32
CA LYS D 487 -24.40 28.11 14.70
C LYS D 487 -25.07 28.07 16.07
N LYS D 488 -24.70 29.03 16.92
CA LYS D 488 -25.24 29.09 18.28
C LYS D 488 -26.50 29.95 18.25
N VAL D 489 -27.66 29.30 18.19
CA VAL D 489 -28.95 29.98 18.19
C VAL D 489 -29.62 29.70 19.52
N ASN D 490 -29.98 30.77 20.23
CA ASN D 490 -30.62 30.68 21.54
C ASN D 490 -29.80 29.83 22.51
N ASN D 491 -28.48 30.05 22.49
CA ASN D 491 -27.53 29.31 23.32
C ASN D 491 -27.60 27.80 23.07
N VAL D 492 -27.96 27.42 21.84
CA VAL D 492 -28.06 26.01 21.46
C VAL D 492 -27.29 25.82 20.16
N TRP D 493 -26.42 24.82 20.13
CA TRP D 493 -25.66 24.51 18.93
C TRP D 493 -26.49 23.63 18.01
N ASN D 494 -26.57 24.01 16.73
CA ASN D 494 -27.37 23.30 15.75
C ASN D 494 -26.52 22.88 14.57
N GLY D 495 -26.83 21.72 14.00
CA GLY D 495 -26.11 21.23 12.84
C GLY D 495 -25.06 20.19 13.17
N MET D 496 -23.97 20.19 12.39
CA MET D 496 -22.89 19.24 12.62
C MET D 496 -22.29 19.40 14.01
N ILE D 497 -21.90 20.62 14.36
CA ILE D 497 -21.32 20.86 15.68
C ILE D 497 -22.34 20.55 16.77
N GLY D 498 -23.60 20.97 16.57
CA GLY D 498 -24.63 20.65 17.53
C GLY D 498 -24.78 19.16 17.75
N GLU D 499 -24.72 18.38 16.67
CA GLU D 499 -24.81 16.93 16.82
C GLU D 499 -23.59 16.37 17.53
N VAL D 500 -22.42 16.97 17.33
CA VAL D 500 -21.22 16.48 18.02
C VAL D 500 -21.30 16.77 19.52
N VAL D 501 -21.78 17.95 19.90
CA VAL D 501 -21.81 18.34 21.30
C VAL D 501 -22.73 17.43 22.10
N TYR D 502 -23.91 17.13 21.55
CA TYR D 502 -24.93 16.39 22.28
C TYR D 502 -24.73 14.87 22.21
N GLN D 503 -23.51 14.42 21.95
CA GLN D 503 -23.13 13.01 21.97
C GLN D 503 -23.88 12.17 20.94
N ARG D 504 -24.60 12.80 20.01
CA ARG D 504 -25.23 12.04 18.94
C ARG D 504 -24.18 11.45 18.00
N ALA D 505 -23.10 12.17 17.77
CA ALA D 505 -21.97 11.69 16.98
C ALA D 505 -20.67 11.97 17.73
N VAL D 506 -19.69 11.11 17.52
CA VAL D 506 -18.40 11.24 18.18
C VAL D 506 -17.32 11.80 17.26
N MET D 507 -17.66 12.09 16.01
CA MET D 507 -16.68 12.59 15.05
C MET D 507 -17.41 13.25 13.90
N ALA D 508 -16.87 14.36 13.42
CA ALA D 508 -17.46 15.13 12.33
C ALA D 508 -16.41 15.37 11.26
N VAL D 509 -16.38 14.51 10.24
CA VAL D 509 -15.46 14.64 9.14
C VAL D 509 -16.15 15.42 8.03
N GLY D 510 -15.55 16.53 7.63
CA GLY D 510 -16.12 17.34 6.56
C GLY D 510 -15.52 18.73 6.57
N SER D 511 -16.14 19.60 5.77
CA SER D 511 -15.72 21.00 5.66
C SER D 511 -16.21 21.74 6.90
N LEU D 512 -15.35 21.82 7.90
CA LEU D 512 -15.69 22.42 9.19
C LEU D 512 -14.54 23.33 9.62
N THR D 513 -14.69 24.63 9.41
CA THR D 513 -13.62 25.57 9.68
C THR D 513 -13.34 25.65 11.18
N ILE D 514 -12.05 25.76 11.52
CA ILE D 514 -11.66 25.91 12.92
C ILE D 514 -12.02 27.31 13.40
N ASN D 515 -12.59 27.38 14.60
CA ASN D 515 -12.99 28.66 15.18
C ASN D 515 -12.62 28.69 16.65
N GLU D 516 -12.56 29.91 17.20
CA GLU D 516 -12.31 30.09 18.62
C GLU D 516 -13.54 29.83 19.46
N GLU D 517 -14.73 29.77 18.84
CA GLU D 517 -15.95 29.44 19.56
C GLU D 517 -16.21 27.94 19.56
N ARG D 518 -15.99 27.27 18.43
CA ARG D 518 -16.16 25.83 18.38
C ARG D 518 -15.14 25.12 19.24
N SER D 519 -13.89 25.60 19.24
CA SER D 519 -12.85 24.97 20.04
C SER D 519 -13.15 25.07 21.53
N GLU D 520 -13.85 26.13 21.95
CA GLU D 520 -14.23 26.26 23.35
C GLU D 520 -15.33 25.30 23.76
N VAL D 521 -15.94 24.61 22.81
CA VAL D 521 -16.99 23.64 23.07
C VAL D 521 -16.54 22.22 22.74
N VAL D 522 -16.07 22.01 21.52
CA VAL D 522 -15.55 20.71 21.09
C VAL D 522 -14.07 20.86 20.79
N ASP D 523 -13.26 19.98 21.38
CA ASP D 523 -11.82 19.95 21.14
C ASP D 523 -11.53 18.97 20.03
N PHE D 524 -10.82 19.43 18.99
CA PHE D 524 -10.65 18.63 17.79
C PHE D 524 -9.26 18.81 17.20
N SER D 525 -8.91 17.88 16.32
CA SER D 525 -7.54 17.63 15.91
C SER D 525 -6.99 18.75 15.02
N VAL D 526 -5.73 18.59 14.64
CA VAL D 526 -4.98 19.58 13.87
C VAL D 526 -5.56 19.70 12.47
N PRO D 527 -5.46 20.88 11.84
CA PRO D 527 -5.96 21.02 10.47
C PRO D 527 -5.19 20.19 9.47
N PHE D 528 -5.90 19.74 8.44
CA PHE D 528 -5.28 19.04 7.32
C PHE D 528 -5.44 19.77 6.00
N VAL D 529 -6.27 20.81 5.93
CA VAL D 529 -6.41 21.65 4.75
C VAL D 529 -6.32 23.10 5.18
N GLU D 530 -5.45 23.87 4.54
CA GLU D 530 -5.28 25.28 4.86
C GLU D 530 -6.40 26.09 4.21
N THR D 531 -7.23 26.71 5.03
CA THR D 531 -8.35 27.51 4.53
C THR D 531 -8.34 28.91 5.14
N GLY D 532 -9.39 29.67 4.89
CA GLY D 532 -9.51 31.01 5.44
C GLY D 532 -10.75 31.72 4.96
N ILE D 533 -10.60 33.01 4.64
CA ILE D 533 -11.69 33.83 4.12
C ILE D 533 -11.17 34.52 2.86
N SER D 534 -11.87 34.32 1.74
CA SER D 534 -11.42 34.84 0.46
C SER D 534 -12.60 35.46 -0.28
N VAL D 535 -12.28 36.37 -1.19
CA VAL D 535 -13.25 37.07 -2.01
C VAL D 535 -13.14 36.59 -3.44
N MET D 536 -14.28 36.34 -4.07
CA MET D 536 -14.39 35.87 -5.44
C MET D 536 -15.10 36.91 -6.28
N VAL D 537 -14.61 37.13 -7.49
CA VAL D 537 -15.16 38.12 -8.40
C VAL D 537 -14.91 37.65 -9.83
N SER D 538 -15.83 38.03 -10.72
CA SER D 538 -15.71 37.67 -12.13
C SER D 538 -14.90 38.72 -12.88
N ARG D 539 -14.08 38.25 -13.82
CA ARG D 539 -13.24 39.13 -14.64
C ARG D 539 -13.51 38.96 -16.13
N SER D 540 -14.60 38.31 -16.51
CA SER D 540 -14.89 38.06 -17.92
C SER D 540 -15.40 39.30 -18.65
N ASN D 541 -15.69 40.38 -17.94
CA ASN D 541 -16.17 41.59 -18.60
C ASN D 541 -15.13 42.17 -19.55
N GLY D 542 -13.86 42.19 -19.13
CA GLY D 542 -12.80 42.69 -19.96
C GLY D 542 -11.45 42.07 -19.64
N THR D 543 -10.73 41.62 -20.67
CA THR D 543 -9.41 41.04 -20.46
C THR D 543 -8.42 42.08 -19.94
N VAL D 544 -8.40 43.26 -20.57
CA VAL D 544 -7.54 44.37 -20.18
C VAL D 544 -6.09 43.93 -20.14
N SER D 545 -5.64 43.29 -21.22
CA SER D 545 -4.25 42.85 -21.30
C SER D 545 -3.34 44.03 -21.64
N PRO D 546 -2.33 44.31 -20.83
CA PRO D 546 -1.43 45.43 -21.13
C PRO D 546 -0.61 45.18 -22.38
N SER D 547 -0.01 46.25 -22.90
CA SER D 547 0.77 46.20 -24.11
C SER D 547 1.91 47.21 -24.01
N ALA D 548 2.54 47.51 -25.14
CA ALA D 548 3.65 48.45 -25.15
C ALA D 548 3.23 49.87 -24.80
N PHE D 549 1.96 50.20 -24.96
CA PHE D 549 1.48 51.54 -24.58
C PHE D 549 1.60 51.76 -23.09
N LEU D 550 1.27 50.73 -22.29
CA LEU D 550 1.38 50.86 -20.84
C LEU D 550 2.82 51.05 -20.40
N GLU D 551 3.76 50.32 -21.02
CA GLU D 551 5.16 50.46 -20.67
C GLU D 551 5.67 51.85 -21.05
N PRO D 552 6.51 52.45 -20.21
CA PRO D 552 7.04 53.78 -20.54
C PRO D 552 7.90 53.76 -21.79
N PHE D 553 7.84 54.85 -22.55
CA PHE D 553 8.59 55.00 -23.78
C PHE D 553 9.41 56.29 -23.75
N SER D 554 10.65 56.19 -24.20
CA SER D 554 11.56 57.34 -24.30
C SER D 554 11.73 58.04 -22.95
N ALA D 555 11.83 57.23 -21.90
CA ALA D 555 12.02 57.77 -20.55
C ALA D 555 13.34 58.53 -20.43
N SER D 556 14.46 57.82 -20.56
CA SER D 556 15.77 58.43 -20.50
C SER D 556 16.75 57.93 -21.56
N VAL D 557 16.57 56.71 -22.08
CA VAL D 557 17.52 56.16 -23.05
C VAL D 557 17.40 56.90 -24.38
N TRP D 558 16.18 57.19 -24.81
CA TRP D 558 15.97 57.83 -26.11
C TRP D 558 16.62 59.21 -26.17
N VAL D 559 16.65 59.93 -25.04
CA VAL D 559 17.35 61.20 -25.01
C VAL D 559 18.84 61.00 -25.26
N MET D 560 19.42 59.95 -24.65
CA MET D 560 20.83 59.65 -24.89
C MET D 560 21.08 59.29 -26.36
N MET D 561 20.19 58.50 -26.96
CA MET D 561 20.35 58.18 -28.37
C MET D 561 20.23 59.43 -29.24
N PHE D 562 19.31 60.34 -28.89
CA PHE D 562 19.15 61.55 -29.66
C PHE D 562 20.38 62.45 -29.57
N VAL D 563 20.95 62.61 -28.37
CA VAL D 563 22.13 63.47 -28.24
C VAL D 563 23.34 62.82 -28.91
N MET D 564 23.44 61.49 -28.85
CA MET D 564 24.50 60.79 -29.57
C MET D 564 24.36 60.98 -31.07
N LEU D 565 23.12 60.92 -31.57
CA LEU D 565 22.85 61.20 -32.98
C LEU D 565 23.28 62.62 -33.35
N LEU D 566 22.94 63.59 -32.49
CA LEU D 566 23.32 64.97 -32.76
C LEU D 566 24.82 65.15 -32.79
N ILE D 567 25.53 64.48 -31.86
CA ILE D 567 26.99 64.55 -31.83
C ILE D 567 27.58 63.96 -33.10
N VAL D 568 27.07 62.82 -33.55
CA VAL D 568 27.57 62.20 -34.77
C VAL D 568 27.29 63.09 -35.98
N SER D 569 26.11 63.70 -36.02
CA SER D 569 25.79 64.61 -37.13
C SER D 569 26.72 65.80 -37.14
N ALA D 570 27.02 66.37 -35.97
CA ALA D 570 27.97 67.48 -35.89
C ALA D 570 29.35 67.05 -36.35
N ILE D 571 29.78 65.84 -35.96
CA ILE D 571 31.08 65.34 -36.39
C ILE D 571 31.13 65.20 -37.90
N ALA D 572 30.06 64.66 -38.50
CA ALA D 572 30.00 64.51 -39.95
C ALA D 572 30.02 65.86 -40.63
N VAL D 573 29.31 66.85 -40.08
CA VAL D 573 29.30 68.19 -40.63
C VAL D 573 30.72 68.78 -40.60
N PHE D 574 31.41 68.60 -39.47
CA PHE D 574 32.78 69.11 -39.36
C PHE D 574 33.71 68.41 -40.35
N VAL D 575 33.53 67.11 -40.55
CA VAL D 575 34.34 66.38 -41.51
C VAL D 575 34.10 66.91 -42.92
N PHE D 576 32.84 67.14 -43.27
CA PHE D 576 32.51 67.64 -44.60
C PHE D 576 33.06 69.05 -44.81
N GLU D 577 32.97 69.91 -43.79
CA GLU D 577 33.39 71.29 -43.94
C GLU D 577 34.88 71.40 -44.25
N TYR D 578 35.69 70.59 -43.58
CA TYR D 578 37.13 70.62 -43.80
C TYR D 578 37.51 69.99 -45.14
N PHE D 599 23.24 74.98 -47.56
CA PHE D 599 22.22 73.95 -47.48
C PHE D 599 22.86 72.61 -47.13
N THR D 600 24.16 72.61 -46.88
CA THR D 600 24.87 71.37 -46.56
C THR D 600 24.53 70.88 -45.16
N ILE D 601 24.33 71.79 -44.20
CA ILE D 601 24.01 71.40 -42.84
C ILE D 601 22.65 70.71 -42.80
N GLY D 602 21.65 71.33 -43.42
CA GLY D 602 20.33 70.72 -43.47
C GLY D 602 20.32 69.40 -44.23
N LYS D 603 21.05 69.33 -45.34
CA LYS D 603 21.13 68.07 -46.08
C LYS D 603 21.78 66.97 -45.25
N ALA D 604 22.84 67.31 -44.52
CA ALA D 604 23.48 66.33 -43.65
C ALA D 604 22.54 65.86 -42.55
N ILE D 605 21.80 66.79 -41.95
CA ILE D 605 20.86 66.42 -40.89
C ILE D 605 19.76 65.51 -41.45
N TRP D 606 19.23 65.86 -42.63
CA TRP D 606 18.19 65.04 -43.24
C TRP D 606 18.70 63.65 -43.59
N LEU D 607 19.92 63.56 -44.12
CA LEU D 607 20.48 62.24 -44.42
C LEU D 607 20.72 61.43 -43.16
N LEU D 608 21.18 62.06 -42.08
CA LEU D 608 21.34 61.35 -40.82
C LEU D 608 20.00 60.80 -40.32
N TRP D 609 18.97 61.65 -40.33
CA TRP D 609 17.65 61.21 -39.87
C TRP D 609 17.10 60.10 -40.76
N GLY D 610 17.29 60.21 -42.07
CA GLY D 610 16.83 59.15 -42.96
C GLY D 610 17.57 57.85 -42.74
N LEU D 611 18.89 57.90 -42.65
CA LEU D 611 19.67 56.69 -42.37
C LEU D 611 19.22 56.06 -41.06
N VAL D 612 18.78 56.88 -40.11
CA VAL D 612 18.16 56.32 -38.90
C VAL D 612 16.85 55.62 -39.26
N PHE D 613 15.99 56.27 -40.04
CA PHE D 613 14.67 55.73 -40.34
C PHE D 613 14.63 54.97 -41.67
N ASN D 614 14.91 55.64 -42.78
CA ASN D 614 14.83 55.02 -44.10
C ASN D 614 15.61 55.86 -45.09
N ASN D 615 16.34 55.24 -46.01
CA ASN D 615 17.19 56.05 -46.92
C ASN D 615 16.53 56.79 -48.05
N SER D 616 15.22 56.89 -48.00
CA SER D 616 14.47 57.58 -49.05
C SER D 616 14.52 59.10 -48.92
N VAL D 617 15.60 59.62 -48.36
CA VAL D 617 15.80 61.07 -48.24
C VAL D 617 17.18 61.43 -48.76
N PRO D 618 17.41 61.40 -50.08
CA PRO D 618 18.76 61.63 -50.60
C PRO D 618 19.04 63.09 -50.93
N VAL D 619 20.27 63.51 -50.65
CA VAL D 619 20.78 64.81 -51.02
C VAL D 619 22.28 64.68 -51.28
N GLN D 620 22.89 65.78 -51.72
CA GLN D 620 24.32 65.80 -52.01
C GLN D 620 25.13 66.20 -50.77
N ASN D 621 24.90 65.48 -49.67
CA ASN D 621 25.60 65.74 -48.42
C ASN D 621 26.99 65.11 -48.41
N PRO D 622 27.15 63.80 -48.65
CA PRO D 622 28.48 63.21 -48.54
C PRO D 622 29.31 63.46 -49.79
N LYS D 623 30.41 64.19 -49.63
CA LYS D 623 31.33 64.46 -50.72
C LYS D 623 32.73 64.10 -50.25
N GLY D 624 33.36 63.15 -50.94
CA GLY D 624 34.67 62.67 -50.54
C GLY D 624 34.64 61.27 -49.98
N THR D 625 35.79 60.60 -49.98
CA THR D 625 35.84 59.22 -49.48
C THR D 625 35.53 59.16 -47.99
N THR D 626 36.05 60.11 -47.21
CA THR D 626 35.84 60.09 -45.76
C THR D 626 34.37 60.28 -45.42
N SER D 627 33.70 61.24 -46.07
CA SER D 627 32.28 61.47 -45.80
C SER D 627 31.45 60.25 -46.17
N LYS D 628 31.74 59.65 -47.33
CA LYS D 628 30.99 58.47 -47.74
C LYS D 628 31.21 57.30 -46.78
N ILE D 629 32.45 57.12 -46.31
CA ILE D 629 32.73 56.04 -45.37
C ILE D 629 32.01 56.28 -44.05
N MET D 630 32.01 57.53 -43.57
CA MET D 630 31.31 57.84 -42.33
C MET D 630 29.81 57.61 -42.48
N VAL D 631 29.25 58.01 -43.61
CA VAL D 631 27.82 57.80 -43.84
C VAL D 631 27.49 56.31 -43.90
N SER D 632 28.35 55.52 -44.55
CA SER D 632 28.14 54.08 -44.62
C SER D 632 28.20 53.45 -43.23
N VAL D 633 29.17 53.86 -42.42
CA VAL D 633 29.28 53.32 -41.06
C VAL D 633 28.04 53.68 -40.24
N TRP D 634 27.58 54.93 -40.36
CA TRP D 634 26.38 55.35 -39.63
C TRP D 634 25.17 54.55 -40.09
N ALA D 635 25.04 54.32 -41.40
CA ALA D 635 23.92 53.54 -41.91
C ALA D 635 23.98 52.10 -41.43
N PHE D 636 25.17 51.52 -41.37
CA PHE D 636 25.31 50.16 -40.85
C PHE D 636 24.91 50.08 -39.39
N PHE D 637 25.36 51.05 -38.58
CA PHE D 637 24.98 51.05 -37.17
C PHE D 637 23.48 51.24 -37.01
N ALA D 638 22.88 52.13 -37.80
CA ALA D 638 21.44 52.35 -37.72
C ALA D 638 20.66 51.11 -38.14
N VAL D 639 21.16 50.38 -39.15
CA VAL D 639 20.51 49.15 -39.58
C VAL D 639 20.58 48.10 -38.47
N ILE D 640 21.74 48.01 -37.81
CA ILE D 640 21.87 47.08 -36.69
C ILE D 640 20.90 47.44 -35.57
N PHE D 641 20.79 48.74 -35.26
CA PHE D 641 19.86 49.18 -34.23
C PHE D 641 18.42 48.87 -34.61
N LEU D 642 18.10 49.06 -35.88
CA LEU D 642 16.76 48.77 -36.38
C LEU D 642 16.45 47.30 -36.21
N ALA D 643 17.39 46.45 -36.60
CA ALA D 643 17.21 45.01 -36.48
C ALA D 643 17.02 44.60 -35.03
N SER D 644 17.80 45.19 -34.13
CA SER D 644 17.65 44.90 -32.70
C SER D 644 16.28 45.34 -32.20
N TYR D 645 15.81 46.51 -32.64
CA TYR D 645 14.49 47.00 -32.24
C TYR D 645 13.39 46.06 -32.73
N THR D 646 13.50 45.61 -33.99
CA THR D 646 12.50 44.68 -34.53
C THR D 646 12.51 43.37 -33.76
N ALA D 647 13.70 42.85 -33.43
CA ALA D 647 13.78 41.62 -32.67
C ALA D 647 13.17 41.78 -31.28
N ASN D 648 13.43 42.91 -30.62
CA ASN D 648 12.85 43.16 -29.31
C ASN D 648 11.34 43.27 -29.39
N LEU D 649 10.82 43.96 -30.43
CA LEU D 649 9.38 44.07 -30.59
C LEU D 649 8.74 42.70 -30.83
N ALA D 650 9.39 41.85 -31.63
CA ALA D 650 8.88 40.51 -31.87
C ALA D 650 8.89 39.68 -30.58
N ALA D 651 9.95 39.80 -29.79
CA ALA D 651 10.05 39.03 -28.55
C ALA D 651 9.07 39.53 -27.49
N PHE D 652 8.68 40.81 -27.56
CA PHE D 652 7.77 41.38 -26.58
C PHE D 652 6.37 40.77 -26.63
N MET D 653 6.04 40.03 -27.70
CA MET D 653 4.68 39.53 -27.85
C MET D 653 4.37 38.42 -26.85
N ILE D 654 5.37 37.93 -26.13
CA ILE D 654 5.18 36.80 -25.23
C ILE D 654 4.92 37.28 -23.80
N GLN D 655 4.55 38.55 -23.65
CA GLN D 655 4.30 39.15 -22.36
C GLN D 655 2.82 39.45 -22.22
N GLU D 656 2.22 39.00 -21.11
CA GLU D 656 0.82 39.24 -20.82
C GLU D 656 0.62 39.38 -19.32
N GLU D 657 -0.46 40.06 -18.95
CA GLU D 657 -0.80 40.29 -17.55
C GLU D 657 -2.31 40.19 -17.37
N PHE D 658 -2.73 40.01 -16.11
CA PHE D 658 -4.14 39.89 -15.78
C PHE D 658 -4.49 40.84 -14.65
N VAL D 659 -5.77 41.22 -14.59
CA VAL D 659 -6.23 42.13 -13.55
C VAL D 659 -6.55 41.35 -12.28
N ASP D 660 -6.61 42.08 -11.16
CA ASP D 660 -6.89 41.46 -9.88
C ASP D 660 -7.88 42.26 -9.02
N GLN D 661 -8.43 43.35 -9.53
CA GLN D 661 -9.39 44.20 -8.81
C GLN D 661 -8.72 44.69 -7.52
N VAL D 662 -9.41 44.68 -6.38
CA VAL D 662 -8.84 45.12 -5.12
C VAL D 662 -7.95 44.02 -4.55
N THR D 663 -7.13 44.36 -3.57
CA THR D 663 -6.19 43.42 -2.95
C THR D 663 -6.57 43.26 -1.48
N GLY D 664 -7.38 42.24 -1.20
CA GLY D 664 -7.75 41.91 0.15
C GLY D 664 -8.93 42.72 0.66
N LEU D 665 -9.43 42.32 1.83
CA LEU D 665 -10.55 43.02 2.44
C LEU D 665 -10.17 44.41 2.91
N SER D 666 -8.87 44.67 3.10
CA SER D 666 -8.39 46.00 3.48
C SER D 666 -8.16 46.80 2.20
N ASP D 667 -9.23 47.42 1.70
CA ASP D 667 -9.17 48.16 0.46
C ASP D 667 -10.25 49.24 0.48
N LYS D 668 -10.13 50.20 -0.44
CA LYS D 668 -11.10 51.28 -0.52
C LYS D 668 -12.49 50.75 -0.85
N LYS D 669 -12.57 49.78 -1.75
CA LYS D 669 -13.86 49.23 -2.16
C LYS D 669 -14.62 48.61 -1.00
N PHE D 670 -14.02 47.58 -0.40
CA PHE D 670 -14.62 46.85 0.71
C PHE D 670 -14.83 47.67 1.99
N GLN D 671 -13.88 48.56 2.28
CA GLN D 671 -13.95 49.34 3.51
C GLN D 671 -15.19 50.24 3.67
N ARG D 672 -15.60 50.95 2.62
CA ARG D 672 -16.78 51.79 2.77
C ARG D 672 -17.89 51.47 1.78
N PRO D 673 -19.00 50.90 2.29
CA PRO D 673 -20.20 50.56 1.52
C PRO D 673 -20.95 51.78 1.00
N HIS D 674 -21.05 52.80 1.86
CA HIS D 674 -21.78 54.03 1.55
C HIS D 674 -21.15 54.92 0.48
N ASP D 675 -22.02 55.50 -0.35
CA ASP D 675 -21.62 56.42 -1.42
C ASP D 675 -20.58 55.83 -2.35
N TYR D 676 -19.57 56.65 -2.65
CA TYR D 676 -18.40 56.31 -3.51
C TYR D 676 -18.66 56.11 -5.01
N SER D 677 -19.52 55.14 -5.33
CA SER D 677 -19.88 54.77 -6.69
C SER D 677 -21.09 53.85 -6.59
N PRO D 678 -21.37 53.08 -7.66
CA PRO D 678 -22.50 52.15 -7.59
C PRO D 678 -22.25 51.16 -6.46
N PRO D 679 -23.29 50.82 -5.69
CA PRO D 679 -23.09 49.95 -4.52
C PRO D 679 -22.46 48.61 -4.87
N PHE D 680 -21.48 48.23 -4.05
CA PHE D 680 -20.75 46.98 -4.23
C PHE D 680 -21.38 45.90 -3.36
N ARG D 681 -22.05 44.96 -4.01
CA ARG D 681 -22.70 43.87 -3.29
C ARG D 681 -21.67 42.97 -2.61
N PHE D 682 -22.00 42.51 -1.41
CA PHE D 682 -21.18 41.58 -0.64
C PHE D 682 -21.90 40.24 -0.61
N GLY D 683 -21.19 39.17 -0.99
CA GLY D 683 -21.75 37.84 -0.97
C GLY D 683 -21.18 37.05 0.20
N THR D 684 -22.08 36.49 1.01
CA THR D 684 -21.67 35.70 2.17
C THR D 684 -22.82 34.78 2.55
N VAL D 685 -22.62 33.48 2.37
CA VAL D 685 -23.63 32.52 2.81
C VAL D 685 -23.67 32.49 4.33
N PRO D 686 -24.83 32.65 4.96
CA PRO D 686 -24.89 32.69 6.42
C PRO D 686 -24.65 31.34 7.07
N ASN D 687 -24.73 31.27 8.40
CA ASN D 687 -24.55 30.08 9.22
C ASN D 687 -23.13 29.54 9.21
N GLY D 688 -22.21 30.13 8.44
CA GLY D 688 -20.86 29.64 8.35
C GLY D 688 -19.92 30.33 9.34
N SER D 689 -18.64 30.00 9.21
CA SER D 689 -17.61 30.64 10.01
C SER D 689 -17.29 32.04 9.49
N THR D 690 -17.39 32.26 8.18
CA THR D 690 -17.09 33.57 7.62
C THR D 690 -18.06 34.62 8.14
N GLU D 691 -19.35 34.30 8.21
CA GLU D 691 -20.33 35.25 8.71
C GLU D 691 -20.07 35.59 10.18
N ARG D 692 -19.74 34.59 10.99
CA ARG D 692 -19.45 34.85 12.40
C ARG D 692 -18.20 35.70 12.55
N ASN D 693 -17.16 35.41 11.77
CA ASN D 693 -15.94 36.21 11.85
C ASN D 693 -16.20 37.64 11.44
N ILE D 694 -16.98 37.85 10.38
CA ILE D 694 -17.30 39.21 9.94
C ILE D 694 -18.12 39.93 11.00
N ARG D 695 -19.11 39.26 11.58
CA ARG D 695 -19.94 39.88 12.60
C ARG D 695 -19.15 40.22 13.85
N ASN D 696 -18.13 39.42 14.18
CA ASN D 696 -17.31 39.69 15.35
C ASN D 696 -16.14 40.62 15.06
N ASN D 697 -15.87 40.93 13.80
CA ASN D 697 -14.77 41.82 13.45
C ASN D 697 -15.21 43.08 12.72
N TYR D 698 -16.19 42.98 11.82
CA TYR D 698 -16.66 44.11 11.03
C TYR D 698 -18.18 44.19 11.13
N PRO D 699 -18.70 44.63 12.27
CA PRO D 699 -20.17 44.67 12.44
C PRO D 699 -20.88 45.54 11.42
N TYR D 700 -20.29 46.67 11.03
CA TYR D 700 -20.91 47.52 10.03
C TYR D 700 -20.98 46.82 8.67
N MET D 701 -19.88 46.14 8.29
CA MET D 701 -19.88 45.41 7.03
C MET D 701 -20.90 44.29 7.04
N HIS D 702 -21.04 43.58 8.16
CA HIS D 702 -22.05 42.53 8.25
C HIS D 702 -23.46 43.11 8.16
N GLN D 703 -23.69 44.25 8.82
CA GLN D 703 -25.01 44.88 8.75
C GLN D 703 -25.33 45.29 7.32
N TYR D 704 -24.36 45.82 6.59
CA TYR D 704 -24.57 46.17 5.19
C TYR D 704 -24.83 44.93 4.34
N MET D 705 -24.07 43.86 4.57
CA MET D 705 -24.15 42.67 3.72
C MET D 705 -25.35 41.79 4.06
N THR D 706 -26.02 42.03 5.19
CA THR D 706 -27.18 41.24 5.55
C THR D 706 -28.26 41.30 4.47
N LYS D 707 -28.34 42.41 3.73
CA LYS D 707 -29.33 42.51 2.66
C LYS D 707 -28.98 41.62 1.48
N PHE D 708 -27.70 41.27 1.31
CA PHE D 708 -27.24 40.47 0.19
C PHE D 708 -26.89 39.04 0.59
N ASN D 709 -27.35 38.58 1.75
CA ASN D 709 -27.14 37.19 2.14
C ASN D 709 -27.74 36.26 1.09
N GLN D 710 -27.02 35.20 0.76
CA GLN D 710 -27.39 34.34 -0.36
C GLN D 710 -27.46 32.89 0.10
N LYS D 711 -28.20 32.09 -0.67
CA LYS D 711 -28.59 30.75 -0.22
C LYS D 711 -27.40 29.80 -0.17
N GLY D 712 -26.60 29.74 -1.24
CA GLY D 712 -25.57 28.73 -1.32
C GLY D 712 -24.43 29.12 -2.24
N VAL D 713 -23.38 28.28 -2.22
CA VAL D 713 -22.19 28.54 -3.01
C VAL D 713 -22.49 28.48 -4.50
N GLU D 714 -23.26 27.47 -4.93
CA GLU D 714 -23.64 27.38 -6.34
C GLU D 714 -24.48 28.57 -6.76
N ASP D 715 -25.42 28.98 -5.90
CA ASP D 715 -26.22 30.17 -6.19
C ASP D 715 -25.34 31.42 -6.24
N ALA D 716 -24.34 31.50 -5.37
CA ALA D 716 -23.43 32.64 -5.40
C ALA D 716 -22.63 32.68 -6.70
N LEU D 717 -22.16 31.52 -7.15
CA LEU D 717 -21.44 31.47 -8.42
C LEU D 717 -22.34 31.86 -9.58
N VAL D 718 -23.60 31.40 -9.56
CA VAL D 718 -24.54 31.77 -10.61
C VAL D 718 -24.79 33.28 -10.61
N SER D 719 -24.97 33.87 -9.43
CA SER D 719 -25.19 35.31 -9.34
C SER D 719 -23.98 36.09 -9.82
N LEU D 720 -22.77 35.63 -9.46
CA LEU D 720 -21.56 36.30 -9.91
C LEU D 720 -21.42 36.22 -11.42
N LYS D 721 -21.75 35.06 -12.01
CA LYS D 721 -21.72 34.95 -13.46
C LYS D 721 -22.81 35.81 -14.11
N THR D 722 -23.90 36.07 -13.40
CA THR D 722 -24.99 36.91 -13.90
C THR D 722 -24.88 38.35 -13.45
N GLY D 723 -23.86 38.70 -12.66
CA GLY D 723 -23.66 40.07 -12.25
C GLY D 723 -24.54 40.54 -11.10
N LYS D 724 -25.33 39.64 -10.50
CA LYS D 724 -26.20 40.04 -9.40
C LYS D 724 -25.39 40.46 -8.18
N LEU D 725 -24.32 39.74 -7.86
CA LEU D 725 -23.48 40.01 -6.71
C LEU D 725 -22.10 40.46 -7.18
N ASP D 726 -21.60 41.53 -6.58
CA ASP D 726 -20.31 42.08 -7.00
C ASP D 726 -19.16 41.20 -6.56
N ALA D 727 -19.17 40.75 -5.30
CA ALA D 727 -18.11 39.94 -4.74
C ALA D 727 -18.68 38.95 -3.74
N PHE D 728 -18.06 37.77 -3.66
CA PHE D 728 -18.53 36.70 -2.79
C PHE D 728 -17.45 36.41 -1.75
N ILE D 729 -17.80 36.47 -0.48
CA ILE D 729 -16.86 36.25 0.62
C ILE D 729 -17.16 34.90 1.24
N TYR D 730 -16.21 33.98 1.18
CA TYR D 730 -16.49 32.60 1.60
C TYR D 730 -15.17 31.89 1.89
N ASP D 731 -15.28 30.60 2.23
CA ASP D 731 -14.12 29.82 2.61
C ASP D 731 -13.13 29.73 1.46
N ALA D 732 -11.84 29.72 1.80
CA ALA D 732 -10.80 29.84 0.78
C ALA D 732 -10.69 28.56 -0.06
N ALA D 733 -10.77 27.40 0.58
CA ALA D 733 -10.55 26.14 -0.15
C ALA D 733 -11.65 25.88 -1.16
N VAL D 734 -12.91 26.04 -0.75
CA VAL D 734 -14.02 25.79 -1.67
C VAL D 734 -14.03 26.84 -2.78
N LEU D 735 -13.68 28.09 -2.48
CA LEU D 735 -13.61 29.10 -3.52
C LEU D 735 -12.49 28.80 -4.51
N ASN D 736 -11.34 28.31 -4.02
CA ASN D 736 -10.27 27.90 -4.91
C ASN D 736 -10.72 26.75 -5.81
N TYR D 737 -11.44 25.78 -5.24
CA TYR D 737 -11.97 24.69 -6.04
C TYR D 737 -12.92 25.19 -7.12
N LYS D 738 -13.82 26.10 -6.74
CA LYS D 738 -14.78 26.64 -7.71
C LYS D 738 -14.06 27.40 -8.82
N ALA D 739 -13.03 28.18 -8.46
CA ALA D 739 -12.25 28.89 -9.48
C ALA D 739 -11.55 27.91 -10.41
N GLY D 740 -11.00 26.83 -9.85
CA GLY D 740 -10.33 25.84 -10.69
C GLY D 740 -11.27 24.93 -11.46
N ARG D 741 -12.56 24.95 -11.15
CA ARG D 741 -13.55 24.11 -11.81
C ARG D 741 -14.69 24.97 -12.34
N ASP D 742 -14.35 26.06 -13.01
CA ASP D 742 -15.32 26.97 -13.60
C ASP D 742 -15.29 26.85 -15.11
N GLU D 743 -16.47 26.80 -15.73
CA GLU D 743 -16.58 26.68 -17.19
C GLU D 743 -16.03 27.94 -17.83
N GLY D 744 -14.85 27.84 -18.43
CA GLY D 744 -14.17 28.97 -18.99
C GLY D 744 -13.30 29.73 -18.01
N CYS D 745 -13.37 29.40 -16.72
CA CYS D 745 -12.57 30.03 -15.67
C CYS D 745 -12.74 31.55 -15.71
N LYS D 746 -14.00 31.98 -15.86
CA LYS D 746 -14.29 33.40 -15.99
C LYS D 746 -14.09 34.14 -14.68
N LEU D 747 -14.50 33.54 -13.57
CA LEU D 747 -14.43 34.19 -12.26
C LEU D 747 -13.25 33.64 -11.48
N VAL D 748 -12.49 34.53 -10.85
CA VAL D 748 -11.25 34.18 -10.18
C VAL D 748 -11.13 35.01 -8.91
N THR D 749 -10.64 34.38 -7.84
CA THR D 749 -10.48 35.08 -6.56
C THR D 749 -9.45 36.19 -6.69
N ILE D 750 -9.47 37.11 -5.72
CA ILE D 750 -8.65 38.31 -5.80
C ILE D 750 -7.18 37.92 -5.65
N GLY D 751 -6.39 38.21 -6.68
CA GLY D 751 -4.97 37.94 -6.69
C GLY D 751 -4.68 36.46 -6.57
N SER D 752 -3.53 36.15 -5.97
CA SER D 752 -3.16 34.77 -5.70
C SER D 752 -3.97 34.16 -4.56
N GLY D 753 -4.74 34.98 -3.84
CA GLY D 753 -5.55 34.49 -2.74
C GLY D 753 -4.96 34.83 -1.39
N TYR D 754 -5.46 35.88 -0.75
CA TYR D 754 -5.04 36.30 0.57
C TYR D 754 -6.14 35.99 1.57
N ILE D 755 -5.87 35.08 2.49
CA ILE D 755 -6.84 34.66 3.51
C ILE D 755 -6.88 35.73 4.59
N PHE D 756 -8.08 36.28 4.83
CA PHE D 756 -8.22 37.31 5.85
C PHE D 756 -7.91 36.76 7.24
N ALA D 757 -8.38 35.55 7.53
CA ALA D 757 -8.12 34.88 8.81
C ALA D 757 -7.87 33.42 8.51
N THR D 758 -6.60 33.06 8.34
CA THR D 758 -6.24 31.71 7.91
C THR D 758 -6.42 30.72 9.05
N THR D 759 -7.15 29.64 8.77
CA THR D 759 -7.36 28.54 9.71
C THR D 759 -7.36 27.25 8.91
N GLY D 760 -7.81 26.17 9.54
CA GLY D 760 -7.92 24.90 8.85
C GLY D 760 -9.28 24.25 9.01
N TYR D 761 -9.37 22.96 8.72
CA TYR D 761 -10.61 22.22 8.87
C TYR D 761 -10.58 21.29 10.08
N GLY D 762 -9.61 20.38 10.15
CA GLY D 762 -9.60 19.45 11.24
C GLY D 762 -10.78 18.49 11.20
N ILE D 763 -10.91 17.72 12.27
CA ILE D 763 -11.93 16.69 12.40
C ILE D 763 -12.54 16.82 13.78
N ALA D 764 -13.78 17.28 13.85
CA ALA D 764 -14.40 17.58 15.13
C ALA D 764 -14.54 16.33 15.98
N LEU D 765 -14.26 16.47 17.28
CA LEU D 765 -14.37 15.38 18.23
C LEU D 765 -14.99 15.90 19.51
N GLN D 766 -15.56 14.99 20.29
CA GLN D 766 -16.13 15.36 21.58
C GLN D 766 -15.04 15.89 22.51
N LYS D 767 -15.41 16.86 23.34
CA LYS D 767 -14.47 17.45 24.28
C LYS D 767 -13.93 16.40 25.24
N GLY D 768 -12.65 16.07 25.11
CA GLY D 768 -12.06 15.03 25.91
C GLY D 768 -12.13 13.64 25.32
N SER D 769 -12.41 13.52 24.01
CA SER D 769 -12.50 12.21 23.39
C SER D 769 -11.13 11.55 23.36
N PRO D 770 -11.06 10.24 23.58
CA PRO D 770 -9.76 9.56 23.55
C PRO D 770 -9.12 9.52 22.17
N TRP D 771 -9.88 9.77 21.11
CA TRP D 771 -9.35 9.63 19.76
C TRP D 771 -8.51 10.81 19.32
N LYS D 772 -8.63 11.96 19.98
CA LYS D 772 -7.94 13.17 19.51
C LYS D 772 -6.43 12.97 19.48
N ARG D 773 -5.88 12.44 20.58
CA ARG D 773 -4.44 12.28 20.69
C ARG D 773 -3.88 11.28 19.69
N GLN D 774 -4.74 10.48 19.06
CA GLN D 774 -4.30 9.51 18.07
C GLN D 774 -4.73 9.86 16.65
N ILE D 775 -5.92 10.46 16.50
CA ILE D 775 -6.32 11.00 15.20
C ILE D 775 -5.36 12.09 14.75
N ASP D 776 -4.92 12.94 15.69
CA ASP D 776 -3.95 13.96 15.34
C ASP D 776 -2.64 13.35 14.84
N LEU D 777 -2.15 12.32 15.52
CA LEU D 777 -0.92 11.67 15.09
C LEU D 777 -1.10 11.01 13.73
N ALA D 778 -2.24 10.38 13.49
CA ALA D 778 -2.50 9.77 12.19
C ALA D 778 -2.51 10.81 11.09
N LEU D 779 -3.15 11.96 11.34
CA LEU D 779 -3.18 13.02 10.34
C LEU D 779 -1.78 13.58 10.07
N LEU D 780 -0.99 13.73 11.12
CA LEU D 780 0.39 14.19 10.93
C LEU D 780 1.20 13.19 10.13
N GLN D 781 0.99 11.90 10.38
CA GLN D 781 1.65 10.87 9.58
C GLN D 781 1.22 10.95 8.12
N PHE D 782 -0.07 11.19 7.88
CA PHE D 782 -0.55 11.30 6.51
C PHE D 782 0.08 12.49 5.79
N VAL D 783 0.14 13.64 6.46
CA VAL D 783 0.69 14.81 5.80
C VAL D 783 2.20 14.69 5.63
N GLY D 784 2.87 13.96 6.53
CA GLY D 784 4.31 13.77 6.40
C GLY D 784 4.71 12.74 5.35
N ASP D 785 3.81 11.86 4.96
CA ASP D 785 4.12 10.81 4.00
C ASP D 785 3.71 11.17 2.57
N GLY D 786 3.24 12.39 2.35
CA GLY D 786 2.87 12.82 1.02
C GLY D 786 1.49 12.38 0.55
N GLU D 787 0.73 11.69 1.39
CA GLU D 787 -0.60 11.25 0.98
C GLU D 787 -1.54 12.43 0.75
N MET D 788 -1.44 13.46 1.59
CA MET D 788 -2.32 14.62 1.44
C MET D 788 -2.10 15.31 0.11
N GLU D 789 -0.85 15.35 -0.36
CA GLU D 789 -0.58 15.93 -1.68
C GLU D 789 -1.27 15.13 -2.77
N GLU D 790 -1.23 13.79 -2.68
CA GLU D 790 -1.89 12.96 -3.67
C GLU D 790 -3.41 13.17 -3.65
N LEU D 791 -3.99 13.25 -2.45
CA LEU D 791 -5.43 13.49 -2.36
C LEU D 791 -5.80 14.86 -2.91
N GLU D 792 -4.98 15.88 -2.63
CA GLU D 792 -5.25 17.20 -3.18
C GLU D 792 -5.17 17.21 -4.70
N THR D 793 -4.18 16.48 -5.25
CA THR D 793 -4.06 16.40 -6.70
C THR D 793 -5.25 15.67 -7.31
N LEU D 794 -5.73 14.61 -6.66
CA LEU D 794 -6.81 13.80 -7.21
C LEU D 794 -8.19 14.36 -6.91
N TRP D 795 -8.30 15.38 -6.05
CA TRP D 795 -9.60 15.91 -5.67
C TRP D 795 -9.73 17.42 -5.79
N LEU D 796 -8.65 18.18 -5.67
CA LEU D 796 -8.71 19.63 -5.71
C LEU D 796 -7.95 20.25 -6.89
N THR D 797 -7.56 19.45 -7.87
CA THR D 797 -6.87 19.97 -9.03
C THR D 797 -7.80 20.88 -9.83
N GLY D 798 -7.30 22.06 -10.21
CA GLY D 798 -8.08 23.03 -10.94
C GLY D 798 -7.85 22.91 -12.44
N ILE D 799 -8.94 23.05 -13.20
CA ILE D 799 -8.84 23.00 -14.66
C ILE D 799 -8.00 24.16 -15.17
N CYS D 800 -8.24 25.36 -14.66
CA CYS D 800 -7.47 26.54 -15.05
C CYS D 800 -6.42 26.92 -14.01
N HIS D 801 -6.27 26.15 -12.94
CA HIS D 801 -5.23 26.43 -11.97
C HIS D 801 -3.85 26.25 -12.59
N ASN D 802 -3.66 25.19 -13.37
CA ASN D 802 -2.41 25.01 -14.10
C ASN D 802 -2.34 25.91 -15.33
N GLU D 803 -3.49 26.20 -15.95
CA GLU D 803 -3.51 27.03 -17.14
C GLU D 803 -3.11 28.46 -16.81
N LYS D 804 -2.49 29.13 -17.78
CA LYS D 804 -2.05 30.51 -17.60
C LYS D 804 -2.04 31.24 -18.94
N LEU D 812 -2.25 45.04 -33.51
CA LEU D 812 -2.22 46.50 -33.46
C LEU D 812 -3.09 47.02 -32.32
N ASP D 813 -2.52 47.10 -31.13
CA ASP D 813 -3.24 47.60 -29.96
C ASP D 813 -3.63 49.05 -30.13
N ILE D 814 -4.83 49.41 -29.68
CA ILE D 814 -5.32 50.76 -29.78
C ILE D 814 -4.45 51.72 -28.97
N ASP D 815 -4.02 51.27 -27.80
CA ASP D 815 -3.18 52.09 -26.93
C ASP D 815 -1.85 52.41 -27.58
N ASN D 816 -1.27 51.42 -28.26
CA ASN D 816 0.01 51.61 -28.95
C ASN D 816 -0.15 52.65 -30.05
N MET D 817 -1.26 52.57 -30.78
CA MET D 817 -1.54 53.50 -31.86
C MET D 817 -1.68 54.92 -31.32
N ALA D 818 -2.33 55.05 -30.17
CA ALA D 818 -2.56 56.34 -29.53
C ALA D 818 -1.24 57.01 -29.15
N GLY D 819 -0.29 56.22 -28.68
CA GLY D 819 1.00 56.76 -28.27
C GLY D 819 1.72 57.41 -29.44
N VAL D 820 1.65 56.79 -30.60
CA VAL D 820 2.28 57.34 -31.79
C VAL D 820 1.39 58.41 -32.41
N PHE D 821 0.16 58.49 -31.91
CA PHE D 821 -0.82 59.46 -32.40
C PHE D 821 -0.68 60.81 -31.68
N TYR D 822 -0.51 60.79 -30.36
CA TYR D 822 -0.25 62.04 -29.63
C TYR D 822 1.06 62.67 -30.09
N MET D 823 2.06 61.83 -30.37
CA MET D 823 3.34 62.34 -30.87
C MET D 823 3.14 63.07 -32.19
N LEU D 824 2.35 62.48 -33.11
CA LEU D 824 2.10 63.10 -34.40
C LEU D 824 1.34 64.41 -34.25
N ALA D 825 0.29 64.41 -33.41
CA ALA D 825 -0.49 65.63 -33.22
C ALA D 825 0.35 66.74 -32.60
N ALA D 826 1.15 66.42 -31.58
CA ALA D 826 2.02 67.41 -30.97
C ALA D 826 3.07 67.89 -31.96
N ALA D 827 3.54 67.01 -32.84
CA ALA D 827 4.49 67.42 -33.87
C ALA D 827 3.86 68.45 -34.81
N MET D 828 2.62 68.21 -35.23
CA MET D 828 1.94 69.18 -36.08
C MET D 828 1.75 70.51 -35.37
N ALA D 829 1.37 70.45 -34.08
CA ALA D 829 1.16 71.68 -33.32
C ALA D 829 2.44 72.50 -33.21
N LEU D 830 3.54 71.83 -32.86
CA LEU D 830 4.81 72.54 -32.75
C LEU D 830 5.26 73.07 -34.12
N SER D 831 5.00 72.32 -35.20
CA SER D 831 5.39 72.80 -36.52
C SER D 831 4.64 74.09 -36.88
N LEU D 832 3.33 74.11 -36.67
CA LEU D 832 2.57 75.32 -37.01
C LEU D 832 2.96 76.48 -36.11
N ILE D 833 3.22 76.21 -34.83
CA ILE D 833 3.62 77.29 -33.92
C ILE D 833 4.97 77.86 -34.34
N THR D 834 5.91 76.98 -34.72
CA THR D 834 7.19 77.47 -35.20
C THR D 834 7.05 78.25 -36.50
N PHE D 835 6.11 77.86 -37.37
CA PHE D 835 5.86 78.63 -38.58
C PHE D 835 5.36 80.03 -38.25
N ILE D 836 4.41 80.13 -37.30
CA ILE D 836 3.88 81.43 -36.91
C ILE D 836 4.98 82.26 -36.24
N TRP D 837 5.86 81.62 -35.49
CA TRP D 837 6.97 82.34 -34.84
C TRP D 837 7.95 82.88 -35.88
N GLU D 838 8.29 82.06 -36.87
CA GLU D 838 9.16 82.54 -37.95
C GLU D 838 8.49 83.69 -38.71
N HIS D 839 7.16 83.65 -38.81
CA HIS D 839 6.43 84.79 -39.35
C HIS D 839 6.61 86.02 -38.48
N LEU D 840 6.51 85.85 -37.17
CA LEU D 840 6.57 86.99 -36.24
C LEU D 840 7.95 87.64 -36.24
N PHE D 841 9.01 86.84 -36.18
CA PHE D 841 10.37 87.38 -36.13
C PHE D 841 10.75 88.02 -37.45
#